data_6RME
#
_entry.id   6RME
#
_cell.length_a   108.260
_cell.length_b   204.610
_cell.length_c   115.920
_cell.angle_alpha   90.00
_cell.angle_beta   113.19
_cell.angle_gamma   90.00
#
_symmetry.space_group_name_H-M   'P 1 21 1'
#
loop_
_entity.id
_entity.type
_entity.pdbx_description
1 polymer "IMP-specific 5'-nucleotidase, putative"
2 polymer "IMP-specific 5'-nucleotidase, putative"
3 polymer "IMP-specific 5'-nucleotidase, putative"
4 polymer "IMP-specific 5'-nucleotidase, putative"
5 polymer "IMP-specific 5'-nucleotidase, putative"
6 non-polymer 'INOSINIC ACID'
7 non-polymer 'MAGNESIUM ION'
8 non-polymer GLYCEROL
9 water water
#
loop_
_entity_poly.entity_id
_entity_poly.type
_entity_poly.pdbx_seq_one_letter_code
_entity_poly.pdbx_strand_id
1 'polypeptide(L)'
;WNSRYSYNQLKNKDSLIMFLVEIFRSLFVSNCIDKNIDNVLLSIEEMFIDHYYNPQHSRLKYLIDDVGIFFTKLPITKAF
HTYNKKYRITKRLYAPPTFNEVRHILNLAQILSLEEGLDLLTFDANETLYPDGHDFNDEVLASYISCLLKKMNIAIVTAA
SYNNDAEKYQKRLENLLKYFSKHNIKDGSYKNFYVMGGESNYLFKCNEEATLYSVPENEWRHYKKFVDYDTVQEILNISE
KCLEKVIKDFGLCAQIQRKEKSIGLVPNKIPSLNIKNEQKNYMIKYEVLEEAVIRIKKEIIKNKITAPYCAFNGGQDLWV
DVGNKAEGLLILQKLLKIQKKKCCHIGDQFLHSGNDFPTRFCSLTLWVSNPQETKACLKSIMHL
;
A,G
2 'polypeptide(L)'
;QWNSRYSYNQLKNKDSLIMFLVEIFRSLFVSNCIDKNIDNVLLSIEEMFIDHYYNPQHSRLKYLIDDVGIFFTKLPITKA
FHTYNKKYRITKRLYAPPTFNEVRHILNLAQILSLEEGLDLLTFDANETLYPDGHDFNDEVLASYISCLLKKMNIAIVTA
ASYNNDAEKYQKRLENLLKYFSKHNIKDGSYKNFYVMGGESNYLFKCNEEATLYSVPENEWRHYKKFVDYDTVQEILNIS
EKCLEKVIKDFGLCAQIQRKEKSIGLVPNKIPSLNIKNEQKNYMIKYEVLEEAVIRIKKEIIKNKITAPYCAFNGGQDLW
VDVGNKAEGLLILQKLLKIQKKKCCHIGDQFLHSGNDFPTRFCSLTLWVSNPQETKACLKSIMHL
;
B,D
3 'polypeptide(L)'
;SDMKKNIVQWNSRYSYNQLKNKDSLIMFLVEIFRSLFVSNCIDKNIDNVLLSIEEMFIDHYYNPQHSRLKYLIDDVGIFF
TKLPITKAFHTYNKKYRITKRLYAPPTFNEVRHILNLAQILSLEEGLDLLTFDANETLYPDGHDFNDEVLASYISCLLKK
MNIAIVTAASYNNDAEKYQKRLENLLKYFSKHNIKDGSYKNFYVMGGESNYLFKCNEEATLYSVPENEWRHYKKFVDYDT
VQEILNISEKCLEKVIKDFGLCAQIQRKEKSIGLVPNKIPSLNIKNEQKNYMIKYEVLEEAVIRIKKEIIKNKITAPYCA
FNGGQDLWVDVGNKAEGLLILQKLLKIQKKKCCHIGDQFLHSGNDFPTRFCSLTLWVSNPQETKACLKSIMHLN
;
C
4 'polypeptide(L)'
;QWNSRYSYNQLKNKDSLIMFLVEIFRSLFVSNCIDKNIDNVLLSIEEMFIDHYYNPQHSRLKYLIDDVGIFFTKLPITKA
FHTYNKKYRITKRLYAPPTFNEVRHILNLAQILSLEEGLDLLTFDANETLYPDGHDFNDEVLASYISCLLKKMNIAIVTA
ASYNNDAEKYQKRLENLLKYFSKHNIKDGSYKNFYVMGGESNYLFKCNEEATLYSVPENEWRHYKKFVDYDTVQEILNIS
EKCLEKVIKDFGLCAQIQRKEKSIGLVPNKIPSLNIKNEQKNYMIKYEVLEEAVIRIKKEIIKNKITAPYCAFNGGQDLW
VDVGNKAEGLLILQKLLKIQKKKCCHIGDQFLHSGNDFPTRFCSLTLWVSNPQETKACLKSIMHLN
;
E,H
5 'polypeptide(L)'
;FVQWNSRYSYNQLKNKDSLIMFLVEIFRSLFVSNCIDKNIDNVLLSIEEMFIDHYYNPQHSRLKYLIDDVGIFFTKLPIT
KAFHTYNKKYRITKRLYAPPTFNEVRHILNLAQILSLEEGLDLLTFDANETLYPDGHDFNDEVLASYISCLLKKMNIAIV
TAASYNNDAEKYQKRLENLLKYFSKHNIKDGSYKNFYVMGGESNYLFKCNEEATLYSVPENEWRHYKKFVDYDTVQEILN
ISEKCLEKVIKDFGLCAQIQRKEKSIGLVPNKIPSLNIKNEQKNYMIKYEVLEEAVIRIKKEIIKNKITAPYCAFNGGQD
LWVDVGNKAEGLLILQKLLKIQKKKCCHIGDQFLHSGNDFPTRFCSLTLWVSNPQETKACLKSIMHLN
;
F
#
loop_
_chem_comp.id
_chem_comp.type
_chem_comp.name
_chem_comp.formula
GOL non-polymer GLYCEROL 'C3 H8 O3'
IMP non-polymer 'INOSINIC ACID' 'C10 H13 N4 O8 P'
MG non-polymer 'MAGNESIUM ION' 'Mg 2'
#
# COMPACT_ATOMS: atom_id res chain seq x y z
N TRP A 1 -4.33 8.37 -23.01
CA TRP A 1 -5.23 7.40 -23.61
C TRP A 1 -6.10 6.72 -22.55
N ASN A 2 -5.80 7.00 -21.28
CA ASN A 2 -6.56 6.42 -20.18
C ASN A 2 -6.32 7.27 -18.93
N SER A 3 -6.41 6.65 -17.76
CA SER A 3 -6.14 7.23 -16.43
C SER A 3 -7.11 8.34 -16.05
N ARG A 4 -8.09 8.67 -16.89
CA ARG A 4 -9.11 9.66 -16.57
C ARG A 4 -10.34 9.03 -15.92
N TYR A 5 -10.19 7.83 -15.35
CA TYR A 5 -11.30 7.12 -14.73
C TYR A 5 -11.85 7.92 -13.55
N SER A 6 -13.09 8.38 -13.68
CA SER A 6 -13.74 9.18 -12.67
C SER A 6 -15.06 8.54 -12.28
N TYR A 7 -15.50 8.80 -11.05
CA TYR A 7 -16.80 8.33 -10.60
C TYR A 7 -17.91 8.85 -11.50
N ASN A 8 -17.88 10.15 -11.81
CA ASN A 8 -18.89 10.72 -12.69
C ASN A 8 -18.83 10.10 -14.08
N GLN A 9 -17.65 9.65 -14.51
CA GLN A 9 -17.53 9.02 -15.82
C GLN A 9 -18.17 7.65 -15.87
N LEU A 10 -18.41 7.03 -14.71
CA LEU A 10 -18.96 5.68 -14.66
C LEU A 10 -20.49 5.68 -14.57
N LYS A 11 -21.05 6.44 -13.64
CA LYS A 11 -22.48 6.35 -13.37
C LYS A 11 -23.31 6.89 -14.53
N ASN A 12 -22.84 7.95 -15.19
CA ASN A 12 -23.58 8.52 -16.31
C ASN A 12 -23.33 7.72 -17.58
N LYS A 13 -24.39 7.55 -18.37
CA LYS A 13 -24.36 6.61 -19.49
C LYS A 13 -23.38 7.08 -20.58
N ASP A 14 -23.67 8.20 -21.22
CA ASP A 14 -22.80 8.73 -22.25
C ASP A 14 -22.91 10.24 -22.28
N SER A 15 -21.76 10.89 -22.48
CA SER A 15 -21.73 12.36 -22.50
C SER A 15 -22.44 12.89 -23.73
N LEU A 16 -22.13 12.33 -24.90
CA LEU A 16 -22.65 12.86 -26.15
C LEU A 16 -24.07 12.38 -26.43
N ILE A 17 -24.37 11.12 -26.12
CA ILE A 17 -25.67 10.57 -26.48
C ILE A 17 -26.77 11.14 -25.57
N MET A 18 -26.53 11.14 -24.25
CA MET A 18 -27.48 11.76 -23.33
C MET A 18 -27.65 13.24 -23.62
N PHE A 19 -26.60 13.91 -24.12
CA PHE A 19 -26.70 15.31 -24.50
C PHE A 19 -27.82 15.53 -25.51
N LEU A 20 -27.96 14.61 -26.46
CA LEU A 20 -29.03 14.70 -27.45
C LEU A 20 -30.36 14.18 -26.89
N VAL A 21 -30.30 13.25 -25.93
CA VAL A 21 -31.53 12.70 -25.36
C VAL A 21 -32.29 13.77 -24.60
N GLU A 22 -31.59 14.53 -23.75
CA GLU A 22 -32.26 15.54 -22.94
C GLU A 22 -32.84 16.64 -23.81
N ILE A 23 -32.17 16.98 -24.91
CA ILE A 23 -32.70 18.00 -25.82
C ILE A 23 -33.96 17.49 -26.51
N PHE A 24 -33.92 16.25 -27.00
CA PHE A 24 -35.12 15.66 -27.60
C PHE A 24 -36.23 15.50 -26.58
N ARG A 25 -35.88 15.18 -25.33
CA ARG A 25 -36.88 15.01 -24.29
C ARG A 25 -37.65 16.31 -24.06
N SER A 26 -36.93 17.43 -23.92
CA SER A 26 -37.60 18.71 -23.75
C SER A 26 -38.40 19.09 -24.99
N LEU A 27 -37.89 18.75 -26.18
CA LEU A 27 -38.67 18.95 -27.40
C LEU A 27 -39.93 18.11 -27.38
N PHE A 28 -39.83 16.85 -26.93
CA PHE A 28 -41.00 16.00 -26.80
C PHE A 28 -41.98 16.57 -25.78
N VAL A 29 -41.46 17.14 -24.69
CA VAL A 29 -42.32 17.64 -23.63
C VAL A 29 -43.07 18.89 -24.08
N SER A 30 -42.40 19.78 -24.82
CA SER A 30 -43.04 20.99 -25.30
C SER A 30 -44.02 20.75 -26.43
N ASN A 31 -44.26 19.49 -26.81
CA ASN A 31 -45.25 19.09 -27.81
C ASN A 31 -44.93 19.62 -29.20
N CYS A 32 -43.67 19.93 -29.48
CA CYS A 32 -43.26 20.45 -30.78
C CYS A 32 -42.32 19.50 -31.51
N ILE A 33 -42.29 18.23 -31.12
CA ILE A 33 -41.32 17.30 -31.69
C ILE A 33 -41.71 16.88 -33.11
N ASP A 34 -43.00 16.91 -33.45
CA ASP A 34 -43.43 16.48 -34.77
C ASP A 34 -43.41 17.61 -35.80
N LYS A 35 -43.44 18.87 -35.36
CA LYS A 35 -43.29 19.98 -36.28
C LYS A 35 -41.87 20.02 -36.85
N ASN A 36 -41.66 20.93 -37.80
CA ASN A 36 -40.34 21.11 -38.40
C ASN A 36 -39.38 21.65 -37.35
N ILE A 37 -38.49 20.79 -36.86
CA ILE A 37 -37.55 21.18 -35.81
C ILE A 37 -36.17 21.37 -36.41
N ASP A 38 -36.12 21.74 -37.70
CA ASP A 38 -34.84 21.95 -38.36
C ASP A 38 -34.04 23.07 -37.71
N ASN A 39 -34.71 24.07 -37.16
CA ASN A 39 -34.01 25.15 -36.47
C ASN A 39 -33.24 24.61 -35.27
N VAL A 40 -33.83 23.69 -34.51
CA VAL A 40 -33.14 23.08 -33.39
C VAL A 40 -32.03 22.16 -33.89
N LEU A 41 -32.34 21.30 -34.85
CA LEU A 41 -31.38 20.29 -35.29
C LEU A 41 -30.15 20.92 -35.94
N LEU A 42 -30.33 22.02 -36.68
CA LEU A 42 -29.19 22.65 -37.34
C LEU A 42 -28.30 23.38 -36.35
N SER A 43 -28.88 23.97 -35.30
CA SER A 43 -28.07 24.55 -34.23
C SER A 43 -27.28 23.48 -33.50
N ILE A 44 -27.85 22.28 -33.35
CA ILE A 44 -27.07 21.14 -32.88
C ILE A 44 -25.96 20.83 -33.87
N GLU A 45 -26.27 20.89 -35.17
CA GLU A 45 -25.25 20.66 -36.18
C GLU A 45 -24.23 21.79 -36.21
N GLU A 46 -24.69 23.04 -36.05
CA GLU A 46 -23.76 24.17 -36.05
C GLU A 46 -22.69 24.02 -34.96
N MET A 47 -23.04 23.40 -33.83
CA MET A 47 -22.03 23.12 -32.82
C MET A 47 -21.11 22.01 -33.25
N PHE A 48 -21.66 20.93 -33.81
CA PHE A 48 -20.85 19.76 -34.16
C PHE A 48 -19.74 20.12 -35.14
N ILE A 49 -19.99 21.11 -36.01
CA ILE A 49 -18.92 21.60 -36.88
C ILE A 49 -17.92 22.43 -36.08
N ASP A 50 -18.42 23.30 -35.20
CA ASP A 50 -17.53 24.11 -34.37
C ASP A 50 -16.67 23.25 -33.44
N HIS A 51 -17.12 22.05 -33.12
CA HIS A 51 -16.29 21.11 -32.37
C HIS A 51 -15.34 20.34 -33.28
N TYR A 52 -15.66 20.24 -34.57
CA TYR A 52 -14.75 19.64 -35.53
C TYR A 52 -13.55 20.53 -35.79
N TYR A 53 -13.76 21.85 -35.83
CA TYR A 53 -12.68 22.78 -36.13
C TYR A 53 -11.84 23.10 -34.89
N ASN A 54 -12.49 23.52 -33.80
CA ASN A 54 -11.82 23.91 -32.57
C ASN A 54 -12.28 22.99 -31.44
N PRO A 55 -11.79 21.75 -31.40
CA PRO A 55 -12.27 20.79 -30.39
C PRO A 55 -11.83 21.13 -28.97
N GLN A 56 -10.92 22.07 -28.78
CA GLN A 56 -10.45 22.40 -27.44
C GLN A 56 -11.24 23.52 -26.79
N HIS A 57 -11.86 24.40 -27.59
CA HIS A 57 -12.55 25.57 -27.05
C HIS A 57 -13.92 25.77 -27.69
N SER A 58 -14.53 24.69 -28.18
CA SER A 58 -15.87 24.78 -28.74
C SER A 58 -16.89 24.97 -27.62
N ARG A 59 -18.07 25.47 -28.00
CA ARG A 59 -19.14 25.59 -27.03
C ARG A 59 -19.68 24.21 -26.62
N LEU A 60 -19.64 23.24 -27.54
CA LEU A 60 -19.97 21.87 -27.18
C LEU A 60 -19.06 21.38 -26.06
N LYS A 61 -17.81 21.83 -26.04
CA LYS A 61 -16.89 21.46 -24.96
C LYS A 61 -17.30 22.11 -23.63
N TYR A 62 -17.81 23.34 -23.69
CA TYR A 62 -18.24 24.01 -22.46
C TYR A 62 -19.47 23.33 -21.87
N LEU A 63 -20.39 22.85 -22.73
CA LEU A 63 -21.57 22.17 -22.24
C LEU A 63 -21.25 20.76 -21.76
N ILE A 64 -20.63 19.96 -22.61
CA ILE A 64 -20.20 18.61 -22.27
C ILE A 64 -18.69 18.65 -22.11
N ASP A 65 -18.21 18.39 -20.90
CA ASP A 65 -16.78 18.55 -20.62
C ASP A 65 -15.96 17.42 -21.25
N ASP A 66 -16.49 16.20 -21.23
CA ASP A 66 -15.69 15.04 -21.61
C ASP A 66 -16.09 14.51 -22.99
N VAL A 67 -16.16 15.39 -23.99
CA VAL A 67 -16.48 14.97 -25.35
C VAL A 67 -15.24 14.38 -25.98
N GLY A 68 -15.43 13.33 -26.79
CA GLY A 68 -14.38 12.87 -27.67
C GLY A 68 -14.11 13.91 -28.75
N ILE A 69 -13.19 13.57 -29.64
CA ILE A 69 -12.82 14.46 -30.74
C ILE A 69 -13.57 14.01 -31.99
N PHE A 70 -14.22 14.95 -32.66
CA PHE A 70 -14.95 14.67 -33.88
C PHE A 70 -14.00 14.70 -35.07
N PHE A 71 -13.98 13.62 -35.85
CA PHE A 71 -13.09 13.52 -37.00
C PHE A 71 -13.75 13.95 -38.30
N THR A 72 -15.06 14.17 -38.31
CA THR A 72 -15.79 14.59 -39.50
C THR A 72 -16.89 15.57 -39.10
N LYS A 73 -17.47 16.21 -40.11
CA LYS A 73 -18.65 17.04 -39.92
C LYS A 73 -19.89 16.14 -39.93
N LEU A 74 -20.59 16.08 -38.79
CA LEU A 74 -21.69 15.14 -38.63
C LEU A 74 -22.99 15.76 -39.10
N PRO A 75 -23.63 15.23 -40.14
CA PRO A 75 -24.95 15.74 -40.55
C PRO A 75 -26.07 15.17 -39.69
N ILE A 76 -26.17 15.69 -38.46
CA ILE A 76 -27.15 15.19 -37.51
C ILE A 76 -28.57 15.51 -37.94
N THR A 77 -28.77 16.56 -38.74
CA THR A 77 -30.09 16.87 -39.25
C THR A 77 -30.57 15.80 -40.21
N LYS A 78 -29.76 15.48 -41.22
CA LYS A 78 -30.11 14.40 -42.14
C LYS A 78 -30.22 13.07 -41.42
N ALA A 79 -29.39 12.86 -40.39
CA ALA A 79 -29.45 11.61 -39.63
C ALA A 79 -30.78 11.47 -38.90
N PHE A 80 -31.33 12.57 -38.40
CA PHE A 80 -32.61 12.50 -37.71
C PHE A 80 -33.74 12.23 -38.70
N HIS A 81 -33.80 13.00 -39.79
CA HIS A 81 -34.84 12.81 -40.81
C HIS A 81 -34.85 11.37 -41.31
N THR A 82 -33.68 10.84 -41.67
CA THR A 82 -33.61 9.49 -42.21
C THR A 82 -34.06 8.46 -41.20
N TYR A 83 -33.64 8.61 -39.94
CA TYR A 83 -34.08 7.68 -38.91
C TYR A 83 -35.54 7.92 -38.54
N ASN A 84 -35.99 9.17 -38.57
CA ASN A 84 -37.37 9.48 -38.20
C ASN A 84 -38.35 8.92 -39.23
N LYS A 85 -38.12 9.21 -40.51
CA LYS A 85 -39.06 8.79 -41.55
C LYS A 85 -39.21 7.27 -41.58
N LYS A 86 -38.19 6.54 -41.14
CA LYS A 86 -38.26 5.08 -41.15
C LYS A 86 -39.04 4.54 -39.96
N TYR A 87 -38.82 5.11 -38.76
CA TYR A 87 -39.43 4.60 -37.55
C TYR A 87 -40.56 5.48 -37.01
N ARG A 88 -40.65 6.74 -37.45
CA ARG A 88 -41.70 7.66 -37.00
C ARG A 88 -41.73 7.78 -35.48
N ILE A 89 -40.54 7.86 -34.87
CA ILE A 89 -40.45 7.97 -33.42
C ILE A 89 -41.03 9.30 -32.95
N THR A 90 -41.06 10.32 -33.82
CA THR A 90 -41.67 11.59 -33.45
C THR A 90 -43.18 11.48 -33.33
N LYS A 91 -43.79 10.45 -33.92
CA LYS A 91 -45.24 10.28 -33.86
C LYS A 91 -45.74 9.90 -32.47
N ARG A 92 -44.85 9.58 -31.54
CA ARG A 92 -45.28 9.26 -30.19
C ARG A 92 -45.80 10.51 -29.48
N LEU A 93 -46.61 10.28 -28.45
CA LEU A 93 -47.16 11.36 -27.64
C LEU A 93 -46.93 11.18 -26.15
N TYR A 94 -46.54 9.98 -25.69
CA TYR A 94 -46.36 9.73 -24.28
C TYR A 94 -45.04 9.03 -23.95
N ALA A 95 -44.32 8.51 -24.93
CA ALA A 95 -43.05 7.83 -24.71
C ALA A 95 -41.93 8.65 -25.34
N PRO A 96 -40.97 9.14 -24.56
CA PRO A 96 -39.89 9.96 -25.13
C PRO A 96 -38.91 9.11 -25.93
N PRO A 97 -38.05 9.73 -26.72
CA PRO A 97 -37.01 8.96 -27.43
C PRO A 97 -36.05 8.30 -26.44
N THR A 98 -35.53 7.15 -26.84
CA THR A 98 -34.70 6.31 -25.99
C THR A 98 -33.21 6.56 -26.29
N PHE A 99 -32.40 6.49 -25.23
CA PHE A 99 -30.94 6.47 -25.36
C PHE A 99 -30.49 5.57 -26.50
N ASN A 100 -31.07 4.37 -26.57
CA ASN A 100 -30.71 3.43 -27.62
C ASN A 100 -31.02 4.00 -29.01
N GLU A 101 -32.14 4.72 -29.13
CA GLU A 101 -32.51 5.30 -30.42
C GLU A 101 -31.56 6.42 -30.80
N VAL A 102 -31.18 7.26 -29.83
CA VAL A 102 -30.25 8.35 -30.12
C VAL A 102 -28.89 7.80 -30.49
N ARG A 103 -28.49 6.68 -29.88
CA ARG A 103 -27.27 6.00 -30.32
C ARG A 103 -27.39 5.53 -31.76
N HIS A 104 -28.60 5.11 -32.16
CA HIS A 104 -28.81 4.73 -33.55
C HIS A 104 -28.70 5.94 -34.47
N ILE A 105 -29.28 7.07 -34.08
CA ILE A 105 -29.19 8.28 -34.89
C ILE A 105 -27.75 8.77 -34.95
N LEU A 106 -27.04 8.72 -33.82
CA LEU A 106 -25.65 9.16 -33.79
C LEU A 106 -24.78 8.28 -34.69
N ASN A 107 -25.07 6.98 -34.73
CA ASN A 107 -24.32 6.09 -35.62
C ASN A 107 -24.60 6.41 -37.08
N LEU A 108 -25.86 6.70 -37.42
CA LEU A 108 -26.19 7.04 -38.80
C LEU A 108 -25.49 8.32 -39.25
N ALA A 109 -25.33 9.28 -38.32
CA ALA A 109 -24.67 10.53 -38.68
C ALA A 109 -23.20 10.30 -39.05
N GLN A 110 -22.54 9.38 -38.35
CA GLN A 110 -21.14 9.10 -38.64
C GLN A 110 -20.97 8.37 -39.98
N ILE A 111 -22.03 7.73 -40.48
CA ILE A 111 -21.95 7.06 -41.77
C ILE A 111 -22.10 8.05 -42.91
N LEU A 112 -23.05 8.99 -42.78
CA LEU A 112 -23.25 10.00 -43.82
C LEU A 112 -22.05 10.91 -43.96
N SER A 113 -21.30 11.12 -42.87
CA SER A 113 -20.10 11.95 -42.91
C SER A 113 -18.98 11.34 -43.73
N LEU A 114 -19.14 10.10 -44.19
CA LEU A 114 -18.17 9.44 -45.04
C LEU A 114 -18.44 9.67 -46.53
N GLU A 115 -19.12 10.76 -46.88
CA GLU A 115 -19.35 11.08 -48.28
C GLU A 115 -18.05 11.27 -49.05
N GLU A 116 -16.96 11.62 -48.36
CA GLU A 116 -15.66 11.71 -49.00
C GLU A 116 -15.05 10.34 -49.28
N GLY A 117 -15.54 9.29 -48.63
CA GLY A 117 -15.06 7.94 -48.84
C GLY A 117 -14.67 7.27 -47.55
N LEU A 118 -14.23 6.02 -47.67
CA LEU A 118 -13.78 5.22 -46.54
C LEU A 118 -12.75 4.21 -47.03
N ASP A 119 -11.58 4.21 -46.39
CA ASP A 119 -10.48 3.36 -46.82
C ASP A 119 -10.26 2.13 -45.93
N LEU A 120 -10.61 2.21 -44.65
CA LEU A 120 -10.39 1.10 -43.73
C LEU A 120 -11.64 0.90 -42.88
N LEU A 121 -12.01 -0.37 -42.71
CA LEU A 121 -13.18 -0.75 -41.91
C LEU A 121 -12.83 -1.97 -41.07
N THR A 122 -13.03 -1.86 -39.76
CA THR A 122 -12.69 -2.92 -38.83
C THR A 122 -13.89 -3.31 -38.00
N PHE A 123 -13.89 -4.58 -37.55
CA PHE A 123 -15.00 -5.14 -36.80
C PHE A 123 -14.50 -5.72 -35.49
N ASP A 124 -15.34 -5.66 -34.48
CA ASP A 124 -15.08 -6.30 -33.20
C ASP A 124 -15.70 -7.69 -33.28
N ALA A 125 -14.87 -8.68 -33.58
CA ALA A 125 -15.38 -9.98 -34.03
C ALA A 125 -16.37 -10.59 -33.05
N ASN A 126 -16.20 -10.33 -31.77
CA ASN A 126 -16.99 -11.01 -30.74
C ASN A 126 -18.22 -10.17 -30.42
N GLU A 127 -19.40 -10.78 -30.56
CA GLU A 127 -20.71 -10.22 -30.24
C GLU A 127 -21.16 -9.16 -31.25
N THR A 128 -20.28 -8.75 -32.17
CA THR A 128 -20.73 -7.93 -33.29
C THR A 128 -20.81 -8.71 -34.59
N LEU A 129 -20.09 -9.83 -34.69
CA LEU A 129 -20.24 -10.76 -35.80
C LEU A 129 -20.92 -12.06 -35.40
N TYR A 130 -20.69 -12.53 -34.17
CA TYR A 130 -21.28 -13.76 -33.66
C TYR A 130 -21.31 -13.65 -32.15
N PRO A 131 -22.27 -14.30 -31.48
CA PRO A 131 -22.37 -14.20 -30.02
C PRO A 131 -21.10 -14.65 -29.32
N ASP A 132 -21.06 -14.39 -28.01
CA ASP A 132 -19.90 -14.67 -27.17
C ASP A 132 -19.42 -16.10 -27.31
N GLY A 133 -18.25 -16.29 -27.93
CA GLY A 133 -17.64 -17.59 -28.06
C GLY A 133 -18.07 -18.39 -29.28
N HIS A 134 -19.29 -18.17 -29.75
CA HIS A 134 -19.81 -18.93 -30.89
C HIS A 134 -18.96 -18.67 -32.13
N ASP A 135 -19.12 -19.55 -33.12
CA ASP A 135 -18.39 -19.42 -34.38
C ASP A 135 -19.27 -18.77 -35.43
N PHE A 136 -18.61 -18.23 -36.45
CA PHE A 136 -19.29 -17.47 -37.49
C PHE A 136 -20.18 -18.39 -38.32
N ASN A 137 -21.49 -18.13 -38.31
CA ASN A 137 -22.44 -18.96 -39.04
C ASN A 137 -23.57 -18.16 -39.69
N ASP A 138 -23.44 -16.84 -39.78
CA ASP A 138 -24.45 -16.00 -40.40
C ASP A 138 -23.99 -15.71 -41.83
N GLU A 139 -24.61 -16.37 -42.80
CA GLU A 139 -24.18 -16.25 -44.20
C GLU A 139 -24.58 -14.92 -44.82
N VAL A 140 -25.55 -14.21 -44.24
CA VAL A 140 -26.08 -12.99 -44.86
C VAL A 140 -25.02 -11.89 -44.86
N LEU A 141 -24.46 -11.59 -43.68
CA LEU A 141 -23.55 -10.46 -43.58
C LEU A 141 -22.19 -10.73 -44.24
N ALA A 142 -21.84 -12.00 -44.46
CA ALA A 142 -20.59 -12.30 -45.14
C ALA A 142 -20.56 -11.77 -46.56
N SER A 143 -21.73 -11.70 -47.21
CA SER A 143 -21.80 -11.11 -48.54
C SER A 143 -21.53 -9.61 -48.50
N TYR A 144 -21.96 -8.94 -47.43
CA TYR A 144 -21.68 -7.52 -47.29
C TYR A 144 -20.18 -7.26 -47.16
N ILE A 145 -19.49 -8.05 -46.33
CA ILE A 145 -18.07 -7.84 -46.11
C ILE A 145 -17.28 -8.10 -47.39
N SER A 146 -17.67 -9.13 -48.14
CA SER A 146 -16.97 -9.43 -49.39
C SER A 146 -17.10 -8.29 -50.38
N CYS A 147 -18.29 -7.69 -50.47
CA CYS A 147 -18.51 -6.58 -51.40
C CYS A 147 -17.72 -5.34 -50.98
N LEU A 148 -17.65 -5.08 -49.67
CA LEU A 148 -16.92 -3.90 -49.21
C LEU A 148 -15.43 -4.07 -49.39
N LEU A 149 -14.91 -5.28 -49.22
CA LEU A 149 -13.49 -5.52 -49.44
C LEU A 149 -13.09 -5.19 -50.87
N LYS A 150 -14.02 -5.28 -51.82
CA LYS A 150 -13.73 -4.92 -53.19
C LYS A 150 -13.48 -3.43 -53.36
N LYS A 151 -13.98 -2.60 -52.44
CA LYS A 151 -13.84 -1.16 -52.53
C LYS A 151 -13.05 -0.54 -51.39
N MET A 152 -12.56 -1.34 -50.45
CA MET A 152 -11.85 -0.82 -49.28
C MET A 152 -11.12 -1.97 -48.62
N ASN A 153 -10.41 -1.66 -47.52
CA ASN A 153 -9.75 -2.64 -46.70
C ASN A 153 -10.65 -3.07 -45.55
N ILE A 154 -10.57 -4.35 -45.18
CA ILE A 154 -11.37 -4.92 -44.11
C ILE A 154 -10.42 -5.59 -43.12
N ALA A 155 -10.60 -5.28 -41.83
CA ALA A 155 -9.79 -5.86 -40.78
C ALA A 155 -10.68 -6.37 -39.66
N ILE A 156 -10.16 -7.33 -38.90
CA ILE A 156 -10.87 -7.92 -37.77
C ILE A 156 -10.00 -7.73 -36.54
N VAL A 157 -10.46 -6.89 -35.61
CA VAL A 157 -9.74 -6.58 -34.38
C VAL A 157 -10.57 -7.08 -33.22
N THR A 158 -10.09 -8.13 -32.55
CA THR A 158 -10.82 -8.76 -31.46
C THR A 158 -9.85 -9.13 -30.34
N ALA A 159 -10.21 -8.77 -29.10
CA ALA A 159 -9.31 -8.96 -27.98
C ALA A 159 -8.95 -10.41 -27.72
N ALA A 160 -9.57 -11.35 -28.43
CA ALA A 160 -9.24 -12.76 -28.28
C ALA A 160 -7.83 -13.02 -28.79
N SER A 161 -6.97 -13.54 -27.91
CA SER A 161 -5.60 -13.86 -28.26
C SER A 161 -5.44 -15.37 -28.22
N TYR A 162 -5.09 -15.95 -29.36
CA TYR A 162 -4.81 -17.39 -29.47
C TYR A 162 -3.34 -17.62 -29.79
N ASN A 163 -2.47 -16.83 -29.15
CA ASN A 163 -1.04 -16.80 -29.43
C ASN A 163 -0.82 -16.54 -30.92
N ASN A 164 0.19 -17.18 -31.50
CA ASN A 164 0.54 -16.92 -32.89
C ASN A 164 0.05 -18.02 -33.84
N ASP A 165 -0.72 -18.98 -33.34
CA ASP A 165 -1.23 -20.07 -34.17
C ASP A 165 -2.29 -19.53 -35.12
N ALA A 166 -1.93 -19.32 -36.38
CA ALA A 166 -2.87 -18.83 -37.38
C ALA A 166 -3.98 -19.83 -37.67
N GLU A 167 -3.75 -21.12 -37.42
CA GLU A 167 -4.78 -22.12 -37.73
C GLU A 167 -5.98 -22.01 -36.80
N LYS A 168 -5.76 -21.59 -35.55
CA LYS A 168 -6.85 -21.52 -34.60
C LYS A 168 -7.89 -20.46 -34.98
N TYR A 169 -7.45 -19.38 -35.64
CA TYR A 169 -8.36 -18.29 -35.97
C TYR A 169 -9.32 -18.64 -37.10
N GLN A 170 -8.95 -19.61 -37.95
CA GLN A 170 -9.81 -19.98 -39.06
C GLN A 170 -11.11 -20.61 -38.57
N LYS A 171 -11.03 -21.46 -37.54
CA LYS A 171 -12.23 -22.05 -36.98
C LYS A 171 -13.23 -20.98 -36.57
N ARG A 172 -12.74 -19.84 -36.08
CA ARG A 172 -13.60 -18.72 -35.76
C ARG A 172 -14.15 -18.03 -37.01
N LEU A 173 -13.51 -18.23 -38.17
CA LEU A 173 -13.88 -17.50 -39.37
C LEU A 173 -13.99 -18.41 -40.59
N GLU A 174 -14.08 -19.73 -40.39
CA GLU A 174 -14.03 -20.67 -41.50
C GLU A 174 -15.12 -20.39 -42.53
N ASN A 175 -16.33 -20.05 -42.06
CA ASN A 175 -17.40 -19.74 -42.99
C ASN A 175 -17.11 -18.44 -43.75
N LEU A 176 -16.39 -17.50 -43.13
CA LEU A 176 -16.09 -16.24 -43.81
C LEU A 176 -15.11 -16.45 -44.96
N LEU A 177 -13.95 -17.07 -44.67
CA LEU A 177 -13.00 -17.36 -45.73
C LEU A 177 -13.62 -18.21 -46.83
N LYS A 178 -14.60 -19.05 -46.49
CA LYS A 178 -15.28 -19.84 -47.50
C LYS A 178 -15.99 -18.95 -48.52
N TYR A 179 -16.62 -17.87 -48.05
CA TYR A 179 -17.23 -16.92 -48.97
C TYR A 179 -16.18 -16.12 -49.74
N PHE A 180 -15.00 -15.92 -49.15
CA PHE A 180 -13.95 -15.16 -49.82
C PHE A 180 -13.36 -15.95 -50.99
N SER A 181 -13.17 -17.25 -50.83
CA SER A 181 -12.64 -18.06 -51.92
C SER A 181 -13.61 -18.13 -53.10
N LYS A 182 -14.91 -17.98 -52.83
CA LYS A 182 -15.90 -18.10 -53.89
C LYS A 182 -16.04 -16.81 -54.70
N HIS A 183 -15.71 -15.66 -54.11
CA HIS A 183 -15.88 -14.39 -54.81
C HIS A 183 -14.60 -13.56 -54.82
N ASN A 184 -14.00 -13.37 -53.65
CA ASN A 184 -12.84 -12.49 -53.54
C ASN A 184 -11.56 -13.09 -54.10
N ILE A 185 -11.47 -14.41 -54.19
CA ILE A 185 -10.26 -15.04 -54.72
C ILE A 185 -10.06 -14.68 -56.19
N LYS A 186 -11.16 -14.53 -56.93
CA LYS A 186 -11.04 -14.10 -58.33
C LYS A 186 -10.67 -12.62 -58.40
N ASP A 187 -11.25 -11.79 -57.53
CA ASP A 187 -10.88 -10.39 -57.46
C ASP A 187 -9.50 -10.25 -56.85
N GLY A 188 -8.99 -9.01 -56.83
CA GLY A 188 -7.71 -8.74 -56.22
C GLY A 188 -7.84 -8.15 -54.82
N SER A 189 -9.02 -8.35 -54.21
CA SER A 189 -9.34 -7.71 -52.94
C SER A 189 -8.92 -8.55 -51.73
N TYR A 190 -8.67 -9.85 -51.91
CA TYR A 190 -8.41 -10.71 -50.76
C TYR A 190 -7.16 -10.29 -50.00
N LYS A 191 -6.19 -9.67 -50.70
CA LYS A 191 -4.97 -9.23 -50.04
C LYS A 191 -5.22 -8.06 -49.09
N ASN A 192 -6.30 -7.31 -49.27
CA ASN A 192 -6.63 -6.17 -48.43
C ASN A 192 -7.34 -6.57 -47.14
N PHE A 193 -7.43 -7.86 -46.84
CA PHE A 193 -8.13 -8.35 -45.66
C PHE A 193 -7.12 -8.75 -44.60
N TYR A 194 -7.32 -8.25 -43.38
CA TYR A 194 -6.42 -8.50 -42.26
C TYR A 194 -7.22 -8.96 -41.05
N VAL A 195 -6.51 -9.58 -40.10
CA VAL A 195 -7.10 -10.00 -38.83
C VAL A 195 -6.09 -9.71 -37.73
N MET A 196 -6.56 -9.11 -36.63
CA MET A 196 -5.71 -8.73 -35.51
C MET A 196 -6.02 -9.59 -34.29
N GLY A 197 -4.96 -10.03 -33.61
CA GLY A 197 -5.09 -10.85 -32.42
C GLY A 197 -4.63 -10.09 -31.18
N GLY A 198 -4.90 -10.69 -30.01
CA GLY A 198 -4.81 -9.91 -28.80
C GLY A 198 -5.69 -8.70 -28.96
N GLU A 199 -5.22 -7.55 -28.45
CA GLU A 199 -5.78 -6.32 -28.97
C GLU A 199 -4.90 -5.71 -30.05
N SER A 200 -3.58 -5.91 -29.99
CA SER A 200 -2.68 -5.40 -31.02
C SER A 200 -1.37 -6.19 -31.02
N ASN A 201 -1.45 -7.52 -31.05
CA ASN A 201 -0.25 -8.32 -30.84
C ASN A 201 0.00 -9.35 -31.94
N TYR A 202 -1.06 -9.91 -32.51
CA TYR A 202 -0.94 -10.95 -33.53
C TYR A 202 -1.68 -10.52 -34.79
N LEU A 203 -0.93 -10.33 -35.88
CA LEU A 203 -1.48 -9.89 -37.15
C LEU A 203 -1.41 -11.03 -38.16
N PHE A 204 -2.51 -11.24 -38.89
CA PHE A 204 -2.59 -12.25 -39.94
C PHE A 204 -3.20 -11.65 -41.19
N LYS A 205 -2.66 -12.01 -42.34
CA LYS A 205 -3.19 -11.57 -43.62
C LYS A 205 -4.03 -12.70 -44.22
N CYS A 206 -4.26 -12.65 -45.53
CA CYS A 206 -5.08 -13.64 -46.20
C CYS A 206 -4.37 -14.12 -47.45
N ASN A 207 -4.24 -15.44 -47.59
CA ASN A 207 -3.57 -16.04 -48.73
C ASN A 207 -4.54 -16.26 -49.88
N GLU A 208 -4.01 -16.73 -51.00
CA GLU A 208 -4.81 -16.96 -52.20
C GLU A 208 -5.83 -18.07 -51.99
N GLU A 209 -5.58 -18.99 -51.06
CA GLU A 209 -6.44 -20.13 -50.79
C GLU A 209 -7.51 -19.83 -49.75
N ALA A 210 -7.77 -18.55 -49.48
CA ALA A 210 -8.67 -18.13 -48.40
C ALA A 210 -8.23 -18.74 -47.07
N THR A 211 -6.94 -18.59 -46.77
CA THR A 211 -6.34 -19.16 -45.57
C THR A 211 -5.61 -18.07 -44.80
N LEU A 212 -5.79 -18.05 -43.49
CA LEU A 212 -5.13 -17.07 -42.64
C LEU A 212 -3.71 -17.52 -42.32
N TYR A 213 -2.76 -16.60 -42.44
CA TYR A 213 -1.36 -16.90 -42.18
C TYR A 213 -0.72 -15.73 -41.45
N SER A 214 0.29 -16.05 -40.65
CA SER A 214 0.95 -15.04 -39.83
C SER A 214 1.73 -14.06 -40.70
N VAL A 215 2.03 -12.91 -40.11
CA VAL A 215 2.75 -11.82 -40.79
C VAL A 215 4.14 -11.72 -40.16
N PRO A 216 5.19 -11.52 -40.95
CA PRO A 216 6.53 -11.39 -40.36
C PRO A 216 6.59 -10.24 -39.35
N GLU A 217 7.21 -10.51 -38.21
CA GLU A 217 7.28 -9.51 -37.15
C GLU A 217 8.05 -8.27 -37.60
N ASN A 218 9.01 -8.43 -38.50
CA ASN A 218 9.79 -7.30 -38.99
C ASN A 218 8.99 -6.36 -39.89
N GLU A 219 7.80 -6.77 -40.33
CA GLU A 219 7.00 -5.92 -41.22
C GLU A 219 6.17 -4.90 -40.46
N TRP A 220 5.98 -5.08 -39.14
CA TRP A 220 5.17 -4.13 -38.40
C TRP A 220 5.59 -3.98 -36.94
N ARG A 221 6.73 -4.52 -36.52
CA ARG A 221 7.20 -4.27 -35.16
C ARG A 221 7.59 -2.82 -34.96
N HIS A 222 8.13 -2.18 -36.01
CA HIS A 222 8.49 -0.76 -35.90
C HIS A 222 7.25 0.13 -35.83
N TYR A 223 6.14 -0.31 -36.42
CA TYR A 223 4.90 0.48 -36.31
C TYR A 223 4.29 0.36 -34.92
N LYS A 224 4.49 -0.76 -34.25
CA LYS A 224 3.97 -0.94 -32.90
C LYS A 224 4.89 -0.29 -31.88
N LYS A 225 4.29 0.39 -30.90
CA LYS A 225 5.04 0.98 -29.81
C LYS A 225 5.79 -0.10 -29.03
N PHE A 226 7.11 -0.08 -29.09
CA PHE A 226 7.91 -1.09 -28.41
C PHE A 226 7.75 -0.98 -26.91
N VAL A 227 7.55 -2.12 -26.25
CA VAL A 227 7.35 -2.18 -24.82
C VAL A 227 8.31 -3.22 -24.24
N ASP A 228 8.94 -2.87 -23.12
CA ASP A 228 9.86 -3.78 -22.47
C ASP A 228 9.15 -5.08 -22.09
N TYR A 229 9.80 -6.21 -22.38
CA TYR A 229 9.22 -7.51 -22.04
C TYR A 229 9.06 -7.65 -20.53
N ASP A 230 9.95 -7.04 -19.75
CA ASP A 230 9.84 -7.12 -18.30
C ASP A 230 8.64 -6.32 -17.80
N THR A 231 8.38 -5.16 -18.42
CA THR A 231 7.23 -4.36 -18.02
C THR A 231 5.92 -5.06 -18.36
N VAL A 232 5.87 -5.75 -19.50
CA VAL A 232 4.67 -6.49 -19.89
C VAL A 232 4.31 -7.52 -18.82
N GLN A 233 5.30 -8.31 -18.41
CA GLN A 233 5.05 -9.33 -17.39
C GLN A 233 4.63 -8.70 -16.07
N GLU A 234 5.20 -7.54 -15.74
CA GLU A 234 4.84 -6.86 -14.50
C GLU A 234 3.36 -6.49 -14.49
N ILE A 235 2.83 -6.03 -15.62
CA ILE A 235 1.41 -5.70 -15.70
C ILE A 235 0.56 -6.92 -15.38
N LEU A 236 0.97 -8.09 -15.87
CA LEU A 236 0.21 -9.30 -15.62
C LEU A 236 0.33 -9.73 -14.15
N ASN A 237 1.51 -9.56 -13.56
CA ASN A 237 1.69 -9.90 -12.14
C ASN A 237 0.85 -8.99 -11.26
N ILE A 238 0.80 -7.70 -11.60
CA ILE A 238 -0.07 -6.77 -10.86
C ILE A 238 -1.52 -7.21 -10.97
N SER A 239 -1.93 -7.67 -12.16
CA SER A 239 -3.29 -8.13 -12.35
C SER A 239 -3.54 -9.45 -11.62
N GLU A 240 -2.61 -10.40 -11.74
CA GLU A 240 -2.80 -11.70 -11.09
C GLU A 240 -2.93 -11.55 -9.59
N LYS A 241 -2.16 -10.63 -8.99
CA LYS A 241 -2.30 -10.39 -7.56
C LYS A 241 -3.63 -9.73 -7.24
N CYS A 242 -4.11 -8.86 -8.13
CA CYS A 242 -5.34 -8.14 -7.86
C CYS A 242 -6.56 -9.06 -7.94
N LEU A 243 -6.58 -9.96 -8.93
CA LEU A 243 -7.75 -10.82 -9.10
C LEU A 243 -7.89 -11.82 -7.96
N GLU A 244 -6.78 -12.26 -7.38
CA GLU A 244 -6.85 -13.17 -6.24
C GLU A 244 -7.63 -12.53 -5.09
N LYS A 245 -7.35 -11.26 -4.80
CA LYS A 245 -8.11 -10.54 -3.78
C LYS A 245 -9.57 -10.40 -4.21
N VAL A 246 -9.81 -10.13 -5.50
CA VAL A 246 -11.18 -10.00 -5.99
C VAL A 246 -11.96 -11.29 -5.77
N ILE A 247 -11.34 -12.43 -6.10
CA ILE A 247 -11.99 -13.71 -5.86
C ILE A 247 -12.04 -14.01 -4.36
N LYS A 248 -11.10 -13.48 -3.59
CA LYS A 248 -11.15 -13.68 -2.15
C LYS A 248 -12.11 -12.71 -1.47
N ASP A 249 -12.14 -11.45 -1.93
CA ASP A 249 -13.07 -10.48 -1.36
C ASP A 249 -14.51 -10.93 -1.52
N PHE A 250 -14.92 -11.20 -2.75
CA PHE A 250 -16.22 -11.79 -3.04
C PHE A 250 -16.01 -13.26 -3.39
N GLY A 251 -16.45 -14.15 -2.51
CA GLY A 251 -16.37 -15.57 -2.79
C GLY A 251 -17.15 -15.92 -4.04
N LEU A 252 -16.45 -16.40 -5.06
CA LEU A 252 -17.07 -16.63 -6.36
C LEU A 252 -16.45 -17.83 -7.02
N CYS A 253 -17.20 -18.43 -7.96
CA CYS A 253 -16.78 -19.65 -8.64
C CYS A 253 -16.13 -19.28 -9.98
N ALA A 254 -14.86 -18.91 -9.90
CA ALA A 254 -14.05 -18.66 -11.09
C ALA A 254 -12.59 -18.95 -10.76
N GLN A 255 -11.73 -18.74 -11.75
CA GLN A 255 -10.31 -18.95 -11.58
C GLN A 255 -9.56 -18.14 -12.63
N ILE A 256 -8.29 -17.89 -12.35
CA ILE A 256 -7.46 -17.01 -13.19
C ILE A 256 -6.77 -17.85 -14.26
N GLN A 257 -6.67 -17.30 -15.46
CA GLN A 257 -6.02 -17.94 -16.58
C GLN A 257 -4.89 -17.05 -17.08
N ARG A 258 -3.69 -17.62 -17.18
CA ARG A 258 -2.49 -16.88 -17.56
C ARG A 258 -2.11 -17.19 -19.00
N LYS A 259 -1.71 -16.16 -19.73
CA LYS A 259 -1.19 -16.29 -21.08
C LYS A 259 0.04 -15.42 -21.23
N GLU A 260 0.57 -15.34 -22.44
CA GLU A 260 1.64 -14.41 -22.76
C GLU A 260 1.02 -13.09 -23.21
N LYS A 261 1.31 -12.03 -22.46
CA LYS A 261 0.82 -10.67 -22.72
C LYS A 261 -0.69 -10.54 -22.55
N SER A 262 -1.31 -11.40 -21.74
CA SER A 262 -2.74 -11.30 -21.46
C SER A 262 -3.11 -12.23 -20.32
N ILE A 263 -4.01 -11.76 -19.44
CA ILE A 263 -4.54 -12.55 -18.32
C ILE A 263 -5.98 -12.13 -18.09
N GLY A 264 -6.80 -13.09 -17.66
CA GLY A 264 -8.16 -12.78 -17.24
C GLY A 264 -8.77 -13.93 -16.48
N LEU A 265 -9.73 -13.59 -15.62
CA LEU A 265 -10.45 -14.59 -14.86
C LEU A 265 -11.70 -15.02 -15.63
N VAL A 266 -11.97 -16.32 -15.61
CA VAL A 266 -13.11 -16.90 -16.31
C VAL A 266 -13.86 -17.79 -15.33
N PRO A 267 -15.20 -17.69 -15.27
CA PRO A 267 -15.95 -18.56 -14.36
C PRO A 267 -15.92 -20.01 -14.83
N ASN A 268 -15.58 -20.91 -13.91
CA ASN A 268 -15.59 -22.33 -14.21
C ASN A 268 -16.98 -22.91 -13.98
N LYS A 280 -17.22 -24.07 -14.58
CA LYS A 280 -18.53 -24.72 -14.52
C LYS A 280 -18.91 -25.10 -13.08
N ASN A 281 -21.42 -21.85 -17.24
CA ASN A 281 -20.70 -21.84 -15.96
C ASN A 281 -21.38 -20.90 -14.97
N TYR A 282 -20.99 -21.01 -13.70
CA TYR A 282 -21.55 -20.18 -12.64
C TYR A 282 -21.27 -18.71 -12.90
N MET A 283 -22.31 -17.95 -13.22
CA MET A 283 -22.14 -16.55 -13.61
C MET A 283 -21.64 -15.72 -12.43
N ILE A 284 -20.93 -14.64 -12.75
CA ILE A 284 -20.42 -13.68 -11.78
C ILE A 284 -21.08 -12.34 -12.04
N LYS A 285 -21.44 -11.64 -10.97
CA LYS A 285 -22.20 -10.40 -11.09
C LYS A 285 -21.47 -9.39 -11.97
N TYR A 286 -22.27 -8.58 -12.67
CA TYR A 286 -21.70 -7.57 -13.57
C TYR A 286 -20.95 -6.49 -12.80
N GLU A 287 -21.30 -6.28 -11.53
CA GLU A 287 -20.68 -5.21 -10.75
C GLU A 287 -19.34 -5.63 -10.18
N VAL A 288 -19.16 -6.93 -9.89
CA VAL A 288 -17.86 -7.41 -9.42
C VAL A 288 -16.82 -7.24 -10.51
N LEU A 289 -17.20 -7.48 -11.77
CA LEU A 289 -16.26 -7.27 -12.87
C LEU A 289 -15.98 -5.80 -13.10
N GLU A 290 -16.99 -4.95 -12.91
CA GLU A 290 -16.78 -3.50 -12.96
C GLU A 290 -15.81 -3.05 -11.88
N GLU A 291 -16.00 -3.55 -10.65
CA GLU A 291 -15.09 -3.24 -9.56
C GLU A 291 -13.66 -3.66 -9.88
N ALA A 292 -13.50 -4.79 -10.58
CA ALA A 292 -12.17 -5.32 -10.82
C ALA A 292 -11.37 -4.44 -11.78
N VAL A 293 -12.03 -3.91 -12.82
CA VAL A 293 -11.32 -3.08 -13.79
C VAL A 293 -10.74 -1.85 -13.12
N ILE A 294 -11.54 -1.18 -12.30
CA ILE A 294 -11.06 0.03 -11.62
C ILE A 294 -9.99 -0.33 -10.59
N ARG A 295 -10.15 -1.47 -9.91
CA ARG A 295 -9.10 -1.95 -9.02
C ARG A 295 -7.79 -2.15 -9.78
N ILE A 296 -7.87 -2.76 -10.95
CA ILE A 296 -6.67 -3.07 -11.72
C ILE A 296 -6.05 -1.78 -12.27
N LYS A 297 -6.88 -0.86 -12.76
CA LYS A 297 -6.36 0.38 -13.34
C LYS A 297 -5.65 1.22 -12.29
N LYS A 298 -6.25 1.37 -11.10
CA LYS A 298 -5.66 2.20 -10.07
C LYS A 298 -4.29 1.66 -9.63
N GLU A 299 -4.09 0.35 -9.72
CA GLU A 299 -2.80 -0.21 -9.32
C GLU A 299 -1.74 0.02 -10.39
N ILE A 300 -2.10 -0.16 -11.66
CA ILE A 300 -1.17 0.14 -12.75
C ILE A 300 -0.81 1.62 -12.75
N ILE A 301 -1.74 2.47 -12.35
CA ILE A 301 -1.42 3.88 -12.13
C ILE A 301 -0.45 4.03 -10.97
N LYS A 302 -0.71 3.33 -9.86
CA LYS A 302 0.14 3.44 -8.68
C LYS A 302 1.56 2.99 -8.96
N ASN A 303 1.74 2.02 -9.85
CA ASN A 303 3.06 1.55 -10.24
C ASN A 303 3.66 2.35 -11.39
N LYS A 304 3.01 3.44 -11.80
CA LYS A 304 3.54 4.37 -12.80
C LYS A 304 3.89 3.67 -14.11
N ILE A 305 3.03 2.74 -14.54
CA ILE A 305 3.21 2.05 -15.80
C ILE A 305 2.56 2.87 -16.91
N THR A 306 3.33 3.11 -17.98
CA THR A 306 2.84 3.88 -19.13
C THR A 306 2.63 3.04 -20.37
N ALA A 307 2.90 1.73 -20.31
CA ALA A 307 2.74 0.88 -21.47
C ALA A 307 1.26 0.79 -21.85
N PRO A 308 0.95 0.73 -23.14
CA PRO A 308 -0.45 0.60 -23.56
C PRO A 308 -1.03 -0.73 -23.10
N TYR A 309 -2.18 -0.65 -22.43
CA TYR A 309 -2.83 -1.83 -21.87
C TYR A 309 -4.34 -1.62 -21.92
N CYS A 310 -5.07 -2.59 -21.38
CA CYS A 310 -6.53 -2.48 -21.32
C CYS A 310 -7.08 -3.56 -20.40
N ALA A 311 -8.15 -3.22 -19.68
CA ALA A 311 -8.94 -4.16 -18.91
C ALA A 311 -10.40 -3.86 -19.19
N PHE A 312 -11.15 -4.87 -19.62
CA PHE A 312 -12.52 -4.66 -20.09
C PHE A 312 -13.46 -5.68 -19.46
N ASN A 313 -14.70 -5.24 -19.28
CA ASN A 313 -15.76 -6.05 -18.67
C ASN A 313 -16.72 -6.45 -19.79
N GLY A 314 -16.45 -7.57 -20.44
CA GLY A 314 -17.29 -8.02 -21.52
C GLY A 314 -17.99 -9.33 -21.22
N GLY A 315 -19.32 -9.32 -21.21
CA GLY A 315 -20.06 -10.53 -20.88
C GLY A 315 -19.82 -10.89 -19.42
N GLN A 316 -19.54 -12.17 -19.18
CA GLN A 316 -19.33 -12.67 -17.82
C GLN A 316 -17.89 -13.10 -17.57
N ASP A 317 -16.93 -12.55 -18.33
CA ASP A 317 -15.51 -12.79 -18.07
C ASP A 317 -14.74 -11.47 -18.15
N LEU A 318 -13.68 -11.40 -17.36
CA LEU A 318 -12.78 -10.26 -17.32
C LEU A 318 -11.43 -10.65 -17.89
N TRP A 319 -10.78 -9.71 -18.56
CA TRP A 319 -9.45 -9.94 -19.10
C TRP A 319 -8.62 -8.67 -18.99
N VAL A 320 -7.30 -8.85 -19.09
CA VAL A 320 -6.33 -7.76 -19.09
C VAL A 320 -5.30 -8.10 -20.15
N ASP A 321 -5.24 -7.30 -21.22
CA ASP A 321 -4.31 -7.52 -22.31
C ASP A 321 -3.27 -6.40 -22.35
N VAL A 322 -2.06 -6.76 -22.74
CA VAL A 322 -0.98 -5.78 -22.83
C VAL A 322 -0.96 -5.22 -24.26
N GLY A 323 -2.11 -5.31 -24.93
CA GLY A 323 -2.34 -4.60 -26.16
C GLY A 323 -3.58 -3.73 -26.01
N ASN A 324 -3.77 -2.82 -26.96
CA ASN A 324 -4.90 -1.90 -26.91
C ASN A 324 -5.56 -1.90 -28.28
N LYS A 325 -6.89 -2.04 -28.29
CA LYS A 325 -7.63 -2.08 -29.55
C LYS A 325 -7.43 -0.81 -30.37
N ALA A 326 -7.04 0.30 -29.74
CA ALA A 326 -6.73 1.51 -30.49
C ALA A 326 -5.36 1.44 -31.14
N GLU A 327 -4.39 0.81 -30.47
CA GLU A 327 -3.09 0.60 -31.09
C GLU A 327 -3.22 -0.26 -32.35
N GLY A 328 -4.15 -1.22 -32.35
CA GLY A 328 -4.37 -2.02 -33.55
C GLY A 328 -4.81 -1.18 -34.73
N LEU A 329 -5.79 -0.30 -34.51
CA LEU A 329 -6.18 0.64 -35.56
C LEU A 329 -5.02 1.56 -35.92
N LEU A 330 -4.22 1.97 -34.92
CA LEU A 330 -3.10 2.86 -35.18
C LEU A 330 -2.02 2.18 -36.03
N ILE A 331 -1.83 0.87 -35.84
CA ILE A 331 -0.82 0.17 -36.63
C ILE A 331 -1.23 0.09 -38.09
N LEU A 332 -2.48 -0.31 -38.35
CA LEU A 332 -2.93 -0.47 -39.74
C LEU A 332 -2.94 0.86 -40.48
N GLN A 333 -3.29 1.95 -39.79
CA GLN A 333 -3.27 3.26 -40.42
C GLN A 333 -1.86 3.67 -40.81
N LYS A 334 -0.90 3.48 -39.90
CA LYS A 334 0.49 3.77 -40.22
C LYS A 334 1.08 2.75 -41.21
N LEU A 335 0.51 1.55 -41.27
CA LEU A 335 1.00 0.54 -42.20
C LEU A 335 0.41 0.71 -43.59
N LEU A 336 -0.89 0.99 -43.68
CA LEU A 336 -1.59 1.08 -44.96
C LEU A 336 -1.70 2.51 -45.48
N LYS A 337 -1.03 3.46 -44.84
CA LYS A 337 -1.05 4.87 -45.26
C LYS A 337 -2.49 5.39 -45.35
N ILE A 338 -3.22 5.22 -44.26
CA ILE A 338 -4.63 5.62 -44.17
C ILE A 338 -4.77 6.63 -43.05
N GLN A 339 -5.57 7.66 -43.31
CA GLN A 339 -5.84 8.69 -42.30
C GLN A 339 -6.97 8.25 -41.37
N LYS A 340 -7.06 8.94 -40.23
CA LYS A 340 -8.09 8.62 -39.25
C LYS A 340 -9.48 8.99 -39.77
N LYS A 341 -9.58 10.07 -40.54
CA LYS A 341 -10.87 10.53 -41.04
C LYS A 341 -11.49 9.54 -42.01
N LYS A 342 -10.72 8.60 -42.54
CA LYS A 342 -11.24 7.57 -43.44
C LYS A 342 -11.11 6.18 -42.81
N CYS A 343 -11.26 6.10 -41.49
CA CYS A 343 -11.18 4.84 -40.77
C CYS A 343 -12.41 4.68 -39.88
N CYS A 344 -12.86 3.44 -39.72
CA CYS A 344 -14.06 3.16 -38.94
C CYS A 344 -13.89 1.84 -38.20
N HIS A 345 -14.66 1.71 -37.11
CA HIS A 345 -14.60 0.52 -36.27
C HIS A 345 -15.98 0.27 -35.68
N ILE A 346 -16.35 -1.00 -35.59
CA ILE A 346 -17.66 -1.42 -35.10
C ILE A 346 -17.45 -2.36 -33.92
N GLY A 347 -18.11 -2.07 -32.80
CA GLY A 347 -17.95 -2.87 -31.61
C GLY A 347 -19.15 -2.77 -30.69
N ASP A 348 -19.07 -3.47 -29.57
CA ASP A 348 -20.12 -3.48 -28.57
C ASP A 348 -19.68 -2.90 -27.22
N GLN A 349 -18.39 -2.97 -26.89
CA GLN A 349 -17.91 -2.54 -25.58
C GLN A 349 -17.45 -1.09 -25.69
N PHE A 350 -18.43 -0.19 -25.72
CA PHE A 350 -18.15 1.23 -25.83
C PHE A 350 -18.39 1.99 -24.54
N LEU A 351 -18.56 1.27 -23.42
CA LEU A 351 -18.56 1.90 -22.12
C LEU A 351 -17.13 2.24 -21.73
N HIS A 352 -16.96 2.92 -20.59
CA HIS A 352 -15.61 3.25 -20.13
C HIS A 352 -14.84 2.02 -19.68
N SER A 353 -15.53 0.94 -19.31
CA SER A 353 -14.90 -0.33 -19.00
C SER A 353 -14.95 -1.30 -20.17
N GLY A 354 -14.93 -0.78 -21.39
CA GLY A 354 -14.92 -1.60 -22.59
C GLY A 354 -13.68 -1.37 -23.42
N ASN A 355 -13.32 -2.32 -24.27
CA ASN A 355 -12.08 -2.24 -25.04
C ASN A 355 -12.26 -1.57 -26.40
N ASP A 356 -13.48 -1.20 -26.79
CA ASP A 356 -13.67 -0.46 -28.03
C ASP A 356 -13.68 1.05 -27.82
N PHE A 357 -13.85 1.50 -26.59
CA PHE A 357 -13.79 2.93 -26.29
C PHE A 357 -12.48 3.59 -26.72
N PRO A 358 -11.30 2.98 -26.60
CA PRO A 358 -10.08 3.64 -27.09
C PRO A 358 -10.09 3.96 -28.58
N THR A 359 -10.96 3.31 -29.37
CA THR A 359 -11.00 3.57 -30.79
C THR A 359 -11.57 4.95 -31.12
N ARG A 360 -12.32 5.56 -30.20
CA ARG A 360 -12.82 6.92 -30.41
C ARG A 360 -11.70 7.93 -30.55
N PHE A 361 -10.49 7.60 -30.07
CA PHE A 361 -9.37 8.53 -30.06
C PHE A 361 -8.61 8.57 -31.37
N CYS A 362 -9.00 7.78 -32.37
CA CYS A 362 -8.22 7.71 -33.59
C CYS A 362 -9.01 7.20 -34.78
N SER A 363 -10.32 7.07 -34.66
CA SER A 363 -11.12 6.55 -35.75
C SER A 363 -12.60 6.83 -35.49
N LEU A 364 -13.39 6.75 -36.56
CA LEU A 364 -14.84 6.78 -36.42
C LEU A 364 -15.35 5.49 -35.80
N THR A 365 -16.49 5.58 -35.11
CA THR A 365 -16.99 4.47 -34.33
C THR A 365 -18.49 4.28 -34.58
N LEU A 366 -18.92 3.03 -34.51
CA LEU A 366 -20.34 2.67 -34.58
C LEU A 366 -20.63 1.70 -33.44
N TRP A 367 -21.60 2.06 -32.60
CA TRP A 367 -21.91 1.28 -31.40
C TRP A 367 -23.03 0.29 -31.72
N VAL A 368 -22.74 -1.00 -31.55
CA VAL A 368 -23.65 -2.07 -31.93
C VAL A 368 -23.86 -2.99 -30.73
N SER A 369 -25.11 -3.39 -30.50
CA SER A 369 -25.46 -4.25 -29.37
C SER A 369 -25.59 -5.72 -29.75
N ASN A 370 -25.85 -6.04 -31.01
CA ASN A 370 -26.00 -7.42 -31.46
C ASN A 370 -25.64 -7.50 -32.93
N PRO A 371 -25.16 -8.65 -33.40
CA PRO A 371 -24.65 -8.73 -34.78
C PRO A 371 -25.65 -8.34 -35.84
N GLN A 372 -26.96 -8.38 -35.56
CA GLN A 372 -27.95 -7.97 -36.55
C GLN A 372 -27.83 -6.49 -36.87
N GLU A 373 -27.43 -5.67 -35.89
CA GLU A 373 -27.28 -4.24 -36.13
C GLU A 373 -26.09 -3.94 -37.02
N THR A 374 -25.05 -4.80 -37.00
CA THR A 374 -23.95 -4.64 -37.94
C THR A 374 -24.43 -4.86 -39.37
N LYS A 375 -25.36 -5.80 -39.56
CA LYS A 375 -25.97 -5.97 -40.88
C LYS A 375 -26.69 -4.69 -41.29
N ALA A 376 -27.46 -4.10 -40.37
CA ALA A 376 -28.10 -2.81 -40.66
C ALA A 376 -27.06 -1.72 -40.84
N CYS A 377 -25.92 -1.82 -40.15
CA CYS A 377 -24.86 -0.84 -40.33
C CYS A 377 -24.25 -0.93 -41.73
N LEU A 378 -23.76 -2.11 -42.10
CA LEU A 378 -23.12 -2.27 -43.40
C LEU A 378 -24.10 -2.07 -44.54
N LYS A 379 -25.36 -2.46 -44.35
CA LYS A 379 -26.37 -2.26 -45.40
C LYS A 379 -26.57 -0.78 -45.67
N SER A 380 -26.59 0.05 -44.63
CA SER A 380 -26.70 1.48 -44.83
C SER A 380 -25.43 2.04 -45.46
N ILE A 381 -24.27 1.48 -45.11
CA ILE A 381 -23.02 1.93 -45.70
C ILE A 381 -23.00 1.65 -47.20
N MET A 382 -23.42 0.44 -47.58
CA MET A 382 -23.32 0.03 -48.97
C MET A 382 -24.16 0.93 -49.89
N HIS A 383 -25.41 1.20 -49.49
CA HIS A 383 -26.30 2.03 -50.31
C HIS A 383 -26.00 3.50 -50.06
N LEU A 384 -24.82 3.92 -50.49
CA LEU A 384 -24.39 5.31 -50.35
C LEU A 384 -23.41 5.69 -51.45
N GLN B 1 -61.23 1.04 -7.49
CA GLN B 1 -60.05 1.90 -7.51
C GLN B 1 -59.33 1.79 -8.84
N TRP B 2 -59.76 2.58 -9.81
CA TRP B 2 -59.21 2.50 -11.16
C TRP B 2 -57.75 2.93 -11.17
N ASN B 3 -56.92 2.13 -11.84
CA ASN B 3 -55.51 2.47 -12.03
C ASN B 3 -55.44 3.33 -13.28
N SER B 4 -55.82 4.60 -13.13
CA SER B 4 -55.89 5.55 -14.22
C SER B 4 -54.78 6.58 -14.17
N ARG B 5 -53.82 6.42 -13.26
CA ARG B 5 -52.76 7.41 -13.05
C ARG B 5 -51.62 7.18 -14.03
N TYR B 6 -51.94 7.40 -15.31
CA TYR B 6 -50.90 7.38 -16.34
C TYR B 6 -50.13 8.69 -16.24
N SER B 7 -48.92 8.61 -15.70
CA SER B 7 -48.12 9.79 -15.38
C SER B 7 -46.81 9.74 -16.14
N TYR B 8 -46.37 10.90 -16.62
CA TYR B 8 -45.06 10.99 -17.24
C TYR B 8 -43.94 10.66 -16.26
N ASN B 9 -44.14 10.98 -14.98
CA ASN B 9 -43.16 10.61 -13.96
C ASN B 9 -43.16 9.11 -13.71
N GLN B 10 -44.28 8.45 -13.93
CA GLN B 10 -44.32 6.98 -13.79
C GLN B 10 -43.49 6.31 -14.88
N LEU B 11 -43.53 6.85 -16.09
CA LEU B 11 -42.74 6.29 -17.19
C LEU B 11 -41.29 6.74 -17.13
N LYS B 12 -41.05 8.02 -16.80
CA LYS B 12 -39.70 8.56 -16.85
C LYS B 12 -38.81 7.94 -15.78
N ASN B 13 -39.35 7.74 -14.57
CA ASN B 13 -38.56 7.28 -13.44
C ASN B 13 -38.93 5.84 -13.08
N LYS B 14 -37.98 5.15 -12.46
CA LYS B 14 -38.17 3.75 -12.09
C LYS B 14 -39.00 3.61 -10.82
N ASP B 15 -38.89 2.47 -10.15
CA ASP B 15 -39.64 2.23 -8.92
C ASP B 15 -39.26 3.25 -7.87
N SER B 16 -40.26 3.84 -7.22
CA SER B 16 -39.99 4.88 -6.24
C SER B 16 -39.33 4.33 -5.00
N LEU B 17 -39.79 3.18 -4.50
CA LEU B 17 -39.29 2.65 -3.25
C LEU B 17 -37.85 2.15 -3.39
N ILE B 18 -37.52 1.54 -4.52
CA ILE B 18 -36.18 0.97 -4.69
C ILE B 18 -35.14 2.08 -4.84
N MET B 19 -35.37 3.02 -5.77
CA MET B 19 -34.42 4.10 -5.97
C MET B 19 -34.23 4.94 -4.72
N PHE B 20 -35.24 4.99 -3.85
CA PHE B 20 -35.10 5.64 -2.56
C PHE B 20 -33.98 5.00 -1.75
N LEU B 21 -33.94 3.66 -1.72
CA LEU B 21 -32.90 2.97 -0.98
C LEU B 21 -31.56 3.04 -1.68
N VAL B 22 -31.56 3.11 -3.02
CA VAL B 22 -30.30 3.11 -3.76
C VAL B 22 -29.52 4.39 -3.48
N GLU B 23 -30.21 5.54 -3.50
CA GLU B 23 -29.53 6.81 -3.23
C GLU B 23 -28.94 6.83 -1.83
N ILE B 24 -29.64 6.22 -0.87
CA ILE B 24 -29.14 6.19 0.51
C ILE B 24 -27.87 5.36 0.60
N PHE B 25 -27.89 4.16 0.03
CA PHE B 25 -26.69 3.33 0.00
C PHE B 25 -25.58 3.99 -0.79
N ARG B 26 -25.92 4.78 -1.81
CA ARG B 26 -24.90 5.48 -2.59
C ARG B 26 -24.15 6.48 -1.74
N SER B 27 -24.88 7.27 -0.95
CA SER B 27 -24.21 8.19 -0.03
C SER B 27 -23.40 7.43 1.01
N LEU B 28 -23.92 6.30 1.49
CA LEU B 28 -23.14 5.43 2.37
C LEU B 28 -21.91 4.88 1.64
N PHE B 29 -22.06 4.58 0.35
CA PHE B 29 -20.91 4.16 -0.45
C PHE B 29 -19.89 5.27 -0.58
N VAL B 30 -20.34 6.47 -0.94
CA VAL B 30 -19.43 7.56 -1.24
C VAL B 30 -18.74 8.07 0.03
N SER B 31 -19.39 7.92 1.18
CA SER B 31 -18.83 8.38 2.45
C SER B 31 -17.80 7.41 3.03
N ASN B 32 -17.55 6.28 2.35
CA ASN B 32 -16.57 5.26 2.73
C ASN B 32 -16.97 4.48 3.98
N CYS B 33 -18.20 4.65 4.47
CA CYS B 33 -18.64 4.02 5.70
C CYS B 33 -19.54 2.81 5.47
N ILE B 34 -19.67 2.35 4.23
CA ILE B 34 -20.62 1.29 3.94
C ILE B 34 -20.20 -0.04 4.55
N ASP B 35 -18.91 -0.25 4.82
CA ASP B 35 -18.43 -1.52 5.31
C ASP B 35 -18.35 -1.57 6.84
N LYS B 36 -18.68 -0.48 7.51
CA LYS B 36 -18.69 -0.46 8.97
C LYS B 36 -20.05 -0.95 9.47
N ASN B 37 -20.28 -0.86 10.77
CA ASN B 37 -21.60 -1.15 11.33
C ASN B 37 -22.52 0.01 10.97
N ILE B 38 -23.29 -0.15 9.90
CA ILE B 38 -24.19 0.90 9.43
C ILE B 38 -25.59 0.66 9.98
N ASP B 39 -25.68 -0.08 11.08
CA ASP B 39 -26.97 -0.46 11.62
C ASP B 39 -27.83 0.75 11.98
N ASN B 40 -27.19 1.84 12.42
CA ASN B 40 -27.94 3.05 12.72
C ASN B 40 -28.72 3.55 11.51
N VAL B 41 -28.10 3.48 10.33
CA VAL B 41 -28.80 3.83 9.10
C VAL B 41 -29.93 2.86 8.84
N LEU B 42 -29.62 1.56 8.87
CA LEU B 42 -30.60 0.54 8.51
C LEU B 42 -31.75 0.49 9.52
N LEU B 43 -31.48 0.76 10.80
CA LEU B 43 -32.55 0.73 11.80
C LEU B 43 -33.57 1.83 11.56
N SER B 44 -33.10 3.04 11.21
CA SER B 44 -34.03 4.13 10.96
C SER B 44 -34.87 3.88 9.73
N ILE B 45 -34.28 3.27 8.69
CA ILE B 45 -35.05 2.88 7.52
C ILE B 45 -36.15 1.91 7.91
N GLU B 46 -35.84 0.96 8.79
CA GLU B 46 -36.88 0.08 9.31
C GLU B 46 -37.89 0.84 10.15
N GLU B 47 -37.42 1.75 11.01
CA GLU B 47 -38.33 2.60 11.77
C GLU B 47 -39.33 3.29 10.85
N MET B 48 -38.87 3.73 9.68
CA MET B 48 -39.76 4.36 8.72
C MET B 48 -40.75 3.37 8.13
N PHE B 49 -40.25 2.21 7.70
CA PHE B 49 -41.12 1.21 7.08
C PHE B 49 -42.16 0.69 8.07
N ILE B 50 -41.85 0.72 9.37
CA ILE B 50 -42.82 0.30 10.38
C ILE B 50 -43.95 1.33 10.47
N ASP B 51 -43.59 2.60 10.58
CA ASP B 51 -44.61 3.65 10.71
C ASP B 51 -45.46 3.77 9.45
N HIS B 52 -44.91 3.40 8.30
CA HIS B 52 -45.70 3.42 7.07
C HIS B 52 -46.77 2.33 7.09
N TYR B 53 -46.49 1.20 7.75
CA TYR B 53 -47.48 0.16 7.93
C TYR B 53 -48.65 0.62 8.79
N TYR B 54 -48.45 1.64 9.63
CA TYR B 54 -49.49 2.15 10.52
C TYR B 54 -50.24 3.32 9.89
N ASN B 55 -49.53 4.37 9.49
CA ASN B 55 -50.12 5.57 8.90
C ASN B 55 -49.58 5.71 7.48
N PRO B 56 -50.13 4.95 6.53
CA PRO B 56 -49.57 4.97 5.16
C PRO B 56 -49.77 6.29 4.43
N GLN B 57 -50.74 7.10 4.81
CA GLN B 57 -51.00 8.35 4.12
C GLN B 57 -50.47 9.58 4.86
N HIS B 58 -49.98 9.41 6.09
CA HIS B 58 -49.44 10.52 6.87
C HIS B 58 -48.02 10.24 7.35
N SER B 59 -47.41 9.15 6.93
CA SER B 59 -46.07 8.80 7.38
C SER B 59 -45.04 9.78 6.84
N ARG B 60 -43.89 9.83 7.52
CA ARG B 60 -42.76 10.57 6.98
C ARG B 60 -42.23 9.93 5.70
N LEU B 61 -42.38 8.62 5.55
CA LEU B 61 -41.98 7.96 4.32
C LEU B 61 -42.83 8.42 3.14
N LYS B 62 -44.13 8.59 3.36
CA LYS B 62 -45.00 9.08 2.29
C LYS B 62 -44.72 10.54 1.98
N TYR B 63 -44.33 11.33 2.98
CA TYR B 63 -43.92 12.69 2.71
C TYR B 63 -42.66 12.73 1.85
N LEU B 64 -41.69 11.87 2.16
CA LEU B 64 -40.47 11.78 1.36
C LEU B 64 -40.79 11.20 -0.01
N ILE B 65 -41.13 9.92 -0.05
CA ILE B 65 -41.57 9.27 -1.28
C ILE B 65 -43.09 9.44 -1.36
N ASP B 66 -43.55 10.32 -2.22
CA ASP B 66 -44.95 10.28 -2.58
C ASP B 66 -45.13 9.20 -3.64
N ASP B 67 -46.26 8.50 -3.56
CA ASP B 67 -46.78 7.46 -4.46
C ASP B 67 -46.21 6.09 -4.08
N VAL B 68 -45.83 5.95 -2.80
CA VAL B 68 -45.43 4.64 -2.29
C VAL B 68 -46.61 3.69 -2.41
N GLY B 69 -46.29 2.42 -2.64
CA GLY B 69 -47.27 1.38 -2.45
C GLY B 69 -47.67 1.28 -0.99
N ILE B 70 -48.36 0.19 -0.69
CA ILE B 70 -48.85 -0.08 0.67
C ILE B 70 -48.10 -1.29 1.21
N PHE B 71 -47.57 -1.14 2.43
CA PHE B 71 -46.90 -2.23 3.13
C PHE B 71 -47.94 -3.02 3.91
N PHE B 72 -48.21 -4.25 3.46
CA PHE B 72 -49.14 -5.11 4.18
C PHE B 72 -48.52 -5.75 5.40
N THR B 73 -47.20 -5.74 5.52
CA THR B 73 -46.48 -6.32 6.64
C THR B 73 -45.40 -5.36 7.11
N LYS B 74 -44.92 -5.60 8.33
CA LYS B 74 -43.75 -4.89 8.83
C LYS B 74 -42.50 -5.50 8.21
N LEU B 75 -41.70 -4.67 7.54
CA LEU B 75 -40.59 -5.16 6.72
C LEU B 75 -39.30 -5.14 7.52
N PRO B 76 -38.60 -6.25 7.65
CA PRO B 76 -37.29 -6.31 8.31
C PRO B 76 -36.12 -6.01 7.36
N ILE B 77 -35.93 -4.71 7.09
CA ILE B 77 -34.93 -4.30 6.11
C ILE B 77 -33.51 -4.45 6.65
N THR B 78 -33.35 -4.50 7.98
CA THR B 78 -32.00 -4.65 8.54
C THR B 78 -31.49 -6.07 8.36
N LYS B 79 -32.31 -7.06 8.72
CA LYS B 79 -31.88 -8.45 8.58
C LYS B 79 -31.72 -8.85 7.12
N ALA B 80 -32.50 -8.26 6.22
CA ALA B 80 -32.40 -8.61 4.81
C ALA B 80 -31.09 -8.11 4.21
N PHE B 81 -30.72 -6.86 4.48
CA PHE B 81 -29.42 -6.35 4.04
C PHE B 81 -28.29 -7.15 4.67
N HIS B 82 -28.43 -7.51 5.95
CA HIS B 82 -27.39 -8.27 6.62
C HIS B 82 -27.16 -9.61 5.96
N THR B 83 -28.24 -10.31 5.58
CA THR B 83 -28.10 -11.65 5.01
C THR B 83 -27.78 -11.62 3.52
N TYR B 84 -28.28 -10.63 2.79
CA TYR B 84 -27.87 -10.48 1.39
C TYR B 84 -26.39 -10.15 1.29
N ASN B 85 -25.91 -9.27 2.16
CA ASN B 85 -24.52 -8.84 2.08
C ASN B 85 -23.56 -9.98 2.41
N LYS B 86 -23.93 -10.85 3.35
CA LYS B 86 -23.04 -11.95 3.70
C LYS B 86 -22.85 -12.93 2.55
N LYS B 87 -23.85 -13.05 1.67
CA LYS B 87 -23.76 -14.00 0.57
C LYS B 87 -23.00 -13.42 -0.62
N TYR B 88 -23.22 -12.15 -0.95
CA TYR B 88 -22.63 -11.54 -2.13
C TYR B 88 -21.55 -10.51 -1.83
N ARG B 89 -21.57 -9.89 -0.66
CA ARG B 89 -20.54 -8.95 -0.24
C ARG B 89 -20.38 -7.80 -1.22
N ILE B 90 -21.52 -7.21 -1.61
CA ILE B 90 -21.51 -5.99 -2.40
C ILE B 90 -20.86 -4.85 -1.63
N THR B 91 -20.82 -4.97 -0.30
CA THR B 91 -20.31 -3.89 0.54
C THR B 91 -18.79 -3.78 0.45
N LYS B 92 -18.11 -4.89 0.15
CA LYS B 92 -16.66 -4.86 -0.02
C LYS B 92 -16.22 -4.18 -1.32
N ARG B 93 -17.15 -3.59 -2.07
CA ARG B 93 -16.82 -2.85 -3.27
C ARG B 93 -16.35 -1.44 -2.91
N LEU B 94 -15.33 -0.96 -3.63
CA LEU B 94 -14.76 0.35 -3.39
C LEU B 94 -15.07 1.37 -4.48
N TYR B 95 -15.37 0.91 -5.70
CA TYR B 95 -15.57 1.82 -6.82
C TYR B 95 -16.90 1.65 -7.53
N ALA B 96 -17.58 0.51 -7.37
CA ALA B 96 -18.91 0.32 -7.92
C ALA B 96 -19.94 0.40 -6.81
N PRO B 97 -20.97 1.22 -6.94
CA PRO B 97 -21.93 1.41 -5.85
C PRO B 97 -23.02 0.37 -5.89
N PRO B 98 -23.84 0.26 -4.84
CA PRO B 98 -24.99 -0.66 -4.89
C PRO B 98 -25.95 -0.28 -6.00
N THR B 99 -26.37 -1.28 -6.77
CA THR B 99 -27.15 -1.06 -7.97
C THR B 99 -28.65 -1.25 -7.72
N PHE B 100 -29.42 -1.06 -8.78
CA PHE B 100 -30.88 -1.14 -8.70
C PHE B 100 -31.32 -2.58 -8.45
N ASN B 101 -30.81 -3.52 -9.24
CA ASN B 101 -31.24 -4.91 -9.12
C ASN B 101 -30.87 -5.50 -7.77
N GLU B 102 -29.76 -5.05 -7.18
CA GLU B 102 -29.37 -5.57 -5.86
C GLU B 102 -30.39 -5.18 -4.80
N VAL B 103 -30.81 -3.91 -4.78
CA VAL B 103 -31.84 -3.48 -3.85
C VAL B 103 -33.17 -4.14 -4.16
N ARG B 104 -33.39 -4.53 -5.42
CA ARG B 104 -34.59 -5.29 -5.77
C ARG B 104 -34.63 -6.62 -5.04
N HIS B 105 -33.48 -7.32 -5.00
CA HIS B 105 -33.43 -8.60 -4.29
C HIS B 105 -33.48 -8.39 -2.78
N ILE B 106 -32.86 -7.32 -2.28
CA ILE B 106 -32.90 -7.03 -0.86
C ILE B 106 -34.34 -6.77 -0.41
N LEU B 107 -35.10 -6.02 -1.21
CA LEU B 107 -36.50 -5.76 -0.86
C LEU B 107 -37.34 -7.03 -0.98
N ASN B 108 -37.04 -7.88 -1.96
CA ASN B 108 -37.71 -9.17 -2.05
C ASN B 108 -37.46 -9.99 -0.79
N LEU B 109 -36.20 -10.17 -0.42
CA LEU B 109 -35.87 -10.89 0.81
C LEU B 109 -36.43 -10.19 2.04
N ALA B 110 -36.50 -8.85 2.01
CA ALA B 110 -37.14 -8.12 3.10
C ALA B 110 -38.62 -8.50 3.22
N GLN B 111 -39.29 -8.67 2.07
CA GLN B 111 -40.69 -9.08 2.11
C GLN B 111 -40.84 -10.53 2.53
N ILE B 112 -39.88 -11.38 2.17
CA ILE B 112 -39.96 -12.79 2.53
C ILE B 112 -39.86 -12.96 4.04
N LEU B 113 -38.85 -12.35 4.66
CA LEU B 113 -38.68 -12.47 6.10
C LEU B 113 -39.84 -11.84 6.87
N SER B 114 -40.63 -10.97 6.24
CA SER B 114 -41.77 -10.36 6.90
C SER B 114 -42.91 -11.34 7.15
N LEU B 115 -42.87 -12.52 6.54
CA LEU B 115 -43.92 -13.52 6.69
C LEU B 115 -43.71 -14.40 7.92
N GLU B 116 -43.40 -13.77 9.06
CA GLU B 116 -43.32 -14.52 10.32
C GLU B 116 -44.69 -15.02 10.74
N GLU B 117 -45.76 -14.32 10.34
CA GLU B 117 -47.11 -14.75 10.66
C GLU B 117 -47.54 -15.97 9.84
N GLY B 118 -46.86 -16.26 8.74
CA GLY B 118 -47.21 -17.40 7.91
C GLY B 118 -47.68 -17.02 6.52
N LEU B 119 -47.63 -17.97 5.60
CA LEU B 119 -48.01 -17.76 4.21
C LEU B 119 -49.11 -18.75 3.85
N ASP B 120 -50.20 -18.23 3.27
CA ASP B 120 -51.36 -19.05 2.97
C ASP B 120 -51.77 -19.01 1.50
N LEU B 121 -51.06 -18.30 0.64
CA LEU B 121 -51.38 -18.29 -0.78
C LEU B 121 -50.18 -17.81 -1.57
N LEU B 122 -49.75 -18.61 -2.55
CA LEU B 122 -48.74 -18.20 -3.53
C LEU B 122 -49.38 -18.13 -4.91
N THR B 123 -48.99 -17.11 -5.67
CA THR B 123 -49.40 -16.96 -7.06
C THR B 123 -48.16 -16.77 -7.92
N PHE B 124 -48.21 -17.32 -9.13
CA PHE B 124 -47.07 -17.33 -10.03
C PHE B 124 -47.48 -16.75 -11.38
N ASP B 125 -46.70 -15.79 -11.87
CA ASP B 125 -46.85 -15.35 -13.25
C ASP B 125 -46.27 -16.43 -14.16
N ALA B 126 -47.12 -16.98 -15.03
CA ALA B 126 -46.72 -18.13 -15.84
C ALA B 126 -45.55 -17.81 -16.77
N ASN B 127 -45.78 -16.94 -17.75
CA ASN B 127 -44.75 -16.63 -18.73
C ASN B 127 -43.65 -15.77 -18.10
N GLU B 128 -42.40 -16.14 -18.40
CA GLU B 128 -41.14 -15.46 -18.07
C GLU B 128 -40.70 -15.71 -16.62
N THR B 129 -41.57 -16.24 -15.75
CA THR B 129 -41.15 -16.55 -14.38
C THR B 129 -41.16 -18.04 -14.07
N LEU B 130 -42.03 -18.81 -14.72
CA LEU B 130 -41.99 -20.27 -14.61
C LEU B 130 -41.33 -20.93 -15.81
N TYR B 131 -41.26 -20.24 -16.94
CA TYR B 131 -40.63 -20.72 -18.15
C TYR B 131 -40.48 -19.54 -19.10
N PRO B 132 -39.57 -19.64 -20.08
CA PRO B 132 -39.43 -18.55 -21.06
C PRO B 132 -40.75 -18.27 -21.77
N ASP B 133 -40.84 -17.06 -22.32
CA ASP B 133 -42.08 -16.61 -22.94
C ASP B 133 -42.44 -17.49 -24.12
N GLY B 134 -43.70 -17.92 -24.16
CA GLY B 134 -44.15 -18.77 -25.24
C GLY B 134 -43.65 -20.19 -25.21
N HIS B 135 -43.25 -20.69 -24.04
CA HIS B 135 -42.74 -22.04 -23.88
C HIS B 135 -43.68 -22.86 -23.02
N ASP B 136 -43.45 -24.17 -23.01
CA ASP B 136 -44.11 -25.08 -22.09
C ASP B 136 -43.21 -25.31 -20.88
N PHE B 137 -43.83 -25.48 -19.72
CA PHE B 137 -43.06 -25.70 -18.50
C PHE B 137 -42.23 -26.96 -18.61
N ASN B 138 -40.90 -26.79 -18.61
CA ASN B 138 -39.95 -27.90 -18.70
C ASN B 138 -38.90 -27.68 -17.61
N ASP B 139 -39.21 -28.12 -16.40
CA ASP B 139 -38.27 -28.00 -15.29
C ASP B 139 -38.63 -29.01 -14.23
N GLU B 140 -37.66 -29.81 -13.80
CA GLU B 140 -37.87 -30.73 -12.70
C GLU B 140 -37.43 -30.15 -11.36
N VAL B 141 -36.43 -29.28 -11.37
CA VAL B 141 -35.97 -28.65 -10.13
C VAL B 141 -37.05 -27.75 -9.55
N LEU B 142 -37.59 -26.85 -10.38
CA LEU B 142 -38.60 -25.91 -9.89
C LEU B 142 -39.84 -26.63 -9.38
N ALA B 143 -40.32 -27.63 -10.14
CA ALA B 143 -41.51 -28.36 -9.71
C ALA B 143 -41.29 -29.09 -8.40
N SER B 144 -40.05 -29.44 -8.09
CA SER B 144 -39.78 -30.10 -6.81
C SER B 144 -39.86 -29.13 -5.64
N TYR B 145 -39.48 -27.86 -5.85
CA TYR B 145 -39.66 -26.87 -4.78
C TYR B 145 -41.12 -26.55 -4.58
N ILE B 146 -41.89 -26.44 -5.67
CA ILE B 146 -43.31 -26.10 -5.56
C ILE B 146 -44.07 -27.20 -4.85
N SER B 147 -43.69 -28.46 -5.08
CA SER B 147 -44.43 -29.59 -4.50
C SER B 147 -44.43 -29.54 -2.98
N CYS B 148 -43.26 -29.26 -2.39
CA CYS B 148 -43.17 -29.21 -0.94
C CYS B 148 -44.00 -28.07 -0.37
N LEU B 149 -44.05 -26.94 -1.07
CA LEU B 149 -44.85 -25.82 -0.60
C LEU B 149 -46.34 -26.10 -0.73
N LEU B 150 -46.74 -26.94 -1.69
CA LEU B 150 -48.15 -27.20 -1.91
C LEU B 150 -48.80 -27.87 -0.71
N LYS B 151 -48.03 -28.62 0.08
CA LYS B 151 -48.55 -29.23 1.29
C LYS B 151 -48.74 -28.24 2.42
N LYS B 152 -48.02 -27.11 2.40
CA LYS B 152 -48.10 -26.14 3.49
C LYS B 152 -49.20 -25.11 3.28
N MET B 153 -49.42 -24.68 2.04
CA MET B 153 -50.42 -23.66 1.77
C MET B 153 -50.97 -23.84 0.37
N ASN B 154 -51.98 -23.04 0.04
CA ASN B 154 -52.60 -23.08 -1.28
C ASN B 154 -51.73 -22.34 -2.29
N ILE B 155 -51.64 -22.90 -3.50
CA ILE B 155 -50.82 -22.35 -4.56
C ILE B 155 -51.67 -22.17 -5.80
N ALA B 156 -51.49 -21.03 -6.48
CA ALA B 156 -52.27 -20.70 -7.67
C ALA B 156 -51.34 -20.25 -8.79
N ILE B 157 -51.82 -20.41 -10.02
CA ILE B 157 -51.09 -19.99 -11.21
C ILE B 157 -51.95 -18.93 -11.90
N VAL B 158 -51.63 -17.67 -11.68
CA VAL B 158 -52.35 -16.55 -12.29
C VAL B 158 -51.51 -16.05 -13.46
N THR B 159 -52.01 -16.25 -14.67
CA THR B 159 -51.30 -15.88 -15.89
C THR B 159 -52.09 -14.84 -16.66
N ALA B 160 -51.46 -14.31 -17.71
CA ALA B 160 -52.13 -13.44 -18.66
C ALA B 160 -52.51 -14.16 -19.95
N ALA B 161 -52.06 -15.39 -20.14
CA ALA B 161 -52.41 -16.16 -21.31
C ALA B 161 -53.88 -16.55 -21.28
N SER B 162 -54.47 -16.70 -22.45
CA SER B 162 -55.91 -16.96 -22.57
C SER B 162 -56.17 -17.95 -23.69
N TYR B 163 -56.60 -19.15 -23.33
CA TYR B 163 -57.28 -20.08 -24.23
C TYR B 163 -58.69 -20.28 -23.69
N ASN B 164 -59.68 -20.15 -24.57
CA ASN B 164 -61.08 -20.00 -24.14
C ASN B 164 -61.59 -21.29 -23.50
N ASN B 165 -61.52 -21.35 -22.17
CA ASN B 165 -62.19 -22.36 -21.34
C ASN B 165 -61.74 -23.79 -21.65
N ASP B 166 -60.70 -23.98 -22.46
CA ASP B 166 -60.24 -25.31 -22.84
C ASP B 166 -59.14 -25.73 -21.87
N ALA B 167 -59.50 -26.58 -20.91
CA ALA B 167 -58.53 -27.02 -19.91
C ALA B 167 -57.44 -27.91 -20.50
N GLU B 168 -57.67 -28.49 -21.68
CA GLU B 168 -56.65 -29.33 -22.29
C GLU B 168 -55.49 -28.49 -22.82
N LYS B 169 -55.79 -27.29 -23.32
CA LYS B 169 -54.74 -26.42 -23.84
C LYS B 169 -53.89 -25.79 -22.74
N TYR B 170 -54.39 -25.78 -21.50
CA TYR B 170 -53.61 -25.21 -20.41
C TYR B 170 -52.61 -26.22 -19.85
N GLN B 171 -53.03 -27.47 -19.69
CA GLN B 171 -52.12 -28.50 -19.21
C GLN B 171 -50.94 -28.70 -20.15
N LYS B 172 -51.14 -28.39 -21.44
CA LYS B 172 -50.03 -28.45 -22.39
C LYS B 172 -48.97 -27.40 -22.08
N ARG B 173 -49.38 -26.24 -21.56
CA ARG B 173 -48.42 -25.19 -21.23
C ARG B 173 -47.57 -25.53 -20.02
N LEU B 174 -48.02 -26.44 -19.17
CA LEU B 174 -47.29 -26.81 -17.95
C LEU B 174 -47.36 -28.31 -17.73
N GLU B 175 -47.06 -29.08 -18.79
CA GLU B 175 -47.16 -30.53 -18.75
C GLU B 175 -46.37 -31.13 -17.60
N ASN B 176 -45.05 -30.90 -17.60
CA ASN B 176 -44.18 -31.52 -16.62
C ASN B 176 -44.51 -31.12 -15.19
N LEU B 177 -45.27 -30.04 -15.00
CA LEU B 177 -45.64 -29.64 -13.64
C LEU B 177 -46.72 -30.57 -13.09
N LEU B 178 -47.74 -30.88 -13.89
CA LEU B 178 -48.74 -31.83 -13.42
C LEU B 178 -48.15 -33.24 -13.31
N LYS B 179 -47.12 -33.55 -14.09
CA LYS B 179 -46.48 -34.85 -14.00
C LYS B 179 -45.83 -35.05 -12.64
N TYR B 180 -45.20 -34.00 -12.10
CA TYR B 180 -44.64 -34.09 -10.76
C TYR B 180 -45.72 -34.13 -9.70
N PHE B 181 -46.88 -33.49 -9.98
CA PHE B 181 -47.99 -33.56 -9.05
C PHE B 181 -48.61 -34.95 -9.02
N SER B 182 -48.57 -35.66 -10.15
CA SER B 182 -49.10 -37.01 -10.23
C SER B 182 -48.31 -38.01 -9.40
N LYS B 183 -47.07 -37.68 -9.05
CA LYS B 183 -46.17 -38.60 -8.36
C LYS B 183 -46.14 -38.39 -6.84
N HIS B 184 -46.16 -37.14 -6.38
CA HIS B 184 -45.98 -36.85 -4.96
C HIS B 184 -47.10 -36.06 -4.32
N ASN B 185 -48.02 -35.48 -5.10
CA ASN B 185 -49.06 -34.62 -4.57
C ASN B 185 -50.45 -35.20 -4.83
N ILE B 186 -50.58 -36.52 -4.73
CA ILE B 186 -51.86 -37.19 -4.88
C ILE B 186 -52.36 -37.76 -3.55
N LYS B 187 -51.47 -38.46 -2.82
CA LYS B 187 -51.87 -39.04 -1.55
C LYS B 187 -52.26 -37.97 -0.54
N ASP B 188 -51.55 -36.84 -0.55
CA ASP B 188 -51.90 -35.73 0.33
C ASP B 188 -53.12 -35.00 -0.20
N GLY B 189 -53.76 -34.24 0.69
CA GLY B 189 -54.92 -33.44 0.31
C GLY B 189 -54.55 -32.15 -0.38
N SER B 190 -53.31 -32.07 -0.86
CA SER B 190 -52.81 -30.87 -1.53
C SER B 190 -53.32 -30.77 -2.98
N TYR B 191 -53.74 -31.87 -3.57
CA TYR B 191 -54.25 -31.82 -4.94
C TYR B 191 -55.50 -30.95 -5.05
N LYS B 192 -56.25 -30.84 -3.96
CA LYS B 192 -57.41 -29.96 -3.91
C LYS B 192 -57.07 -28.54 -3.49
N ASN B 193 -55.78 -28.21 -3.42
CA ASN B 193 -55.34 -26.88 -3.00
C ASN B 193 -54.64 -26.11 -4.12
N PHE B 194 -54.59 -26.65 -5.34
CA PHE B 194 -53.91 -26.03 -6.45
C PHE B 194 -54.93 -25.43 -7.42
N TYR B 195 -54.65 -24.23 -7.90
CA TYR B 195 -55.55 -23.51 -8.79
C TYR B 195 -54.76 -22.96 -9.98
N VAL B 196 -55.50 -22.70 -11.07
CA VAL B 196 -54.97 -22.06 -12.26
C VAL B 196 -56.00 -21.05 -12.74
N MET B 197 -55.54 -19.82 -13.02
CA MET B 197 -56.44 -18.76 -13.48
C MET B 197 -55.94 -18.27 -14.83
N GLY B 198 -56.66 -18.65 -15.90
CA GLY B 198 -56.33 -18.20 -17.23
C GLY B 198 -56.86 -16.81 -17.50
N GLY B 199 -56.65 -16.37 -18.75
CA GLY B 199 -57.04 -15.03 -19.13
C GLY B 199 -56.33 -13.99 -18.30
N GLU B 200 -57.01 -13.44 -17.30
CA GLU B 200 -56.37 -12.50 -16.38
C GLU B 200 -57.12 -12.57 -15.06
N SER B 201 -58.44 -12.75 -15.15
CA SER B 201 -59.27 -13.18 -14.04
C SER B 201 -60.52 -13.88 -14.55
N ASN B 202 -60.45 -14.44 -15.76
CA ASN B 202 -61.61 -14.83 -16.54
C ASN B 202 -61.88 -16.32 -16.56
N TYR B 203 -60.87 -17.16 -16.67
CA TYR B 203 -61.04 -18.60 -16.81
C TYR B 203 -60.34 -19.29 -15.65
N LEU B 204 -61.12 -19.77 -14.68
CA LEU B 204 -60.59 -20.44 -13.51
C LEU B 204 -60.53 -21.94 -13.74
N PHE B 205 -59.41 -22.54 -13.34
CA PHE B 205 -59.19 -23.97 -13.50
C PHE B 205 -58.75 -24.57 -12.17
N LYS B 206 -58.86 -25.89 -12.07
CA LYS B 206 -58.43 -26.62 -10.89
C LYS B 206 -57.83 -27.95 -11.37
N CYS B 207 -57.39 -28.77 -10.43
CA CYS B 207 -56.70 -30.02 -10.74
C CYS B 207 -57.54 -31.21 -10.31
N ASN B 208 -57.65 -32.20 -11.18
CA ASN B 208 -58.33 -33.44 -10.85
C ASN B 208 -57.37 -34.39 -10.13
N GLU B 209 -57.95 -35.42 -9.50
CA GLU B 209 -57.14 -36.39 -8.77
C GLU B 209 -56.26 -37.23 -9.70
N GLU B 210 -56.59 -37.29 -10.98
CA GLU B 210 -55.78 -38.00 -11.96
C GLU B 210 -54.69 -37.12 -12.57
N ALA B 211 -54.49 -35.93 -12.02
CA ALA B 211 -53.41 -35.01 -12.42
C ALA B 211 -53.56 -34.53 -13.86
N THR B 212 -54.77 -34.15 -14.24
CA THR B 212 -55.02 -33.41 -15.47
C THR B 212 -56.00 -32.29 -15.13
N LEU B 213 -55.61 -31.06 -15.42
CA LEU B 213 -56.39 -29.90 -14.99
C LEU B 213 -57.79 -29.93 -15.60
N TYR B 214 -58.78 -29.54 -14.80
CA TYR B 214 -60.15 -29.44 -15.24
C TYR B 214 -60.67 -28.04 -14.99
N SER B 215 -61.52 -27.55 -15.89
CA SER B 215 -62.08 -26.21 -15.77
C SER B 215 -63.25 -26.19 -14.80
N VAL B 216 -63.28 -25.17 -13.94
CA VAL B 216 -64.33 -25.00 -12.95
C VAL B 216 -65.48 -24.24 -13.61
N PRO B 217 -66.74 -24.61 -13.34
CA PRO B 217 -67.87 -23.87 -13.92
C PRO B 217 -67.82 -22.39 -13.55
N GLU B 218 -68.48 -21.59 -14.40
CA GLU B 218 -68.47 -20.15 -14.20
C GLU B 218 -69.39 -19.72 -13.07
N ASN B 219 -70.55 -20.38 -12.94
CA ASN B 219 -71.54 -19.98 -11.94
C ASN B 219 -71.03 -20.11 -10.52
N GLU B 220 -69.96 -20.86 -10.30
CA GLU B 220 -69.46 -21.07 -8.94
C GLU B 220 -68.70 -19.86 -8.41
N TRP B 221 -68.01 -19.11 -9.28
CA TRP B 221 -67.16 -18.02 -8.86
C TRP B 221 -67.37 -16.72 -9.62
N ARG B 222 -68.31 -16.68 -10.58
CA ARG B 222 -68.51 -15.46 -11.36
C ARG B 222 -69.07 -14.33 -10.52
N HIS B 223 -69.81 -14.64 -9.45
CA HIS B 223 -70.39 -13.61 -8.61
C HIS B 223 -69.30 -12.80 -7.89
N TYR B 224 -68.17 -13.44 -7.58
CA TYR B 224 -67.06 -12.71 -6.96
C TYR B 224 -66.49 -11.66 -7.88
N LYS B 225 -66.50 -11.91 -9.19
CA LYS B 225 -66.03 -10.93 -10.16
C LYS B 225 -66.95 -9.72 -10.23
N LYS B 226 -66.38 -8.59 -10.64
CA LYS B 226 -67.18 -7.40 -10.90
C LYS B 226 -68.05 -7.62 -12.13
N PHE B 227 -69.33 -7.28 -12.01
CA PHE B 227 -70.30 -7.52 -13.08
C PHE B 227 -69.99 -6.59 -14.26
N VAL B 228 -69.41 -7.15 -15.31
CA VAL B 228 -69.14 -6.42 -16.55
C VAL B 228 -69.89 -7.12 -17.66
N ASP B 229 -70.90 -6.46 -18.20
CA ASP B 229 -71.75 -7.06 -19.22
C ASP B 229 -70.97 -7.26 -20.52
N TYR B 230 -71.53 -8.12 -21.38
CA TYR B 230 -70.87 -8.46 -22.64
C TYR B 230 -70.78 -7.26 -23.57
N ASP B 231 -71.70 -6.29 -23.43
CA ASP B 231 -71.69 -5.14 -24.31
C ASP B 231 -70.53 -4.20 -24.01
N THR B 232 -70.24 -3.97 -22.72
CA THR B 232 -69.14 -3.09 -22.37
C THR B 232 -67.79 -3.74 -22.59
N VAL B 233 -67.70 -5.06 -22.38
CA VAL B 233 -66.46 -5.78 -22.63
C VAL B 233 -66.02 -5.61 -24.07
N GLN B 234 -66.98 -5.62 -25.00
CA GLN B 234 -66.65 -5.55 -26.42
C GLN B 234 -66.30 -4.13 -26.86
N GLU B 235 -66.84 -3.10 -26.19
CA GLU B 235 -66.45 -1.74 -26.52
C GLU B 235 -65.02 -1.45 -26.08
N ILE B 236 -64.64 -1.94 -24.90
CA ILE B 236 -63.24 -1.88 -24.49
C ILE B 236 -62.36 -2.54 -25.54
N LEU B 237 -62.82 -3.68 -26.08
CA LEU B 237 -62.12 -4.30 -27.19
C LEU B 237 -62.13 -3.38 -28.41
N ASN B 238 -63.33 -2.95 -28.83
CA ASN B 238 -63.48 -2.18 -30.05
C ASN B 238 -62.64 -0.91 -30.02
N ILE B 239 -62.68 -0.18 -28.90
CA ILE B 239 -61.87 1.03 -28.76
C ILE B 239 -60.39 0.69 -28.84
N SER B 240 -59.99 -0.41 -28.21
CA SER B 240 -58.61 -0.86 -28.30
C SER B 240 -58.22 -1.13 -29.75
N GLU B 241 -58.95 -2.05 -30.39
CA GLU B 241 -58.64 -2.42 -31.78
C GLU B 241 -58.55 -1.20 -32.69
N LYS B 242 -59.41 -0.20 -32.46
CA LYS B 242 -59.31 1.04 -33.21
C LYS B 242 -57.99 1.76 -32.92
N CYS B 243 -57.48 1.63 -31.69
CA CYS B 243 -56.21 2.27 -31.34
C CYS B 243 -55.02 1.49 -31.92
N LEU B 244 -55.08 0.15 -31.91
CA LEU B 244 -53.99 -0.63 -32.50
C LEU B 244 -53.90 -0.39 -34.01
N GLU B 245 -55.05 -0.26 -34.68
CA GLU B 245 -55.02 0.02 -36.12
C GLU B 245 -54.31 1.33 -36.41
N LYS B 246 -54.49 2.32 -35.53
CA LYS B 246 -53.72 3.56 -35.64
C LYS B 246 -52.23 3.30 -35.45
N VAL B 247 -51.88 2.37 -34.56
CA VAL B 247 -50.47 2.07 -34.29
C VAL B 247 -49.85 1.35 -35.48
N ILE B 248 -50.59 0.43 -36.11
CA ILE B 248 -50.09 -0.22 -37.32
C ILE B 248 -49.94 0.79 -38.44
N LYS B 249 -50.73 1.86 -38.42
CA LYS B 249 -50.67 2.88 -39.46
C LYS B 249 -49.64 3.95 -39.15
N ASP B 250 -49.63 4.47 -37.91
CA ASP B 250 -48.71 5.54 -37.57
C ASP B 250 -47.25 5.09 -37.67
N PHE B 251 -46.97 3.84 -37.35
CA PHE B 251 -45.65 3.26 -37.48
C PHE B 251 -45.68 2.11 -38.46
N GLY B 252 -44.65 2.01 -39.30
CA GLY B 252 -44.55 0.89 -40.21
C GLY B 252 -44.35 -0.41 -39.45
N LEU B 253 -45.43 -1.12 -39.16
CA LEU B 253 -45.39 -2.30 -38.31
C LEU B 253 -45.96 -3.50 -39.05
N CYS B 254 -45.18 -4.60 -39.09
CA CYS B 254 -45.67 -5.88 -39.60
C CYS B 254 -46.29 -6.67 -38.45
N ALA B 255 -47.48 -6.22 -38.04
CA ALA B 255 -48.13 -6.73 -36.84
C ALA B 255 -49.58 -7.10 -37.14
N GLN B 256 -50.06 -8.16 -36.48
CA GLN B 256 -51.41 -8.65 -36.63
C GLN B 256 -52.21 -8.34 -35.36
N ILE B 257 -53.50 -8.10 -35.53
CA ILE B 257 -54.43 -7.92 -34.42
C ILE B 257 -55.09 -9.26 -34.13
N GLN B 258 -54.82 -9.81 -32.95
CA GLN B 258 -55.44 -11.06 -32.50
C GLN B 258 -56.66 -10.72 -31.66
N ARG B 259 -57.84 -11.10 -32.15
CA ARG B 259 -59.09 -10.81 -31.47
C ARG B 259 -59.67 -12.10 -30.89
N LYS B 260 -60.03 -12.03 -29.60
CA LYS B 260 -60.67 -13.15 -28.92
C LYS B 260 -61.74 -12.59 -28.00
N GLU B 261 -62.50 -13.49 -27.38
CA GLU B 261 -63.50 -13.09 -26.41
C GLU B 261 -62.81 -12.53 -25.17
N LYS B 262 -63.06 -11.26 -24.87
CA LYS B 262 -62.55 -10.54 -23.70
C LYS B 262 -61.08 -10.18 -23.79
N SER B 263 -60.49 -10.14 -24.99
CA SER B 263 -59.08 -9.78 -25.10
C SER B 263 -58.74 -9.41 -26.54
N ILE B 264 -57.78 -8.50 -26.69
CA ILE B 264 -57.21 -8.13 -27.97
C ILE B 264 -55.70 -8.06 -27.82
N GLY B 265 -54.98 -8.50 -28.86
CA GLY B 265 -53.54 -8.53 -28.84
C GLY B 265 -52.93 -7.85 -30.06
N LEU B 266 -51.60 -7.74 -30.02
CA LEU B 266 -50.81 -7.18 -31.11
C LEU B 266 -49.60 -8.08 -31.31
N VAL B 267 -49.64 -8.91 -32.35
CA VAL B 267 -48.61 -9.92 -32.56
C VAL B 267 -48.01 -9.78 -33.96
N PRO B 268 -46.70 -9.83 -34.11
CA PRO B 268 -46.07 -9.81 -35.43
C PRO B 268 -45.92 -11.22 -36.00
N ASN B 269 -45.48 -11.26 -37.26
CA ASN B 269 -45.32 -12.52 -37.98
C ASN B 269 -43.95 -12.57 -38.64
N LYS B 270 -43.35 -13.76 -38.65
CA LYS B 270 -42.06 -13.97 -39.27
C LYS B 270 -42.21 -14.24 -40.76
N ILE B 271 -41.20 -13.82 -41.52
CA ILE B 271 -41.21 -14.01 -42.97
C ILE B 271 -40.19 -15.09 -43.36
N ASN B 282 -40.03 -13.80 -35.52
CA ASN B 282 -40.98 -12.76 -35.91
C ASN B 282 -40.29 -11.39 -36.01
N TYR B 283 -40.82 -10.54 -36.87
CA TYR B 283 -40.32 -9.16 -36.96
C TYR B 283 -40.56 -8.46 -35.63
N MET B 284 -39.49 -7.96 -35.04
CA MET B 284 -39.56 -7.43 -33.68
C MET B 284 -40.11 -6.00 -33.67
N ILE B 285 -41.13 -5.78 -32.84
CA ILE B 285 -41.69 -4.46 -32.64
C ILE B 285 -40.76 -3.67 -31.72
N LYS B 286 -40.63 -2.37 -31.99
CA LYS B 286 -39.86 -1.51 -31.10
C LYS B 286 -40.50 -1.48 -29.71
N TYR B 287 -39.65 -1.52 -28.68
CA TYR B 287 -40.14 -1.57 -27.31
C TYR B 287 -40.90 -0.29 -26.95
N GLU B 288 -40.46 0.85 -27.47
CA GLU B 288 -41.03 2.13 -27.07
C GLU B 288 -42.41 2.37 -27.67
N VAL B 289 -42.69 1.79 -28.84
CA VAL B 289 -44.02 1.91 -29.41
C VAL B 289 -45.03 1.15 -28.56
N LEU B 290 -44.63 0.00 -28.02
CA LEU B 290 -45.49 -0.74 -27.11
C LEU B 290 -45.93 0.13 -25.94
N GLU B 291 -44.97 0.82 -25.31
CA GLU B 291 -45.28 1.77 -24.25
C GLU B 291 -46.23 2.85 -24.77
N GLU B 292 -45.94 3.39 -25.96
CA GLU B 292 -46.78 4.43 -26.53
C GLU B 292 -48.20 3.95 -26.77
N ALA B 293 -48.36 2.69 -27.17
CA ALA B 293 -49.69 2.17 -27.44
C ALA B 293 -50.45 1.85 -26.16
N VAL B 294 -49.76 1.41 -25.11
CA VAL B 294 -50.43 1.10 -23.85
C VAL B 294 -51.13 2.33 -23.29
N ILE B 295 -50.41 3.47 -23.29
CA ILE B 295 -51.01 4.71 -22.79
C ILE B 295 -52.09 5.21 -23.74
N ARG B 296 -51.95 4.98 -25.04
CA ARG B 296 -53.00 5.35 -25.99
C ARG B 296 -54.29 4.61 -25.68
N ILE B 297 -54.19 3.31 -25.36
CA ILE B 297 -55.38 2.53 -25.06
C ILE B 297 -55.99 2.94 -23.73
N LYS B 298 -55.14 3.14 -22.71
CA LYS B 298 -55.64 3.51 -21.39
C LYS B 298 -56.28 4.90 -21.41
N LYS B 299 -55.62 5.88 -22.06
CA LYS B 299 -56.16 7.23 -22.11
C LYS B 299 -57.44 7.29 -22.93
N GLU B 300 -57.62 6.39 -23.90
CA GLU B 300 -58.83 6.38 -24.70
C GLU B 300 -60.01 5.75 -23.96
N ILE B 301 -59.73 4.75 -23.12
CA ILE B 301 -60.80 4.10 -22.36
C ILE B 301 -61.39 5.06 -21.34
N ILE B 302 -60.54 5.87 -20.70
CA ILE B 302 -61.01 6.85 -19.73
C ILE B 302 -61.79 7.97 -20.41
N LYS B 303 -61.54 8.21 -21.70
CA LYS B 303 -62.33 9.16 -22.47
C LYS B 303 -63.78 8.74 -22.62
N ASN B 304 -64.12 7.48 -22.34
CA ASN B 304 -65.49 6.99 -22.41
C ASN B 304 -66.09 6.71 -21.04
N LYS B 305 -65.40 7.09 -19.97
CA LYS B 305 -65.88 6.90 -18.60
C LYS B 305 -66.16 5.42 -18.30
N ILE B 306 -65.23 4.56 -18.70
CA ILE B 306 -65.33 3.13 -18.45
C ILE B 306 -64.54 2.82 -17.19
N THR B 307 -65.26 2.45 -16.12
CA THR B 307 -64.64 2.09 -14.85
C THR B 307 -64.57 0.57 -14.66
N ALA B 308 -64.70 -0.19 -15.73
CA ALA B 308 -64.64 -1.64 -15.63
C ALA B 308 -63.20 -2.10 -15.41
N PRO B 309 -62.99 -3.08 -14.53
CA PRO B 309 -61.62 -3.56 -14.28
C PRO B 309 -60.97 -4.18 -15.51
N TYR B 310 -60.08 -3.43 -16.16
CA TYR B 310 -59.35 -3.88 -17.34
C TYR B 310 -57.85 -3.75 -17.09
N CYS B 311 -57.07 -4.16 -18.09
CA CYS B 311 -55.61 -4.04 -18.02
C CYS B 311 -55.05 -4.10 -19.43
N ALA B 312 -54.31 -3.06 -19.82
CA ALA B 312 -53.56 -3.03 -21.07
C ALA B 312 -52.08 -2.98 -20.74
N PHE B 313 -51.32 -3.91 -21.29
CA PHE B 313 -49.93 -4.10 -20.86
C PHE B 313 -49.04 -4.47 -22.03
N ASN B 314 -47.84 -3.90 -22.03
CA ASN B 314 -46.79 -4.31 -22.96
C ASN B 314 -45.91 -5.33 -22.25
N GLY B 315 -45.89 -6.56 -22.76
CA GLY B 315 -45.10 -7.61 -22.15
C GLY B 315 -44.25 -8.35 -23.16
N GLY B 316 -42.95 -8.42 -22.91
CA GLY B 316 -42.05 -9.07 -23.85
C GLY B 316 -42.01 -8.38 -25.20
N GLN B 317 -42.57 -9.03 -26.22
CA GLN B 317 -42.54 -8.52 -27.58
C GLN B 317 -43.92 -8.28 -28.16
N ASP B 318 -44.98 -8.30 -27.35
CA ASP B 318 -46.32 -8.12 -27.87
C ASP B 318 -47.18 -7.34 -26.88
N LEU B 319 -48.25 -6.75 -27.41
CA LEU B 319 -49.22 -6.00 -26.64
C LEU B 319 -50.52 -6.79 -26.56
N TRP B 320 -51.11 -6.85 -25.37
CA TRP B 320 -52.40 -7.51 -25.17
C TRP B 320 -53.23 -6.69 -24.19
N VAL B 321 -54.53 -6.62 -24.46
CA VAL B 321 -55.48 -5.89 -23.64
C VAL B 321 -56.55 -6.86 -23.18
N ASP B 322 -56.55 -7.19 -21.89
CA ASP B 322 -57.53 -8.09 -21.31
C ASP B 322 -58.58 -7.32 -20.53
N VAL B 323 -59.82 -7.81 -20.58
CA VAL B 323 -60.93 -7.23 -19.82
C VAL B 323 -61.02 -7.80 -18.41
N GLY B 324 -60.01 -8.57 -17.98
CA GLY B 324 -59.84 -8.92 -16.59
C GLY B 324 -58.70 -8.12 -15.98
N ASN B 325 -58.51 -8.32 -14.68
CA ASN B 325 -57.42 -7.69 -13.97
C ASN B 325 -56.67 -8.74 -13.15
N LYS B 326 -55.33 -8.71 -13.23
CA LYS B 326 -54.54 -9.69 -12.50
C LYS B 326 -54.59 -9.46 -11.00
N ALA B 327 -55.02 -8.27 -10.58
CA ALA B 327 -55.32 -8.04 -9.17
C ALA B 327 -56.68 -8.60 -8.78
N GLU B 328 -57.62 -8.63 -9.73
CA GLU B 328 -58.91 -9.29 -9.47
C GLU B 328 -58.74 -10.77 -9.21
N GLY B 329 -57.87 -11.43 -9.99
CA GLY B 329 -57.62 -12.84 -9.77
C GLY B 329 -57.15 -13.14 -8.37
N LEU B 330 -56.17 -12.37 -7.88
CA LEU B 330 -55.76 -12.49 -6.49
C LEU B 330 -56.86 -12.04 -5.54
N LEU B 331 -57.66 -11.06 -5.94
CA LEU B 331 -58.79 -10.65 -5.11
C LEU B 331 -59.86 -11.73 -5.06
N ILE B 332 -60.08 -12.43 -6.16
CA ILE B 332 -61.05 -13.52 -6.18
C ILE B 332 -60.62 -14.62 -5.21
N LEU B 333 -59.38 -15.07 -5.32
CA LEU B 333 -58.91 -16.19 -4.51
C LEU B 333 -58.82 -15.82 -3.03
N GLN B 334 -58.66 -14.54 -2.72
CA GLN B 334 -58.71 -14.12 -1.31
C GLN B 334 -60.13 -14.20 -0.77
N LYS B 335 -61.13 -13.90 -1.60
CA LYS B 335 -62.51 -13.99 -1.17
C LYS B 335 -63.00 -15.43 -1.14
N LEU B 336 -62.43 -16.30 -1.98
CA LEU B 336 -62.87 -17.70 -2.03
C LEU B 336 -62.30 -18.50 -0.87
N LEU B 337 -60.98 -18.43 -0.66
CA LEU B 337 -60.32 -19.21 0.38
C LEU B 337 -60.29 -18.48 1.73
N LYS B 338 -60.88 -17.29 1.83
CA LYS B 338 -61.03 -16.56 3.08
C LYS B 338 -59.67 -16.32 3.74
N ILE B 339 -58.79 -15.65 3.01
CA ILE B 339 -57.44 -15.32 3.46
C ILE B 339 -57.22 -13.83 3.28
N GLN B 340 -56.81 -13.15 4.36
CA GLN B 340 -56.57 -11.73 4.29
C GLN B 340 -55.37 -11.43 3.39
N LYS B 341 -55.28 -10.16 2.97
CA LYS B 341 -54.21 -9.74 2.08
C LYS B 341 -52.84 -9.86 2.73
N LYS B 342 -52.79 -9.92 4.07
CA LYS B 342 -51.52 -9.95 4.78
C LYS B 342 -50.73 -11.22 4.49
N LYS B 343 -51.42 -12.32 4.17
CA LYS B 343 -50.78 -13.61 3.97
C LYS B 343 -50.88 -14.10 2.53
N CYS B 344 -50.90 -13.17 1.57
CA CYS B 344 -50.95 -13.51 0.16
C CYS B 344 -49.77 -12.88 -0.55
N CYS B 345 -49.05 -13.68 -1.34
CA CYS B 345 -47.84 -13.23 -2.02
C CYS B 345 -47.93 -13.55 -3.51
N HIS B 346 -47.36 -12.66 -4.31
CA HIS B 346 -47.33 -12.81 -5.76
C HIS B 346 -45.90 -12.74 -6.27
N ILE B 347 -45.65 -13.45 -7.37
CA ILE B 347 -44.33 -13.53 -7.99
C ILE B 347 -44.49 -13.33 -9.48
N GLY B 348 -43.83 -12.32 -10.03
CA GLY B 348 -43.94 -12.03 -11.44
C GLY B 348 -42.80 -11.18 -11.95
N ASP B 349 -42.77 -11.02 -13.27
CA ASP B 349 -41.74 -10.23 -13.94
C ASP B 349 -42.26 -8.92 -14.52
N GLN B 350 -43.56 -8.68 -14.50
CA GLN B 350 -44.14 -7.50 -15.13
C GLN B 350 -44.56 -6.50 -14.05
N PHE B 351 -43.56 -5.94 -13.38
CA PHE B 351 -43.81 -5.08 -12.23
C PHE B 351 -43.53 -3.60 -12.52
N LEU B 352 -43.36 -3.25 -13.79
CA LEU B 352 -43.31 -1.83 -14.16
C LEU B 352 -44.74 -1.29 -14.25
N HIS B 353 -44.86 -0.02 -14.59
CA HIS B 353 -46.19 0.55 -14.81
C HIS B 353 -46.83 -0.03 -16.07
N SER B 354 -46.02 -0.48 -17.02
CA SER B 354 -46.54 -1.09 -18.23
C SER B 354 -46.88 -2.57 -18.04
N GLY B 355 -46.33 -3.22 -17.02
CA GLY B 355 -46.57 -4.62 -16.81
C GLY B 355 -47.92 -4.91 -16.17
N ASN B 356 -48.27 -6.19 -16.15
CA ASN B 356 -49.56 -6.63 -15.62
C ASN B 356 -49.48 -7.20 -14.22
N ASP B 357 -48.28 -7.50 -13.72
CA ASP B 357 -48.13 -7.97 -12.34
C ASP B 357 -48.09 -6.83 -11.33
N PHE B 358 -48.01 -5.59 -11.80
CA PHE B 358 -47.93 -4.44 -10.89
C PHE B 358 -49.16 -4.27 -10.01
N PRO B 359 -50.40 -4.36 -10.50
CA PRO B 359 -51.56 -4.07 -9.63
C PRO B 359 -51.68 -4.98 -8.43
N THR B 360 -50.91 -6.06 -8.34
CA THR B 360 -50.98 -6.92 -7.17
C THR B 360 -50.40 -6.25 -5.93
N ARG B 361 -49.64 -5.17 -6.09
CA ARG B 361 -49.19 -4.39 -4.93
C ARG B 361 -50.36 -3.86 -4.12
N PHE B 362 -51.53 -3.70 -4.74
CA PHE B 362 -52.70 -3.18 -4.05
C PHE B 362 -53.39 -4.20 -3.16
N CYS B 363 -53.04 -5.49 -3.29
CA CYS B 363 -53.79 -6.54 -2.60
C CYS B 363 -52.94 -7.72 -2.13
N SER B 364 -51.65 -7.76 -2.43
CA SER B 364 -50.84 -8.92 -2.03
C SER B 364 -49.38 -8.51 -1.99
N LEU B 365 -48.62 -9.21 -1.16
CA LEU B 365 -47.17 -9.03 -1.14
C LEU B 365 -46.59 -9.48 -2.48
N THR B 366 -45.51 -8.82 -2.90
CA THR B 366 -45.01 -8.94 -4.25
C THR B 366 -43.52 -9.22 -4.24
N LEU B 367 -43.09 -10.14 -5.10
CA LEU B 367 -41.68 -10.46 -5.29
C LEU B 367 -41.31 -10.20 -6.74
N TRP B 368 -40.40 -9.27 -6.95
CA TRP B 368 -39.99 -8.89 -8.30
C TRP B 368 -38.90 -9.84 -8.79
N VAL B 369 -39.14 -10.45 -9.95
CA VAL B 369 -38.26 -11.47 -10.51
C VAL B 369 -38.11 -11.19 -12.00
N SER B 370 -36.93 -11.51 -12.56
CA SER B 370 -36.67 -11.26 -13.97
C SER B 370 -36.64 -12.52 -14.83
N ASN B 371 -36.36 -13.69 -14.24
CA ASN B 371 -36.22 -14.91 -15.01
C ASN B 371 -36.52 -16.09 -14.10
N PRO B 372 -36.82 -17.27 -14.66
CA PRO B 372 -37.17 -18.41 -13.80
C PRO B 372 -36.11 -18.81 -12.79
N GLN B 373 -34.83 -18.53 -13.05
CA GLN B 373 -33.79 -18.92 -12.10
C GLN B 373 -33.91 -18.14 -10.79
N GLU B 374 -34.42 -16.91 -10.84
CA GLU B 374 -34.62 -16.14 -9.62
C GLU B 374 -35.83 -16.62 -8.83
N THR B 375 -36.83 -17.19 -9.52
CA THR B 375 -37.97 -17.77 -8.80
C THR B 375 -37.54 -18.98 -7.98
N LYS B 376 -36.66 -19.81 -8.55
CA LYS B 376 -36.13 -20.94 -7.79
C LYS B 376 -35.32 -20.46 -6.60
N ALA B 377 -34.48 -19.44 -6.80
CA ALA B 377 -33.76 -18.85 -5.68
C ALA B 377 -34.71 -18.21 -4.68
N CYS B 378 -35.84 -17.68 -5.15
CA CYS B 378 -36.84 -17.13 -4.25
C CYS B 378 -37.44 -18.23 -3.37
N LEU B 379 -37.85 -19.34 -3.99
CA LEU B 379 -38.55 -20.39 -3.25
C LEU B 379 -37.64 -21.06 -2.23
N LYS B 380 -36.36 -21.24 -2.56
CA LYS B 380 -35.44 -21.88 -1.64
C LYS B 380 -35.30 -21.06 -0.35
N SER B 381 -35.20 -19.74 -0.47
CA SER B 381 -35.15 -18.90 0.72
C SER B 381 -36.47 -18.88 1.47
N ILE B 382 -37.60 -18.98 0.74
CA ILE B 382 -38.91 -18.96 1.38
C ILE B 382 -39.19 -20.23 2.16
N MET B 383 -38.45 -21.31 1.92
CA MET B 383 -38.71 -22.58 2.60
C MET B 383 -37.89 -22.78 3.86
N HIS B 384 -36.74 -22.13 4.00
CA HIS B 384 -35.96 -22.20 5.23
C HIS B 384 -36.53 -21.25 6.28
N LEU B 385 -37.82 -21.46 6.58
CA LEU B 385 -38.51 -20.63 7.57
C LEU B 385 -38.90 -21.45 8.80
N SER C 1 -0.74 21.54 -8.62
CA SER C 1 0.37 21.82 -9.52
C SER C 1 0.91 23.24 -9.31
N ASP C 2 1.83 23.65 -10.18
CA ASP C 2 2.39 24.98 -10.08
C ASP C 2 1.33 26.04 -10.39
N MET C 3 1.48 27.21 -9.77
CA MET C 3 0.42 28.23 -9.82
C MET C 3 0.14 28.70 -11.24
N LYS C 4 1.16 28.73 -12.10
CA LYS C 4 0.93 29.12 -13.49
C LYS C 4 0.02 28.13 -14.19
N LYS C 5 0.09 26.86 -13.83
CA LYS C 5 -0.79 25.86 -14.44
C LYS C 5 -2.21 25.96 -13.89
N ASN C 6 -2.34 26.28 -12.60
CA ASN C 6 -3.67 26.39 -12.00
C ASN C 6 -4.45 27.55 -12.60
N ILE C 7 -3.80 28.71 -12.74
CA ILE C 7 -4.46 29.86 -13.35
C ILE C 7 -4.84 29.55 -14.78
N VAL C 8 -3.98 28.82 -15.49
CA VAL C 8 -4.30 28.41 -16.85
C VAL C 8 -5.56 27.54 -16.88
N GLN C 9 -5.68 26.61 -15.94
CA GLN C 9 -6.85 25.75 -15.89
C GLN C 9 -8.06 26.48 -15.33
N TRP C 10 -7.86 27.52 -14.51
CA TRP C 10 -8.98 28.21 -13.91
C TRP C 10 -9.69 29.10 -14.93
N ASN C 11 -8.92 29.84 -15.72
CA ASN C 11 -9.48 30.74 -16.71
C ASN C 11 -9.72 30.08 -18.06
N SER C 12 -9.59 28.75 -18.15
CA SER C 12 -9.76 28.08 -19.43
C SER C 12 -10.44 26.73 -19.36
N ARG C 13 -10.68 26.16 -18.19
CA ARG C 13 -11.21 24.82 -18.07
C ARG C 13 -12.42 24.78 -17.16
N TYR C 14 -13.27 25.81 -17.23
CA TYR C 14 -14.56 25.75 -16.58
C TYR C 14 -15.50 24.85 -17.37
N SER C 15 -16.63 24.53 -16.76
CA SER C 15 -17.67 23.77 -17.44
C SER C 15 -19.03 24.27 -16.97
N TYR C 16 -20.01 24.19 -17.88
CA TYR C 16 -21.37 24.55 -17.52
C TYR C 16 -21.87 23.73 -16.34
N ASN C 17 -21.56 22.44 -16.33
CA ASN C 17 -21.95 21.60 -15.20
C ASN C 17 -21.22 22.01 -13.93
N GLN C 18 -19.93 22.36 -14.04
CA GLN C 18 -19.18 22.76 -12.86
C GLN C 18 -19.62 24.12 -12.35
N LEU C 19 -19.98 25.02 -13.25
CA LEU C 19 -20.48 26.34 -12.84
C LEU C 19 -21.91 26.27 -12.32
N LYS C 20 -22.63 25.17 -12.54
CA LYS C 20 -23.97 25.03 -11.99
C LYS C 20 -23.91 24.77 -10.49
N ASN C 21 -23.15 23.77 -10.07
CA ASN C 21 -22.94 23.50 -8.65
C ASN C 21 -21.87 24.45 -8.12
N LYS C 22 -22.23 25.26 -7.13
CA LYS C 22 -21.34 26.32 -6.66
C LYS C 22 -20.00 25.76 -6.19
N ASP C 23 -20.03 24.74 -5.32
CA ASP C 23 -18.82 24.10 -4.82
C ASP C 23 -18.99 22.60 -4.92
N SER C 24 -18.02 21.93 -5.53
CA SER C 24 -18.09 20.48 -5.69
C SER C 24 -17.95 19.77 -4.35
N LEU C 25 -17.15 20.32 -3.43
CA LEU C 25 -16.93 19.67 -2.15
C LEU C 25 -18.09 19.91 -1.19
N ILE C 26 -18.64 21.12 -1.17
CA ILE C 26 -19.81 21.39 -0.34
C ILE C 26 -21.00 20.57 -0.83
N MET C 27 -21.15 20.46 -2.15
CA MET C 27 -22.22 19.61 -2.69
C MET C 27 -21.97 18.14 -2.35
N PHE C 28 -20.70 17.73 -2.26
CA PHE C 28 -20.36 16.38 -1.86
C PHE C 28 -20.94 16.05 -0.48
N LEU C 29 -20.75 16.96 0.48
CA LEU C 29 -21.28 16.74 1.83
C LEU C 29 -22.78 16.90 1.89
N VAL C 30 -23.34 17.79 1.07
CA VAL C 30 -24.78 18.04 1.09
C VAL C 30 -25.55 16.78 0.70
N GLU C 31 -25.09 16.10 -0.36
CA GLU C 31 -25.77 14.89 -0.81
C GLU C 31 -25.73 13.80 0.26
N ILE C 32 -24.57 13.64 0.91
CA ILE C 32 -24.46 12.64 1.97
C ILE C 32 -25.38 12.99 3.13
N PHE C 33 -25.35 14.26 3.56
CA PHE C 33 -26.24 14.68 4.65
C PHE C 33 -27.70 14.64 4.22
N ARG C 34 -27.96 14.81 2.92
CA ARG C 34 -29.33 14.69 2.43
C ARG C 34 -29.84 13.27 2.63
N SER C 35 -29.06 12.27 2.22
CA SER C 35 -29.46 10.88 2.41
C SER C 35 -29.56 10.54 3.89
N LEU C 36 -28.65 11.06 4.70
CA LEU C 36 -28.73 10.83 6.15
C LEU C 36 -30.02 11.41 6.71
N PHE C 37 -30.40 12.61 6.26
CA PHE C 37 -31.69 13.19 6.67
C PHE C 37 -32.85 12.39 6.09
N VAL C 38 -32.72 11.95 4.84
CA VAL C 38 -33.78 11.17 4.21
C VAL C 38 -33.90 9.79 4.88
N SER C 39 -32.79 9.23 5.35
CA SER C 39 -32.82 7.91 5.98
C SER C 39 -33.38 7.95 7.41
N ASN C 40 -33.60 9.14 7.97
CA ASN C 40 -34.13 9.41 9.31
C ASN C 40 -33.07 9.20 10.39
N CYS C 41 -31.89 8.70 10.06
CA CYS C 41 -30.86 8.37 11.05
C CYS C 41 -29.97 9.56 11.40
N ILE C 42 -30.28 10.76 10.91
CA ILE C 42 -29.34 11.86 11.02
C ILE C 42 -29.27 12.45 12.43
N ASP C 43 -30.31 12.26 13.26
CA ASP C 43 -30.27 12.78 14.61
C ASP C 43 -29.64 11.81 15.60
N LYS C 44 -29.42 10.56 15.21
CA LYS C 44 -28.69 9.63 16.06
C LYS C 44 -27.20 9.92 15.97
N ASN C 45 -26.41 9.13 16.70
CA ASN C 45 -24.97 9.27 16.63
C ASN C 45 -24.50 8.81 15.25
N ILE C 46 -23.90 9.72 14.50
CA ILE C 46 -23.48 9.44 13.13
C ILE C 46 -21.95 9.56 12.97
N ASP C 47 -21.21 9.43 14.07
CA ASP C 47 -19.76 9.32 13.97
C ASP C 47 -19.38 8.16 13.07
N ASN C 48 -20.26 7.17 12.96
CA ASN C 48 -20.20 6.15 11.90
C ASN C 48 -19.83 6.76 10.56
N VAL C 49 -20.66 7.70 10.08
CA VAL C 49 -20.46 8.28 8.75
C VAL C 49 -19.36 9.33 8.77
N LEU C 50 -19.42 10.25 9.75
CA LEU C 50 -18.53 11.40 9.74
C LEU C 50 -17.06 10.99 9.81
N LEU C 51 -16.73 10.04 10.67
CA LEU C 51 -15.33 9.61 10.80
C LEU C 51 -14.81 9.07 9.48
N SER C 52 -15.63 8.31 8.76
CA SER C 52 -15.24 7.81 7.45
C SER C 52 -15.03 8.94 6.45
N ILE C 53 -15.84 10.00 6.54
CA ILE C 53 -15.61 11.18 5.71
C ILE C 53 -14.27 11.81 6.07
N GLU C 54 -13.95 11.86 7.36
CA GLU C 54 -12.66 12.39 7.79
C GLU C 54 -11.52 11.53 7.26
N GLU C 55 -11.68 10.21 7.28
CA GLU C 55 -10.65 9.30 6.80
C GLU C 55 -10.26 9.62 5.37
N MET C 56 -11.25 9.86 4.50
CA MET C 56 -10.95 10.21 3.12
C MET C 56 -10.28 11.58 3.04
N PHE C 57 -10.67 12.51 3.90
CA PHE C 57 -10.03 13.82 3.91
C PHE C 57 -8.56 13.72 4.26
N ILE C 58 -8.21 12.83 5.18
CA ILE C 58 -6.82 12.66 5.57
C ILE C 58 -6.02 12.04 4.43
N ASP C 59 -6.56 11.00 3.80
CA ASP C 59 -5.89 10.37 2.67
C ASP C 59 -5.69 11.36 1.52
N HIS C 60 -6.55 12.37 1.42
CA HIS C 60 -6.39 13.38 0.39
C HIS C 60 -5.31 14.40 0.77
N TYR C 61 -5.06 14.59 2.06
CA TYR C 61 -3.98 15.48 2.48
C TYR C 61 -2.63 14.87 2.14
N TYR C 62 -2.50 13.55 2.18
CA TYR C 62 -1.26 12.87 1.87
C TYR C 62 -1.12 12.54 0.38
N ASN C 63 -2.21 12.21 -0.29
CA ASN C 63 -2.18 11.76 -1.69
C ASN C 63 -3.24 12.52 -2.48
N PRO C 64 -2.95 13.75 -2.90
CA PRO C 64 -3.99 14.56 -3.55
C PRO C 64 -4.32 14.11 -4.96
N GLN C 65 -3.39 13.47 -5.67
CA GLN C 65 -3.61 13.18 -7.09
C GLN C 65 -4.31 11.86 -7.35
N HIS C 66 -4.13 10.86 -6.48
CA HIS C 66 -4.73 9.54 -6.66
C HIS C 66 -5.38 9.09 -5.35
N SER C 67 -6.40 9.82 -4.92
CA SER C 67 -7.16 9.50 -3.72
C SER C 67 -8.57 9.08 -4.09
N ARG C 68 -9.23 8.39 -3.15
CA ARG C 68 -10.64 8.05 -3.36
C ARG C 68 -11.51 9.31 -3.42
N LEU C 69 -11.13 10.35 -2.69
CA LEU C 69 -11.87 11.62 -2.77
C LEU C 69 -11.74 12.22 -4.15
N LYS C 70 -10.55 12.17 -4.75
CA LYS C 70 -10.37 12.66 -6.12
C LYS C 70 -11.12 11.79 -7.12
N TYR C 71 -11.35 10.53 -6.78
CA TYR C 71 -12.20 9.68 -7.62
C TYR C 71 -13.65 10.15 -7.59
N LEU C 72 -14.19 10.36 -6.39
CA LEU C 72 -15.59 10.76 -6.26
C LEU C 72 -15.81 12.17 -6.79
N ILE C 73 -15.02 13.13 -6.31
CA ILE C 73 -15.05 14.50 -6.82
C ILE C 73 -13.86 14.66 -7.75
N ASP C 74 -14.12 14.92 -9.02
CA ASP C 74 -13.03 15.03 -9.99
C ASP C 74 -12.19 16.28 -9.74
N ASP C 75 -12.83 17.38 -9.35
CA ASP C 75 -12.13 18.65 -9.27
C ASP C 75 -11.97 19.14 -7.83
N VAL C 76 -11.44 18.28 -6.95
CA VAL C 76 -11.12 18.73 -5.61
C VAL C 76 -9.90 19.64 -5.67
N GLY C 77 -9.89 20.66 -4.81
CA GLY C 77 -8.67 21.41 -4.60
C GLY C 77 -7.65 20.55 -3.87
N ILE C 78 -6.62 21.22 -3.37
CA ILE C 78 -5.59 20.58 -2.58
C ILE C 78 -5.77 21.00 -1.13
N PHE C 79 -5.84 20.02 -0.23
CA PHE C 79 -5.98 20.29 1.19
C PHE C 79 -4.60 20.56 1.78
N PHE C 80 -4.40 21.77 2.30
CA PHE C 80 -3.14 22.10 2.93
C PHE C 80 -3.08 21.63 4.38
N THR C 81 -4.21 21.22 4.96
CA THR C 81 -4.26 20.79 6.35
C THR C 81 -5.18 19.60 6.47
N LYS C 82 -5.17 18.98 7.66
CA LYS C 82 -6.10 17.91 7.99
C LYS C 82 -7.36 18.52 8.59
N LEU C 83 -8.51 18.27 7.96
CA LEU C 83 -9.75 18.91 8.37
C LEU C 83 -10.50 18.01 9.35
N PRO C 84 -10.76 18.46 10.57
CA PRO C 84 -11.56 17.66 11.53
C PRO C 84 -13.05 17.87 11.33
N ILE C 85 -13.57 17.31 10.23
CA ILE C 85 -14.96 17.53 9.86
C ILE C 85 -15.90 16.93 10.90
N THR C 86 -15.44 15.92 11.63
CA THR C 86 -16.28 15.34 12.68
C THR C 86 -16.49 16.31 13.82
N LYS C 87 -15.42 16.99 14.24
CA LYS C 87 -15.55 17.97 15.33
C LYS C 87 -16.30 19.21 14.86
N ALA C 88 -16.07 19.64 13.61
CA ALA C 88 -16.78 20.80 13.09
C ALA C 88 -18.27 20.54 13.02
N PHE C 89 -18.66 19.31 12.67
CA PHE C 89 -20.08 18.96 12.67
C PHE C 89 -20.65 18.97 14.09
N HIS C 90 -19.94 18.33 15.02
CA HIS C 90 -20.36 18.35 16.42
C HIS C 90 -20.50 19.77 16.93
N THR C 91 -19.50 20.61 16.66
CA THR C 91 -19.51 21.98 17.18
C THR C 91 -20.62 22.80 16.54
N TYR C 92 -20.79 22.70 15.22
CA TYR C 92 -21.79 23.51 14.53
C TYR C 92 -23.20 23.04 14.85
N ASN C 93 -23.38 21.73 15.08
CA ASN C 93 -24.74 21.22 15.32
C ASN C 93 -25.19 21.49 16.74
N LYS C 94 -24.31 21.33 17.73
CA LYS C 94 -24.69 21.61 19.11
C LYS C 94 -25.15 23.05 19.31
N LYS C 95 -24.74 23.96 18.43
CA LYS C 95 -25.18 25.35 18.51
C LYS C 95 -26.51 25.55 17.81
N TYR C 96 -26.64 25.07 16.58
CA TYR C 96 -27.81 25.34 15.77
C TYR C 96 -28.82 24.20 15.75
N ARG C 97 -28.40 22.98 16.07
CA ARG C 97 -29.29 21.84 16.22
C ARG C 97 -30.08 21.57 14.94
N ILE C 98 -29.38 21.63 13.81
CA ILE C 98 -30.01 21.40 12.51
C ILE C 98 -30.42 19.96 12.29
N THR C 99 -29.95 19.03 13.13
CA THR C 99 -30.32 17.63 12.99
C THR C 99 -31.70 17.34 13.58
N LYS C 100 -32.24 18.23 14.42
CA LYS C 100 -33.60 18.09 14.90
C LYS C 100 -34.63 18.32 13.80
N ARG C 101 -34.21 18.79 12.63
CA ARG C 101 -35.14 19.01 11.53
C ARG C 101 -35.65 17.68 10.98
N LEU C 102 -36.95 17.62 10.74
CA LEU C 102 -37.61 16.40 10.26
C LEU C 102 -38.04 16.49 8.81
N TYR C 103 -38.31 17.68 8.29
CA TYR C 103 -38.85 17.83 6.94
C TYR C 103 -38.07 18.84 6.10
N ALA C 104 -36.94 19.33 6.61
CA ALA C 104 -36.12 20.29 5.89
C ALA C 104 -34.66 19.86 6.01
N PRO C 105 -33.99 19.55 4.91
CA PRO C 105 -32.62 19.03 5.00
C PRO C 105 -31.62 20.14 5.19
N PRO C 106 -30.37 19.82 5.55
CA PRO C 106 -29.35 20.86 5.65
C PRO C 106 -29.04 21.48 4.30
N THR C 107 -28.75 22.77 4.31
CA THR C 107 -28.59 23.53 3.09
C THR C 107 -27.12 23.67 2.71
N PHE C 108 -26.90 24.09 1.46
CA PHE C 108 -25.55 24.38 0.97
C PHE C 108 -24.83 25.36 1.89
N ASN C 109 -25.54 26.39 2.36
CA ASN C 109 -24.90 27.42 3.16
C ASN C 109 -24.49 26.91 4.55
N GLU C 110 -25.23 25.94 5.09
CA GLU C 110 -24.87 25.38 6.39
C GLU C 110 -23.62 24.52 6.27
N VAL C 111 -23.56 23.65 5.25
CA VAL C 111 -22.36 22.86 5.02
C VAL C 111 -21.18 23.77 4.71
N ARG C 112 -21.44 24.91 4.08
CA ARG C 112 -20.38 25.89 3.86
C ARG C 112 -19.84 26.42 5.18
N HIS C 113 -20.73 26.60 6.17
CA HIS C 113 -20.29 27.08 7.48
C HIS C 113 -19.50 26.00 8.22
N ILE C 114 -19.98 24.76 8.17
CA ILE C 114 -19.28 23.66 8.84
C ILE C 114 -17.88 23.48 8.25
N LEU C 115 -17.76 23.63 6.92
CA LEU C 115 -16.47 23.46 6.28
C LEU C 115 -15.51 24.58 6.66
N ASN C 116 -16.02 25.81 6.80
CA ASN C 116 -15.19 26.89 7.33
C ASN C 116 -14.71 26.56 8.73
N LEU C 117 -15.62 26.09 9.60
CA LEU C 117 -15.25 25.75 10.96
C LEU C 117 -14.21 24.62 10.99
N ALA C 118 -14.31 23.67 10.05
CA ALA C 118 -13.29 22.62 9.97
C ALA C 118 -11.95 23.20 9.54
N GLN C 119 -11.96 24.15 8.60
CA GLN C 119 -10.73 24.80 8.18
C GLN C 119 -10.10 25.58 9.33
N ILE C 120 -10.92 26.16 10.20
CA ILE C 120 -10.39 26.91 11.33
C ILE C 120 -9.75 25.97 12.35
N LEU C 121 -10.44 24.89 12.68
CA LEU C 121 -9.91 23.93 13.66
C LEU C 121 -8.64 23.26 13.17
N SER C 122 -8.39 23.25 11.86
CA SER C 122 -7.17 22.65 11.31
C SER C 122 -5.92 23.48 11.55
N LEU C 123 -6.06 24.67 12.15
CA LEU C 123 -4.93 25.56 12.40
C LEU C 123 -4.27 25.30 13.76
N GLU C 124 -4.24 24.05 14.21
CA GLU C 124 -3.64 23.74 15.51
C GLU C 124 -2.15 23.99 15.51
N GLU C 125 -1.49 23.83 14.37
CA GLU C 125 -0.04 24.10 14.28
C GLU C 125 0.29 25.59 14.35
N GLY C 126 -0.71 26.45 14.39
CA GLY C 126 -0.48 27.89 14.47
C GLY C 126 -0.84 28.58 13.16
N LEU C 127 -0.94 29.91 13.27
CA LEU C 127 -1.24 30.76 12.13
C LEU C 127 -0.25 31.92 12.10
N ASP C 128 0.23 32.25 10.90
CA ASP C 128 1.24 33.28 10.75
C ASP C 128 0.86 34.42 9.81
N LEU C 129 -0.13 34.23 8.93
CA LEU C 129 -0.58 35.30 8.05
C LEU C 129 -2.08 35.15 7.81
N LEU C 130 -2.81 36.25 7.98
CA LEU C 130 -4.24 36.28 7.75
C LEU C 130 -4.56 37.46 6.85
N THR C 131 -5.29 37.20 5.75
CA THR C 131 -5.63 38.21 4.77
C THR C 131 -7.14 38.32 4.64
N PHE C 132 -7.60 39.50 4.23
CA PHE C 132 -9.03 39.81 4.18
C PHE C 132 -9.40 40.39 2.82
N ASP C 133 -10.47 39.87 2.24
CA ASP C 133 -11.15 40.56 1.15
C ASP C 133 -11.84 41.79 1.73
N ALA C 134 -11.51 42.97 1.21
CA ALA C 134 -12.00 44.20 1.82
C ALA C 134 -13.48 44.42 1.54
N ASN C 135 -13.84 44.53 0.26
CA ASN C 135 -15.21 44.90 -0.09
C ASN C 135 -16.16 43.74 0.17
N GLU C 136 -17.17 44.00 1.00
CA GLU C 136 -18.31 43.16 1.36
C GLU C 136 -17.98 42.13 2.46
N THR C 137 -16.71 41.98 2.85
CA THR C 137 -16.39 41.14 3.99
C THR C 137 -15.87 41.91 5.19
N LEU C 138 -15.27 43.08 4.96
CA LEU C 138 -14.91 43.99 6.04
C LEU C 138 -15.88 45.16 6.18
N TYR C 139 -16.60 45.50 5.11
CA TYR C 139 -17.56 46.59 5.07
C TYR C 139 -18.40 46.43 3.82
N PRO C 140 -19.65 46.93 3.80
CA PRO C 140 -20.50 46.76 2.62
C PRO C 140 -19.85 47.24 1.33
N ASP C 141 -20.35 46.73 0.19
CA ASP C 141 -19.73 47.00 -1.11
C ASP C 141 -19.69 48.49 -1.42
N GLY C 142 -18.50 49.07 -1.41
CA GLY C 142 -18.30 50.47 -1.73
C GLY C 142 -18.18 51.40 -0.54
N HIS C 143 -18.39 50.91 0.67
CA HIS C 143 -18.38 51.75 1.85
C HIS C 143 -16.95 51.94 2.36
N ASP C 144 -16.84 52.63 3.49
CA ASP C 144 -15.61 52.72 4.26
C ASP C 144 -15.78 52.00 5.58
N PHE C 145 -14.66 51.73 6.24
CA PHE C 145 -14.63 50.90 7.43
C PHE C 145 -15.25 51.67 8.60
N ASN C 146 -16.41 51.21 9.07
CA ASN C 146 -17.12 51.85 10.17
C ASN C 146 -17.71 50.77 11.09
N ASP C 147 -16.85 49.91 11.62
CA ASP C 147 -17.27 48.89 12.57
C ASP C 147 -16.21 48.78 13.65
N GLU C 148 -16.61 49.02 14.90
CA GLU C 148 -15.65 49.00 15.99
C GLU C 148 -15.27 47.59 16.39
N VAL C 149 -16.24 46.68 16.45
CA VAL C 149 -16.00 45.33 16.96
C VAL C 149 -14.96 44.61 16.11
N LEU C 150 -15.05 44.76 14.79
CA LEU C 150 -14.07 44.13 13.90
C LEU C 150 -12.66 44.59 14.21
N ALA C 151 -12.49 45.90 14.41
CA ALA C 151 -11.16 46.43 14.71
C ALA C 151 -10.59 45.83 15.98
N SER C 152 -11.46 45.51 16.94
CA SER C 152 -10.98 44.92 18.19
C SER C 152 -10.40 43.53 17.96
N TYR C 153 -11.00 42.75 17.05
CA TYR C 153 -10.48 41.42 16.77
C TYR C 153 -9.20 41.47 15.95
N ILE C 154 -9.18 42.31 14.91
CA ILE C 154 -8.01 42.37 14.03
C ILE C 154 -6.78 42.85 14.79
N SER C 155 -6.94 43.89 15.61
CA SER C 155 -5.84 44.41 16.40
C SER C 155 -5.29 43.34 17.35
N CYS C 156 -6.20 42.56 17.96
CA CYS C 156 -5.76 41.49 18.84
C CYS C 156 -5.00 40.41 18.07
N LEU C 157 -5.48 40.07 16.86
CA LEU C 157 -4.76 39.10 16.04
C LEU C 157 -3.48 39.69 15.46
N LEU C 158 -3.43 41.01 15.26
CA LEU C 158 -2.25 41.63 14.68
C LEU C 158 -1.03 41.45 15.58
N LYS C 159 -1.23 41.44 16.90
CA LYS C 159 -0.13 41.21 17.82
C LYS C 159 0.41 39.79 17.74
N LYS C 160 -0.40 38.84 17.25
CA LYS C 160 -0.02 37.44 17.25
C LYS C 160 0.42 36.93 15.89
N MET C 161 0.11 37.63 14.81
CA MET C 161 0.41 37.14 13.46
C MET C 161 0.43 38.31 12.50
N ASN C 162 0.88 38.03 11.28
CA ASN C 162 0.87 39.02 10.22
C ASN C 162 -0.53 39.17 9.64
N ILE C 163 -0.90 40.41 9.32
CA ILE C 163 -2.21 40.72 8.77
C ILE C 163 -2.01 41.45 7.45
N ALA C 164 -2.88 41.15 6.48
CA ALA C 164 -2.88 41.83 5.20
C ALA C 164 -4.31 42.00 4.73
N ILE C 165 -4.50 42.89 3.76
CA ILE C 165 -5.80 43.13 3.15
C ILE C 165 -5.60 43.10 1.64
N VAL C 166 -6.03 42.02 1.01
CA VAL C 166 -5.97 41.88 -0.45
C VAL C 166 -7.34 42.23 -0.99
N THR C 167 -7.42 43.27 -1.81
CA THR C 167 -8.67 43.75 -2.36
C THR C 167 -8.51 44.01 -3.85
N ALA C 168 -9.64 44.02 -4.56
CA ALA C 168 -9.66 44.37 -5.97
C ALA C 168 -9.65 45.87 -6.21
N ALA C 169 -9.89 46.67 -5.17
CA ALA C 169 -9.87 48.12 -5.32
C ALA C 169 -8.51 48.56 -5.84
N SER C 170 -8.54 49.51 -6.79
CA SER C 170 -7.36 49.85 -7.59
C SER C 170 -7.22 51.37 -7.67
N TYR C 171 -6.74 51.97 -6.59
CA TYR C 171 -6.24 53.33 -6.62
C TYR C 171 -4.73 53.27 -6.83
N ASN C 172 -4.27 53.84 -7.94
CA ASN C 172 -2.91 53.65 -8.47
C ASN C 172 -1.85 53.57 -7.38
N ASN C 173 -1.54 54.70 -6.75
CA ASN C 173 -0.59 54.67 -5.64
C ASN C 173 -0.93 55.71 -4.57
N ASP C 174 -2.16 56.20 -4.55
CA ASP C 174 -2.60 57.21 -3.58
C ASP C 174 -2.93 56.49 -2.27
N ALA C 175 -1.93 56.39 -1.39
CA ALA C 175 -2.16 55.79 -0.08
C ALA C 175 -3.18 56.59 0.73
N GLU C 176 -3.37 57.87 0.40
CA GLU C 176 -4.42 58.65 1.06
C GLU C 176 -5.80 58.16 0.67
N LYS C 177 -5.95 57.60 -0.54
CA LYS C 177 -7.24 57.08 -0.98
C LYS C 177 -7.56 55.74 -0.33
N TYR C 178 -6.54 54.93 -0.03
CA TYR C 178 -6.77 53.70 0.71
C TYR C 178 -7.00 53.98 2.19
N GLN C 179 -6.34 55.02 2.73
CA GLN C 179 -6.55 55.39 4.12
C GLN C 179 -7.99 55.81 4.36
N LYS C 180 -8.61 56.46 3.39
CA LYS C 180 -10.00 56.89 3.54
C LYS C 180 -10.95 55.71 3.68
N ARG C 181 -10.60 54.57 3.09
CA ARG C 181 -11.46 53.40 3.17
C ARG C 181 -11.36 52.71 4.53
N LEU C 182 -10.24 52.86 5.23
CA LEU C 182 -9.99 52.10 6.45
C LEU C 182 -9.61 53.00 7.63
N GLU C 183 -9.86 54.30 7.53
CA GLU C 183 -9.35 55.24 8.53
C GLU C 183 -9.74 54.84 9.95
N ASN C 184 -10.97 54.35 10.14
CA ASN C 184 -11.39 53.91 11.47
C ASN C 184 -10.61 52.69 11.94
N LEU C 185 -10.07 51.88 11.02
CA LEU C 185 -9.22 50.76 11.42
C LEU C 185 -7.83 51.25 11.82
N LEU C 186 -7.24 52.15 11.02
CA LEU C 186 -5.98 52.76 11.44
C LEU C 186 -6.16 53.67 12.64
N LYS C 187 -7.37 54.21 12.85
CA LYS C 187 -7.62 54.96 14.07
C LYS C 187 -7.59 54.05 15.29
N TYR C 188 -8.16 52.85 15.18
CA TYR C 188 -8.08 51.88 16.26
C TYR C 188 -6.66 51.32 16.37
N PHE C 189 -5.95 51.18 15.25
CA PHE C 189 -4.59 50.68 15.29
C PHE C 189 -3.67 51.67 16.00
N SER C 190 -3.90 52.97 15.83
CA SER C 190 -3.07 53.96 16.51
C SER C 190 -3.28 53.93 18.02
N LYS C 191 -4.49 53.59 18.47
CA LYS C 191 -4.79 53.64 19.89
C LYS C 191 -4.31 52.39 20.63
N HIS C 192 -4.17 51.25 19.94
CA HIS C 192 -3.87 50.00 20.62
C HIS C 192 -2.73 49.19 20.01
N ASN C 193 -2.08 49.67 18.95
CA ASN C 193 -1.08 48.86 18.27
C ASN C 193 0.27 49.54 18.07
N ILE C 194 0.37 50.87 18.22
CA ILE C 194 1.67 51.50 18.06
C ILE C 194 2.59 51.16 19.23
N LYS C 195 2.02 50.90 20.41
CA LYS C 195 2.82 50.44 21.54
C LYS C 195 3.52 49.13 21.21
N ASP C 196 2.82 48.20 20.58
CA ASP C 196 3.44 46.99 20.07
C ASP C 196 4.21 47.30 18.79
N GLY C 197 5.07 46.36 18.40
CA GLY C 197 5.67 46.42 17.08
C GLY C 197 4.78 45.86 15.99
N SER C 198 3.51 45.64 16.28
CA SER C 198 2.62 44.93 15.37
C SER C 198 2.23 45.76 14.15
N TYR C 199 2.33 47.09 14.21
CA TYR C 199 1.89 47.90 13.09
C TYR C 199 2.75 47.67 11.86
N LYS C 200 4.01 47.24 12.04
CA LYS C 200 4.85 46.89 10.92
C LYS C 200 4.41 45.58 10.26
N ASN C 201 3.69 44.72 11.00
CA ASN C 201 3.21 43.46 10.48
C ASN C 201 1.95 43.61 9.62
N PHE C 202 1.43 44.82 9.47
CA PHE C 202 0.19 45.07 8.76
C PHE C 202 0.47 45.58 7.36
N TYR C 203 -0.18 44.98 6.36
CA TYR C 203 0.03 45.31 4.97
C TYR C 203 -1.32 45.47 4.27
N VAL C 204 -1.32 46.23 3.19
CA VAL C 204 -2.50 46.43 2.34
C VAL C 204 -2.07 46.27 0.89
N MET C 205 -2.83 45.49 0.13
CA MET C 205 -2.55 45.23 -1.27
C MET C 205 -3.65 45.82 -2.14
N GLY C 206 -3.27 46.76 -3.01
CA GLY C 206 -4.19 47.35 -3.96
C GLY C 206 -4.22 46.58 -5.27
N GLY C 207 -4.91 47.17 -6.25
CA GLY C 207 -5.13 46.51 -7.52
C GLY C 207 -5.71 45.14 -7.31
N GLU C 208 -4.95 44.10 -7.64
CA GLU C 208 -5.18 42.77 -7.08
C GLU C 208 -3.89 42.08 -6.67
N SER C 209 -2.79 42.34 -7.37
CA SER C 209 -1.45 42.01 -6.91
C SER C 209 -0.46 43.08 -7.36
N ASN C 210 -0.94 44.30 -7.60
CA ASN C 210 -0.17 45.33 -8.29
C ASN C 210 0.38 46.41 -7.37
N TYR C 211 -0.35 46.77 -6.31
CA TYR C 211 0.06 47.85 -5.42
C TYR C 211 0.10 47.34 -3.98
N LEU C 212 1.11 47.77 -3.24
CA LEU C 212 1.34 47.30 -1.87
C LEU C 212 1.66 48.48 -0.97
N PHE C 213 1.12 48.45 0.25
CA PHE C 213 1.32 49.51 1.22
C PHE C 213 1.53 48.90 2.61
N LYS C 214 2.24 49.63 3.47
CA LYS C 214 2.48 49.23 4.84
C LYS C 214 2.09 50.37 5.77
N CYS C 215 1.90 50.03 7.04
CA CYS C 215 1.49 51.00 8.05
C CYS C 215 2.70 51.72 8.64
N ASN C 216 2.55 53.03 8.85
CA ASN C 216 3.59 53.86 9.43
C ASN C 216 3.42 53.92 10.94
N GLU C 217 4.50 54.31 11.63
CA GLU C 217 4.43 54.55 13.07
C GLU C 217 3.42 55.63 13.41
N GLU C 218 3.11 56.52 12.47
CA GLU C 218 2.09 57.56 12.64
C GLU C 218 0.68 57.07 12.32
N ALA C 219 0.45 55.76 12.31
CA ALA C 219 -0.76 55.08 11.87
C ALA C 219 -1.17 55.41 10.43
N THR C 220 -0.37 56.17 9.70
CA THR C 220 -0.70 56.50 8.32
C THR C 220 -0.24 55.37 7.39
N LEU C 221 -0.91 55.25 6.26
CA LEU C 221 -0.55 54.26 5.25
C LEU C 221 0.41 54.88 4.25
N TYR C 222 1.53 54.20 3.99
CA TYR C 222 2.50 54.67 3.03
C TYR C 222 2.76 53.61 1.97
N SER C 223 3.14 54.07 0.78
CA SER C 223 3.48 53.15 -0.29
C SER C 223 4.78 52.41 0.02
N VAL C 224 4.88 51.19 -0.48
CA VAL C 224 6.05 50.33 -0.29
C VAL C 224 6.93 50.46 -1.51
N PRO C 225 8.25 50.63 -1.36
CA PRO C 225 9.13 50.75 -2.52
C PRO C 225 9.05 49.53 -3.42
N GLU C 226 8.88 49.78 -4.72
CA GLU C 226 8.75 48.68 -5.68
C GLU C 226 10.01 47.84 -5.76
N ASN C 227 11.17 48.45 -5.48
CA ASN C 227 12.42 47.69 -5.45
C ASN C 227 12.45 46.64 -4.35
N GLU C 228 11.51 46.68 -3.41
CA GLU C 228 11.46 45.73 -2.31
C GLU C 228 10.68 44.46 -2.64
N TRP C 229 9.80 44.49 -3.64
CA TRP C 229 8.95 43.33 -3.88
C TRP C 229 8.54 43.13 -5.34
N ARG C 230 9.10 43.89 -6.29
CA ARG C 230 8.67 43.72 -7.68
C ARG C 230 9.09 42.38 -8.24
N HIS C 231 10.21 41.81 -7.75
CA HIS C 231 10.76 40.61 -8.35
C HIS C 231 9.88 39.39 -8.13
N TYR C 232 9.16 39.33 -7.01
CA TYR C 232 8.33 38.18 -6.71
C TYR C 232 7.17 38.02 -7.69
N LYS C 233 6.77 39.10 -8.35
CA LYS C 233 5.62 39.09 -9.25
C LYS C 233 6.05 38.71 -10.66
N LYS C 234 5.27 37.82 -11.29
CA LYS C 234 5.50 37.49 -12.69
C LYS C 234 5.27 38.74 -13.55
N PHE C 235 6.29 39.09 -14.35
CA PHE C 235 6.25 40.32 -15.12
C PHE C 235 5.37 40.15 -16.37
N VAL C 236 4.66 41.21 -16.72
CA VAL C 236 3.78 41.22 -17.88
C VAL C 236 4.14 42.42 -18.75
N ASP C 237 4.33 42.16 -20.05
CA ASP C 237 4.69 43.22 -20.97
C ASP C 237 3.60 44.30 -21.00
N TYR C 238 4.01 45.56 -21.17
CA TYR C 238 3.05 46.64 -21.30
C TYR C 238 2.12 46.42 -22.48
N ASP C 239 2.64 45.86 -23.57
CA ASP C 239 1.81 45.59 -24.73
C ASP C 239 0.76 44.53 -24.42
N THR C 240 1.11 43.54 -23.59
CA THR C 240 0.18 42.47 -23.27
C THR C 240 -0.87 42.93 -22.26
N VAL C 241 -0.52 43.84 -21.36
CA VAL C 241 -1.51 44.39 -20.43
C VAL C 241 -2.61 45.09 -21.21
N GLN C 242 -2.24 46.07 -22.03
CA GLN C 242 -3.22 46.79 -22.83
C GLN C 242 -3.95 45.87 -23.80
N GLU C 243 -3.29 44.80 -24.24
CA GLU C 243 -3.98 43.79 -25.06
C GLU C 243 -5.12 43.15 -24.27
N ILE C 244 -4.84 42.76 -23.02
CA ILE C 244 -5.90 42.24 -22.15
C ILE C 244 -6.97 43.30 -21.91
N LEU C 245 -6.54 44.53 -21.60
CA LEU C 245 -7.48 45.61 -21.34
C LEU C 245 -8.36 45.90 -22.56
N ASN C 246 -7.76 45.90 -23.75
CA ASN C 246 -8.53 46.27 -24.94
C ASN C 246 -9.48 45.15 -25.35
N ILE C 247 -8.99 43.91 -25.38
CA ILE C 247 -9.85 42.78 -25.74
C ILE C 247 -11.03 42.68 -24.77
N SER C 248 -10.81 43.01 -23.50
CA SER C 248 -11.92 43.09 -22.56
C SER C 248 -12.83 44.28 -22.89
N GLU C 249 -12.23 45.46 -23.08
CA GLU C 249 -13.00 46.67 -23.33
C GLU C 249 -13.97 46.51 -24.49
N LYS C 250 -13.54 45.81 -25.55
CA LYS C 250 -14.41 45.61 -26.71
C LYS C 250 -15.62 44.75 -26.35
N CYS C 251 -15.48 43.87 -25.35
CA CYS C 251 -16.59 42.99 -24.99
C CYS C 251 -17.67 43.75 -24.24
N LEU C 252 -17.28 44.59 -23.27
CA LEU C 252 -18.27 45.36 -22.52
C LEU C 252 -19.10 46.25 -23.42
N GLU C 253 -18.53 46.73 -24.53
CA GLU C 253 -19.31 47.48 -25.50
C GLU C 253 -20.36 46.59 -26.15
N LYS C 254 -20.01 45.33 -26.44
CA LYS C 254 -20.96 44.41 -27.04
C LYS C 254 -22.04 43.98 -26.05
N VAL C 255 -21.69 43.87 -24.77
CA VAL C 255 -22.69 43.52 -23.76
C VAL C 255 -23.70 44.65 -23.59
N ILE C 256 -23.27 45.90 -23.75
CA ILE C 256 -24.18 47.02 -23.62
C ILE C 256 -25.09 47.13 -24.85
N LYS C 257 -24.61 46.75 -26.03
CA LYS C 257 -25.45 46.77 -27.22
C LYS C 257 -26.41 45.59 -27.24
N ASP C 258 -25.94 44.41 -26.83
CA ASP C 258 -26.79 43.22 -26.77
C ASP C 258 -27.96 43.45 -25.82
N PHE C 259 -27.68 43.50 -24.53
CA PHE C 259 -28.67 43.84 -23.52
C PHE C 259 -28.61 45.34 -23.26
N GLY C 260 -29.69 46.04 -23.54
CA GLY C 260 -29.75 47.48 -23.31
C GLY C 260 -29.44 47.82 -21.87
N LEU C 261 -28.28 48.41 -21.62
CA LEU C 261 -27.82 48.69 -20.26
C LEU C 261 -27.52 50.16 -20.10
N CYS C 262 -27.89 50.72 -18.94
CA CYS C 262 -27.41 52.04 -18.53
C CYS C 262 -26.15 51.81 -17.69
N ALA C 263 -25.05 51.58 -18.40
CA ALA C 263 -23.77 51.29 -17.77
C ALA C 263 -22.65 51.94 -18.57
N GLN C 264 -21.52 52.15 -17.89
CA GLN C 264 -20.36 52.79 -18.50
C GLN C 264 -19.14 51.91 -18.29
N ILE C 265 -18.07 52.24 -19.03
CA ILE C 265 -16.82 51.51 -18.99
C ILE C 265 -15.77 52.43 -18.38
N GLN C 266 -15.27 52.07 -17.20
CA GLN C 266 -14.15 52.76 -16.59
C GLN C 266 -12.85 52.12 -17.05
N ARG C 267 -11.94 52.94 -17.56
CA ARG C 267 -10.64 52.47 -18.05
C ARG C 267 -9.53 53.00 -17.15
N LYS C 268 -8.69 52.10 -16.65
CA LYS C 268 -7.50 52.47 -15.91
C LYS C 268 -6.32 51.68 -16.46
N GLU C 269 -5.14 51.95 -15.90
CA GLU C 269 -3.95 51.16 -16.23
C GLU C 269 -3.99 49.87 -15.40
N LYS C 270 -3.99 48.72 -16.10
CA LYS C 270 -4.07 47.38 -15.54
C LYS C 270 -5.46 47.02 -15.03
N SER C 271 -6.51 47.73 -15.43
CA SER C 271 -7.85 47.40 -14.94
C SER C 271 -8.91 48.05 -15.81
N ILE C 272 -9.86 47.26 -16.30
CA ILE C 272 -11.10 47.76 -16.90
C ILE C 272 -12.26 47.38 -16.01
N GLY C 273 -13.27 48.24 -15.98
CA GLY C 273 -14.46 47.97 -15.21
C GLY C 273 -15.74 48.39 -15.90
N LEU C 274 -16.78 47.58 -15.77
CA LEU C 274 -18.11 47.92 -16.27
C LEU C 274 -18.95 48.34 -15.08
N VAL C 275 -19.20 49.65 -14.98
CA VAL C 275 -19.90 50.22 -13.83
C VAL C 275 -21.27 50.71 -14.33
N PRO C 276 -22.30 50.66 -13.50
CA PRO C 276 -23.62 51.11 -13.94
C PRO C 276 -23.78 52.63 -13.87
N ASN C 277 -24.78 53.11 -14.60
CA ASN C 277 -25.13 54.52 -14.60
C ASN C 277 -25.87 54.89 -13.33
N LYS C 278 -25.73 56.16 -12.92
CA LYS C 278 -26.44 56.66 -11.75
C LYS C 278 -27.95 56.64 -11.99
N ILE C 279 -28.70 56.69 -10.89
CA ILE C 279 -30.15 56.53 -10.92
C ILE C 279 -30.82 57.74 -11.55
N PRO C 280 -30.66 58.96 -11.03
CA PRO C 280 -31.44 60.04 -11.66
C PRO C 280 -30.84 60.49 -12.98
N ASN C 290 -28.28 54.42 -8.21
CA ASN C 290 -27.55 53.52 -9.10
C ASN C 290 -28.48 52.51 -9.75
N TYR C 291 -28.44 52.44 -11.08
CA TYR C 291 -29.21 51.43 -11.79
C TYR C 291 -28.64 50.04 -11.51
N MET C 292 -29.49 49.04 -11.68
CA MET C 292 -29.13 47.66 -11.40
C MET C 292 -28.84 46.90 -12.69
N ILE C 293 -27.76 46.14 -12.68
CA ILE C 293 -27.38 45.27 -13.80
C ILE C 293 -27.68 43.84 -13.39
N LYS C 294 -28.31 43.09 -14.29
CA LYS C 294 -28.67 41.71 -14.00
C LYS C 294 -27.45 40.88 -13.62
N TYR C 295 -27.64 40.01 -12.62
CA TYR C 295 -26.57 39.12 -12.19
C TYR C 295 -26.17 38.16 -13.29
N GLU C 296 -27.14 37.67 -14.07
CA GLU C 296 -26.84 36.71 -15.11
C GLU C 296 -26.09 37.35 -16.27
N VAL C 297 -26.30 38.64 -16.50
CA VAL C 297 -25.55 39.33 -17.55
C VAL C 297 -24.09 39.49 -17.14
N LEU C 298 -23.85 39.88 -15.88
CA LEU C 298 -22.48 39.98 -15.38
C LEU C 298 -21.77 38.63 -15.45
N GLU C 299 -22.45 37.57 -15.00
CA GLU C 299 -21.89 36.23 -15.14
C GLU C 299 -21.66 35.87 -16.60
N GLU C 300 -22.57 36.28 -17.48
CA GLU C 300 -22.41 36.01 -18.90
C GLU C 300 -21.15 36.67 -19.46
N ALA C 301 -20.90 37.91 -19.07
CA ALA C 301 -19.78 38.65 -19.65
C ALA C 301 -18.45 38.10 -19.17
N VAL C 302 -18.37 37.63 -17.93
CA VAL C 302 -17.11 37.06 -17.43
C VAL C 302 -16.68 35.90 -18.32
N ILE C 303 -17.60 35.00 -18.63
CA ILE C 303 -17.31 33.93 -19.59
C ILE C 303 -16.97 34.52 -20.95
N ARG C 304 -17.66 35.60 -21.33
CA ARG C 304 -17.38 36.25 -22.60
C ARG C 304 -15.97 36.83 -22.63
N ILE C 305 -15.56 37.48 -21.55
CA ILE C 305 -14.17 37.97 -21.44
C ILE C 305 -13.21 36.79 -21.56
N LYS C 306 -13.39 35.77 -20.72
CA LYS C 306 -12.46 34.65 -20.69
C LYS C 306 -12.41 33.91 -22.02
N LYS C 307 -13.58 33.66 -22.62
CA LYS C 307 -13.63 32.91 -23.87
C LYS C 307 -12.85 33.61 -24.98
N GLU C 308 -12.77 34.93 -24.93
CA GLU C 308 -12.11 35.69 -25.99
C GLU C 308 -10.63 35.90 -25.74
N ILE C 309 -10.21 35.93 -24.47
CA ILE C 309 -8.79 36.14 -24.17
C ILE C 309 -7.96 34.95 -24.63
N ILE C 310 -8.49 33.74 -24.46
CA ILE C 310 -7.80 32.55 -24.94
C ILE C 310 -7.81 32.50 -26.46
N LYS C 311 -8.87 33.01 -27.08
CA LYS C 311 -8.92 33.08 -28.54
C LYS C 311 -7.77 33.91 -29.09
N ASN C 312 -7.26 34.86 -28.32
CA ASN C 312 -6.09 35.64 -28.69
C ASN C 312 -4.80 35.08 -28.09
N LYS C 313 -4.86 33.88 -27.52
CA LYS C 313 -3.68 33.13 -27.08
C LYS C 313 -2.87 33.93 -26.06
N ILE C 314 -3.55 34.62 -25.15
CA ILE C 314 -2.90 35.31 -24.04
C ILE C 314 -2.87 34.35 -22.85
N THR C 315 -1.68 34.20 -22.26
CA THR C 315 -1.50 33.29 -21.13
C THR C 315 -1.03 34.00 -19.87
N ALA C 316 -0.99 35.33 -19.88
CA ALA C 316 -0.59 36.06 -18.68
C ALA C 316 -1.66 35.89 -17.58
N PRO C 317 -1.25 35.98 -16.32
CA PRO C 317 -2.23 35.83 -15.23
C PRO C 317 -3.14 37.06 -15.15
N TYR C 318 -4.45 36.81 -15.26
CA TYR C 318 -5.46 37.85 -15.13
C TYR C 318 -6.58 37.32 -14.26
N CYS C 319 -7.63 38.13 -14.10
CA CYS C 319 -8.78 37.72 -13.28
C CYS C 319 -9.99 38.56 -13.70
N ALA C 320 -10.86 37.95 -14.50
CA ALA C 320 -12.19 38.50 -14.75
C ALA C 320 -13.13 38.01 -13.66
N PHE C 321 -13.84 38.93 -13.02
CA PHE C 321 -14.59 38.59 -11.83
C PHE C 321 -15.86 39.40 -11.74
N ASN C 322 -16.84 38.84 -11.01
CA ASN C 322 -18.14 39.46 -10.79
C ASN C 322 -18.16 40.03 -9.38
N GLY C 323 -18.50 41.32 -9.26
CA GLY C 323 -18.50 41.97 -7.97
C GLY C 323 -19.87 42.33 -7.44
N GLY C 324 -20.87 41.54 -7.81
CA GLY C 324 -22.23 41.82 -7.40
C GLY C 324 -22.90 42.81 -8.32
N GLN C 325 -22.52 44.08 -8.20
CA GLN C 325 -22.99 45.13 -9.10
C GLN C 325 -21.93 45.60 -10.08
N ASP C 326 -20.75 44.99 -10.06
CA ASP C 326 -19.62 45.42 -10.85
C ASP C 326 -19.06 44.27 -11.69
N LEU C 327 -18.43 44.63 -12.79
CA LEU C 327 -17.63 43.71 -13.60
C LEU C 327 -16.29 44.36 -13.89
N TRP C 328 -15.21 43.71 -13.49
CA TRP C 328 -13.87 44.23 -13.69
C TRP C 328 -12.94 43.12 -14.15
N VAL C 329 -11.89 43.51 -14.86
CA VAL C 329 -10.81 42.62 -15.24
C VAL C 329 -9.51 43.25 -14.79
N ASP C 330 -8.68 42.48 -14.09
CA ASP C 330 -7.41 42.96 -13.57
C ASP C 330 -6.28 42.09 -14.08
N VAL C 331 -5.22 42.72 -14.59
CA VAL C 331 -4.00 42.00 -14.91
C VAL C 331 -3.30 41.67 -13.59
N GLY C 332 -3.58 40.48 -13.07
CA GLY C 332 -3.16 40.09 -11.73
C GLY C 332 -4.32 39.49 -10.99
N ASN C 333 -4.03 38.71 -9.94
CA ASN C 333 -5.07 38.03 -9.19
C ASN C 333 -4.65 37.90 -7.73
N LYS C 334 -5.62 37.55 -6.88
CA LYS C 334 -5.35 37.47 -5.45
C LYS C 334 -4.42 36.31 -5.10
N ALA C 335 -4.32 35.29 -5.95
CA ALA C 335 -3.37 34.22 -5.69
C ALA C 335 -1.93 34.71 -5.86
N GLU C 336 -1.69 35.51 -6.91
CA GLU C 336 -0.37 36.12 -7.07
C GLU C 336 -0.03 37.01 -5.88
N GLY C 337 -0.98 37.84 -5.46
CA GLY C 337 -0.73 38.72 -4.33
C GLY C 337 -0.46 37.98 -3.05
N LEU C 338 -1.04 36.79 -2.88
CA LEU C 338 -0.75 35.99 -1.69
C LEU C 338 0.65 35.39 -1.78
N LEU C 339 1.04 34.93 -2.97
CA LEU C 339 2.40 34.42 -3.16
C LEU C 339 3.44 35.47 -2.81
N ILE C 340 3.19 36.72 -3.23
CA ILE C 340 4.16 37.79 -2.99
C ILE C 340 4.31 38.04 -1.49
N LEU C 341 3.21 37.97 -0.74
CA LEU C 341 3.29 38.13 0.71
C LEU C 341 3.93 36.92 1.37
N GLN C 342 3.72 35.72 0.81
CA GLN C 342 4.38 34.53 1.35
C GLN C 342 5.86 34.52 1.03
N LYS C 343 6.26 35.09 -0.10
CA LYS C 343 7.68 35.23 -0.40
C LYS C 343 8.32 36.39 0.35
N LEU C 344 7.52 37.39 0.72
CA LEU C 344 8.06 38.56 1.41
C LEU C 344 8.33 38.26 2.88
N LEU C 345 7.38 37.64 3.57
CA LEU C 345 7.49 37.38 5.00
C LEU C 345 7.93 35.96 5.31
N LYS C 346 8.29 35.17 4.29
CA LYS C 346 8.73 33.78 4.46
C LYS C 346 7.73 32.97 5.27
N ILE C 347 6.53 32.84 4.72
CA ILE C 347 5.42 32.16 5.39
C ILE C 347 4.93 31.03 4.49
N GLN C 348 4.82 29.84 5.06
CA GLN C 348 4.32 28.68 4.33
C GLN C 348 2.81 28.75 4.16
N LYS C 349 2.31 28.02 3.16
CA LYS C 349 0.89 28.06 2.85
C LYS C 349 0.05 27.43 3.94
N LYS C 350 0.59 26.43 4.65
CA LYS C 350 -0.16 25.77 5.71
C LYS C 350 -0.52 26.72 6.85
N LYS C 351 0.25 27.80 7.03
CA LYS C 351 0.02 28.75 8.11
C LYS C 351 -0.47 30.09 7.58
N CYS C 352 -1.20 30.08 6.47
CA CYS C 352 -1.79 31.28 5.89
C CYS C 352 -3.26 31.04 5.61
N CYS C 353 -4.07 32.08 5.82
CA CYS C 353 -5.51 31.97 5.63
C CYS C 353 -6.03 33.25 4.97
N HIS C 354 -7.17 33.11 4.31
CA HIS C 354 -7.78 34.20 3.56
C HIS C 354 -9.29 34.15 3.71
N ILE C 355 -9.89 35.31 3.95
CA ILE C 355 -11.32 35.43 4.18
C ILE C 355 -11.90 36.31 3.09
N GLY C 356 -12.89 35.79 2.36
CA GLY C 356 -13.48 36.52 1.25
C GLY C 356 -14.88 36.04 0.95
N ASP C 357 -15.56 36.80 0.08
CA ASP C 357 -16.93 36.51 -0.29
C ASP C 357 -17.11 35.95 -1.68
N GLN C 358 -16.12 36.10 -2.55
CA GLN C 358 -16.25 35.73 -3.96
C GLN C 358 -15.44 34.46 -4.19
N PHE C 359 -15.99 33.33 -3.74
CA PHE C 359 -15.32 32.04 -3.86
C PHE C 359 -15.97 31.14 -4.92
N LEU C 360 -16.76 31.72 -5.80
CA LEU C 360 -17.26 30.99 -6.96
C LEU C 360 -16.25 31.07 -8.09
N HIS C 361 -16.41 30.20 -9.08
CA HIS C 361 -15.78 30.45 -10.36
C HIS C 361 -16.34 31.73 -10.94
N SER C 362 -15.50 32.46 -11.67
CA SER C 362 -15.77 33.86 -12.02
C SER C 362 -15.90 34.71 -10.76
N GLY C 363 -15.18 34.31 -9.71
CA GLY C 363 -15.17 35.05 -8.47
C GLY C 363 -13.80 35.62 -8.16
N ASN C 364 -13.78 36.63 -7.30
CA ASN C 364 -12.54 37.35 -7.02
C ASN C 364 -11.55 36.50 -6.24
N ASP C 365 -12.02 35.80 -5.22
CA ASP C 365 -11.16 35.13 -4.26
C ASP C 365 -10.99 33.64 -4.53
N PHE C 366 -11.51 33.14 -5.66
CA PHE C 366 -11.38 31.72 -5.97
C PHE C 366 -9.94 31.22 -6.10
N PRO C 367 -9.00 31.93 -6.75
CA PRO C 367 -7.65 31.37 -6.89
C PRO C 367 -6.90 31.26 -5.57
N THR C 368 -7.43 31.79 -4.48
CA THR C 368 -6.78 31.65 -3.18
C THR C 368 -6.73 30.19 -2.75
N ARG C 369 -7.74 29.40 -3.13
CA ARG C 369 -7.77 27.99 -2.78
C ARG C 369 -6.54 27.23 -3.26
N PHE C 370 -5.81 27.79 -4.23
CA PHE C 370 -4.65 27.12 -4.81
C PHE C 370 -3.39 27.31 -3.97
N CYS C 371 -3.40 28.19 -2.96
CA CYS C 371 -2.17 28.48 -2.23
C CYS C 371 -2.39 28.91 -0.79
N SER C 372 -3.55 28.65 -0.20
CA SER C 372 -3.81 29.08 1.17
C SER C 372 -5.04 28.36 1.69
N LEU C 373 -5.30 28.52 2.99
CA LEU C 373 -6.56 28.12 3.57
C LEU C 373 -7.60 29.22 3.34
N THR C 374 -8.84 28.82 3.09
CA THR C 374 -9.87 29.74 2.63
C THR C 374 -11.12 29.63 3.49
N LEU C 375 -11.68 30.78 3.85
CA LEU C 375 -12.95 30.87 4.55
C LEU C 375 -13.93 31.62 3.66
N TRP C 376 -15.09 31.01 3.41
CA TRP C 376 -16.08 31.56 2.49
C TRP C 376 -17.13 32.29 3.33
N VAL C 377 -17.05 33.61 3.34
CA VAL C 377 -17.88 34.46 4.20
C VAL C 377 -18.80 35.31 3.32
N SER C 378 -20.01 35.56 3.82
CA SER C 378 -21.01 36.30 3.05
C SER C 378 -21.04 37.79 3.38
N ASN C 379 -20.77 38.18 4.62
CA ASN C 379 -20.90 39.57 5.03
C ASN C 379 -20.04 39.78 6.28
N PRO C 380 -19.76 41.03 6.65
CA PRO C 380 -18.92 41.27 7.85
C PRO C 380 -19.46 40.65 9.12
N GLN C 381 -20.77 40.44 9.23
CA GLN C 381 -21.30 39.77 10.42
C GLN C 381 -20.80 38.33 10.50
N GLU C 382 -20.68 37.67 9.35
CA GLU C 382 -20.09 36.32 9.33
C GLU C 382 -18.58 36.38 9.50
N THR C 383 -17.93 37.46 9.05
CA THR C 383 -16.50 37.62 9.27
C THR C 383 -16.17 37.64 10.75
N LYS C 384 -17.07 38.20 11.58
CA LYS C 384 -16.83 38.25 13.01
C LYS C 384 -16.85 36.85 13.63
N ALA C 385 -17.85 36.04 13.23
CA ALA C 385 -17.96 34.69 13.77
C ALA C 385 -16.71 33.87 13.48
N CYS C 386 -16.03 34.14 12.37
CA CYS C 386 -14.80 33.43 12.06
C CYS C 386 -13.67 33.88 12.98
N LEU C 387 -13.42 35.19 13.05
CA LEU C 387 -12.33 35.69 13.88
C LEU C 387 -12.58 35.45 15.36
N LYS C 388 -13.86 35.40 15.77
CA LYS C 388 -14.16 35.02 17.14
C LYS C 388 -13.80 33.57 17.41
N SER C 389 -14.10 32.68 16.45
CA SER C 389 -13.70 31.28 16.60
C SER C 389 -12.20 31.12 16.45
N ILE C 390 -11.55 31.98 15.67
CA ILE C 390 -10.10 31.90 15.50
C ILE C 390 -9.39 32.30 16.79
N MET C 391 -9.86 33.36 17.45
CA MET C 391 -9.24 33.78 18.70
C MET C 391 -9.41 32.75 19.81
N HIS C 392 -10.41 31.88 19.70
CA HIS C 392 -10.68 30.89 20.72
C HIS C 392 -9.80 29.66 20.60
N LEU C 393 -8.75 29.72 19.78
CA LEU C 393 -7.90 28.55 19.57
C LEU C 393 -6.91 28.35 20.71
N ASN C 394 -6.28 29.42 21.18
CA ASN C 394 -5.32 29.33 22.27
C ASN C 394 -5.88 29.95 23.55
N GLN D 1 -64.30 23.09 -0.84
CA GLN D 1 -62.98 22.80 -1.36
C GLN D 1 -62.01 22.44 -0.23
N TRP D 2 -60.92 21.76 -0.57
CA TRP D 2 -59.95 21.31 0.40
C TRP D 2 -58.55 21.73 -0.02
N ASN D 3 -57.69 21.95 0.97
CA ASN D 3 -56.30 22.29 0.71
C ASN D 3 -55.49 21.02 0.51
N SER D 4 -54.77 20.95 -0.61
CA SER D 4 -54.12 19.72 -1.00
C SER D 4 -52.89 19.44 -0.15
N ARG D 5 -52.30 18.27 -0.36
CA ARG D 5 -51.12 17.82 0.37
C ARG D 5 -49.85 18.32 -0.32
N TYR D 6 -48.72 17.72 0.02
CA TYR D 6 -47.44 18.09 -0.56
C TYR D 6 -46.50 16.89 -0.45
N SER D 7 -45.59 16.79 -1.41
CA SER D 7 -44.50 15.83 -1.33
C SER D 7 -43.20 16.60 -1.10
N TYR D 8 -42.23 15.92 -0.48
CA TYR D 8 -40.92 16.53 -0.30
C TYR D 8 -40.30 16.92 -1.63
N ASN D 9 -40.59 16.14 -2.69
CA ASN D 9 -40.17 16.52 -4.03
C ASN D 9 -40.90 17.77 -4.51
N GLN D 10 -42.16 17.95 -4.11
CA GLN D 10 -42.91 19.13 -4.50
C GLN D 10 -42.48 20.37 -3.71
N LEU D 11 -41.91 20.18 -2.52
CA LEU D 11 -41.42 21.33 -1.75
C LEU D 11 -40.11 21.86 -2.34
N LYS D 12 -39.32 21.00 -2.97
CA LYS D 12 -38.05 21.40 -3.57
C LYS D 12 -38.27 22.40 -4.71
N ASN D 13 -38.76 21.90 -5.84
CA ASN D 13 -39.06 22.77 -6.98
C ASN D 13 -40.21 23.69 -6.60
N LYS D 14 -39.93 25.00 -6.55
CA LYS D 14 -40.89 25.97 -6.02
C LYS D 14 -42.22 25.90 -6.78
N ASP D 15 -42.17 26.08 -8.09
CA ASP D 15 -43.35 25.97 -8.93
C ASP D 15 -43.06 24.99 -10.05
N SER D 16 -43.96 24.03 -10.24
CA SER D 16 -43.75 23.00 -11.27
C SER D 16 -43.93 23.58 -12.66
N LEU D 17 -44.95 24.42 -12.86
CA LEU D 17 -45.17 25.01 -14.17
C LEU D 17 -44.00 25.89 -14.59
N ILE D 18 -43.44 26.66 -13.66
CA ILE D 18 -42.26 27.47 -13.96
C ILE D 18 -41.08 26.57 -14.29
N MET D 19 -40.80 25.60 -13.41
CA MET D 19 -39.71 24.67 -13.65
C MET D 19 -39.91 23.89 -14.95
N PHE D 20 -41.16 23.60 -15.31
CA PHE D 20 -41.44 22.89 -16.55
C PHE D 20 -40.97 23.69 -17.76
N LEU D 21 -41.11 25.02 -17.70
CA LEU D 21 -40.64 25.86 -18.79
C LEU D 21 -39.13 26.05 -18.77
N VAL D 22 -38.53 26.08 -17.57
CA VAL D 22 -37.10 26.34 -17.46
C VAL D 22 -36.30 25.23 -18.14
N GLU D 23 -36.62 23.97 -17.82
CA GLU D 23 -35.87 22.86 -18.41
C GLU D 23 -36.07 22.79 -19.92
N ILE D 24 -37.21 23.26 -20.42
CA ILE D 24 -37.41 23.35 -21.87
C ILE D 24 -36.51 24.44 -22.45
N PHE D 25 -36.54 25.62 -21.83
CA PHE D 25 -35.69 26.72 -22.31
C PHE D 25 -34.21 26.38 -22.18
N ARG D 26 -33.83 25.65 -21.12
CA ARG D 26 -32.43 25.27 -20.97
C ARG D 26 -31.98 24.38 -22.11
N SER D 27 -32.80 23.40 -22.49
CA SER D 27 -32.47 22.58 -23.65
C SER D 27 -32.46 23.41 -24.92
N LEU D 28 -33.30 24.44 -25.00
CA LEU D 28 -33.23 25.38 -26.12
C LEU D 28 -31.93 26.17 -26.06
N PHE D 29 -31.58 26.67 -24.86
CA PHE D 29 -30.32 27.38 -24.69
C PHE D 29 -29.13 26.47 -24.97
N VAL D 30 -29.20 25.21 -24.53
CA VAL D 30 -28.09 24.28 -24.70
C VAL D 30 -27.95 23.91 -26.17
N SER D 31 -29.06 23.74 -26.89
CA SER D 31 -29.01 23.32 -28.28
C SER D 31 -28.52 24.40 -29.24
N ASN D 32 -28.21 25.60 -28.75
CA ASN D 32 -27.70 26.75 -29.50
C ASN D 32 -28.79 27.45 -30.32
N CYS D 33 -30.05 27.05 -30.16
CA CYS D 33 -31.13 27.60 -30.98
C CYS D 33 -32.03 28.54 -30.19
N ILE D 34 -31.58 29.02 -29.03
CA ILE D 34 -32.45 29.80 -28.16
C ILE D 34 -32.78 31.16 -28.76
N ASP D 35 -31.85 31.75 -29.52
CA ASP D 35 -32.03 33.11 -30.02
C ASP D 35 -32.48 33.12 -31.49
N LYS D 36 -32.94 31.99 -32.00
CA LYS D 36 -33.52 31.94 -33.34
C LYS D 36 -35.04 32.00 -33.24
N ASN D 37 -35.72 31.77 -34.36
CA ASN D 37 -37.18 31.78 -34.39
C ASN D 37 -37.65 30.48 -33.75
N ILE D 38 -38.08 30.56 -32.49
CA ILE D 38 -38.45 29.38 -31.73
C ILE D 38 -39.95 29.38 -31.46
N ASP D 39 -40.72 29.98 -32.36
CA ASP D 39 -42.16 30.09 -32.15
C ASP D 39 -42.85 28.74 -32.21
N ASN D 40 -42.31 27.80 -33.00
CA ASN D 40 -42.88 26.46 -33.04
C ASN D 40 -42.89 25.83 -31.67
N VAL D 41 -41.80 26.00 -30.92
CA VAL D 41 -41.75 25.52 -29.54
C VAL D 41 -42.74 26.33 -28.68
N LEU D 42 -42.81 27.65 -28.91
CA LEU D 42 -43.64 28.49 -28.08
C LEU D 42 -45.12 28.24 -28.34
N LEU D 43 -45.53 28.22 -29.61
CA LEU D 43 -46.93 27.99 -29.94
C LEU D 43 -47.40 26.61 -29.51
N SER D 44 -46.51 25.61 -29.59
CA SER D 44 -46.88 24.27 -29.13
C SER D 44 -47.11 24.25 -27.62
N ILE D 45 -46.31 25.01 -26.88
CA ILE D 45 -46.55 25.16 -25.44
C ILE D 45 -47.89 25.83 -25.21
N GLU D 46 -48.20 26.87 -25.99
CA GLU D 46 -49.51 27.50 -25.89
C GLU D 46 -50.61 26.52 -26.25
N GLU D 47 -50.37 25.64 -27.22
CA GLU D 47 -51.36 24.64 -27.58
C GLU D 47 -51.75 23.78 -26.39
N MET D 48 -50.78 23.41 -25.56
CA MET D 48 -51.08 22.65 -24.35
C MET D 48 -51.71 23.53 -23.27
N PHE D 49 -51.32 24.80 -23.20
CA PHE D 49 -51.96 25.71 -22.26
C PHE D 49 -53.42 25.97 -22.65
N ILE D 50 -53.72 25.95 -23.95
CA ILE D 50 -55.10 26.08 -24.40
C ILE D 50 -55.88 24.80 -24.11
N ASP D 51 -55.31 23.65 -24.48
CA ASP D 51 -56.00 22.38 -24.27
C ASP D 51 -56.17 22.08 -22.79
N HIS D 52 -55.30 22.60 -21.94
CA HIS D 52 -55.50 22.43 -20.50
C HIS D 52 -56.55 23.39 -19.96
N TYR D 53 -56.75 24.54 -20.62
CA TYR D 53 -57.83 25.43 -20.23
C TYR D 53 -59.19 24.82 -20.56
N TYR D 54 -59.33 24.26 -21.77
CA TYR D 54 -60.61 23.70 -22.17
C TYR D 54 -60.90 22.40 -21.44
N ASN D 55 -59.89 21.55 -21.25
CA ASN D 55 -60.06 20.24 -20.62
C ASN D 55 -59.00 20.09 -19.53
N PRO D 56 -59.22 20.69 -18.35
CA PRO D 56 -58.19 20.64 -17.31
C PRO D 56 -57.99 19.26 -16.71
N GLN D 57 -58.97 18.35 -16.83
CA GLN D 57 -58.85 17.06 -16.18
C GLN D 57 -58.00 16.08 -17.00
N HIS D 58 -58.21 16.04 -18.32
CA HIS D 58 -57.50 15.13 -19.20
C HIS D 58 -56.77 15.95 -20.26
N SER D 59 -55.61 16.49 -19.89
CA SER D 59 -54.78 17.25 -20.80
C SER D 59 -53.36 16.68 -20.80
N ARG D 60 -52.64 16.93 -21.88
CA ARG D 60 -51.25 16.51 -21.93
C ARG D 60 -50.40 17.30 -20.95
N LEU D 61 -50.80 18.54 -20.63
CA LEU D 61 -50.14 19.29 -19.57
C LEU D 61 -50.37 18.63 -18.22
N LYS D 62 -51.59 18.13 -17.99
CA LYS D 62 -51.87 17.38 -16.76
C LYS D 62 -51.10 16.07 -16.74
N TYR D 63 -50.85 15.48 -17.92
CA TYR D 63 -50.11 14.22 -17.99
C TYR D 63 -48.64 14.43 -17.67
N LEU D 64 -48.04 15.49 -18.21
CA LEU D 64 -46.62 15.73 -17.97
C LEU D 64 -46.35 16.25 -16.56
N ILE D 65 -47.18 17.17 -16.09
CA ILE D 65 -47.04 17.78 -14.77
C ILE D 65 -48.28 17.41 -13.97
N ASP D 66 -48.08 16.63 -12.90
CA ASP D 66 -49.22 16.05 -12.21
C ASP D 66 -49.96 17.08 -11.36
N ASP D 67 -49.23 18.01 -10.74
CA ASP D 67 -49.83 18.96 -9.81
C ASP D 67 -50.20 20.28 -10.45
N VAL D 68 -50.37 20.32 -11.77
CA VAL D 68 -50.81 21.55 -12.43
C VAL D 68 -52.17 21.98 -11.91
N GLY D 69 -52.29 23.26 -11.57
CA GLY D 69 -53.54 23.84 -11.13
C GLY D 69 -54.51 24.05 -12.27
N ILE D 70 -55.42 24.99 -12.06
CA ILE D 70 -56.47 25.30 -13.02
C ILE D 70 -56.11 26.58 -13.75
N PHE D 71 -56.14 26.53 -15.08
CA PHE D 71 -56.01 27.73 -15.91
C PHE D 71 -57.39 28.36 -16.06
N PHE D 72 -57.59 29.51 -15.41
CA PHE D 72 -58.84 30.23 -15.53
C PHE D 72 -58.95 31.00 -16.85
N THR D 73 -57.82 31.20 -17.54
CA THR D 73 -57.80 31.95 -18.78
C THR D 73 -56.84 31.29 -19.77
N LYS D 74 -57.08 31.54 -21.05
CA LYS D 74 -56.13 31.17 -22.09
C LYS D 74 -54.86 31.98 -21.91
N LEU D 75 -53.72 31.31 -21.74
CA LEU D 75 -52.47 31.99 -21.47
C LEU D 75 -51.71 32.23 -22.77
N PRO D 76 -51.49 33.49 -23.16
CA PRO D 76 -50.69 33.80 -24.37
C PRO D 76 -49.19 33.80 -24.07
N ILE D 77 -48.62 32.59 -24.00
CA ILE D 77 -47.22 32.45 -23.60
C ILE D 77 -46.28 32.89 -24.70
N THR D 78 -46.72 32.84 -25.96
CA THR D 78 -45.83 33.19 -27.06
C THR D 78 -45.57 34.68 -27.12
N LYS D 79 -46.63 35.49 -27.02
CA LYS D 79 -46.44 36.94 -27.01
C LYS D 79 -45.72 37.39 -25.75
N ALA D 80 -45.99 36.74 -24.62
CA ALA D 80 -45.33 37.11 -23.37
C ALA D 80 -43.83 36.89 -23.46
N PHE D 81 -43.41 35.83 -24.16
CA PHE D 81 -41.98 35.58 -24.32
C PHE D 81 -41.32 36.68 -25.14
N HIS D 82 -41.86 36.97 -26.33
CA HIS D 82 -41.31 38.04 -27.16
C HIS D 82 -41.26 39.36 -26.41
N THR D 83 -42.29 39.66 -25.61
CA THR D 83 -42.34 40.92 -24.89
C THR D 83 -41.23 40.99 -23.85
N TYR D 84 -41.11 39.96 -23.01
CA TYR D 84 -40.03 39.95 -22.03
C TYR D 84 -38.66 39.88 -22.68
N ASN D 85 -38.57 39.23 -23.84
CA ASN D 85 -37.29 39.12 -24.53
C ASN D 85 -36.84 40.47 -25.08
N LYS D 86 -37.75 41.20 -25.72
CA LYS D 86 -37.39 42.48 -26.31
C LYS D 86 -36.86 43.46 -25.27
N LYS D 87 -37.28 43.33 -24.01
CA LYS D 87 -36.83 44.25 -22.98
C LYS D 87 -35.45 43.88 -22.44
N TYR D 88 -35.25 42.60 -22.12
CA TYR D 88 -34.03 42.17 -21.44
C TYR D 88 -33.08 41.36 -22.31
N ARG D 89 -33.54 40.86 -23.45
CA ARG D 89 -32.73 40.04 -24.36
C ARG D 89 -32.00 38.92 -23.61
N ILE D 90 -32.75 38.18 -22.79
CA ILE D 90 -32.15 37.06 -22.08
C ILE D 90 -31.74 35.96 -23.05
N THR D 91 -32.29 35.95 -24.27
CA THR D 91 -31.93 34.96 -25.26
C THR D 91 -30.56 35.20 -25.88
N LYS D 92 -30.04 36.42 -25.80
CA LYS D 92 -28.70 36.71 -26.29
C LYS D 92 -27.60 36.20 -25.37
N ARG D 93 -27.96 35.52 -24.28
CA ARG D 93 -26.96 34.90 -23.42
C ARG D 93 -26.41 33.65 -24.08
N LEU D 94 -25.10 33.44 -23.94
CA LEU D 94 -24.43 32.32 -24.56
C LEU D 94 -23.96 31.25 -23.58
N TYR D 95 -23.66 31.63 -22.34
CA TYR D 95 -23.07 30.72 -21.38
C TYR D 95 -23.85 30.66 -20.07
N ALA D 96 -25.04 31.24 -20.02
CA ALA D 96 -25.93 31.18 -18.86
C ALA D 96 -27.37 31.06 -19.32
N PRO D 97 -28.07 29.99 -18.97
CA PRO D 97 -29.44 29.79 -19.45
C PRO D 97 -30.40 30.73 -18.76
N PRO D 98 -31.64 30.84 -19.25
CA PRO D 98 -32.65 31.62 -18.53
C PRO D 98 -32.97 30.99 -17.18
N THR D 99 -33.29 31.83 -16.21
CA THR D 99 -33.39 31.42 -14.82
C THR D 99 -34.84 31.14 -14.43
N PHE D 100 -34.99 30.65 -13.19
CA PHE D 100 -36.31 30.42 -12.62
C PHE D 100 -37.09 31.72 -12.48
N ASN D 101 -36.44 32.76 -11.95
CA ASN D 101 -37.13 34.02 -11.70
C ASN D 101 -37.52 34.72 -13.01
N GLU D 102 -36.76 34.50 -14.08
CA GLU D 102 -37.11 35.12 -15.36
C GLU D 102 -38.39 34.51 -15.91
N VAL D 103 -38.53 33.18 -15.84
CA VAL D 103 -39.76 32.54 -16.26
C VAL D 103 -40.92 33.01 -15.39
N ARG D 104 -40.66 33.29 -14.12
CA ARG D 104 -41.71 33.83 -13.24
C ARG D 104 -42.23 35.16 -13.78
N HIS D 105 -41.34 36.03 -14.26
CA HIS D 105 -41.77 37.27 -14.88
C HIS D 105 -42.59 37.01 -16.13
N ILE D 106 -42.20 36.00 -16.91
CA ILE D 106 -42.91 35.67 -18.14
C ILE D 106 -44.29 35.11 -17.83
N LEU D 107 -44.36 34.18 -16.87
CA LEU D 107 -45.65 33.59 -16.51
C LEU D 107 -46.61 34.64 -15.96
N ASN D 108 -46.09 35.57 -15.16
CA ASN D 108 -46.92 36.69 -14.70
C ASN D 108 -47.41 37.52 -15.87
N LEU D 109 -46.53 37.80 -16.84
CA LEU D 109 -46.92 38.61 -17.99
C LEU D 109 -47.95 37.88 -18.85
N ALA D 110 -47.80 36.57 -19.02
CA ALA D 110 -48.78 35.81 -19.77
C ALA D 110 -50.14 35.83 -19.08
N GLN D 111 -50.15 35.79 -17.76
CA GLN D 111 -51.40 35.91 -17.01
C GLN D 111 -52.00 37.31 -17.16
N ILE D 112 -51.16 38.33 -17.28
CA ILE D 112 -51.67 39.69 -17.46
C ILE D 112 -52.28 39.86 -18.84
N LEU D 113 -51.57 39.42 -19.88
CA LEU D 113 -52.09 39.53 -21.24
C LEU D 113 -53.32 38.66 -21.47
N SER D 114 -53.58 37.69 -20.60
CA SER D 114 -54.78 36.87 -20.69
C SER D 114 -56.04 37.61 -20.25
N LEU D 115 -55.89 38.79 -19.63
CA LEU D 115 -57.03 39.55 -19.12
C LEU D 115 -57.64 40.47 -20.16
N GLU D 116 -57.60 40.08 -21.44
CA GLU D 116 -58.23 40.89 -22.48
C GLU D 116 -59.75 40.96 -22.30
N GLU D 117 -60.33 39.97 -21.63
CA GLU D 117 -61.76 40.01 -21.37
C GLU D 117 -62.12 41.06 -20.33
N GLY D 118 -61.21 41.34 -19.39
CA GLY D 118 -61.41 42.37 -18.39
C GLY D 118 -61.21 41.84 -16.99
N LEU D 119 -61.09 42.79 -16.06
CA LEU D 119 -60.94 42.50 -14.64
C LEU D 119 -62.06 43.15 -13.85
N ASP D 120 -62.48 42.48 -12.78
CA ASP D 120 -63.49 43.01 -11.87
C ASP D 120 -63.00 43.12 -10.43
N LEU D 121 -61.93 42.44 -10.05
CA LEU D 121 -61.40 42.50 -8.70
C LEU D 121 -59.90 42.32 -8.74
N LEU D 122 -59.18 43.21 -8.05
CA LEU D 122 -57.73 43.14 -7.93
C LEU D 122 -57.37 43.23 -6.45
N THR D 123 -56.52 42.31 -6.00
CA THR D 123 -56.20 42.20 -4.58
C THR D 123 -54.69 42.28 -4.38
N PHE D 124 -54.29 42.77 -3.20
CA PHE D 124 -52.88 43.01 -2.89
C PHE D 124 -52.55 42.41 -1.54
N ASP D 125 -51.56 41.51 -1.52
CA ASP D 125 -50.87 41.19 -0.28
C ASP D 125 -50.26 42.48 0.28
N ALA D 126 -50.71 42.90 1.46
CA ALA D 126 -50.25 44.18 1.99
C ALA D 126 -48.79 44.11 2.40
N ASN D 127 -48.40 43.06 3.11
CA ASN D 127 -47.06 42.95 3.67
C ASN D 127 -46.11 42.36 2.64
N GLU D 128 -45.07 43.14 2.30
CA GLU D 128 -43.94 42.84 1.42
C GLU D 128 -44.25 43.07 -0.07
N THR D 129 -45.51 43.26 -0.47
CA THR D 129 -45.79 43.63 -1.85
C THR D 129 -46.28 45.06 -2.01
N LEU D 130 -46.71 45.71 -0.93
CA LEU D 130 -46.96 47.14 -0.94
C LEU D 130 -45.93 47.94 -0.17
N TYR D 131 -45.22 47.31 0.76
CA TYR D 131 -44.25 47.98 1.61
C TYR D 131 -43.44 46.91 2.33
N PRO D 132 -42.22 47.25 2.80
CA PRO D 132 -41.42 46.27 3.54
C PRO D 132 -42.14 45.79 4.80
N ASP D 133 -41.65 44.66 5.33
CA ASP D 133 -42.33 43.94 6.39
C ASP D 133 -42.50 44.79 7.64
N GLY D 134 -43.75 45.10 7.98
CA GLY D 134 -44.05 45.79 9.22
C GLY D 134 -43.98 47.29 9.17
N HIS D 135 -43.99 47.89 7.98
CA HIS D 135 -43.91 49.34 7.83
C HIS D 135 -45.24 49.90 7.36
N ASP D 136 -45.39 51.21 7.52
CA ASP D 136 -46.56 51.91 7.02
C ASP D 136 -46.38 52.20 5.52
N PHE D 137 -47.51 52.33 4.83
CA PHE D 137 -47.47 52.57 3.39
C PHE D 137 -46.83 53.91 3.10
N ASN D 138 -45.84 53.91 2.19
CA ASN D 138 -45.13 55.14 1.84
C ASN D 138 -44.65 55.02 0.40
N ASP D 139 -45.50 55.42 -0.53
CA ASP D 139 -45.15 55.48 -1.95
C ASP D 139 -46.26 56.18 -2.72
N GLU D 140 -45.93 57.29 -3.38
CA GLU D 140 -46.92 58.01 -4.18
C GLU D 140 -47.03 57.48 -5.60
N VAL D 141 -45.91 57.02 -6.18
CA VAL D 141 -45.97 56.40 -7.51
C VAL D 141 -46.97 55.25 -7.50
N LEU D 142 -46.75 54.28 -6.61
CA LEU D 142 -47.64 53.13 -6.52
C LEU D 142 -49.06 53.55 -6.17
N ALA D 143 -49.21 54.56 -5.31
CA ALA D 143 -50.54 55.00 -4.90
C ALA D 143 -51.35 55.50 -6.11
N SER D 144 -50.68 56.13 -7.08
CA SER D 144 -51.39 56.62 -8.25
C SER D 144 -51.89 55.46 -9.11
N TYR D 145 -51.12 54.38 -9.21
CA TYR D 145 -51.57 53.21 -9.96
C TYR D 145 -52.82 52.61 -9.33
N ILE D 146 -52.80 52.40 -8.02
CA ILE D 146 -53.96 51.85 -7.32
C ILE D 146 -55.14 52.80 -7.41
N SER D 147 -54.87 54.11 -7.32
CA SER D 147 -55.93 55.10 -7.47
C SER D 147 -56.55 55.02 -8.85
N CYS D 148 -55.73 55.07 -9.90
CA CYS D 148 -56.23 54.98 -11.26
C CYS D 148 -56.92 53.65 -11.52
N LEU D 149 -56.44 52.58 -10.89
CA LEU D 149 -57.05 51.26 -11.07
C LEU D 149 -58.35 51.12 -10.29
N LEU D 150 -58.51 51.87 -9.21
CA LEU D 150 -59.74 51.82 -8.42
C LEU D 150 -60.92 52.37 -9.19
N LYS D 151 -60.68 53.12 -10.27
CA LYS D 151 -61.77 53.66 -11.07
C LYS D 151 -62.41 52.60 -11.95
N LYS D 152 -61.60 51.69 -12.50
CA LYS D 152 -62.07 50.74 -13.50
C LYS D 152 -62.43 49.37 -12.92
N MET D 153 -62.17 49.12 -11.65
CA MET D 153 -62.45 47.81 -11.06
C MET D 153 -62.50 47.96 -9.55
N ASN D 154 -62.83 46.85 -8.89
CA ASN D 154 -62.80 46.78 -7.43
C ASN D 154 -61.41 46.40 -6.96
N ILE D 155 -60.96 47.01 -5.87
CA ILE D 155 -59.64 46.79 -5.33
C ILE D 155 -59.76 46.47 -3.85
N ALA D 156 -59.22 45.33 -3.43
CA ALA D 156 -59.28 44.89 -2.04
C ALA D 156 -57.87 44.60 -1.55
N ILE D 157 -57.64 44.85 -0.26
CA ILE D 157 -56.37 44.58 0.39
C ILE D 157 -56.55 43.34 1.24
N VAL D 158 -55.96 42.23 0.80
CA VAL D 158 -56.05 40.94 1.50
C VAL D 158 -54.71 40.69 2.16
N THR D 159 -54.67 40.82 3.48
CA THR D 159 -53.45 40.59 4.25
C THR D 159 -53.77 39.72 5.44
N ALA D 160 -52.83 38.85 5.81
CA ALA D 160 -52.97 38.03 7.00
C ALA D 160 -52.77 38.82 8.29
N ALA D 161 -52.46 40.12 8.18
CA ALA D 161 -52.33 40.95 9.37
C ALA D 161 -53.64 40.99 10.13
N SER D 162 -53.55 40.85 11.45
CA SER D 162 -54.71 40.67 12.32
C SER D 162 -54.66 41.70 13.45
N TYR D 163 -55.46 42.75 13.32
CA TYR D 163 -55.60 43.76 14.37
C TYR D 163 -57.00 43.71 14.97
N ASN D 164 -57.51 42.50 15.18
CA ASN D 164 -58.88 42.26 15.58
C ASN D 164 -59.83 43.06 14.69
N ASN D 165 -60.59 44.00 15.24
CA ASN D 165 -61.60 44.72 14.44
C ASN D 165 -61.71 46.16 14.96
N ASP D 166 -60.66 46.95 14.70
CA ASP D 166 -60.70 48.40 14.85
C ASP D 166 -59.95 49.00 13.66
N ALA D 167 -60.68 49.71 12.80
CA ALA D 167 -60.11 50.23 11.56
C ALA D 167 -58.97 51.20 11.80
N GLU D 168 -58.83 51.74 13.02
CA GLU D 168 -57.75 52.68 13.29
C GLU D 168 -56.39 52.01 13.15
N LYS D 169 -56.27 50.75 13.57
CA LYS D 169 -55.01 50.03 13.45
C LYS D 169 -54.65 49.79 11.99
N TYR D 170 -55.64 49.41 11.18
CA TYR D 170 -55.37 49.13 9.77
C TYR D 170 -55.06 50.41 9.00
N GLN D 171 -55.60 51.54 9.43
CA GLN D 171 -55.34 52.80 8.75
C GLN D 171 -53.89 53.25 8.91
N LYS D 172 -53.28 52.97 10.06
CA LYS D 172 -51.87 53.30 10.24
C LYS D 172 -51.00 52.58 9.23
N ARG D 173 -51.43 51.40 8.77
CA ARG D 173 -50.69 50.69 7.73
C ARG D 173 -50.86 51.37 6.37
N LEU D 174 -52.04 51.93 6.11
CA LEU D 174 -52.42 52.45 4.80
C LEU D 174 -52.76 53.93 4.88
N GLU D 175 -52.06 54.68 5.72
CA GLU D 175 -52.39 56.09 5.91
C GLU D 175 -52.12 56.90 4.64
N ASN D 176 -50.91 56.79 4.11
CA ASN D 176 -50.55 57.60 2.94
C ASN D 176 -51.33 57.19 1.70
N LEU D 177 -51.78 55.94 1.63
CA LEU D 177 -52.60 55.53 0.49
C LEU D 177 -54.01 56.12 0.59
N LEU D 178 -54.55 56.21 1.81
CA LEU D 178 -55.89 56.75 1.98
C LEU D 178 -55.92 58.27 1.82
N LYS D 179 -54.85 58.96 2.21
CA LYS D 179 -54.81 60.40 1.98
C LYS D 179 -54.72 60.72 0.49
N TYR D 180 -54.09 59.84 -0.29
CA TYR D 180 -54.11 60.00 -1.74
C TYR D 180 -55.49 59.68 -2.31
N PHE D 181 -56.25 58.80 -1.65
CA PHE D 181 -57.60 58.52 -2.08
C PHE D 181 -58.53 59.71 -1.84
N SER D 182 -58.23 60.53 -0.83
CA SER D 182 -59.06 61.70 -0.57
C SER D 182 -58.88 62.75 -1.66
N LYS D 183 -57.66 62.89 -2.20
CA LYS D 183 -57.39 63.93 -3.16
C LYS D 183 -57.88 63.59 -4.57
N HIS D 184 -58.10 62.31 -4.87
CA HIS D 184 -58.46 61.89 -6.22
C HIS D 184 -59.63 60.92 -6.30
N ASN D 185 -59.94 60.15 -5.26
CA ASN D 185 -60.90 59.07 -5.36
C ASN D 185 -62.20 59.34 -4.60
N ILE D 186 -62.47 60.60 -4.27
CA ILE D 186 -63.67 60.95 -3.53
C ILE D 186 -64.65 61.79 -4.36
N LYS D 187 -64.15 62.58 -5.32
CA LYS D 187 -65.04 63.31 -6.21
C LYS D 187 -65.99 62.37 -6.96
N ASP D 188 -65.57 61.13 -7.20
CA ASP D 188 -66.41 60.09 -7.74
C ASP D 188 -66.74 59.09 -6.64
N GLY D 189 -67.29 57.94 -7.02
CA GLY D 189 -67.68 56.94 -6.05
C GLY D 189 -66.73 55.76 -5.97
N SER D 190 -65.46 55.99 -6.31
CA SER D 190 -64.50 54.90 -6.37
C SER D 190 -64.18 54.33 -4.99
N TYR D 191 -64.20 55.17 -3.96
CA TYR D 191 -63.86 54.69 -2.61
C TYR D 191 -64.85 53.66 -2.10
N LYS D 192 -66.08 53.63 -2.64
CA LYS D 192 -67.03 52.59 -2.31
C LYS D 192 -66.70 51.24 -2.94
N ASN D 193 -65.63 51.18 -3.74
CA ASN D 193 -65.19 49.93 -4.35
C ASN D 193 -63.88 49.44 -3.76
N PHE D 194 -63.47 49.97 -2.61
CA PHE D 194 -62.22 49.60 -1.95
C PHE D 194 -62.51 48.79 -0.70
N TYR D 195 -61.71 47.74 -0.47
CA TYR D 195 -61.90 46.85 0.66
C TYR D 195 -60.56 46.52 1.28
N VAL D 196 -60.60 46.15 2.57
CA VAL D 196 -59.44 45.67 3.29
C VAL D 196 -59.88 44.47 4.12
N MET D 197 -59.31 43.30 3.85
CA MET D 197 -59.66 42.07 4.55
C MET D 197 -58.63 41.81 5.65
N GLY D 198 -59.08 41.89 6.90
CA GLY D 198 -58.19 41.66 8.02
C GLY D 198 -58.07 40.17 8.33
N GLY D 199 -56.86 39.77 8.72
CA GLY D 199 -56.60 38.39 9.13
C GLY D 199 -56.96 37.35 8.10
N GLU D 200 -56.44 37.51 6.88
CA GLU D 200 -56.64 36.57 5.78
C GLU D 200 -58.11 36.46 5.36
N SER D 201 -58.99 36.12 6.30
CA SER D 201 -60.42 36.01 5.98
C SER D 201 -61.28 36.04 7.24
N ASN D 202 -61.03 37.00 8.12
CA ASN D 202 -61.76 37.05 9.38
C ASN D 202 -62.38 38.41 9.64
N TYR D 203 -61.80 39.46 9.06
CA TYR D 203 -62.26 40.82 9.25
C TYR D 203 -62.36 41.54 7.92
N LEU D 204 -63.44 42.29 7.74
CA LEU D 204 -63.70 43.02 6.51
C LEU D 204 -63.84 44.51 6.81
N PHE D 205 -63.22 45.34 5.96
CA PHE D 205 -63.28 46.78 6.12
C PHE D 205 -63.52 47.43 4.76
N LYS D 206 -64.25 48.53 4.79
CA LYS D 206 -64.56 49.33 3.60
C LYS D 206 -64.07 50.75 3.82
N CYS D 207 -63.94 51.49 2.73
CA CYS D 207 -63.53 52.88 2.81
C CYS D 207 -64.75 53.78 2.97
N ASN D 208 -64.49 55.02 3.36
CA ASN D 208 -65.55 55.95 3.73
C ASN D 208 -65.25 57.31 3.12
N GLU D 209 -66.30 58.13 3.00
CA GLU D 209 -66.23 59.44 2.35
C GLU D 209 -65.13 60.33 2.91
N GLU D 210 -64.69 60.10 4.15
CA GLU D 210 -63.66 60.91 4.78
C GLU D 210 -62.25 60.38 4.49
N ALA D 211 -62.14 59.41 3.59
CA ALA D 211 -60.89 58.66 3.38
C ALA D 211 -60.43 58.02 4.69
N THR D 212 -61.32 57.20 5.23
CA THR D 212 -61.12 56.54 6.51
C THR D 212 -61.78 55.16 6.44
N LEU D 213 -61.15 54.19 7.09
CA LEU D 213 -61.71 52.84 7.10
C LEU D 213 -62.76 52.70 8.19
N TYR D 214 -63.73 51.82 7.94
CA TYR D 214 -64.69 51.40 8.96
C TYR D 214 -64.95 49.91 8.79
N SER D 215 -65.39 49.29 9.87
CA SER D 215 -65.67 47.86 9.84
C SER D 215 -67.07 47.62 9.30
N VAL D 216 -67.15 46.79 8.26
CA VAL D 216 -68.44 46.41 7.67
C VAL D 216 -69.25 45.65 8.70
N PRO D 217 -70.57 45.84 8.79
CA PRO D 217 -71.38 45.06 9.73
C PRO D 217 -71.18 43.57 9.54
N GLU D 218 -71.02 42.86 10.66
CA GLU D 218 -70.78 41.42 10.61
C GLU D 218 -71.88 40.70 9.85
N ASN D 219 -73.12 41.17 9.96
CA ASN D 219 -74.23 40.50 9.28
C ASN D 219 -74.13 40.64 7.76
N GLU D 220 -73.43 41.67 7.28
CA GLU D 220 -73.42 41.94 5.84
C GLU D 220 -72.64 40.88 5.06
N TRP D 221 -71.69 40.21 5.70
CA TRP D 221 -70.81 39.28 4.97
C TRP D 221 -70.56 37.97 5.68
N ARG D 222 -71.17 37.71 6.84
CA ARG D 222 -70.79 36.54 7.63
C ARG D 222 -71.29 35.23 7.05
N HIS D 223 -72.35 35.26 6.22
CA HIS D 223 -72.92 33.99 5.77
C HIS D 223 -72.01 33.26 4.79
N TYR D 224 -71.11 33.98 4.12
CA TYR D 224 -70.18 33.31 3.20
C TYR D 224 -69.04 32.64 3.94
N LYS D 225 -68.62 33.19 5.07
CA LYS D 225 -67.63 32.57 5.92
C LYS D 225 -68.10 31.20 6.40
N LYS D 226 -67.43 30.13 5.96
CA LYS D 226 -67.73 28.80 6.46
C LYS D 226 -67.57 28.79 7.97
N PHE D 227 -68.66 28.57 8.69
CA PHE D 227 -68.65 28.75 10.14
C PHE D 227 -67.68 27.79 10.81
N VAL D 228 -66.95 28.31 11.80
CA VAL D 228 -66.06 27.51 12.63
C VAL D 228 -66.28 27.96 14.08
N ASP D 229 -66.63 27.02 14.95
CA ASP D 229 -67.04 27.36 16.30
C ASP D 229 -65.84 27.63 17.20
N TYR D 230 -66.14 28.19 18.38
CA TYR D 230 -65.09 28.54 19.34
C TYR D 230 -64.25 27.34 19.73
N ASP D 231 -64.84 26.14 19.75
CA ASP D 231 -64.09 24.96 20.14
C ASP D 231 -63.10 24.55 19.07
N THR D 232 -63.50 24.61 17.79
CA THR D 232 -62.61 24.19 16.72
C THR D 232 -61.52 25.22 16.45
N VAL D 233 -61.84 26.51 16.59
CA VAL D 233 -60.82 27.55 16.49
C VAL D 233 -59.78 27.36 17.58
N GLN D 234 -60.22 27.06 18.80
CA GLN D 234 -59.29 26.92 19.91
C GLN D 234 -58.50 25.63 19.85
N GLU D 235 -59.00 24.59 19.17
CA GLU D 235 -58.21 23.39 18.99
C GLU D 235 -57.03 23.65 18.07
N ILE D 236 -57.24 24.41 17.00
CA ILE D 236 -56.16 24.73 16.07
C ILE D 236 -55.10 25.57 16.77
N LEU D 237 -55.53 26.58 17.52
CA LEU D 237 -54.59 27.42 18.26
C LEU D 237 -53.78 26.61 19.25
N ASN D 238 -54.42 25.70 19.98
CA ASN D 238 -53.72 24.92 20.99
C ASN D 238 -52.76 23.92 20.34
N ILE D 239 -53.22 23.21 19.32
CA ILE D 239 -52.35 22.26 18.63
C ILE D 239 -51.12 22.97 18.07
N SER D 240 -51.32 24.16 17.50
CA SER D 240 -50.19 24.94 17.04
C SER D 240 -49.30 25.36 18.21
N GLU D 241 -49.89 26.01 19.22
CA GLU D 241 -49.12 26.52 20.36
C GLU D 241 -48.22 25.46 20.96
N LYS D 242 -48.70 24.21 21.03
CA LYS D 242 -47.88 23.13 21.55
C LYS D 242 -46.68 22.86 20.64
N CYS D 243 -46.89 22.94 19.32
CA CYS D 243 -45.79 22.71 18.38
C CYS D 243 -44.71 23.77 18.51
N LEU D 244 -45.11 25.05 18.54
CA LEU D 244 -44.11 26.12 18.66
C LEU D 244 -43.31 26.00 19.94
N GLU D 245 -43.96 25.60 21.05
CA GLU D 245 -43.25 25.51 22.31
C GLU D 245 -42.19 24.42 22.28
N LYS D 246 -42.37 23.40 21.45
CA LYS D 246 -41.30 22.44 21.21
C LYS D 246 -40.29 22.98 20.21
N VAL D 247 -40.77 23.69 19.17
CA VAL D 247 -39.86 24.27 18.18
C VAL D 247 -38.87 25.22 18.85
N ILE D 248 -39.33 25.95 19.88
CA ILE D 248 -38.43 26.82 20.62
C ILE D 248 -37.40 25.99 21.37
N LYS D 249 -37.82 24.89 21.98
CA LYS D 249 -36.91 24.09 22.79
C LYS D 249 -35.86 23.40 21.94
N ASP D 250 -36.30 22.70 20.88
CA ASP D 250 -35.38 21.88 20.10
C ASP D 250 -34.24 22.70 19.50
N PHE D 251 -34.52 23.92 19.07
CA PHE D 251 -33.51 24.77 18.45
C PHE D 251 -33.06 25.91 19.35
N GLY D 252 -33.43 25.89 20.63
CA GLY D 252 -32.98 26.94 21.54
C GLY D 252 -33.35 28.33 21.08
N LEU D 253 -34.54 28.47 20.52
CA LEU D 253 -34.95 29.71 19.87
C LEU D 253 -35.02 30.86 20.87
N CYS D 254 -34.55 32.04 20.42
CA CYS D 254 -34.80 33.29 21.11
C CYS D 254 -36.02 33.93 20.46
N ALA D 255 -37.18 33.41 20.82
CA ALA D 255 -38.44 33.86 20.23
C ALA D 255 -39.56 33.69 21.24
N GLN D 256 -40.74 34.21 20.90
CA GLN D 256 -41.89 34.16 21.79
C GLN D 256 -43.12 33.75 20.98
N ILE D 257 -44.15 33.32 21.70
CA ILE D 257 -45.43 32.95 21.11
C ILE D 257 -46.44 34.06 21.42
N GLN D 258 -47.21 34.45 20.41
CA GLN D 258 -48.22 35.49 20.55
C GLN D 258 -49.58 34.91 20.18
N ARG D 259 -50.54 35.03 21.09
CA ARG D 259 -51.88 34.45 20.92
C ARG D 259 -52.89 35.56 20.69
N LYS D 260 -53.74 35.38 19.69
CA LYS D 260 -54.92 36.21 19.48
C LYS D 260 -56.12 35.33 19.24
N GLU D 261 -57.31 35.93 19.28
CA GLU D 261 -58.51 35.20 18.90
C GLU D 261 -58.48 34.93 17.41
N LYS D 262 -58.47 33.64 17.04
CA LYS D 262 -58.41 33.11 15.68
C LYS D 262 -57.01 33.15 15.06
N SER D 263 -55.95 33.38 15.83
CA SER D 263 -54.62 33.47 15.25
C SER D 263 -53.56 33.32 16.33
N ILE D 264 -52.41 32.76 15.93
CA ILE D 264 -51.27 32.58 16.82
C ILE D 264 -50.01 32.59 15.97
N GLY D 265 -48.90 33.01 16.57
CA GLY D 265 -47.67 33.12 15.80
C GLY D 265 -46.41 33.14 16.64
N LEU D 266 -45.29 33.00 15.95
CA LEU D 266 -43.96 32.93 16.55
C LEU D 266 -43.18 34.17 16.15
N VAL D 267 -42.84 35.01 17.13
CA VAL D 267 -42.19 36.28 16.88
C VAL D 267 -40.85 36.33 17.61
N PRO D 268 -39.79 36.89 17.02
CA PRO D 268 -38.52 37.00 17.72
C PRO D 268 -38.54 38.09 18.79
N ASN D 269 -37.68 37.93 19.78
CA ASN D 269 -37.54 38.93 20.83
C ASN D 269 -36.93 40.21 20.28
N LYS D 270 -37.32 41.33 20.89
CA LYS D 270 -36.88 42.64 20.42
C LYS D 270 -35.41 42.87 20.79
N ILE D 271 -34.64 43.35 19.82
CA ILE D 271 -33.24 43.69 20.02
C ILE D 271 -32.75 44.57 18.88
N ASN D 282 -35.47 41.57 17.65
CA ASN D 282 -35.22 41.50 16.21
C ASN D 282 -34.10 40.52 15.92
N TYR D 283 -33.74 39.71 16.91
CA TYR D 283 -32.73 38.68 16.72
C TYR D 283 -33.20 37.72 15.63
N MET D 284 -32.37 37.56 14.60
CA MET D 284 -32.76 36.77 13.43
C MET D 284 -33.06 35.33 13.83
N ILE D 285 -34.03 34.74 13.13
CA ILE D 285 -34.49 33.39 13.38
C ILE D 285 -34.37 32.60 12.08
N LYS D 286 -33.80 31.41 12.15
CA LYS D 286 -33.40 30.68 10.96
C LYS D 286 -34.59 30.39 10.05
N TYR D 287 -34.42 30.67 8.76
CA TYR D 287 -35.46 30.41 7.77
C TYR D 287 -35.78 28.92 7.68
N GLU D 288 -34.78 28.06 7.89
CA GLU D 288 -35.01 26.62 7.79
C GLU D 288 -35.92 26.13 8.91
N VAL D 289 -35.73 26.65 10.12
CA VAL D 289 -36.59 26.27 11.24
C VAL D 289 -38.02 26.75 11.01
N LEU D 290 -38.18 27.92 10.40
CA LEU D 290 -39.51 28.42 10.07
C LEU D 290 -40.21 27.48 9.09
N GLU D 291 -39.52 27.07 8.03
CA GLU D 291 -40.11 26.12 7.10
C GLU D 291 -40.40 24.79 7.75
N GLU D 292 -39.64 24.43 8.79
CA GLU D 292 -39.93 23.21 9.54
C GLU D 292 -41.18 23.37 10.39
N ALA D 293 -41.34 24.52 11.04
CA ALA D 293 -42.49 24.73 11.91
C ALA D 293 -43.80 24.66 11.12
N VAL D 294 -43.78 25.08 9.85
CA VAL D 294 -44.96 24.94 9.00
C VAL D 294 -45.34 23.47 8.86
N ILE D 295 -44.37 22.64 8.44
CA ILE D 295 -44.66 21.23 8.17
C ILE D 295 -44.95 20.48 9.48
N ARG D 296 -44.35 20.92 10.58
CA ARG D 296 -44.69 20.32 11.88
C ARG D 296 -46.14 20.58 12.24
N ILE D 297 -46.59 21.82 12.08
CA ILE D 297 -47.96 22.17 12.42
C ILE D 297 -48.94 21.52 11.45
N LYS D 298 -48.68 21.66 10.15
CA LYS D 298 -49.60 21.11 9.15
C LYS D 298 -49.80 19.61 9.35
N LYS D 299 -48.71 18.87 9.60
CA LYS D 299 -48.83 17.43 9.80
C LYS D 299 -49.59 17.10 11.08
N GLU D 300 -49.55 18.01 12.07
CA GLU D 300 -50.28 17.81 13.31
C GLU D 300 -51.76 18.12 13.15
N ILE D 301 -52.08 19.22 12.46
CA ILE D 301 -53.47 19.58 12.23
C ILE D 301 -54.20 18.47 11.48
N ILE D 302 -53.54 17.90 10.46
CA ILE D 302 -54.16 16.83 9.70
C ILE D 302 -54.22 15.54 10.53
N LYS D 303 -53.31 15.39 11.50
CA LYS D 303 -53.35 14.22 12.37
C LYS D 303 -54.55 14.26 13.31
N ASN D 304 -55.02 15.46 13.67
CA ASN D 304 -56.18 15.60 14.54
C ASN D 304 -57.49 15.76 13.77
N LYS D 305 -57.49 15.44 12.48
CA LYS D 305 -58.71 15.44 11.65
C LYS D 305 -59.40 16.80 11.64
N ILE D 306 -58.64 17.88 11.77
CA ILE D 306 -59.21 19.23 11.66
C ILE D 306 -59.46 19.52 10.19
N THR D 307 -60.65 20.00 9.88
CA THR D 307 -61.03 20.32 8.52
C THR D 307 -61.39 21.79 8.32
N ALA D 308 -61.34 22.60 9.37
CA ALA D 308 -61.68 24.01 9.24
C ALA D 308 -60.65 24.73 8.36
N PRO D 309 -61.05 25.81 7.71
CA PRO D 309 -60.09 26.59 6.93
C PRO D 309 -59.05 27.27 7.81
N TYR D 310 -57.82 26.79 7.76
CA TYR D 310 -56.70 27.36 8.50
C TYR D 310 -55.58 27.72 7.53
N CYS D 311 -54.47 28.21 8.08
CA CYS D 311 -53.29 28.50 7.28
C CYS D 311 -52.10 28.69 8.20
N ALA D 312 -51.08 27.86 8.04
CA ALA D 312 -49.79 28.05 8.69
C ALA D 312 -48.79 28.46 7.61
N PHE D 313 -48.32 29.70 7.69
CA PHE D 313 -47.46 30.26 6.65
C PHE D 313 -46.16 30.78 7.25
N ASN D 314 -45.13 30.78 6.40
CA ASN D 314 -43.78 31.19 6.80
C ASN D 314 -43.51 32.58 6.22
N GLY D 315 -43.62 33.60 7.07
CA GLY D 315 -43.25 34.93 6.67
C GLY D 315 -41.75 35.10 6.60
N GLY D 316 -41.32 36.34 6.41
CA GLY D 316 -39.91 36.63 6.34
C GLY D 316 -39.18 36.30 7.63
N GLN D 317 -39.57 36.96 8.72
CA GLN D 317 -38.89 36.82 10.00
C GLN D 317 -39.77 36.19 11.08
N ASP D 318 -40.90 35.61 10.72
CA ASP D 318 -41.81 35.09 11.73
C ASP D 318 -42.72 34.03 11.11
N LEU D 319 -43.44 33.34 11.99
CA LEU D 319 -44.38 32.29 11.62
C LEU D 319 -45.73 32.61 12.22
N TRP D 320 -46.80 32.29 11.49
CA TRP D 320 -48.15 32.56 11.97
C TRP D 320 -49.12 31.50 11.48
N VAL D 321 -50.08 31.16 12.35
CA VAL D 321 -51.20 30.29 12.02
C VAL D 321 -52.48 31.08 12.17
N ASP D 322 -53.31 31.07 11.14
CA ASP D 322 -54.54 31.85 11.12
C ASP D 322 -55.72 30.95 10.80
N VAL D 323 -56.81 31.09 11.56
CA VAL D 323 -58.05 30.38 11.28
C VAL D 323 -58.71 31.09 10.11
N GLY D 324 -58.59 30.53 8.92
CA GLY D 324 -58.92 31.20 7.68
C GLY D 324 -57.70 31.33 6.78
N ASN D 325 -57.98 31.68 5.53
CA ASN D 325 -56.93 31.83 4.54
C ASN D 325 -57.39 32.79 3.45
N LYS D 326 -56.43 33.22 2.63
CA LYS D 326 -56.71 34.19 1.58
C LYS D 326 -57.55 33.59 0.45
N ALA D 327 -57.52 32.28 0.27
CA ALA D 327 -58.38 31.65 -0.74
C ALA D 327 -59.84 31.82 -0.37
N GLU D 328 -60.21 31.46 0.85
CA GLU D 328 -61.57 31.68 1.32
C GLU D 328 -61.90 33.17 1.39
N GLY D 329 -60.90 34.00 1.70
CA GLY D 329 -61.14 35.43 1.72
C GLY D 329 -61.51 35.99 0.36
N LEU D 330 -60.85 35.50 -0.70
CA LEU D 330 -61.25 35.89 -2.04
C LEU D 330 -62.64 35.38 -2.38
N LEU D 331 -62.98 34.17 -1.91
CA LEU D 331 -64.32 33.64 -2.16
C LEU D 331 -65.38 34.50 -1.50
N ILE D 332 -65.08 35.04 -0.31
CA ILE D 332 -66.02 35.93 0.36
C ILE D 332 -66.29 37.17 -0.48
N LEU D 333 -65.23 37.76 -1.03
CA LEU D 333 -65.39 38.96 -1.84
C LEU D 333 -66.04 38.65 -3.18
N GLN D 334 -65.73 37.50 -3.77
CA GLN D 334 -66.34 37.12 -5.04
C GLN D 334 -67.84 36.88 -4.88
N LYS D 335 -68.25 36.27 -3.75
CA LYS D 335 -69.67 36.12 -3.49
C LYS D 335 -70.30 37.44 -3.07
N LEU D 336 -69.52 38.33 -2.46
CA LEU D 336 -70.05 39.63 -2.05
C LEU D 336 -70.35 40.51 -3.25
N LEU D 337 -69.37 40.69 -4.13
CA LEU D 337 -69.51 41.57 -5.29
C LEU D 337 -69.97 40.81 -6.54
N LYS D 338 -70.38 39.55 -6.39
CA LYS D 338 -70.91 38.74 -7.49
C LYS D 338 -69.93 38.71 -8.66
N ILE D 339 -68.65 38.53 -8.35
CA ILE D 339 -67.57 38.51 -9.33
C ILE D 339 -67.25 37.07 -9.69
N GLN D 340 -67.03 36.82 -10.98
CA GLN D 340 -66.70 35.49 -11.44
C GLN D 340 -65.22 35.20 -11.18
N LYS D 341 -64.88 33.91 -11.21
CA LYS D 341 -63.51 33.50 -10.94
C LYS D 341 -62.56 33.98 -12.03
N LYS D 342 -62.97 33.91 -13.29
CA LYS D 342 -62.14 34.30 -14.41
C LYS D 342 -61.88 35.80 -14.49
N LYS D 343 -62.49 36.61 -13.61
CA LYS D 343 -62.29 38.05 -13.60
C LYS D 343 -61.61 38.51 -12.31
N CYS D 344 -60.83 37.64 -11.68
CA CYS D 344 -60.18 37.96 -10.41
C CYS D 344 -58.66 37.85 -10.57
N CYS D 345 -57.94 38.62 -9.76
CA CYS D 345 -56.49 38.64 -9.81
C CYS D 345 -55.95 39.00 -8.43
N HIS D 346 -54.82 38.39 -8.07
CA HIS D 346 -54.21 38.59 -6.77
C HIS D 346 -52.70 38.75 -6.92
N ILE D 347 -52.12 39.66 -6.15
CA ILE D 347 -50.70 39.95 -6.19
C ILE D 347 -50.13 39.68 -4.80
N GLY D 348 -49.15 38.77 -4.73
CA GLY D 348 -48.56 38.39 -3.46
C GLY D 348 -47.11 38.01 -3.62
N ASP D 349 -46.44 37.83 -2.48
CA ASP D 349 -45.01 37.53 -2.46
C ASP D 349 -44.68 36.08 -2.12
N GLN D 350 -45.48 35.42 -1.29
CA GLN D 350 -45.19 34.05 -0.88
C GLN D 350 -46.17 33.11 -1.57
N PHE D 351 -45.77 32.61 -2.75
CA PHE D 351 -46.50 31.56 -3.44
C PHE D 351 -45.82 30.21 -3.32
N LEU D 352 -44.89 30.08 -2.38
CA LEU D 352 -44.38 28.77 -2.02
C LEU D 352 -45.50 27.96 -1.35
N HIS D 353 -45.31 26.64 -1.30
CA HIS D 353 -46.30 25.78 -0.67
C HIS D 353 -46.53 26.13 0.80
N SER D 354 -45.58 26.79 1.44
CA SER D 354 -45.74 27.25 2.81
C SER D 354 -45.93 28.76 2.85
N GLY D 355 -46.76 29.28 1.96
CA GLY D 355 -47.06 30.71 1.94
C GLY D 355 -48.54 30.95 1.88
N ASN D 356 -48.99 32.01 2.56
CA ASN D 356 -50.42 32.25 2.70
C ASN D 356 -51.08 32.72 1.40
N ASP D 357 -50.30 32.99 0.36
CA ASP D 357 -50.84 33.41 -0.93
C ASP D 357 -50.96 32.27 -1.94
N PHE D 358 -50.37 31.11 -1.64
CA PHE D 358 -50.49 29.97 -2.55
C PHE D 358 -51.92 29.52 -2.80
N PRO D 359 -52.82 29.43 -1.82
CA PRO D 359 -54.16 28.89 -2.09
C PRO D 359 -55.00 29.75 -3.03
N THR D 360 -54.54 30.94 -3.39
CA THR D 360 -55.30 31.76 -4.33
C THR D 360 -55.31 31.19 -5.74
N ARG D 361 -54.34 30.33 -6.07
CA ARG D 361 -54.31 29.68 -7.38
C ARG D 361 -55.60 28.95 -7.69
N PHE D 362 -56.32 28.51 -6.65
CA PHE D 362 -57.50 27.67 -6.83
C PHE D 362 -58.76 28.46 -7.12
N CYS D 363 -58.72 29.80 -7.02
CA CYS D 363 -59.92 30.59 -7.22
C CYS D 363 -59.65 31.95 -7.86
N SER D 364 -58.47 32.17 -8.43
CA SER D 364 -58.14 33.47 -9.01
C SER D 364 -56.89 33.35 -9.87
N LEU D 365 -56.67 34.37 -10.69
CA LEU D 365 -55.40 34.53 -11.37
C LEU D 365 -54.40 35.22 -10.44
N THR D 366 -53.12 34.91 -10.65
CA THR D 366 -52.11 35.32 -9.69
C THR D 366 -50.91 35.92 -10.38
N LEU D 367 -50.32 36.94 -9.74
CA LEU D 367 -49.06 37.53 -10.16
C LEU D 367 -48.07 37.36 -9.01
N TRP D 368 -46.98 36.64 -9.26
CA TRP D 368 -46.00 36.30 -8.24
C TRP D 368 -44.90 37.36 -8.26
N VAL D 369 -44.85 38.19 -7.21
CA VAL D 369 -43.86 39.26 -7.13
C VAL D 369 -42.99 39.04 -5.89
N SER D 370 -41.99 39.89 -5.71
CA SER D 370 -41.08 39.78 -4.57
C SER D 370 -40.79 41.10 -3.89
N ASN D 371 -41.19 42.24 -4.46
CA ASN D 371 -40.91 43.55 -3.89
C ASN D 371 -41.93 44.54 -4.42
N PRO D 372 -42.15 45.65 -3.72
CA PRO D 372 -43.08 46.68 -4.24
C PRO D 372 -42.67 47.24 -5.59
N GLN D 373 -41.38 47.23 -5.93
CA GLN D 373 -40.97 47.69 -7.25
C GLN D 373 -41.48 46.77 -8.34
N GLU D 374 -41.56 45.46 -8.08
CA GLU D 374 -42.08 44.54 -9.07
C GLU D 374 -43.58 44.67 -9.24
N THR D 375 -44.29 45.10 -8.19
CA THR D 375 -45.73 45.28 -8.29
C THR D 375 -46.08 46.46 -9.20
N LYS D 376 -45.29 47.54 -9.15
CA LYS D 376 -45.51 48.66 -10.06
C LYS D 376 -45.36 48.23 -11.51
N ALA D 377 -44.38 47.36 -11.79
CA ALA D 377 -44.24 46.83 -13.14
C ALA D 377 -45.47 46.03 -13.56
N CYS D 378 -46.11 45.34 -12.60
CA CYS D 378 -47.35 44.64 -12.91
C CYS D 378 -48.48 45.61 -13.18
N LEU D 379 -48.65 46.62 -12.32
CA LEU D 379 -49.75 47.56 -12.47
C LEU D 379 -49.58 48.43 -13.70
N LYS D 380 -48.34 48.84 -14.00
CA LYS D 380 -48.11 49.61 -15.22
C LYS D 380 -48.40 48.78 -16.46
N SER D 381 -48.02 47.50 -16.45
CA SER D 381 -48.37 46.61 -17.56
C SER D 381 -49.87 46.36 -17.61
N ILE D 382 -50.54 46.37 -16.45
CA ILE D 382 -51.98 46.13 -16.43
C ILE D 382 -52.73 47.36 -16.95
N MET D 383 -52.31 48.56 -16.54
CA MET D 383 -52.97 49.78 -17.01
C MET D 383 -52.82 49.98 -18.50
N HIS D 384 -51.71 49.51 -19.08
CA HIS D 384 -51.43 49.73 -20.50
C HIS D 384 -51.96 48.54 -21.31
N LEU D 385 -53.29 48.48 -21.39
CA LEU D 385 -53.96 47.43 -22.15
C LEU D 385 -55.06 48.01 -23.03
N GLN E 1 24.56 7.22 -13.20
CA GLN E 1 24.15 7.06 -11.80
C GLN E 1 22.66 6.76 -11.72
N TRP E 2 22.26 6.03 -10.68
CA TRP E 2 20.87 5.64 -10.50
C TRP E 2 20.57 5.54 -9.01
N ASN E 3 19.42 4.95 -8.68
CA ASN E 3 18.97 4.86 -7.30
C ASN E 3 19.82 3.88 -6.51
N SER E 4 20.03 4.19 -5.24
CA SER E 4 20.89 3.39 -4.38
C SER E 4 20.23 2.06 -4.02
N ARG E 5 21.06 1.13 -3.53
CA ARG E 5 20.61 -0.17 -3.08
C ARG E 5 20.86 -0.32 -1.59
N TYR E 6 19.99 -1.09 -0.93
CA TYR E 6 20.06 -1.29 0.51
C TYR E 6 19.63 -2.72 0.83
N SER E 7 20.09 -3.22 1.96
CA SER E 7 19.67 -4.53 2.45
C SER E 7 20.02 -4.63 3.93
N TYR E 8 19.54 -5.71 4.54
CA TYR E 8 19.92 -5.99 5.93
C TYR E 8 21.41 -6.32 6.03
N ASN E 9 21.98 -6.89 4.97
CA ASN E 9 23.39 -7.22 4.98
C ASN E 9 24.25 -5.97 4.82
N GLN E 10 23.72 -4.94 4.17
CA GLN E 10 24.52 -3.75 3.87
C GLN E 10 24.76 -2.92 5.13
N LEU E 11 23.72 -2.69 5.93
CA LEU E 11 23.86 -1.84 7.11
C LEU E 11 24.65 -2.53 8.21
N LYS E 12 24.64 -3.86 8.26
CA LYS E 12 25.22 -4.60 9.38
C LYS E 12 26.72 -4.80 9.26
N ASN E 13 27.31 -4.57 8.09
CA ASN E 13 28.72 -4.92 7.86
C ASN E 13 29.59 -3.71 7.57
N LYS E 14 29.18 -2.51 7.99
CA LYS E 14 29.97 -1.29 7.81
C LYS E 14 30.34 -1.07 6.35
N ASP E 15 31.63 -1.16 6.05
CA ASP E 15 32.15 -0.97 4.70
C ASP E 15 32.72 -2.29 4.18
N SER E 16 32.39 -2.61 2.93
CA SER E 16 32.84 -3.88 2.35
C SER E 16 34.32 -3.83 1.96
N LEU E 17 34.74 -2.73 1.34
CA LEU E 17 36.13 -2.62 0.90
C LEU E 17 37.09 -2.59 2.09
N ILE E 18 36.68 -1.95 3.19
CA ILE E 18 37.55 -1.84 4.35
C ILE E 18 37.69 -3.20 5.03
N MET E 19 36.57 -3.88 5.26
CA MET E 19 36.62 -5.20 5.89
C MET E 19 37.32 -6.22 5.00
N PHE E 20 37.32 -5.99 3.68
CA PHE E 20 38.13 -6.80 2.77
C PHE E 20 39.61 -6.74 3.19
N LEU E 21 40.09 -5.55 3.53
CA LEU E 21 41.48 -5.38 3.91
C LEU E 21 41.72 -5.81 5.35
N VAL E 22 40.76 -5.54 6.25
CA VAL E 22 40.91 -5.89 7.65
C VAL E 22 41.13 -7.38 7.81
N GLU E 23 40.31 -8.19 7.14
CA GLU E 23 40.42 -9.64 7.25
C GLU E 23 41.78 -10.13 6.74
N ILE E 24 42.31 -9.50 5.70
CA ILE E 24 43.64 -9.85 5.21
C ILE E 24 44.70 -9.45 6.22
N PHE E 25 44.63 -8.20 6.72
CA PHE E 25 45.56 -7.77 7.75
C PHE E 25 45.42 -8.56 9.03
N ARG E 26 44.19 -8.97 9.37
CA ARG E 26 44.01 -9.83 10.54
C ARG E 26 44.68 -11.19 10.34
N SER E 27 44.51 -11.78 9.16
CA SER E 27 45.14 -13.08 8.90
C SER E 27 46.65 -12.95 8.81
N LEU E 28 47.15 -11.89 8.15
CA LEU E 28 48.58 -11.63 8.17
C LEU E 28 49.07 -11.39 9.59
N PHE E 29 48.25 -10.77 10.44
CA PHE E 29 48.62 -10.61 11.84
C PHE E 29 48.72 -11.94 12.55
N VAL E 30 47.69 -12.78 12.42
CA VAL E 30 47.67 -14.05 13.13
C VAL E 30 48.77 -14.97 12.65
N SER E 31 49.10 -14.91 11.34
CA SER E 31 50.22 -15.69 10.82
C SER E 31 51.57 -15.16 11.27
N ASN E 32 51.62 -14.03 11.97
CA ASN E 32 52.84 -13.50 12.56
C ASN E 32 53.87 -13.13 11.50
N CYS E 33 53.42 -12.45 10.44
CA CYS E 33 54.31 -11.97 9.39
C CYS E 33 54.04 -10.52 9.00
N ILE E 34 53.15 -9.82 9.72
CA ILE E 34 52.85 -8.43 9.40
C ILE E 34 54.10 -7.56 9.48
N ASP E 35 54.94 -7.80 10.49
CA ASP E 35 56.13 -6.96 10.66
C ASP E 35 57.24 -7.29 9.68
N LYS E 36 57.19 -8.44 9.00
CA LYS E 36 58.16 -8.76 7.98
C LYS E 36 57.81 -8.00 6.69
N ASN E 37 58.50 -8.32 5.60
CA ASN E 37 58.30 -7.64 4.32
C ASN E 37 57.11 -8.27 3.62
N ILE E 38 55.95 -7.62 3.71
CA ILE E 38 54.72 -8.13 3.13
C ILE E 38 54.40 -7.40 1.83
N ASP E 39 55.43 -6.94 1.13
CA ASP E 39 55.20 -6.26 -0.14
C ASP E 39 54.57 -7.19 -1.17
N ASN E 40 54.80 -8.50 -1.05
CA ASN E 40 54.17 -9.43 -1.98
C ASN E 40 52.66 -9.44 -1.84
N VAL E 41 52.15 -9.27 -0.62
CA VAL E 41 50.72 -9.24 -0.41
C VAL E 41 50.13 -7.89 -0.83
N LEU E 42 50.79 -6.80 -0.42
CA LEU E 42 50.25 -5.47 -0.70
C LEU E 42 50.26 -5.17 -2.20
N LEU E 43 51.33 -5.52 -2.90
CA LEU E 43 51.37 -5.30 -4.35
C LEU E 43 50.36 -6.15 -5.09
N SER E 44 50.09 -7.38 -4.61
CA SER E 44 49.12 -8.23 -5.26
C SER E 44 47.71 -7.67 -5.09
N ILE E 45 47.41 -7.08 -3.93
CA ILE E 45 46.14 -6.39 -3.76
C ILE E 45 46.09 -5.15 -4.64
N GLU E 46 47.22 -4.45 -4.77
CA GLU E 46 47.30 -3.34 -5.70
C GLU E 46 47.07 -3.80 -7.13
N GLU E 47 47.51 -5.02 -7.46
CA GLU E 47 47.23 -5.58 -8.78
C GLU E 47 45.73 -5.69 -9.02
N MET E 48 44.98 -6.19 -8.03
CA MET E 48 43.53 -6.26 -8.18
C MET E 48 42.90 -4.88 -8.19
N PHE E 49 43.46 -3.93 -7.44
CA PHE E 49 42.93 -2.57 -7.45
C PHE E 49 43.13 -1.90 -8.80
N ILE E 50 44.21 -2.24 -9.51
CA ILE E 50 44.43 -1.69 -10.84
C ILE E 50 43.46 -2.31 -11.84
N ASP E 51 43.35 -3.64 -11.81
CA ASP E 51 42.43 -4.34 -12.71
C ASP E 51 41.00 -3.84 -12.53
N HIS E 52 40.61 -3.49 -11.31
CA HIS E 52 39.27 -2.96 -11.08
C HIS E 52 39.13 -1.55 -11.64
N TYR E 53 40.21 -0.78 -11.67
CA TYR E 53 40.17 0.54 -12.27
C TYR E 53 39.95 0.46 -13.78
N TYR E 54 40.56 -0.54 -14.42
CA TYR E 54 40.43 -0.69 -15.87
C TYR E 54 39.13 -1.38 -16.25
N ASN E 55 38.72 -2.41 -15.50
CA ASN E 55 37.61 -3.28 -15.89
C ASN E 55 36.72 -3.55 -14.67
N PRO E 56 35.87 -2.59 -14.29
CA PRO E 56 34.94 -2.84 -13.18
C PRO E 56 33.88 -3.89 -13.48
N GLN E 57 33.79 -4.37 -14.73
CA GLN E 57 32.73 -5.31 -15.09
C GLN E 57 33.03 -6.71 -14.58
N HIS E 58 34.23 -7.22 -14.84
CA HIS E 58 34.58 -8.59 -14.50
C HIS E 58 35.92 -8.69 -13.80
N SER E 59 36.32 -7.64 -13.09
CA SER E 59 37.54 -7.69 -12.29
C SER E 59 37.40 -8.71 -11.16
N ARG E 60 38.52 -9.35 -10.82
CA ARG E 60 38.49 -10.33 -9.74
C ARG E 60 38.08 -9.69 -8.42
N LEU E 61 38.40 -8.41 -8.23
CA LEU E 61 37.95 -7.71 -7.04
C LEU E 61 36.43 -7.63 -6.99
N LYS E 62 35.79 -7.45 -8.16
CA LYS E 62 34.34 -7.46 -8.23
C LYS E 62 33.76 -8.85 -7.95
N TYR E 63 34.54 -9.90 -8.16
CA TYR E 63 34.06 -11.24 -7.85
C TYR E 63 34.05 -11.50 -6.34
N LEU E 64 35.12 -11.10 -5.65
CA LEU E 64 35.18 -11.29 -4.21
C LEU E 64 34.22 -10.37 -3.48
N ILE E 65 34.31 -9.06 -3.75
CA ILE E 65 33.36 -8.09 -3.23
C ILE E 65 32.40 -7.73 -4.35
N ASP E 66 31.11 -7.94 -4.11
CA ASP E 66 30.11 -7.73 -5.15
C ASP E 66 29.57 -6.30 -5.18
N ASP E 67 29.97 -5.45 -4.23
CA ASP E 67 29.44 -4.09 -4.13
C ASP E 67 30.55 -3.06 -4.09
N VAL E 68 31.58 -3.26 -4.90
CA VAL E 68 32.71 -2.33 -4.94
C VAL E 68 32.29 -1.08 -5.71
N GLY E 69 32.31 0.06 -5.03
CA GLY E 69 32.19 1.32 -5.75
C GLY E 69 33.31 1.45 -6.77
N ILE E 70 32.99 2.06 -7.91
CA ILE E 70 33.94 2.10 -9.01
C ILE E 70 35.18 2.88 -8.60
N PHE E 71 36.34 2.45 -9.10
CA PHE E 71 37.61 3.11 -8.81
C PHE E 71 37.88 4.18 -9.86
N PHE E 72 38.06 5.41 -9.40
CA PHE E 72 38.35 6.51 -10.30
C PHE E 72 39.84 6.71 -10.54
N THR E 73 40.69 6.21 -9.65
CA THR E 73 42.13 6.37 -9.78
C THR E 73 42.82 5.06 -9.46
N LYS E 74 44.06 4.95 -9.92
CA LYS E 74 44.91 3.83 -9.54
C LYS E 74 45.38 4.03 -8.10
N LEU E 75 45.03 3.09 -7.22
CA LEU E 75 45.23 3.27 -5.79
C LEU E 75 46.60 2.72 -5.38
N PRO E 76 47.53 3.55 -4.92
CA PRO E 76 48.82 3.07 -4.38
C PRO E 76 48.67 2.56 -2.95
N ILE E 77 48.10 1.37 -2.82
CA ILE E 77 47.80 0.83 -1.50
C ILE E 77 49.09 0.45 -0.76
N THR E 78 50.15 0.10 -1.49
CA THR E 78 51.42 -0.21 -0.84
C THR E 78 52.04 1.04 -0.24
N LYS E 79 52.15 2.11 -1.04
CA LYS E 79 52.70 3.36 -0.53
C LYS E 79 51.85 3.91 0.60
N ALA E 80 50.53 3.73 0.51
CA ALA E 80 49.64 4.18 1.58
C ALA E 80 49.90 3.41 2.87
N PHE E 81 50.06 2.09 2.78
CA PHE E 81 50.36 1.30 3.97
C PHE E 81 51.69 1.72 4.58
N HIS E 82 52.75 1.77 3.77
CA HIS E 82 54.07 2.12 4.28
C HIS E 82 54.05 3.51 4.93
N THR E 83 53.39 4.48 4.29
CA THR E 83 53.34 5.82 4.84
C THR E 83 52.60 5.84 6.17
N TYR E 84 51.43 5.20 6.24
CA TYR E 84 50.69 5.13 7.49
C TYR E 84 51.44 4.29 8.52
N ASN E 85 52.14 3.24 8.07
CA ASN E 85 52.79 2.33 9.00
C ASN E 85 53.97 3.00 9.68
N LYS E 86 54.83 3.68 8.92
CA LYS E 86 56.03 4.28 9.50
C LYS E 86 55.69 5.28 10.59
N LYS E 87 54.51 5.91 10.52
CA LYS E 87 54.15 6.93 11.50
C LYS E 87 53.58 6.31 12.77
N TYR E 88 52.62 5.39 12.64
CA TYR E 88 51.96 4.80 13.80
C TYR E 88 52.48 3.42 14.17
N ARG E 89 53.09 2.71 13.23
CA ARG E 89 53.76 1.43 13.51
C ARG E 89 52.81 0.41 14.14
N ILE E 90 51.65 0.24 13.49
CA ILE E 90 50.71 -0.80 13.88
C ILE E 90 51.21 -2.19 13.56
N THR E 91 52.26 -2.30 12.74
CA THR E 91 52.78 -3.61 12.37
C THR E 91 53.54 -4.25 13.52
N LYS E 92 54.08 -3.45 14.44
CA LYS E 92 54.81 -3.97 15.59
C LYS E 92 53.89 -4.50 16.68
N ARG E 93 52.58 -4.52 16.45
CA ARG E 93 51.64 -5.01 17.45
C ARG E 93 51.59 -6.53 17.40
N LEU E 94 51.83 -7.16 18.54
CA LEU E 94 51.86 -8.62 18.62
C LEU E 94 50.58 -9.23 19.17
N TYR E 95 49.72 -8.43 19.80
CA TYR E 95 48.53 -8.95 20.46
C TYR E 95 47.24 -8.25 20.07
N ALA E 96 47.30 -7.09 19.43
CA ALA E 96 46.11 -6.38 18.97
C ALA E 96 46.13 -6.33 17.45
N PRO E 97 45.12 -6.85 16.76
CA PRO E 97 45.14 -6.85 15.29
C PRO E 97 44.76 -5.49 14.75
N PRO E 98 45.01 -5.23 13.46
CA PRO E 98 44.66 -3.92 12.89
C PRO E 98 43.16 -3.65 12.98
N THR E 99 42.83 -2.36 13.08
CA THR E 99 41.48 -1.91 13.35
C THR E 99 40.80 -1.41 12.08
N PHE E 100 39.48 -1.58 12.03
CA PHE E 100 38.64 -1.00 10.99
C PHE E 100 39.00 0.47 10.72
N ASN E 101 39.15 1.26 11.79
CA ASN E 101 39.42 2.68 11.63
C ASN E 101 40.78 2.93 10.99
N GLU E 102 41.78 2.11 11.35
CA GLU E 102 43.12 2.27 10.77
C GLU E 102 43.08 2.01 9.27
N VAL E 103 42.42 0.92 8.86
CA VAL E 103 42.26 0.63 7.45
C VAL E 103 41.46 1.72 6.76
N ARG E 104 40.48 2.30 7.47
CA ARG E 104 39.78 3.47 6.94
C ARG E 104 40.74 4.62 6.70
N HIS E 105 41.67 4.85 7.63
CA HIS E 105 42.67 5.89 7.45
C HIS E 105 43.66 5.52 6.36
N ILE E 106 44.05 4.25 6.29
CA ILE E 106 44.98 3.80 5.25
C ILE E 106 44.34 3.95 3.87
N LEU E 107 43.06 3.56 3.74
CA LEU E 107 42.36 3.72 2.47
C LEU E 107 42.20 5.18 2.11
N ASN E 108 42.02 6.05 3.11
CA ASN E 108 41.98 7.49 2.85
C ASN E 108 43.28 7.95 2.20
N LEU E 109 44.41 7.54 2.76
CA LEU E 109 45.71 7.93 2.21
C LEU E 109 45.93 7.37 0.82
N ALA E 110 45.42 6.17 0.55
CA ALA E 110 45.55 5.61 -0.80
C ALA E 110 44.87 6.49 -1.83
N GLN E 111 43.66 6.97 -1.53
CA GLN E 111 42.99 7.89 -2.44
C GLN E 111 43.74 9.21 -2.55
N ILE E 112 44.37 9.66 -1.46
CA ILE E 112 45.12 10.91 -1.49
C ILE E 112 46.38 10.75 -2.34
N LEU E 113 47.16 9.71 -2.07
CA LEU E 113 48.39 9.47 -2.83
C LEU E 113 48.13 9.15 -4.30
N SER E 114 46.89 8.82 -4.66
CA SER E 114 46.56 8.60 -6.06
C SER E 114 46.39 9.90 -6.84
N LEU E 115 46.24 11.03 -6.13
CA LEU E 115 46.05 12.33 -6.76
C LEU E 115 47.35 13.01 -7.14
N GLU E 116 48.41 12.24 -7.39
CA GLU E 116 49.67 12.84 -7.85
C GLU E 116 49.49 13.56 -9.18
N GLU E 117 48.51 13.18 -9.98
CA GLU E 117 48.22 13.84 -11.24
C GLU E 117 47.41 15.12 -11.06
N GLY E 118 47.12 15.53 -9.83
CA GLY E 118 46.45 16.80 -9.58
C GLY E 118 45.07 16.69 -8.97
N LEU E 119 44.64 17.75 -8.28
CA LEU E 119 43.31 17.84 -7.69
C LEU E 119 42.71 19.18 -8.09
N ASP E 120 41.57 19.15 -8.79
CA ASP E 120 40.97 20.37 -9.32
C ASP E 120 39.74 20.83 -8.55
N LEU E 121 39.13 19.97 -7.75
CA LEU E 121 37.95 20.36 -6.98
C LEU E 121 37.93 19.56 -5.68
N LEU E 122 37.89 20.26 -4.56
CA LEU E 122 37.86 19.66 -3.23
C LEU E 122 36.62 20.15 -2.51
N THR E 123 35.68 19.25 -2.27
CA THR E 123 34.43 19.58 -1.61
C THR E 123 34.43 19.11 -0.17
N PHE E 124 33.67 19.80 0.67
CA PHE E 124 33.62 19.53 2.09
C PHE E 124 32.18 19.32 2.53
N ASP E 125 31.94 18.26 3.29
CA ASP E 125 30.77 18.25 4.15
C ASP E 125 30.95 19.32 5.21
N ALA E 126 29.83 19.80 5.77
CA ALA E 126 29.91 20.84 6.78
C ALA E 126 29.70 20.29 8.19
N ASN E 127 28.59 19.61 8.43
CA ASN E 127 28.29 19.12 9.77
C ASN E 127 29.18 17.93 10.11
N GLU E 128 29.87 18.04 11.25
CA GLU E 128 30.75 17.05 11.86
C GLU E 128 32.12 16.95 11.16
N THR E 129 32.28 17.50 9.96
CA THR E 129 33.59 17.52 9.31
C THR E 129 34.31 18.85 9.42
N LEU E 130 33.57 19.95 9.47
CA LEU E 130 34.15 21.27 9.70
C LEU E 130 33.82 21.85 11.07
N TYR E 131 32.76 21.37 11.71
CA TYR E 131 32.38 21.84 13.03
C TYR E 131 31.38 20.84 13.62
N PRO E 132 31.20 20.82 14.94
CA PRO E 132 30.20 19.93 15.54
C PRO E 132 28.80 20.24 15.04
N ASP E 133 27.92 19.26 15.23
CA ASP E 133 26.53 19.36 14.78
C ASP E 133 25.81 20.52 15.43
N GLY E 134 25.45 21.54 14.64
CA GLY E 134 24.70 22.68 15.11
C GLY E 134 25.53 23.88 15.50
N HIS E 135 26.86 23.76 15.51
CA HIS E 135 27.72 24.87 15.91
C HIS E 135 28.19 25.66 14.70
N ASP E 136 28.79 26.81 14.98
CA ASP E 136 29.38 27.65 13.94
C ASP E 136 30.86 27.33 13.80
N PHE E 137 31.42 27.76 12.67
CA PHE E 137 32.84 27.52 12.40
C PHE E 137 33.69 28.23 13.45
N ASN E 138 34.61 27.48 14.06
CA ASN E 138 35.46 28.03 15.12
C ASN E 138 36.81 27.31 15.07
N ASP E 139 37.63 27.72 14.11
CA ASP E 139 38.98 27.19 13.99
C ASP E 139 39.82 28.15 13.17
N GLU E 140 41.10 28.23 13.52
CA GLU E 140 42.07 29.07 12.82
C GLU E 140 43.02 28.27 11.96
N VAL E 141 43.53 27.15 12.49
CA VAL E 141 44.41 26.28 11.70
C VAL E 141 43.67 25.80 10.46
N LEU E 142 42.46 25.28 10.62
CA LEU E 142 41.70 24.77 9.49
C LEU E 142 41.43 25.84 8.46
N ALA E 143 41.23 27.09 8.89
CA ALA E 143 41.06 28.19 7.95
C ALA E 143 42.32 28.38 7.11
N SER E 144 43.49 28.27 7.74
CA SER E 144 44.73 28.40 7.00
C SER E 144 44.93 27.25 6.01
N TYR E 145 44.61 26.04 6.43
CA TYR E 145 44.74 24.89 5.55
C TYR E 145 43.82 25.01 4.33
N ILE E 146 42.60 25.51 4.55
CA ILE E 146 41.68 25.71 3.44
C ILE E 146 42.12 26.89 2.58
N SER E 147 42.65 27.93 3.22
CA SER E 147 43.06 29.13 2.47
C SER E 147 44.17 28.82 1.48
N CYS E 148 45.13 27.98 1.88
CA CYS E 148 46.24 27.64 1.00
C CYS E 148 45.77 26.77 -0.16
N LEU E 149 44.84 25.84 0.09
CA LEU E 149 44.35 24.98 -0.96
C LEU E 149 43.35 25.68 -1.86
N LEU E 150 42.66 26.70 -1.33
CA LEU E 150 41.76 27.50 -2.19
C LEU E 150 42.53 28.21 -3.29
N LYS E 151 43.84 28.39 -3.12
CA LYS E 151 44.67 28.99 -4.16
C LYS E 151 44.95 28.02 -5.29
N LYS E 152 45.08 26.73 -4.99
CA LYS E 152 45.45 25.75 -5.99
C LYS E 152 44.28 25.07 -6.66
N MET E 153 43.09 25.09 -6.06
CA MET E 153 41.94 24.39 -6.61
C MET E 153 40.66 25.05 -6.11
N ASN E 154 39.54 24.62 -6.68
CA ASN E 154 38.23 25.10 -6.25
C ASN E 154 37.81 24.39 -4.99
N ILE E 155 37.18 25.14 -4.08
CA ILE E 155 36.70 24.62 -2.81
C ILE E 155 35.20 24.77 -2.77
N ALA E 156 34.49 23.70 -2.40
CA ALA E 156 33.04 23.72 -2.30
C ALA E 156 32.62 23.22 -0.92
N ILE E 157 31.51 23.76 -0.43
CA ILE E 157 30.92 23.35 0.84
C ILE E 157 29.57 22.74 0.52
N VAL E 158 29.56 21.42 0.30
CA VAL E 158 28.34 20.69 0.00
C VAL E 158 27.80 20.15 1.32
N THR E 159 26.77 20.80 1.83
CA THR E 159 26.19 20.46 3.13
C THR E 159 24.69 20.23 3.00
N ALA E 160 24.19 19.20 3.68
CA ALA E 160 22.79 18.83 3.60
C ALA E 160 21.85 19.88 4.19
N ALA E 161 22.38 20.88 4.90
CA ALA E 161 21.53 21.89 5.49
C ALA E 161 20.84 22.70 4.40
N SER E 162 19.66 23.24 4.74
CA SER E 162 18.85 24.01 3.80
C SER E 162 18.28 25.23 4.51
N TYR E 163 18.70 26.41 4.09
CA TYR E 163 18.14 27.68 4.55
C TYR E 163 17.50 28.44 3.40
N ASN E 164 16.98 27.71 2.41
CA ASN E 164 16.38 28.27 1.20
C ASN E 164 17.45 29.12 0.50
N ASN E 165 17.17 30.35 0.11
CA ASN E 165 18.09 31.16 -0.68
C ASN E 165 18.70 32.33 0.11
N ASP E 166 18.50 32.37 1.42
CA ASP E 166 19.04 33.45 2.25
C ASP E 166 20.52 33.17 2.50
N ALA E 167 21.39 33.87 1.78
CA ALA E 167 22.82 33.68 1.92
C ALA E 167 23.35 34.17 3.27
N GLU E 168 22.55 34.90 4.04
CA GLU E 168 23.02 35.41 5.32
C GLU E 168 23.14 34.29 6.36
N LYS E 169 22.17 33.37 6.39
CA LYS E 169 22.19 32.31 7.39
C LYS E 169 23.33 31.33 7.16
N TYR E 170 23.69 31.07 5.90
CA TYR E 170 24.84 30.22 5.62
C TYR E 170 26.14 30.86 6.09
N GLN E 171 26.25 32.18 5.96
CA GLN E 171 27.43 32.86 6.45
C GLN E 171 27.51 32.82 7.98
N LYS E 172 26.35 32.84 8.65
CA LYS E 172 26.34 32.85 10.11
C LYS E 172 27.10 31.65 10.68
N ARG E 173 27.01 30.50 10.01
CA ARG E 173 27.72 29.30 10.45
C ARG E 173 29.12 29.20 9.87
N LEU E 174 29.46 30.01 8.85
CA LEU E 174 30.78 30.01 8.24
C LEU E 174 31.43 31.39 8.29
N GLU E 175 30.96 32.27 9.16
CA GLU E 175 31.48 33.64 9.20
C GLU E 175 32.94 33.67 9.65
N ASN E 176 33.31 32.81 10.60
CA ASN E 176 34.69 32.81 11.08
C ASN E 176 35.66 32.32 10.03
N LEU E 177 35.20 31.49 9.08
CA LEU E 177 36.03 31.10 7.96
C LEU E 177 36.07 32.17 6.87
N LEU E 178 34.95 32.88 6.67
CA LEU E 178 34.93 33.96 5.71
C LEU E 178 35.73 35.16 6.22
N LYS E 179 35.84 35.32 7.54
CA LYS E 179 36.67 36.37 8.09
C LYS E 179 38.15 36.13 7.77
N TYR E 180 38.55 34.86 7.72
CA TYR E 180 39.92 34.53 7.35
C TYR E 180 40.15 34.72 5.85
N PHE E 181 39.13 34.43 5.04
CA PHE E 181 39.26 34.63 3.60
C PHE E 181 39.44 36.11 3.26
N SER E 182 38.80 36.99 4.02
CA SER E 182 38.92 38.42 3.78
C SER E 182 40.33 38.93 4.06
N LYS E 183 41.14 38.18 4.80
CA LYS E 183 42.47 38.63 5.17
C LYS E 183 43.56 38.12 4.24
N HIS E 184 43.33 37.01 3.55
CA HIS E 184 44.40 36.41 2.76
C HIS E 184 44.02 36.16 1.31
N ASN E 185 42.81 35.68 1.04
CA ASN E 185 42.45 35.17 -0.27
C ASN E 185 41.82 36.22 -1.19
N ILE E 186 41.98 37.50 -0.88
CA ILE E 186 41.42 38.56 -1.72
C ILE E 186 42.52 39.10 -2.64
N LYS E 187 43.76 39.12 -2.15
CA LYS E 187 44.87 39.55 -2.98
C LYS E 187 45.13 38.56 -4.12
N ASP E 188 45.00 37.26 -3.84
CA ASP E 188 45.21 36.25 -4.87
C ASP E 188 44.14 36.30 -5.94
N GLY E 189 42.94 36.80 -5.59
CA GLY E 189 41.77 36.58 -6.42
C GLY E 189 41.24 35.17 -6.38
N SER E 190 41.83 34.29 -5.56
CA SER E 190 41.40 32.90 -5.48
C SER E 190 40.05 32.76 -4.81
N TYR E 191 39.59 33.79 -4.09
CA TYR E 191 38.28 33.74 -3.43
C TYR E 191 37.13 33.55 -4.41
N LYS E 192 37.36 33.71 -5.71
CA LYS E 192 36.30 33.53 -6.67
C LYS E 192 35.86 32.07 -6.76
N ASN E 193 36.81 31.14 -6.71
CA ASN E 193 36.53 29.72 -6.90
C ASN E 193 36.13 29.02 -5.60
N PHE E 194 35.36 29.68 -4.75
CA PHE E 194 34.84 29.08 -3.53
C PHE E 194 33.32 29.04 -3.62
N TYR E 195 32.74 27.87 -3.37
CA TYR E 195 31.31 27.65 -3.54
C TYR E 195 30.70 27.04 -2.30
N VAL E 196 29.41 27.30 -2.10
CA VAL E 196 28.62 26.69 -1.03
C VAL E 196 27.33 26.17 -1.65
N MET E 197 27.09 24.87 -1.54
CA MET E 197 25.90 24.24 -2.09
C MET E 197 24.99 23.83 -0.94
N GLY E 198 23.79 24.42 -0.89
CA GLY E 198 22.82 24.12 0.13
C GLY E 198 21.82 23.06 -0.30
N GLY E 199 20.90 22.76 0.61
CA GLY E 199 20.06 21.58 0.40
C GLY E 199 20.98 20.38 0.33
N GLU E 200 20.75 19.51 -0.65
CA GLU E 200 21.81 18.60 -1.06
C GLU E 200 22.37 18.95 -2.42
N SER E 201 21.52 19.48 -3.30
CA SER E 201 21.89 19.90 -4.64
C SER E 201 20.85 20.89 -5.12
N ASN E 202 20.54 21.88 -4.31
CA ASN E 202 19.38 22.73 -4.50
C ASN E 202 19.71 24.20 -4.58
N TYR E 203 20.62 24.70 -3.73
CA TYR E 203 20.95 26.11 -3.67
C TYR E 203 22.46 26.29 -3.75
N LEU E 204 22.91 27.13 -4.68
CA LEU E 204 24.32 27.36 -4.95
C LEU E 204 24.66 28.81 -4.67
N PHE E 205 25.76 29.03 -3.95
CA PHE E 205 26.22 30.37 -3.58
C PHE E 205 27.68 30.54 -3.98
N LYS E 206 28.12 31.79 -3.93
CA LYS E 206 29.49 32.16 -4.29
C LYS E 206 29.98 33.16 -3.26
N CYS E 207 31.20 33.66 -3.46
CA CYS E 207 31.81 34.61 -2.54
C CYS E 207 32.18 35.88 -3.30
N ASN E 208 32.01 37.02 -2.65
CA ASN E 208 32.28 38.32 -3.25
C ASN E 208 33.57 38.90 -2.68
N GLU E 209 33.93 40.10 -3.17
CA GLU E 209 35.18 40.73 -2.77
C GLU E 209 35.20 41.06 -1.28
N GLU E 210 34.03 41.35 -0.70
CA GLU E 210 33.94 41.66 0.73
C GLU E 210 33.94 40.43 1.61
N ALA E 211 34.20 39.24 1.03
CA ALA E 211 34.14 37.96 1.75
C ALA E 211 32.74 37.75 2.33
N THR E 212 31.74 37.89 1.48
CA THR E 212 30.35 37.67 1.84
C THR E 212 29.71 36.77 0.80
N LEU E 213 28.73 35.97 1.22
CA LEU E 213 28.06 35.04 0.34
C LEU E 213 26.90 35.70 -0.37
N TYR E 214 26.79 35.44 -1.67
CA TYR E 214 25.65 35.89 -2.46
C TYR E 214 25.11 34.71 -3.27
N SER E 215 23.79 34.66 -3.41
CA SER E 215 23.16 33.55 -4.10
C SER E 215 23.46 33.63 -5.59
N VAL E 216 24.11 32.59 -6.12
CA VAL E 216 24.40 32.53 -7.56
C VAL E 216 23.10 32.60 -8.33
N PRO E 217 23.01 33.36 -9.42
CA PRO E 217 21.75 33.44 -10.17
C PRO E 217 21.24 32.07 -10.58
N GLU E 218 19.93 31.87 -10.44
CA GLU E 218 19.32 30.57 -10.73
C GLU E 218 19.52 30.18 -12.19
N ASN E 219 19.50 31.15 -13.10
CA ASN E 219 19.66 30.85 -14.52
C ASN E 219 21.09 30.45 -14.88
N GLU E 220 22.06 30.75 -14.02
CA GLU E 220 23.45 30.45 -14.31
C GLU E 220 23.78 28.97 -14.16
N TRP E 221 23.00 28.22 -13.37
CA TRP E 221 23.35 26.83 -13.08
C TRP E 221 22.20 25.85 -13.06
N ARG E 222 20.94 26.31 -13.05
CA ARG E 222 19.82 25.38 -12.91
C ARG E 222 19.72 24.37 -14.05
N HIS E 223 20.29 24.68 -15.20
CA HIS E 223 20.23 23.75 -16.34
C HIS E 223 21.07 22.51 -16.13
N TYR E 224 22.10 22.58 -15.27
CA TYR E 224 22.89 21.39 -14.94
C TYR E 224 22.18 20.48 -13.95
N LYS E 225 21.09 20.93 -13.34
CA LYS E 225 20.32 20.13 -12.40
C LYS E 225 19.12 19.52 -13.11
N LYS E 226 19.00 18.20 -13.06
CA LYS E 226 17.84 17.51 -13.60
C LYS E 226 16.63 17.84 -12.73
N PHE E 227 16.10 19.04 -12.94
CA PHE E 227 14.99 19.53 -12.15
C PHE E 227 13.78 18.60 -12.29
N VAL E 228 13.03 18.46 -11.20
CA VAL E 228 11.90 17.55 -11.15
C VAL E 228 10.68 18.35 -10.70
N ASP E 229 9.51 17.95 -11.18
CA ASP E 229 8.30 18.77 -11.08
C ASP E 229 7.84 18.90 -9.62
N TYR E 230 6.89 19.81 -9.43
CA TYR E 230 6.29 20.02 -8.11
C TYR E 230 5.55 18.77 -7.63
N ASP E 231 4.86 18.09 -8.53
CA ASP E 231 3.99 16.98 -8.13
C ASP E 231 4.78 15.86 -7.48
N THR E 232 5.97 15.56 -8.00
CA THR E 232 6.78 14.48 -7.45
C THR E 232 7.55 14.93 -6.21
N VAL E 233 8.01 16.18 -6.19
CA VAL E 233 8.63 16.72 -4.99
C VAL E 233 7.69 16.62 -3.81
N GLN E 234 6.42 16.99 -4.01
CA GLN E 234 5.44 16.87 -2.95
C GLN E 234 5.13 15.40 -2.63
N GLU E 235 5.26 14.51 -3.61
CA GLU E 235 5.05 13.10 -3.35
C GLU E 235 6.11 12.55 -2.41
N ILE E 236 7.38 12.83 -2.69
CA ILE E 236 8.46 12.40 -1.80
C ILE E 236 8.24 12.93 -0.39
N LEU E 237 7.81 14.20 -0.29
CA LEU E 237 7.60 14.79 1.03
C LEU E 237 6.37 14.22 1.72
N ASN E 238 5.28 14.03 0.97
CA ASN E 238 4.07 13.47 1.57
C ASN E 238 4.26 12.01 1.98
N ILE E 239 5.00 11.25 1.18
CA ILE E 239 5.32 9.88 1.57
C ILE E 239 6.12 9.88 2.87
N SER E 240 6.98 10.87 3.06
CA SER E 240 7.77 10.95 4.29
C SER E 240 6.90 11.37 5.47
N GLU E 241 6.17 12.47 5.33
CA GLU E 241 5.41 13.01 6.46
C GLU E 241 4.46 11.99 7.06
N LYS E 242 3.88 11.14 6.22
CA LYS E 242 3.02 10.07 6.75
C LYS E 242 3.84 9.06 7.54
N CYS E 243 5.04 8.72 7.07
CA CYS E 243 5.87 7.76 7.77
C CYS E 243 6.37 8.33 9.10
N LEU E 244 6.82 9.59 9.10
CA LEU E 244 7.33 10.19 10.33
C LEU E 244 6.24 10.30 11.38
N GLU E 245 5.02 10.67 10.99
CA GLU E 245 3.95 10.81 11.96
C GLU E 245 3.62 9.48 12.63
N LYS E 246 3.82 8.36 11.92
CA LYS E 246 3.62 7.06 12.54
C LYS E 246 4.83 6.64 13.36
N VAL E 247 6.04 7.01 12.91
CA VAL E 247 7.24 6.68 13.65
C VAL E 247 7.21 7.32 15.04
N ILE E 248 6.66 8.53 15.13
CA ILE E 248 6.53 9.19 16.43
C ILE E 248 5.57 8.43 17.33
N LYS E 249 4.42 8.02 16.78
CA LYS E 249 3.42 7.33 17.59
C LYS E 249 3.87 5.92 17.98
N ASP E 250 4.70 5.29 17.15
CA ASP E 250 5.12 3.91 17.42
C ASP E 250 6.07 3.85 18.61
N PHE E 251 6.99 4.80 18.71
CA PHE E 251 7.99 4.80 19.78
C PHE E 251 7.74 5.86 20.82
N GLY E 252 6.70 6.67 20.68
CA GLY E 252 6.41 7.71 21.65
C GLY E 252 7.51 8.74 21.74
N LEU E 253 7.75 9.45 20.64
CA LEU E 253 8.84 10.41 20.57
C LEU E 253 8.36 11.81 20.96
N CYS E 254 9.23 12.55 21.64
CA CYS E 254 8.99 13.97 21.91
C CYS E 254 9.63 14.82 20.80
N ALA E 255 9.11 14.64 19.59
CA ALA E 255 9.64 15.30 18.41
C ALA E 255 8.49 15.89 17.59
N GLN E 256 8.86 16.70 16.60
CA GLN E 256 7.89 17.33 15.71
C GLN E 256 8.42 17.25 14.28
N ILE E 257 7.57 17.61 13.33
CA ILE E 257 7.88 17.49 11.91
C ILE E 257 7.98 18.89 11.32
N GLN E 258 9.19 19.28 10.92
CA GLN E 258 9.39 20.50 10.15
C GLN E 258 9.45 20.13 8.67
N ARG E 259 8.73 20.89 7.85
CA ARG E 259 8.70 20.60 6.42
C ARG E 259 8.84 21.91 5.65
N LYS E 260 9.66 21.86 4.61
CA LYS E 260 10.00 23.04 3.80
C LYS E 260 9.72 22.73 2.34
N GLU E 261 10.05 23.68 1.48
CA GLU E 261 10.04 23.45 0.04
C GLU E 261 11.28 22.63 -0.32
N LYS E 262 11.06 21.40 -0.78
CA LYS E 262 12.08 20.43 -1.18
C LYS E 262 12.73 19.71 0.00
N SER E 263 12.12 19.70 1.19
CA SER E 263 12.73 19.02 2.32
C SER E 263 11.71 18.86 3.45
N ILE E 264 11.85 17.75 4.19
CA ILE E 264 11.08 17.48 5.41
C ILE E 264 12.04 16.84 6.42
N GLY E 265 11.84 17.16 7.69
CA GLY E 265 12.70 16.62 8.73
C GLY E 265 11.98 16.33 10.03
N LEU E 266 12.64 15.54 10.87
CA LEU E 266 12.15 15.16 12.18
C LEU E 266 13.11 15.72 13.24
N VAL E 267 12.61 16.61 14.08
CA VAL E 267 13.44 17.35 15.03
C VAL E 267 12.85 17.21 16.43
N PRO E 268 13.66 16.98 17.46
CA PRO E 268 13.13 16.91 18.82
C PRO E 268 12.71 18.28 19.33
N ASN E 269 11.92 18.26 20.41
CA ASN E 269 11.49 19.48 21.06
C ASN E 269 12.55 19.98 22.03
N LYS E 270 12.38 21.24 22.45
CA LYS E 270 13.31 21.87 23.39
C LYS E 270 13.03 21.37 24.80
N ILE E 271 13.69 21.99 25.78
CA ILE E 271 13.65 21.63 27.20
C ILE E 271 13.61 20.12 27.42
N ASN E 282 15.58 19.53 23.85
CA ASN E 282 16.65 18.82 23.15
C ASN E 282 16.65 17.34 23.53
N TYR E 283 15.47 16.82 23.88
CA TYR E 283 15.33 15.41 24.26
C TYR E 283 15.81 14.51 23.14
N MET E 284 16.91 13.80 23.36
CA MET E 284 17.54 13.02 22.31
C MET E 284 16.63 11.91 21.83
N ILE E 285 16.56 11.75 20.51
CA ILE E 285 15.83 10.65 19.88
C ILE E 285 16.76 9.45 19.80
N LYS E 286 16.23 8.27 20.06
CA LYS E 286 17.05 7.06 20.11
C LYS E 286 17.65 6.78 18.74
N TYR E 287 18.96 6.50 18.72
CA TYR E 287 19.68 6.38 17.45
C TYR E 287 19.18 5.20 16.63
N GLU E 288 18.74 4.13 17.28
CA GLU E 288 18.21 2.99 16.54
C GLU E 288 16.89 3.34 15.87
N VAL E 289 16.14 4.29 16.45
CA VAL E 289 14.88 4.71 15.87
C VAL E 289 15.12 5.55 14.62
N LEU E 290 16.10 6.45 14.68
CA LEU E 290 16.47 7.24 13.51
C LEU E 290 16.88 6.34 12.35
N GLU E 291 17.63 5.27 12.63
CA GLU E 291 17.95 4.28 11.61
C GLU E 291 16.67 3.67 11.04
N GLU E 292 15.76 3.26 11.93
CA GLU E 292 14.50 2.65 11.50
C GLU E 292 13.72 3.57 10.57
N ALA E 293 13.67 4.86 10.88
CA ALA E 293 12.88 5.78 10.07
C ALA E 293 13.44 5.91 8.66
N VAL E 294 14.77 5.96 8.52
CA VAL E 294 15.38 6.03 7.19
C VAL E 294 14.96 4.83 6.35
N ILE E 295 15.09 3.63 6.90
CA ILE E 295 14.81 2.43 6.13
C ILE E 295 13.31 2.32 5.83
N ARG E 296 12.46 2.81 6.74
CA ARG E 296 11.03 2.84 6.48
C ARG E 296 10.71 3.77 5.32
N ILE E 297 11.28 4.97 5.33
CA ILE E 297 11.02 5.93 4.25
C ILE E 297 11.58 5.42 2.94
N LYS E 298 12.83 4.96 2.95
CA LYS E 298 13.47 4.49 1.71
C LYS E 298 12.70 3.33 1.11
N LYS E 299 12.22 2.41 1.95
CA LYS E 299 11.42 1.30 1.44
C LYS E 299 10.07 1.77 0.90
N GLU E 300 9.51 2.82 1.50
CA GLU E 300 8.21 3.31 1.04
C GLU E 300 8.33 4.09 -0.26
N ILE E 301 9.39 4.88 -0.41
CA ILE E 301 9.57 5.68 -1.62
C ILE E 301 9.85 4.77 -2.82
N ILE E 302 10.62 3.71 -2.61
CA ILE E 302 10.88 2.76 -3.69
C ILE E 302 9.61 2.00 -4.07
N LYS E 303 8.71 1.78 -3.10
CA LYS E 303 7.45 1.11 -3.39
C LYS E 303 6.62 1.91 -4.39
N ASN E 304 6.66 3.24 -4.30
CA ASN E 304 5.94 4.10 -5.22
C ASN E 304 6.70 4.34 -6.52
N LYS E 305 7.82 3.67 -6.72
CA LYS E 305 8.57 3.71 -7.98
C LYS E 305 8.98 5.13 -8.36
N ILE E 306 9.42 5.89 -7.37
CA ILE E 306 9.93 7.25 -7.59
C ILE E 306 11.40 7.17 -7.96
N THR E 307 11.76 7.75 -9.10
CA THR E 307 13.12 7.73 -9.60
C THR E 307 13.86 9.06 -9.42
N ALA E 308 13.20 10.05 -8.82
CA ALA E 308 13.83 11.35 -8.64
C ALA E 308 15.02 11.24 -7.67
N PRO E 309 16.00 12.13 -7.79
CA PRO E 309 17.13 12.12 -6.84
C PRO E 309 16.68 12.60 -5.48
N TYR E 310 16.79 11.72 -4.48
CA TYR E 310 16.38 12.02 -3.12
C TYR E 310 17.36 11.38 -2.15
N CYS E 311 17.19 11.69 -0.87
CA CYS E 311 18.05 11.14 0.16
C CYS E 311 17.38 11.25 1.52
N ALA E 312 17.48 10.18 2.31
CA ALA E 312 17.03 10.16 3.69
C ALA E 312 18.18 9.63 4.54
N PHE E 313 18.66 10.45 5.46
CA PHE E 313 19.87 10.12 6.22
C PHE E 313 19.61 10.24 7.72
N ASN E 314 20.50 9.61 8.48
CA ASN E 314 20.35 9.52 9.93
C ASN E 314 20.74 10.84 10.60
N GLY E 315 21.91 11.37 10.26
CA GLY E 315 22.29 12.72 10.68
C GLY E 315 22.43 12.94 12.16
N GLY E 316 22.92 11.95 12.90
CA GLY E 316 23.22 12.14 14.31
C GLY E 316 22.00 12.21 15.21
N GLN E 317 21.52 13.42 15.49
CA GLN E 317 20.42 13.63 16.43
C GLN E 317 19.08 13.84 15.75
N ASP E 318 19.06 14.38 14.53
CA ASP E 318 17.81 14.63 13.81
C ASP E 318 17.86 13.97 12.43
N LEU E 319 16.67 13.64 11.92
CA LEU E 319 16.51 12.94 10.65
C LEU E 319 15.92 13.89 9.61
N TRP E 320 16.38 13.75 8.36
CA TRP E 320 15.95 14.66 7.31
C TRP E 320 15.85 13.94 5.97
N VAL E 321 14.92 14.42 5.14
CA VAL E 321 14.73 13.94 3.78
C VAL E 321 14.77 15.15 2.85
N ASP E 322 15.61 15.08 1.82
CA ASP E 322 15.77 16.16 0.87
C ASP E 322 15.48 15.65 -0.54
N VAL E 323 14.75 16.46 -1.32
CA VAL E 323 14.57 16.17 -2.74
C VAL E 323 15.84 16.59 -3.46
N GLY E 324 16.91 15.84 -3.23
CA GLY E 324 18.20 16.17 -3.80
C GLY E 324 19.18 15.07 -3.43
N ASN E 325 20.40 15.21 -3.95
CA ASN E 325 21.41 14.18 -3.75
C ASN E 325 22.78 14.83 -3.81
N LYS E 326 23.66 14.45 -2.87
CA LYS E 326 25.00 15.01 -2.86
C LYS E 326 25.81 14.57 -4.06
N ALA E 327 25.43 13.47 -4.71
CA ALA E 327 25.99 13.14 -6.01
C ALA E 327 25.56 14.15 -7.07
N GLU E 328 24.27 14.52 -7.08
CA GLU E 328 23.80 15.55 -7.99
C GLU E 328 24.46 16.88 -7.68
N GLY E 329 24.76 17.15 -6.41
CA GLY E 329 25.45 18.39 -6.07
C GLY E 329 26.84 18.47 -6.65
N LEU E 330 27.58 17.36 -6.60
CA LEU E 330 28.91 17.33 -7.20
C LEU E 330 28.82 17.38 -8.72
N LEU E 331 27.89 16.61 -9.31
CA LEU E 331 27.73 16.61 -10.76
C LEU E 331 27.40 18.00 -11.27
N ILE E 332 26.61 18.76 -10.51
CA ILE E 332 26.33 20.15 -10.87
C ILE E 332 27.63 20.96 -10.86
N LEU E 333 28.45 20.77 -9.83
CA LEU E 333 29.72 21.50 -9.75
C LEU E 333 30.68 21.06 -10.85
N GLN E 334 30.69 19.77 -11.18
CA GLN E 334 31.59 19.28 -12.22
C GLN E 334 31.19 19.83 -13.59
N LYS E 335 29.89 19.78 -13.92
CA LYS E 335 29.44 20.37 -15.18
C LYS E 335 29.62 21.88 -15.18
N LEU E 336 29.66 22.49 -14.00
CA LEU E 336 29.83 23.94 -13.92
C LEU E 336 31.27 24.34 -14.23
N LEU E 337 32.24 23.61 -13.67
CA LEU E 337 33.65 23.94 -13.83
C LEU E 337 34.37 23.02 -14.82
N LYS E 338 33.63 22.14 -15.50
CA LYS E 338 34.21 21.24 -16.50
C LYS E 338 35.34 20.40 -15.90
N ILE E 339 35.08 19.85 -14.73
CA ILE E 339 36.07 19.07 -13.97
C ILE E 339 35.67 17.61 -14.04
N GLN E 340 36.63 16.75 -14.39
CA GLN E 340 36.38 15.33 -14.42
C GLN E 340 36.26 14.77 -13.01
N LYS E 341 35.58 13.62 -12.89
CA LYS E 341 35.44 12.96 -11.61
C LYS E 341 36.78 12.43 -11.12
N LYS E 342 37.72 12.18 -12.03
CA LYS E 342 39.03 11.69 -11.64
C LYS E 342 39.76 12.70 -10.76
N LYS E 343 39.52 14.00 -10.97
CA LYS E 343 40.17 15.06 -10.21
C LYS E 343 39.19 15.75 -9.26
N CYS E 344 38.29 14.97 -8.67
CA CYS E 344 37.32 15.47 -7.71
C CYS E 344 37.38 14.64 -6.44
N CYS E 345 37.36 15.30 -5.29
CA CYS E 345 37.49 14.62 -4.02
C CYS E 345 36.54 15.24 -3.00
N HIS E 346 35.88 14.39 -2.22
CA HIS E 346 34.93 14.81 -1.20
C HIS E 346 35.35 14.29 0.17
N ILE E 347 35.08 15.08 1.19
CA ILE E 347 35.42 14.75 2.57
C ILE E 347 34.13 14.86 3.39
N GLY E 348 33.63 13.73 3.90
CA GLY E 348 32.37 13.72 4.62
C GLY E 348 32.44 12.82 5.84
N ASP E 349 31.37 12.90 6.63
CA ASP E 349 31.26 12.14 7.88
C ASP E 349 30.45 10.86 7.72
N GLN E 350 29.31 10.92 7.03
CA GLN E 350 28.38 9.81 6.93
C GLN E 350 28.64 9.06 5.63
N PHE E 351 29.41 7.98 5.71
CA PHE E 351 29.64 7.13 4.55
C PHE E 351 29.07 5.73 4.75
N LEU E 352 28.15 5.58 5.70
CA LEU E 352 27.32 4.40 5.76
C LEU E 352 26.15 4.54 4.80
N HIS E 353 25.47 3.43 4.53
CA HIS E 353 24.37 3.44 3.56
C HIS E 353 23.24 4.36 4.00
N SER E 354 23.12 4.65 5.29
CA SER E 354 22.14 5.61 5.79
C SER E 354 22.74 7.00 6.00
N GLY E 355 23.73 7.36 5.18
CA GLY E 355 24.41 8.63 5.31
C GLY E 355 24.31 9.43 4.01
N ASN E 356 24.34 10.75 4.15
CA ASN E 356 24.11 11.63 3.01
C ASN E 356 25.35 11.83 2.14
N ASP E 357 26.54 11.50 2.64
CA ASP E 357 27.75 11.63 1.85
C ASP E 357 28.08 10.39 1.04
N PHE E 358 27.42 9.25 1.34
CA PHE E 358 27.69 8.00 0.63
C PHE E 358 27.57 8.11 -0.89
N PRO E 359 26.52 8.69 -1.47
CA PRO E 359 26.39 8.67 -2.94
C PRO E 359 27.50 9.40 -3.68
N THR E 360 28.35 10.15 -2.97
CA THR E 360 29.49 10.78 -3.62
C THR E 360 30.51 9.76 -4.11
N ARG E 361 30.42 8.52 -3.63
CA ARG E 361 31.28 7.44 -4.12
C ARG E 361 31.00 7.08 -5.57
N PHE E 362 29.89 7.53 -6.13
CA PHE E 362 29.51 7.22 -7.50
C PHE E 362 30.05 8.21 -8.52
N CYS E 363 30.71 9.28 -8.07
CA CYS E 363 31.13 10.32 -9.01
C CYS E 363 32.30 11.16 -8.50
N SER E 364 32.98 10.70 -7.46
CA SER E 364 34.09 11.47 -6.91
C SER E 364 34.90 10.61 -5.96
N LEU E 365 36.17 10.97 -5.79
CA LEU E 365 36.98 10.37 -4.74
C LEU E 365 36.42 10.78 -3.37
N THR E 366 36.50 9.88 -2.41
CA THR E 366 35.87 10.07 -1.12
C THR E 366 36.88 9.90 0.00
N LEU E 367 36.82 10.78 0.99
CA LEU E 367 37.64 10.70 2.19
C LEU E 367 36.71 10.64 3.39
N TRP E 368 36.70 9.49 4.08
CA TRP E 368 35.85 9.30 5.24
C TRP E 368 36.53 9.88 6.48
N VAL E 369 35.82 10.74 7.19
CA VAL E 369 36.37 11.51 8.31
C VAL E 369 35.34 11.55 9.43
N SER E 370 35.81 11.45 10.67
CA SER E 370 34.92 11.45 11.83
C SER E 370 34.90 12.75 12.62
N ASN E 371 35.99 13.52 12.63
CA ASN E 371 36.07 14.75 13.38
C ASN E 371 36.81 15.79 12.58
N PRO E 372 36.63 17.08 12.88
CA PRO E 372 37.39 18.12 12.16
C PRO E 372 38.89 17.97 12.27
N GLN E 373 39.39 17.35 13.35
CA GLN E 373 40.82 17.11 13.45
C GLN E 373 41.30 16.15 12.38
N GLU E 374 40.45 15.21 11.96
CA GLU E 374 40.84 14.29 10.90
C GLU E 374 40.82 14.94 9.52
N THR E 375 39.98 15.97 9.33
CA THR E 375 40.05 16.74 8.10
C THR E 375 41.38 17.46 7.99
N LYS E 376 41.89 17.98 9.12
CA LYS E 376 43.21 18.61 9.13
C LYS E 376 44.28 17.62 8.69
N ALA E 377 44.31 16.44 9.32
CA ALA E 377 45.28 15.43 8.94
C ALA E 377 45.07 14.96 7.51
N CYS E 378 43.83 14.98 7.03
CA CYS E 378 43.58 14.62 5.63
C CYS E 378 44.00 15.74 4.69
N LEU E 379 43.81 17.00 5.11
CA LEU E 379 44.21 18.12 4.26
C LEU E 379 45.72 18.30 4.26
N LYS E 380 46.36 18.17 5.43
CA LYS E 380 47.82 18.30 5.49
C LYS E 380 48.50 17.29 4.59
N SER E 381 47.96 16.07 4.51
CA SER E 381 48.50 15.08 3.58
C SER E 381 48.22 15.49 2.14
N ILE E 382 47.14 16.23 1.90
CA ILE E 382 46.84 16.70 0.55
C ILE E 382 47.80 17.82 0.15
N MET E 383 48.23 18.65 1.11
CA MET E 383 49.08 19.79 0.79
C MET E 383 50.40 19.37 0.15
N HIS E 384 50.92 18.19 0.50
CA HIS E 384 52.20 17.73 -0.03
C HIS E 384 51.95 16.95 -1.32
N LEU E 385 51.82 17.68 -2.41
CA LEU E 385 51.59 17.08 -3.72
C LEU E 385 52.78 16.25 -4.16
N ASN E 386 53.89 16.92 -4.47
CA ASN E 386 55.13 16.28 -4.90
C ASN E 386 54.91 15.18 -5.93
N PHE F 1 39.39 -15.92 39.23
CA PHE F 1 39.86 -14.75 39.96
C PHE F 1 41.27 -14.37 39.51
N VAL F 2 42.25 -14.57 40.39
CA VAL F 2 43.63 -14.25 40.06
C VAL F 2 44.18 -15.19 39.00
N GLN F 3 43.58 -16.38 38.85
CA GLN F 3 43.99 -17.32 37.83
C GLN F 3 43.22 -17.14 36.53
N TRP F 4 41.97 -16.67 36.60
CA TRP F 4 41.16 -16.49 35.39
C TRP F 4 41.44 -15.14 34.73
N ASN F 5 41.54 -14.07 35.51
CA ASN F 5 41.76 -12.75 34.93
C ASN F 5 43.18 -12.57 34.41
N SER F 6 44.12 -13.44 34.83
CA SER F 6 45.46 -13.42 34.28
C SER F 6 45.59 -14.29 33.04
N ARG F 7 44.71 -15.26 32.85
CA ARG F 7 44.70 -16.09 31.65
C ARG F 7 43.94 -15.36 30.55
N TYR F 8 44.66 -15.01 29.49
CA TYR F 8 44.12 -14.22 28.38
C TYR F 8 44.17 -15.03 27.09
N SER F 9 43.36 -14.61 26.13
CA SER F 9 43.32 -15.26 24.83
C SER F 9 42.98 -14.24 23.76
N TYR F 10 43.38 -14.54 22.52
CA TYR F 10 43.02 -13.69 21.39
C TYR F 10 41.50 -13.66 21.20
N ASN F 11 40.82 -14.73 21.56
CA ASN F 11 39.36 -14.76 21.46
C ASN F 11 38.71 -13.79 22.43
N GLN F 12 39.34 -13.57 23.59
CA GLN F 12 38.76 -12.66 24.59
C GLN F 12 38.81 -11.22 24.11
N LEU F 13 39.77 -10.86 23.26
CA LEU F 13 39.93 -9.47 22.86
C LEU F 13 39.00 -9.10 21.71
N LYS F 14 38.91 -9.95 20.68
CA LYS F 14 38.15 -9.56 19.49
C LYS F 14 36.64 -9.64 19.75
N ASN F 15 36.19 -10.61 20.52
CA ASN F 15 34.77 -10.78 20.79
C ASN F 15 34.35 -9.96 22.01
N LYS F 16 33.18 -9.34 21.89
CA LYS F 16 32.77 -8.27 22.82
C LYS F 16 32.51 -8.78 24.23
N ASP F 17 31.37 -9.42 24.44
CA ASP F 17 31.01 -9.92 25.77
C ASP F 17 30.19 -11.19 25.57
N SER F 18 30.63 -12.29 26.18
CA SER F 18 30.03 -13.58 25.92
C SER F 18 28.55 -13.60 26.26
N LEU F 19 28.20 -13.10 27.45
CA LEU F 19 26.82 -13.18 27.92
C LEU F 19 25.91 -12.23 27.14
N ILE F 20 26.30 -10.97 27.02
CA ILE F 20 25.46 -10.01 26.33
C ILE F 20 25.26 -10.42 24.88
N MET F 21 26.31 -10.90 24.23
CA MET F 21 26.20 -11.34 22.84
C MET F 21 25.28 -12.54 22.71
N PHE F 22 25.26 -13.41 23.73
CA PHE F 22 24.34 -14.55 23.75
C PHE F 22 22.89 -14.10 23.58
N LEU F 23 22.52 -13.01 24.25
CA LEU F 23 21.17 -12.49 24.13
C LEU F 23 20.98 -11.70 22.84
N VAL F 24 22.02 -11.03 22.36
CA VAL F 24 21.93 -10.27 21.12
C VAL F 24 21.67 -11.22 19.94
N GLU F 25 22.40 -12.33 19.90
CA GLU F 25 22.21 -13.29 18.81
C GLU F 25 20.82 -13.91 18.83
N ILE F 26 20.30 -14.21 20.02
CA ILE F 26 18.97 -14.78 20.13
C ILE F 26 17.91 -13.76 19.73
N PHE F 27 18.03 -12.54 20.27
CA PHE F 27 17.06 -11.50 19.94
C PHE F 27 17.12 -11.14 18.46
N ARG F 28 18.31 -11.19 17.86
CA ARG F 28 18.41 -10.95 16.42
C ARG F 28 17.64 -11.98 15.63
N SER F 29 17.58 -13.22 16.13
CA SER F 29 16.83 -14.26 15.42
C SER F 29 15.33 -14.01 15.53
N LEU F 30 14.84 -13.67 16.72
CA LEU F 30 13.42 -13.34 16.87
C LEU F 30 13.05 -12.09 16.09
N PHE F 31 14.01 -11.18 15.89
CA PHE F 31 13.78 -10.03 15.02
C PHE F 31 13.62 -10.45 13.57
N VAL F 32 14.48 -11.34 13.11
CA VAL F 32 14.47 -11.73 11.70
C VAL F 32 13.32 -12.69 11.39
N SER F 33 12.87 -13.46 12.38
CA SER F 33 11.73 -14.35 12.18
C SER F 33 10.39 -13.63 12.22
N ASN F 34 10.38 -12.34 12.57
CA ASN F 34 9.22 -11.44 12.58
C ASN F 34 8.30 -11.67 13.77
N CYS F 35 8.68 -12.51 14.73
CA CYS F 35 7.82 -12.84 15.86
C CYS F 35 8.15 -12.05 17.12
N ILE F 36 9.01 -11.04 17.01
CA ILE F 36 9.54 -10.40 18.22
C ILE F 36 8.48 -9.55 18.90
N ASP F 37 7.62 -8.89 18.13
CA ASP F 37 6.57 -8.07 18.73
C ASP F 37 5.44 -8.91 19.32
N LYS F 38 5.35 -10.19 18.96
CA LYS F 38 4.34 -11.08 19.51
C LYS F 38 4.70 -11.48 20.94
N ASN F 39 3.90 -12.37 21.51
CA ASN F 39 4.12 -12.83 22.88
C ASN F 39 5.27 -13.84 22.84
N ILE F 40 6.47 -13.41 23.23
CA ILE F 40 7.65 -14.24 23.18
C ILE F 40 8.07 -14.67 24.59
N ASP F 41 7.09 -14.74 25.50
CA ASP F 41 7.40 -15.19 26.85
C ASP F 41 7.87 -16.64 26.87
N ASN F 42 7.43 -17.45 25.90
CA ASN F 42 7.92 -18.82 25.80
C ASN F 42 9.43 -18.84 25.58
N VAL F 43 9.96 -17.85 24.85
CA VAL F 43 11.40 -17.78 24.66
C VAL F 43 12.08 -17.27 25.92
N LEU F 44 11.60 -16.15 26.46
CA LEU F 44 12.29 -15.50 27.57
C LEU F 44 12.29 -16.38 28.82
N LEU F 45 11.14 -16.97 29.16
CA LEU F 45 11.07 -17.83 30.34
C LEU F 45 12.06 -18.99 30.24
N SER F 46 12.22 -19.56 29.06
CA SER F 46 13.20 -20.63 28.88
C SER F 46 14.61 -20.12 29.12
N ILE F 47 14.90 -18.88 28.67
CA ILE F 47 16.19 -18.28 28.98
C ILE F 47 16.29 -17.97 30.47
N GLU F 48 15.17 -17.59 31.10
CA GLU F 48 15.16 -17.42 32.55
C GLU F 48 15.39 -18.75 33.26
N GLU F 49 14.66 -19.79 32.85
CA GLU F 49 14.89 -21.13 33.39
C GLU F 49 16.34 -21.53 33.26
N MET F 50 16.96 -21.21 32.12
CA MET F 50 18.36 -21.56 31.92
C MET F 50 19.28 -20.77 32.85
N PHE F 51 18.92 -19.51 33.14
CA PHE F 51 19.71 -18.73 34.08
C PHE F 51 19.55 -19.25 35.50
N ILE F 52 18.37 -19.78 35.84
CA ILE F 52 18.18 -20.36 37.16
C ILE F 52 19.04 -21.61 37.31
N ASP F 53 19.11 -22.43 36.27
CA ASP F 53 19.95 -23.62 36.30
C ASP F 53 21.42 -23.28 36.49
N HIS F 54 21.86 -22.15 35.93
CA HIS F 54 23.25 -21.73 36.10
C HIS F 54 23.52 -21.22 37.50
N TYR F 55 22.50 -20.66 38.16
CA TYR F 55 22.67 -20.20 39.54
C TYR F 55 23.00 -21.36 40.48
N TYR F 56 22.54 -22.57 40.17
CA TYR F 56 22.69 -23.70 41.07
C TYR F 56 24.02 -24.41 40.86
N ASN F 57 24.24 -25.00 39.68
CA ASN F 57 25.49 -25.68 39.35
C ASN F 57 26.22 -24.88 38.28
N PRO F 58 27.08 -23.93 38.65
CA PRO F 58 27.70 -23.05 37.63
C PRO F 58 28.73 -23.74 36.75
N GLN F 59 29.15 -24.96 37.09
CA GLN F 59 30.13 -25.68 36.29
C GLN F 59 29.51 -26.74 35.40
N HIS F 60 28.19 -26.94 35.47
CA HIS F 60 27.54 -28.01 34.75
C HIS F 60 26.27 -27.58 34.02
N SER F 61 25.87 -26.31 34.12
CA SER F 61 24.62 -25.87 33.51
C SER F 61 24.71 -25.96 31.99
N ARG F 62 23.53 -26.06 31.36
CA ARG F 62 23.48 -26.06 29.91
C ARG F 62 23.88 -24.71 29.35
N LEU F 63 23.69 -23.63 30.12
CA LEU F 63 24.22 -22.33 29.73
C LEU F 63 25.75 -22.35 29.72
N LYS F 64 26.35 -22.99 30.72
CA LYS F 64 27.80 -23.16 30.73
C LYS F 64 28.28 -23.95 29.53
N TYR F 65 27.47 -24.89 29.04
CA TYR F 65 27.79 -25.60 27.82
C TYR F 65 27.83 -24.65 26.63
N LEU F 66 26.72 -23.94 26.40
CA LEU F 66 26.64 -23.04 25.24
C LEU F 66 27.72 -21.97 25.31
N ILE F 67 27.83 -21.28 26.44
CA ILE F 67 28.83 -20.24 26.63
C ILE F 67 29.80 -20.73 27.69
N ASP F 68 31.06 -20.88 27.32
CA ASP F 68 32.10 -21.01 28.31
C ASP F 68 32.36 -19.64 28.94
N ASP F 69 33.31 -19.59 29.88
CA ASP F 69 33.82 -18.34 30.47
C ASP F 69 32.71 -17.45 31.04
N VAL F 70 31.52 -18.00 31.27
CA VAL F 70 30.44 -17.22 31.87
C VAL F 70 30.78 -16.93 33.34
N GLY F 71 30.55 -15.68 33.74
CA GLY F 71 30.69 -15.33 35.14
C GLY F 71 29.71 -16.09 36.01
N ILE F 72 29.93 -15.99 37.32
CA ILE F 72 29.07 -16.66 38.28
C ILE F 72 27.85 -15.80 38.55
N PHE F 73 26.67 -16.39 38.41
CA PHE F 73 25.42 -15.71 38.76
C PHE F 73 25.20 -15.82 40.26
N PHE F 74 25.23 -14.68 40.96
CA PHE F 74 25.01 -14.67 42.39
C PHE F 74 23.55 -14.59 42.77
N THR F 75 22.69 -14.15 41.85
CA THR F 75 21.26 -14.04 42.10
C THR F 75 20.49 -14.67 40.94
N LYS F 76 19.24 -15.03 41.22
CA LYS F 76 18.33 -15.50 40.18
C LYS F 76 17.84 -14.30 39.39
N LEU F 77 18.07 -14.30 38.09
CA LEU F 77 17.80 -13.14 37.25
C LEU F 77 16.41 -13.22 36.64
N PRO F 78 15.55 -12.23 36.85
CA PRO F 78 14.24 -12.20 36.16
C PRO F 78 14.36 -11.53 34.80
N ILE F 79 15.04 -12.23 33.88
CA ILE F 79 15.34 -11.66 32.57
C ILE F 79 14.06 -11.39 31.79
N THR F 80 12.99 -12.11 32.09
CA THR F 80 11.73 -11.90 31.37
C THR F 80 11.07 -10.60 31.80
N LYS F 81 10.91 -10.41 33.12
CA LYS F 81 10.36 -9.14 33.62
C LYS F 81 11.24 -7.98 33.23
N ALA F 82 12.56 -8.18 33.19
CA ALA F 82 13.47 -7.11 32.78
C ALA F 82 13.29 -6.75 31.32
N PHE F 83 12.95 -7.72 30.48
CA PHE F 83 12.72 -7.41 29.07
C PHE F 83 11.42 -6.64 28.87
N HIS F 84 10.37 -7.03 29.59
CA HIS F 84 9.09 -6.32 29.48
C HIS F 84 9.23 -4.87 29.91
N THR F 85 10.05 -4.61 30.93
CA THR F 85 10.16 -3.26 31.46
C THR F 85 10.92 -2.34 30.52
N TYR F 86 12.07 -2.80 30.02
CA TYR F 86 12.82 -2.01 29.06
C TYR F 86 12.02 -1.78 27.78
N ASN F 87 11.28 -2.79 27.32
CA ASN F 87 10.55 -2.67 26.07
C ASN F 87 9.36 -1.73 26.20
N LYS F 88 8.65 -1.78 27.33
CA LYS F 88 7.48 -0.93 27.50
C LYS F 88 7.84 0.55 27.45
N LYS F 89 9.08 0.90 27.83
CA LYS F 89 9.52 2.28 27.83
C LYS F 89 10.06 2.72 26.47
N TYR F 90 10.75 1.81 25.76
CA TYR F 90 11.43 2.16 24.52
C TYR F 90 10.80 1.55 23.28
N ARG F 91 9.93 0.55 23.44
CA ARG F 91 9.36 -0.23 22.34
C ARG F 91 10.38 -0.52 21.24
N ILE F 92 11.48 -1.17 21.66
CA ILE F 92 12.49 -1.60 20.71
C ILE F 92 12.01 -2.76 19.85
N THR F 93 10.90 -3.41 20.24
CA THR F 93 10.38 -4.53 19.46
C THR F 93 9.53 -4.09 18.28
N LYS F 94 9.08 -2.82 18.26
CA LYS F 94 8.27 -2.32 17.16
C LYS F 94 9.09 -1.97 15.93
N ARG F 95 10.42 -2.10 15.99
CA ARG F 95 11.24 -1.86 14.82
C ARG F 95 11.15 -3.03 13.85
N LEU F 96 11.12 -2.72 12.55
CA LEU F 96 11.00 -3.73 11.52
C LEU F 96 12.31 -4.02 10.80
N TYR F 97 13.26 -3.08 10.82
CA TYR F 97 14.48 -3.21 10.03
C TYR F 97 15.76 -3.00 10.82
N ALA F 98 15.70 -2.45 12.03
CA ALA F 98 16.86 -2.32 12.89
C ALA F 98 16.76 -3.34 14.02
N PRO F 99 17.72 -4.24 14.15
CA PRO F 99 17.63 -5.26 15.21
C PRO F 99 18.04 -4.68 16.56
N PRO F 100 17.77 -5.38 17.65
CA PRO F 100 18.22 -4.91 18.96
C PRO F 100 19.75 -4.85 19.01
N THR F 101 20.25 -3.80 19.67
CA THR F 101 21.68 -3.53 19.70
C THR F 101 22.32 -4.10 20.94
N PHE F 102 23.66 -4.12 20.92
CA PHE F 102 24.44 -4.65 22.04
C PHE F 102 24.17 -3.85 23.31
N ASN F 103 24.08 -2.53 23.20
CA ASN F 103 23.89 -1.69 24.38
C ASN F 103 22.47 -1.80 24.93
N GLU F 104 21.48 -2.05 24.08
CA GLU F 104 20.12 -2.26 24.57
C GLU F 104 20.07 -3.51 25.45
N VAL F 105 20.66 -4.61 24.98
CA VAL F 105 20.74 -5.82 25.79
C VAL F 105 21.59 -5.57 27.04
N ARG F 106 22.64 -4.75 26.90
CA ARG F 106 23.43 -4.37 28.07
C ARG F 106 22.56 -3.70 29.12
N HIS F 107 21.68 -2.79 28.70
CA HIS F 107 20.79 -2.13 29.64
C HIS F 107 19.79 -3.10 30.25
N ILE F 108 19.33 -4.08 29.47
CA ILE F 108 18.37 -5.04 29.98
C ILE F 108 19.02 -5.95 31.02
N LEU F 109 20.27 -6.37 30.78
CA LEU F 109 20.96 -7.21 31.74
C LEU F 109 21.22 -6.46 33.04
N ASN F 110 21.53 -5.16 32.94
CA ASN F 110 21.65 -4.33 34.12
C ASN F 110 20.34 -4.31 34.91
N LEU F 111 19.23 -4.04 34.21
CA LEU F 111 17.92 -4.00 34.87
C LEU F 111 17.56 -5.36 35.46
N ALA F 112 18.03 -6.45 34.84
CA ALA F 112 17.74 -7.78 35.37
C ALA F 112 18.40 -7.98 36.72
N GLN F 113 19.67 -7.59 36.86
CA GLN F 113 20.38 -7.75 38.12
C GLN F 113 19.76 -6.88 39.20
N ILE F 114 19.33 -5.66 38.85
CA ILE F 114 18.69 -4.79 39.83
C ILE F 114 17.38 -5.39 40.30
N LEU F 115 16.59 -5.94 39.37
CA LEU F 115 15.32 -6.57 39.74
C LEU F 115 15.52 -7.82 40.59
N SER F 116 16.71 -8.41 40.55
CA SER F 116 17.02 -9.55 41.40
C SER F 116 17.37 -9.16 42.83
N LEU F 117 17.27 -7.87 43.16
CA LEU F 117 17.66 -7.37 44.47
C LEU F 117 16.47 -7.17 45.40
N GLU F 118 15.37 -7.87 45.16
CA GLU F 118 14.27 -7.86 46.12
C GLU F 118 14.66 -8.50 47.44
N GLU F 119 15.71 -9.33 47.44
CA GLU F 119 16.24 -9.87 48.69
C GLU F 119 16.90 -8.81 49.56
N GLY F 120 17.31 -7.69 48.97
CA GLY F 120 17.92 -6.62 49.73
C GLY F 120 19.31 -6.25 49.28
N LEU F 121 19.74 -5.04 49.61
CA LEU F 121 21.08 -4.56 49.27
C LEU F 121 21.76 -4.05 50.53
N ASP F 122 23.02 -4.44 50.72
CA ASP F 122 23.79 -4.04 51.88
C ASP F 122 24.99 -3.19 51.55
N LEU F 123 25.70 -3.50 50.46
CA LEU F 123 26.84 -2.70 50.02
C LEU F 123 26.67 -2.37 48.54
N LEU F 124 26.84 -1.10 48.21
CA LEU F 124 26.66 -0.62 46.85
C LEU F 124 27.82 0.32 46.52
N THR F 125 28.68 -0.11 45.60
CA THR F 125 29.93 0.59 45.31
C THR F 125 29.87 1.27 43.95
N PHE F 126 30.76 2.25 43.77
CA PHE F 126 30.82 3.07 42.58
C PHE F 126 32.25 3.13 42.06
N ASP F 127 32.37 3.20 40.74
CA ASP F 127 33.65 3.43 40.07
C ASP F 127 33.75 4.92 39.78
N ALA F 128 34.73 5.58 40.40
CA ALA F 128 34.74 7.05 40.43
C ALA F 128 34.84 7.65 39.04
N ASN F 129 35.91 7.35 38.32
CA ASN F 129 36.18 7.99 37.04
C ASN F 129 35.24 7.44 35.98
N GLU F 130 34.44 8.33 35.39
CA GLU F 130 33.56 8.17 34.23
C GLU F 130 32.18 7.64 34.60
N THR F 131 31.94 7.27 35.86
CA THR F 131 30.59 6.95 36.30
C THR F 131 30.03 7.96 37.30
N LEU F 132 30.86 8.49 38.19
CA LEU F 132 30.44 9.56 39.08
C LEU F 132 30.72 10.94 38.52
N TYR F 133 31.67 11.05 37.61
CA TYR F 133 32.05 12.28 36.94
C TYR F 133 33.02 11.95 35.80
N PRO F 134 33.10 12.79 34.77
CA PRO F 134 33.99 12.48 33.65
C PRO F 134 35.44 12.38 34.08
N ASP F 135 36.23 11.69 33.26
CA ASP F 135 37.63 11.42 33.59
C ASP F 135 38.40 12.72 33.71
N GLY F 136 38.99 12.95 34.88
CA GLY F 136 39.81 14.12 35.13
C GLY F 136 39.11 15.26 35.83
N HIS F 137 37.81 15.16 36.06
CA HIS F 137 37.05 16.21 36.71
C HIS F 137 36.79 15.86 38.18
N ASP F 138 36.16 16.79 38.88
CA ASP F 138 35.70 16.57 40.24
C ASP F 138 34.18 16.48 40.25
N PHE F 139 33.66 15.89 41.32
CA PHE F 139 32.22 15.64 41.42
C PHE F 139 31.46 16.96 41.36
N ASN F 140 30.44 17.00 40.51
CA ASN F 140 29.62 18.21 40.34
C ASN F 140 28.26 17.86 39.74
N ASP F 141 27.39 17.24 40.55
CA ASP F 141 26.05 16.88 40.08
C ASP F 141 25.14 16.79 41.31
N GLU F 142 24.32 17.80 41.52
CA GLU F 142 23.44 17.81 42.68
C GLU F 142 22.42 16.67 42.61
N VAL F 143 21.93 16.36 41.41
CA VAL F 143 20.96 15.30 41.24
C VAL F 143 21.56 13.95 41.63
N LEU F 144 22.76 13.66 41.11
CA LEU F 144 23.44 12.42 41.44
C LEU F 144 23.67 12.29 42.94
N ALA F 145 24.07 13.39 43.59
CA ALA F 145 24.27 13.35 45.03
C ALA F 145 22.96 13.08 45.76
N SER F 146 21.84 13.59 45.23
CA SER F 146 20.57 13.42 45.90
C SER F 146 20.12 11.96 45.92
N TYR F 147 20.37 11.22 44.83
CA TYR F 147 20.03 9.81 44.82
C TYR F 147 20.91 9.01 45.76
N ILE F 148 22.18 9.40 45.91
CA ILE F 148 23.09 8.64 46.74
C ILE F 148 22.79 8.85 48.21
N SER F 149 22.37 10.07 48.59
CA SER F 149 22.04 10.35 49.98
C SER F 149 20.85 9.53 50.45
N CYS F 150 19.88 9.31 49.55
CA CYS F 150 18.71 8.53 49.93
C CYS F 150 19.05 7.06 50.13
N LEU F 151 20.05 6.55 49.40
CA LEU F 151 20.43 5.15 49.52
C LEU F 151 21.35 4.91 50.70
N LEU F 152 22.15 5.90 51.09
CA LEU F 152 23.08 5.73 52.19
C LEU F 152 22.37 5.43 53.50
N LYS F 153 21.12 5.86 53.64
CA LYS F 153 20.36 5.54 54.84
C LYS F 153 19.99 4.06 54.90
N LYS F 154 19.80 3.43 53.75
CA LYS F 154 19.34 2.04 53.70
C LYS F 154 20.47 1.03 53.67
N MET F 155 21.67 1.43 53.25
CA MET F 155 22.71 0.47 52.96
C MET F 155 24.07 1.12 53.11
N ASN F 156 25.12 0.31 53.00
CA ASN F 156 26.48 0.83 52.99
C ASN F 156 26.87 1.26 51.58
N ILE F 157 27.51 2.41 51.48
CA ILE F 157 27.90 2.99 50.20
C ILE F 157 29.41 3.21 50.22
N ALA F 158 30.09 2.71 49.18
CA ALA F 158 31.53 2.85 49.06
C ALA F 158 31.89 3.35 47.67
N ILE F 159 33.04 4.01 47.57
CA ILE F 159 33.59 4.48 46.30
C ILE F 159 34.91 3.76 46.09
N VAL F 160 35.01 3.01 44.99
CA VAL F 160 36.18 2.20 44.68
C VAL F 160 36.80 2.80 43.43
N THR F 161 37.89 3.56 43.59
CA THR F 161 38.54 4.27 42.51
C THR F 161 39.94 3.74 42.27
N ALA F 162 40.33 3.65 41.01
CA ALA F 162 41.68 3.22 40.66
C ALA F 162 42.73 4.28 40.95
N ALA F 163 42.32 5.52 41.21
CA ALA F 163 43.26 6.60 41.49
C ALA F 163 43.86 6.43 42.88
N SER F 164 45.17 6.69 42.98
CA SER F 164 45.90 6.57 44.24
C SER F 164 46.55 7.92 44.54
N TYR F 165 46.06 8.58 45.59
CA TYR F 165 46.59 9.86 46.05
C TYR F 165 47.31 9.72 47.38
N ASN F 166 48.02 8.61 47.57
CA ASN F 166 48.75 8.31 48.80
C ASN F 166 47.75 8.33 49.96
N ASN F 167 48.15 8.79 51.14
CA ASN F 167 47.27 8.77 52.32
C ASN F 167 46.75 10.16 52.68
N ASP F 168 47.03 11.17 51.86
CA ASP F 168 46.53 12.52 52.09
C ASP F 168 45.06 12.56 51.69
N ALA F 169 44.17 12.46 52.70
CA ALA F 169 42.74 12.47 52.43
C ALA F 169 42.28 13.75 51.74
N GLU F 170 43.03 14.84 51.89
CA GLU F 170 42.64 16.09 51.22
C GLU F 170 42.67 15.95 49.71
N LYS F 171 43.57 15.11 49.19
CA LYS F 171 43.64 14.91 47.75
C LYS F 171 42.39 14.21 47.21
N TYR F 172 41.85 13.25 47.96
CA TYR F 172 40.64 12.57 47.54
C TYR F 172 39.40 13.42 47.74
N GLN F 173 39.41 14.33 48.72
CA GLN F 173 38.23 15.16 48.94
C GLN F 173 38.05 16.20 47.84
N LYS F 174 39.15 16.64 47.22
CA LYS F 174 39.04 17.56 46.09
C LYS F 174 38.21 16.95 44.97
N ARG F 175 38.34 15.64 44.79
CA ARG F 175 37.58 14.93 43.76
C ARG F 175 36.10 14.88 44.10
N LEU F 176 35.76 14.60 45.37
CA LEU F 176 34.38 14.42 45.82
C LEU F 176 33.90 15.54 46.73
N GLU F 177 34.37 16.77 46.47
CA GLU F 177 34.05 17.88 47.37
C GLU F 177 32.56 18.20 47.35
N ASN F 178 31.97 18.28 46.16
CA ASN F 178 30.55 18.59 46.06
C ASN F 178 29.70 17.47 46.65
N LEU F 179 30.12 16.22 46.49
CA LEU F 179 29.37 15.11 47.06
C LEU F 179 29.38 15.16 48.57
N LEU F 180 30.56 15.35 49.17
CA LEU F 180 30.65 15.42 50.63
C LEU F 180 29.97 16.66 51.17
N LYS F 181 29.92 17.74 50.39
CA LYS F 181 29.18 18.93 50.81
C LYS F 181 27.69 18.65 50.92
N TYR F 182 27.18 17.69 50.15
CA TYR F 182 25.76 17.35 50.22
C TYR F 182 25.43 16.50 51.42
N PHE F 183 26.37 15.66 51.89
CA PHE F 183 26.11 14.86 53.08
C PHE F 183 25.97 15.72 54.32
N SER F 184 26.64 16.87 54.35
CA SER F 184 26.58 17.74 55.52
C SER F 184 25.17 18.28 55.75
N LYS F 185 24.42 18.52 54.68
CA LYS F 185 23.10 19.11 54.78
C LYS F 185 22.00 18.08 55.05
N HIS F 186 22.30 16.78 54.99
CA HIS F 186 21.26 15.78 55.14
C HIS F 186 21.66 14.55 55.96
N ASN F 187 22.94 14.17 55.99
CA ASN F 187 23.33 12.85 56.48
C ASN F 187 24.10 12.89 57.80
N ILE F 188 24.16 14.04 58.47
CA ILE F 188 24.88 14.11 59.74
C ILE F 188 24.00 13.61 60.89
N LYS F 189 22.73 14.02 60.91
CA LYS F 189 21.86 13.67 62.03
C LYS F 189 21.50 12.20 62.03
N ASP F 190 21.27 11.62 60.85
CA ASP F 190 20.84 10.23 60.75
C ASP F 190 21.94 9.23 61.08
N GLY F 191 23.14 9.69 61.44
CA GLY F 191 24.25 8.79 61.67
C GLY F 191 24.73 8.05 60.44
N SER F 192 24.26 8.44 59.26
CA SER F 192 24.62 7.78 58.01
C SER F 192 25.93 8.29 57.42
N TYR F 193 26.63 9.22 58.09
CA TYR F 193 27.95 9.58 57.62
C TYR F 193 28.96 8.48 57.89
N LYS F 194 28.71 7.66 58.91
CA LYS F 194 29.34 6.36 58.97
C LYS F 194 28.68 5.43 57.94
N ASN F 195 29.33 4.29 57.68
CA ASN F 195 28.96 3.33 56.65
C ASN F 195 29.25 3.85 55.24
N PHE F 196 29.98 4.95 55.11
CA PHE F 196 30.46 5.44 53.82
C PHE F 196 31.97 5.34 53.78
N TYR F 197 32.49 4.76 52.70
CA TYR F 197 33.93 4.52 52.56
C TYR F 197 34.40 4.96 51.18
N VAL F 198 35.70 5.19 51.08
CA VAL F 198 36.38 5.49 49.83
C VAL F 198 37.64 4.64 49.78
N MET F 199 37.81 3.90 48.68
CA MET F 199 38.95 2.99 48.52
C MET F 199 39.86 3.53 47.43
N GLY F 200 41.08 3.93 47.83
CA GLY F 200 42.08 4.39 46.88
C GLY F 200 42.91 3.24 46.34
N GLY F 201 43.82 3.59 45.43
CA GLY F 201 44.57 2.59 44.71
C GLY F 201 43.63 1.63 44.01
N GLU F 202 43.51 0.42 44.53
CA GLU F 202 42.36 -0.44 44.27
C GLU F 202 41.97 -1.29 45.45
N SER F 203 42.93 -1.73 46.27
CA SER F 203 42.65 -2.30 47.58
C SER F 203 43.68 -1.82 48.59
N ASN F 204 44.33 -0.68 48.33
CA ASN F 204 45.51 -0.25 49.07
C ASN F 204 45.27 0.91 50.02
N TYR F 205 44.20 1.68 49.82
CA TYR F 205 43.89 2.81 50.69
C TYR F 205 42.42 2.76 51.05
N LEU F 206 42.10 2.91 52.33
CA LEU F 206 40.73 2.91 52.81
C LEU F 206 40.47 4.15 53.64
N PHE F 207 39.30 4.75 53.45
CA PHE F 207 38.93 5.98 54.13
C PHE F 207 37.52 5.85 54.69
N LYS F 208 37.14 6.84 55.50
CA LYS F 208 35.78 6.97 55.99
C LYS F 208 35.49 8.45 56.18
N CYS F 209 34.27 8.77 56.58
CA CYS F 209 33.81 10.15 56.72
C CYS F 209 33.74 10.55 58.19
N ASN F 210 34.21 11.75 58.49
CA ASN F 210 34.13 12.31 59.82
C ASN F 210 32.78 12.99 60.03
N GLU F 211 32.59 13.55 61.22
CA GLU F 211 31.29 14.13 61.58
C GLU F 211 30.91 15.33 60.72
N GLU F 212 31.87 15.96 60.05
CA GLU F 212 31.61 17.20 59.30
C GLU F 212 32.21 17.08 57.88
N ALA F 213 31.70 16.13 57.11
CA ALA F 213 31.92 16.07 55.66
C ALA F 213 33.41 16.11 55.31
N THR F 214 34.20 15.32 56.02
CA THR F 214 35.64 15.28 55.81
C THR F 214 36.12 13.84 55.75
N LEU F 215 37.02 13.57 54.80
CA LEU F 215 37.62 12.25 54.70
C LEU F 215 38.74 12.09 55.72
N TYR F 216 38.76 10.94 56.40
CA TYR F 216 39.87 10.57 57.26
C TYR F 216 40.22 9.12 56.98
N SER F 217 41.51 8.84 56.85
CA SER F 217 41.96 7.49 56.51
C SER F 217 41.74 6.56 57.69
N VAL F 218 41.12 5.41 57.43
CA VAL F 218 40.90 4.40 58.47
C VAL F 218 42.26 3.90 58.95
N PRO F 219 42.45 3.66 60.25
CA PRO F 219 43.74 3.11 60.72
C PRO F 219 44.09 1.82 60.01
N GLU F 220 45.33 1.74 59.54
CA GLU F 220 45.78 0.57 58.78
C GLU F 220 45.70 -0.70 59.61
N ASN F 221 45.75 -0.58 60.93
CA ASN F 221 45.64 -1.76 61.78
C ASN F 221 44.24 -2.37 61.71
N GLU F 222 43.22 -1.56 61.40
CA GLU F 222 41.85 -2.03 61.39
C GLU F 222 41.45 -2.75 60.12
N TRP F 223 42.31 -2.80 59.10
CA TRP F 223 41.91 -3.38 57.84
C TRP F 223 43.02 -4.05 57.03
N ARG F 224 44.25 -4.10 57.53
CA ARG F 224 45.35 -4.70 56.78
C ARG F 224 45.38 -6.22 56.85
N HIS F 225 44.54 -6.84 57.67
CA HIS F 225 44.56 -8.29 57.81
C HIS F 225 43.67 -8.99 56.80
N TYR F 226 42.54 -8.38 56.41
CA TYR F 226 41.72 -8.93 55.34
C TYR F 226 42.47 -8.96 54.01
N LYS F 227 43.45 -8.10 53.84
CA LYS F 227 44.21 -8.02 52.59
C LYS F 227 45.26 -9.11 52.53
N LYS F 228 45.35 -9.79 51.38
CA LYS F 228 46.41 -10.75 51.13
C LYS F 228 47.75 -10.03 51.11
N PHE F 229 48.60 -10.29 52.10
CA PHE F 229 49.85 -9.58 52.23
C PHE F 229 50.78 -9.90 51.06
N VAL F 230 51.56 -8.90 50.67
CA VAL F 230 52.56 -9.03 49.61
C VAL F 230 53.87 -8.46 50.12
N ASP F 231 54.95 -9.22 49.98
CA ASP F 231 56.26 -8.73 50.37
C ASP F 231 56.62 -7.49 49.56
N TYR F 232 57.29 -6.54 50.22
CA TYR F 232 57.60 -5.27 49.57
C TYR F 232 58.44 -5.49 48.32
N ASP F 233 59.36 -6.45 48.36
CA ASP F 233 60.21 -6.72 47.21
C ASP F 233 59.38 -7.22 46.03
N THR F 234 58.33 -7.99 46.31
CA THR F 234 57.46 -8.47 45.23
C THR F 234 56.73 -7.33 44.55
N VAL F 235 56.31 -6.34 45.33
CA VAL F 235 55.60 -5.19 44.77
C VAL F 235 56.48 -4.49 43.74
N GLN F 236 57.75 -4.28 44.06
CA GLN F 236 58.63 -3.56 43.16
C GLN F 236 58.98 -4.38 41.92
N GLU F 237 58.96 -5.71 42.03
CA GLU F 237 59.15 -6.53 40.83
C GLU F 237 58.05 -6.26 39.80
N ILE F 238 56.80 -6.19 40.25
CA ILE F 238 55.71 -5.87 39.35
C ILE F 238 55.93 -4.51 38.70
N LEU F 239 56.35 -3.52 39.48
CA LEU F 239 56.60 -2.20 38.92
C LEU F 239 57.85 -2.19 38.05
N ASN F 240 58.90 -2.91 38.47
CA ASN F 240 60.11 -2.96 37.65
C ASN F 240 59.84 -3.62 36.31
N ILE F 241 59.01 -4.67 36.29
CA ILE F 241 58.66 -5.31 35.04
C ILE F 241 57.84 -4.36 34.16
N SER F 242 56.86 -3.70 34.76
CA SER F 242 55.97 -2.83 33.99
C SER F 242 56.70 -1.63 33.41
N GLU F 243 57.62 -1.05 34.19
CA GLU F 243 58.34 0.14 33.73
C GLU F 243 59.20 -0.18 32.51
N LYS F 244 59.79 -1.37 32.47
CA LYS F 244 60.59 -1.75 31.31
C LYS F 244 59.73 -2.03 30.10
N CYS F 245 58.52 -2.55 30.31
CA CYS F 245 57.62 -2.83 29.19
C CYS F 245 57.14 -1.54 28.55
N LEU F 246 56.75 -0.56 29.37
CA LEU F 246 56.21 0.70 28.84
C LEU F 246 57.27 1.47 28.07
N GLU F 247 58.54 1.40 28.51
CA GLU F 247 59.61 2.03 27.75
C GLU F 247 59.73 1.43 26.36
N LYS F 248 59.55 0.11 26.25
CA LYS F 248 59.52 -0.51 24.92
C LYS F 248 58.28 -0.10 24.15
N VAL F 249 57.16 0.13 24.83
CA VAL F 249 55.95 0.61 24.17
C VAL F 249 56.19 1.99 23.58
N ILE F 250 56.82 2.87 24.36
CA ILE F 250 57.13 4.21 23.87
C ILE F 250 58.22 4.14 22.80
N LYS F 251 59.14 3.19 22.92
CA LYS F 251 60.23 3.11 21.94
C LYS F 251 59.75 2.49 20.63
N ASP F 252 58.91 1.45 20.70
CA ASP F 252 58.41 0.79 19.51
C ASP F 252 57.54 1.74 18.70
N PHE F 253 56.31 1.97 19.17
CA PHE F 253 55.43 2.97 18.57
C PHE F 253 55.89 4.35 19.02
N GLY F 254 56.36 5.16 18.08
CA GLY F 254 56.77 6.52 18.40
C GLY F 254 55.63 7.32 18.98
N LEU F 255 55.71 7.62 20.28
CA LEU F 255 54.63 8.29 20.96
C LEU F 255 55.18 9.23 22.01
N CYS F 256 54.41 10.28 22.32
CA CYS F 256 54.82 11.31 23.26
C CYS F 256 54.11 11.06 24.59
N ALA F 257 54.85 10.47 25.53
CA ALA F 257 54.32 10.22 26.86
C ALA F 257 55.47 9.90 27.80
N GLN F 258 55.25 10.12 29.08
CA GLN F 258 56.21 9.82 30.13
C GLN F 258 55.65 8.74 31.05
N ILE F 259 56.49 8.26 31.95
CA ILE F 259 56.14 7.20 32.89
C ILE F 259 56.16 7.79 34.29
N GLN F 260 55.11 7.52 35.06
CA GLN F 260 54.95 8.03 36.42
C GLN F 260 54.92 6.87 37.40
N ARG F 261 55.84 6.87 38.35
CA ARG F 261 55.97 5.80 39.34
C ARG F 261 55.48 6.27 40.69
N LYS F 262 54.74 5.40 41.39
CA LYS F 262 54.32 5.66 42.75
C LYS F 262 54.75 4.51 43.65
N GLU F 263 54.24 4.45 44.87
CA GLU F 263 54.68 3.41 45.81
C GLU F 263 54.18 2.04 45.38
N LYS F 264 52.91 1.94 44.99
CA LYS F 264 52.32 0.67 44.58
C LYS F 264 51.58 0.81 43.26
N SER F 265 52.10 1.64 42.36
CA SER F 265 51.43 1.84 41.07
C SER F 265 52.35 2.57 40.11
N ILE F 266 52.34 2.14 38.85
CA ILE F 266 52.89 2.92 37.75
C ILE F 266 51.76 3.23 36.77
N GLY F 267 51.99 4.21 35.92
CA GLY F 267 51.07 4.51 34.84
C GLY F 267 51.79 5.13 33.66
N LEU F 268 51.15 5.02 32.51
CA LEU F 268 51.61 5.67 31.28
C LEU F 268 50.69 6.85 31.02
N VAL F 269 51.24 8.05 31.08
CA VAL F 269 50.48 9.29 30.99
C VAL F 269 51.01 10.08 29.81
N PRO F 270 50.14 10.68 29.00
CA PRO F 270 50.61 11.40 27.80
C PRO F 270 51.44 12.63 28.14
N ASN F 271 51.96 13.28 27.11
CA ASN F 271 52.90 14.37 27.28
C ASN F 271 52.23 15.73 27.43
N LYS F 272 50.97 15.87 27.03
CA LYS F 272 50.21 17.10 27.20
C LYS F 272 50.87 18.31 26.57
N ILE F 273 50.79 18.43 25.24
CA ILE F 273 51.39 19.57 24.53
C ILE F 273 50.81 20.90 25.00
N ASN F 284 45.88 17.82 25.49
CA ASN F 284 46.78 16.70 25.73
C ASN F 284 46.94 15.85 24.47
N TYR F 285 48.06 15.12 24.39
CA TYR F 285 48.28 14.22 23.27
C TYR F 285 47.28 13.07 23.30
N MET F 286 47.05 12.49 22.12
CA MET F 286 46.21 11.31 21.99
C MET F 286 47.09 10.09 21.78
N ILE F 287 46.83 9.04 22.55
CA ILE F 287 47.50 7.76 22.42
C ILE F 287 46.53 6.79 21.76
N LYS F 288 47.03 6.04 20.78
CA LYS F 288 46.18 5.11 20.05
C LYS F 288 45.55 4.11 21.01
N TYR F 289 44.23 3.91 20.87
CA TYR F 289 43.53 2.96 21.73
C TYR F 289 44.13 1.57 21.60
N GLU F 290 44.52 1.18 20.39
CA GLU F 290 45.07 -0.15 20.16
C GLU F 290 46.41 -0.34 20.88
N VAL F 291 47.21 0.72 20.98
CA VAL F 291 48.48 0.62 21.69
C VAL F 291 48.26 0.35 23.17
N LEU F 292 47.30 1.05 23.78
CA LEU F 292 46.99 0.80 25.18
C LEU F 292 46.46 -0.62 25.38
N GLU F 293 45.71 -1.14 24.40
CA GLU F 293 45.18 -2.49 24.52
C GLU F 293 46.30 -3.53 24.51
N GLU F 294 47.33 -3.33 23.69
CA GLU F 294 48.41 -4.30 23.63
C GLU F 294 49.37 -4.14 24.80
N ALA F 295 49.70 -2.90 25.17
CA ALA F 295 50.59 -2.66 26.29
C ALA F 295 50.07 -3.31 27.56
N VAL F 296 48.74 -3.35 27.74
CA VAL F 296 48.15 -4.13 28.82
C VAL F 296 48.52 -5.60 28.68
N ILE F 297 48.32 -6.15 27.48
CA ILE F 297 48.57 -7.57 27.26
C ILE F 297 50.06 -7.89 27.40
N ARG F 298 50.91 -7.00 26.89
CA ARG F 298 52.35 -7.18 27.06
C ARG F 298 52.73 -7.22 28.53
N ILE F 299 52.12 -6.35 29.34
CA ILE F 299 52.43 -6.31 30.76
C ILE F 299 51.92 -7.57 31.45
N LYS F 300 50.66 -7.93 31.20
CA LYS F 300 50.11 -9.15 31.79
C LYS F 300 50.89 -10.39 31.34
N LYS F 301 51.50 -10.34 30.16
CA LYS F 301 52.27 -11.47 29.67
C LYS F 301 53.58 -11.61 30.44
N GLU F 302 54.26 -10.49 30.68
CA GLU F 302 55.58 -10.55 31.32
C GLU F 302 55.49 -10.99 32.77
N ILE F 303 54.42 -10.62 33.47
CA ILE F 303 54.26 -11.04 34.86
C ILE F 303 54.03 -12.55 34.95
N ILE F 304 53.41 -13.14 33.93
CA ILE F 304 53.20 -14.58 33.92
C ILE F 304 54.51 -15.32 33.71
N LYS F 305 55.40 -14.76 32.88
CA LYS F 305 56.70 -15.40 32.66
C LYS F 305 57.54 -15.40 33.93
N ASN F 306 57.38 -14.40 34.78
CA ASN F 306 58.13 -14.31 36.03
C ASN F 306 57.43 -15.05 37.17
N LYS F 307 56.39 -15.84 36.88
CA LYS F 307 55.77 -16.73 37.85
C LYS F 307 55.30 -15.99 39.11
N ILE F 308 54.68 -14.83 38.90
CA ILE F 308 54.19 -13.99 39.99
C ILE F 308 52.70 -14.23 40.17
N THR F 309 52.28 -14.52 41.40
CA THR F 309 50.90 -14.82 41.71
C THR F 309 50.20 -13.73 42.52
N ALA F 310 50.88 -12.63 42.78
CA ALA F 310 50.31 -11.58 43.62
C ALA F 310 49.14 -10.89 42.90
N PRO F 311 48.18 -10.36 43.65
CA PRO F 311 47.07 -9.63 43.03
C PRO F 311 47.56 -8.31 42.44
N TYR F 312 47.37 -8.16 41.13
CA TYR F 312 47.75 -6.95 40.41
C TYR F 312 46.61 -6.59 39.46
N CYS F 313 46.82 -5.55 38.66
CA CYS F 313 45.85 -5.13 37.66
C CYS F 313 46.47 -4.15 36.66
N ALA F 314 46.23 -4.39 35.37
CA ALA F 314 46.64 -3.48 34.30
C ALA F 314 45.43 -3.21 33.43
N PHE F 315 44.97 -1.96 33.39
CA PHE F 315 43.71 -1.62 32.75
C PHE F 315 43.93 -0.52 31.72
N ASN F 316 43.04 -0.49 30.72
CA ASN F 316 43.16 0.48 29.63
C ASN F 316 42.92 1.89 30.14
N GLY F 317 41.77 2.14 30.77
CA GLY F 317 41.52 3.43 31.39
C GLY F 317 41.20 4.56 30.44
N GLY F 318 40.73 4.27 29.23
CA GLY F 318 40.38 5.32 28.30
C GLY F 318 41.57 5.91 27.58
N GLN F 319 42.23 6.88 28.21
CA GLN F 319 43.31 7.63 27.57
C GLN F 319 44.63 7.55 28.34
N ASP F 320 44.78 6.59 29.24
CA ASP F 320 46.01 6.45 29.99
C ASP F 320 46.08 5.08 30.66
N LEU F 321 47.20 4.38 30.48
CA LEU F 321 47.43 3.07 31.06
C LEU F 321 48.02 3.20 32.46
N TRP F 322 47.55 2.35 33.38
CA TRP F 322 48.04 2.34 34.74
C TRP F 322 48.11 0.90 35.25
N VAL F 323 49.11 0.64 36.08
CA VAL F 323 49.32 -0.68 36.70
C VAL F 323 49.40 -0.47 38.21
N ASP F 324 48.39 -0.95 38.93
CA ASP F 324 48.37 -0.93 40.39
C ASP F 324 48.55 -2.34 40.93
N VAL F 325 49.05 -2.42 42.16
CA VAL F 325 49.28 -3.72 42.79
C VAL F 325 48.06 -4.05 43.64
N GLY F 326 46.90 -3.62 43.19
CA GLY F 326 45.66 -3.90 43.88
C GLY F 326 44.61 -4.47 42.96
N ASN F 327 43.41 -4.67 43.49
CA ASN F 327 42.28 -5.17 42.71
C ASN F 327 41.01 -4.51 43.20
N LYS F 328 40.12 -4.19 42.26
CA LYS F 328 38.76 -3.84 42.66
C LYS F 328 38.03 -5.04 43.22
N ALA F 329 38.42 -6.25 42.80
CA ALA F 329 37.87 -7.46 43.41
C ALA F 329 38.37 -7.64 44.82
N GLU F 330 39.66 -7.37 45.07
CA GLU F 330 40.19 -7.47 46.42
C GLU F 330 39.68 -6.33 47.29
N GLY F 331 39.51 -5.14 46.71
CA GLY F 331 38.93 -4.04 47.46
C GLY F 331 37.53 -4.34 47.94
N LEU F 332 36.73 -5.03 47.11
CA LEU F 332 35.41 -5.47 47.54
C LEU F 332 35.52 -6.53 48.63
N LEU F 333 36.31 -7.58 48.37
CA LEU F 333 36.45 -8.67 49.32
C LEU F 333 36.95 -8.16 50.67
N ILE F 334 37.74 -7.10 50.67
CA ILE F 334 38.11 -6.46 51.94
C ILE F 334 36.88 -5.80 52.57
N LEU F 335 36.13 -5.04 51.77
CA LEU F 335 34.95 -4.36 52.29
C LEU F 335 33.85 -5.34 52.66
N GLN F 336 33.73 -6.46 51.93
CA GLN F 336 32.75 -7.48 52.31
C GLN F 336 33.07 -8.06 53.68
N LYS F 337 34.30 -8.56 53.85
CA LYS F 337 34.68 -9.17 55.12
C LYS F 337 34.68 -8.15 56.25
N LEU F 338 35.07 -6.91 55.95
CA LEU F 338 35.08 -5.87 56.96
C LEU F 338 33.66 -5.59 57.47
N LEU F 339 32.69 -5.53 56.56
CA LEU F 339 31.31 -5.21 56.91
C LEU F 339 30.43 -6.44 57.05
N LYS F 340 30.99 -7.63 56.82
CA LYS F 340 30.29 -8.91 56.98
C LYS F 340 28.98 -8.90 56.17
N ILE F 341 29.17 -9.01 54.86
CA ILE F 341 28.08 -8.95 53.89
C ILE F 341 28.20 -10.12 52.93
N GLN F 342 27.08 -10.79 52.69
CA GLN F 342 26.99 -11.82 51.66
C GLN F 342 27.33 -11.25 50.29
N LYS F 343 27.99 -12.06 49.46
CA LYS F 343 28.19 -11.66 48.08
C LYS F 343 26.87 -11.51 47.35
N LYS F 344 25.85 -12.25 47.76
CA LYS F 344 24.55 -12.20 47.10
C LYS F 344 23.94 -10.80 47.18
N LYS F 345 24.27 -10.03 48.22
CA LYS F 345 23.73 -8.70 48.43
C LYS F 345 24.79 -7.62 48.28
N CYS F 346 25.67 -7.77 47.28
CA CYS F 346 26.71 -6.80 47.00
C CYS F 346 26.64 -6.41 45.52
N CYS F 347 26.88 -5.14 45.23
CA CYS F 347 26.73 -4.63 43.87
C CYS F 347 27.77 -3.56 43.59
N HIS F 348 28.25 -3.53 42.35
CA HIS F 348 29.25 -2.56 41.89
C HIS F 348 28.78 -1.93 40.59
N ILE F 349 28.99 -0.61 40.47
CA ILE F 349 28.67 0.13 39.26
C ILE F 349 29.99 0.62 38.67
N GLY F 350 30.35 0.10 37.50
CA GLY F 350 31.60 0.44 36.87
C GLY F 350 31.42 0.65 35.38
N ASP F 351 32.43 1.25 34.76
CA ASP F 351 32.39 1.58 33.34
C ASP F 351 33.37 0.77 32.52
N GLN F 352 34.14 -0.11 33.14
CA GLN F 352 35.25 -0.78 32.47
C GLN F 352 35.09 -2.29 32.62
N PHE F 353 34.03 -2.83 32.02
CA PHE F 353 33.73 -4.25 32.11
C PHE F 353 34.16 -5.01 30.87
N LEU F 354 34.99 -4.40 30.03
CA LEU F 354 35.78 -5.16 29.08
C LEU F 354 36.86 -5.92 29.82
N HIS F 355 37.44 -6.92 29.15
CA HIS F 355 38.49 -7.72 29.79
C HIS F 355 39.68 -6.85 30.17
N SER F 356 40.01 -5.86 29.35
CA SER F 356 41.10 -4.95 29.64
C SER F 356 40.74 -3.89 30.67
N GLY F 357 39.62 -4.06 31.37
CA GLY F 357 39.18 -3.10 32.36
C GLY F 357 39.48 -3.57 33.78
N ASN F 358 39.34 -2.64 34.71
CA ASN F 358 39.66 -2.89 36.11
C ASN F 358 38.44 -3.21 36.97
N ASP F 359 37.23 -2.85 36.53
CA ASP F 359 36.02 -3.31 37.19
C ASP F 359 35.58 -4.68 36.72
N PHE F 360 36.25 -5.25 35.71
CA PHE F 360 35.96 -6.61 35.28
C PHE F 360 36.06 -7.63 36.40
N PRO F 361 37.12 -7.65 37.23
CA PRO F 361 37.20 -8.70 38.26
C PRO F 361 36.08 -8.64 39.28
N THR F 362 35.34 -7.52 39.36
CA THR F 362 34.24 -7.43 40.31
C THR F 362 33.10 -8.38 39.96
N ARG F 363 33.04 -8.87 38.71
CA ARG F 363 32.07 -9.90 38.35
C ARG F 363 32.27 -11.16 39.17
N PHE F 364 33.48 -11.38 39.69
CA PHE F 364 33.82 -12.63 40.37
C PHE F 364 33.32 -12.68 41.80
N CYS F 365 32.88 -11.55 42.38
CA CYS F 365 32.48 -11.55 43.78
C CYS F 365 31.38 -10.55 44.11
N SER F 366 30.60 -10.11 43.12
CA SER F 366 29.56 -9.11 43.35
C SER F 366 28.68 -9.01 42.12
N LEU F 367 27.52 -8.41 42.30
CA LEU F 367 26.67 -8.04 41.18
C LEU F 367 27.25 -6.80 40.50
N THR F 368 27.18 -6.76 39.18
CA THR F 368 27.91 -5.78 38.39
C THR F 368 26.98 -5.12 37.38
N LEU F 369 26.84 -3.81 37.49
CA LEU F 369 26.10 -3.01 36.52
C LEU F 369 27.09 -2.30 35.60
N TRP F 370 26.89 -2.47 34.29
CA TRP F 370 27.78 -1.88 33.29
C TRP F 370 27.20 -0.53 32.87
N VAL F 371 27.98 0.53 33.05
CA VAL F 371 27.54 1.89 32.81
C VAL F 371 28.57 2.59 31.93
N SER F 372 28.09 3.37 30.95
CA SER F 372 29.00 4.04 30.02
C SER F 372 29.25 5.50 30.36
N ASN F 373 28.39 6.14 31.16
CA ASN F 373 28.52 7.56 31.44
C ASN F 373 27.70 7.88 32.69
N PRO F 374 28.00 8.98 33.38
CA PRO F 374 27.30 9.26 34.65
C PRO F 374 25.80 9.36 34.54
N GLN F 375 25.26 9.80 33.40
CA GLN F 375 23.81 9.88 33.26
C GLN F 375 23.16 8.51 33.36
N GLU F 376 23.88 7.46 32.99
CA GLU F 376 23.35 6.11 33.13
C GLU F 376 23.37 5.66 34.58
N THR F 377 24.30 6.18 35.38
CA THR F 377 24.26 5.91 36.82
C THR F 377 23.02 6.50 37.47
N LYS F 378 22.52 7.62 36.95
CA LYS F 378 21.28 8.18 37.46
C LYS F 378 20.11 7.23 37.23
N ALA F 379 20.02 6.66 36.03
CA ALA F 379 18.95 5.72 35.75
C ALA F 379 19.13 4.42 36.54
N CYS F 380 20.36 4.07 36.89
CA CYS F 380 20.60 2.86 37.67
C CYS F 380 20.13 3.05 39.11
N LEU F 381 20.55 4.14 39.76
CA LEU F 381 20.20 4.36 41.15
C LEU F 381 18.71 4.62 41.32
N LYS F 382 18.10 5.35 40.38
CA LYS F 382 16.67 5.62 40.46
C LYS F 382 15.87 4.32 40.38
N SER F 383 16.36 3.34 39.63
CA SER F 383 15.67 2.05 39.57
C SER F 383 15.83 1.26 40.86
N ILE F 384 16.96 1.43 41.55
CA ILE F 384 17.13 0.79 42.85
C ILE F 384 16.24 1.46 43.89
N MET F 385 15.92 2.74 43.69
CA MET F 385 15.08 3.47 44.64
C MET F 385 13.61 3.09 44.50
N HIS F 386 13.17 2.70 43.30
CA HIS F 386 11.80 2.25 43.07
C HIS F 386 11.68 0.73 43.22
N LEU F 387 12.47 0.12 44.11
CA LEU F 387 12.56 -1.32 44.22
C LEU F 387 11.45 -1.85 45.13
N ASN F 388 11.54 -3.13 45.47
CA ASN F 388 10.57 -3.82 46.33
C ASN F 388 9.16 -3.71 45.77
N TRP G 1 17.16 -17.33 -16.14
CA TRP G 1 18.60 -17.52 -16.21
C TRP G 1 19.33 -16.19 -16.19
N ASN G 2 20.32 -16.05 -17.06
CA ASN G 2 21.13 -14.83 -17.20
C ASN G 2 21.82 -14.44 -15.90
N SER G 3 22.06 -15.40 -15.02
CA SER G 3 22.64 -15.11 -13.72
C SER G 3 24.15 -14.87 -13.83
N ARG G 4 24.70 -14.17 -12.85
CA ARG G 4 26.12 -13.88 -12.78
C ARG G 4 26.71 -14.53 -11.54
N TYR G 5 27.99 -14.89 -11.63
CA TYR G 5 28.68 -15.58 -10.56
C TYR G 5 29.16 -14.60 -9.49
N SER G 6 29.28 -15.10 -8.26
CA SER G 6 29.76 -14.29 -7.14
C SER G 6 30.47 -15.20 -6.15
N TYR G 7 31.46 -14.64 -5.45
CA TYR G 7 32.21 -15.43 -4.47
C TYR G 7 31.35 -15.74 -3.26
N ASN G 8 30.49 -14.82 -2.85
CA ASN G 8 29.58 -15.07 -1.74
C ASN G 8 28.52 -16.12 -2.05
N GLN G 9 28.32 -16.44 -3.33
CA GLN G 9 27.45 -17.55 -3.70
C GLN G 9 28.14 -18.90 -3.56
N LEU G 10 29.46 -18.94 -3.64
CA LEU G 10 30.20 -20.18 -3.47
C LEU G 10 30.31 -20.57 -1.99
N LYS G 11 30.62 -19.59 -1.13
CA LYS G 11 30.89 -19.90 0.27
C LYS G 11 29.63 -20.34 0.99
N ASN G 12 28.63 -19.47 1.06
CA ASN G 12 27.40 -19.77 1.78
C ASN G 12 26.58 -20.81 1.04
N LYS G 13 25.96 -21.70 1.82
CA LYS G 13 25.26 -22.87 1.28
C LYS G 13 24.00 -22.48 0.51
N ASP G 14 22.97 -22.03 1.23
CA ASP G 14 21.71 -21.64 0.60
C ASP G 14 21.14 -20.46 1.37
N SER G 15 20.70 -19.45 0.62
CA SER G 15 20.14 -18.24 1.25
C SER G 15 18.97 -18.57 2.16
N LEU G 16 17.98 -19.31 1.63
CA LEU G 16 16.75 -19.55 2.38
C LEU G 16 16.98 -20.58 3.50
N ILE G 17 17.76 -21.62 3.23
CA ILE G 17 17.93 -22.69 4.22
C ILE G 17 18.75 -22.20 5.40
N MET G 18 19.88 -21.54 5.13
CA MET G 18 20.68 -20.97 6.21
C MET G 18 19.88 -19.97 7.02
N PHE G 19 18.97 -19.24 6.36
CA PHE G 19 18.05 -18.35 7.06
C PHE G 19 17.28 -19.09 8.15
N LEU G 20 16.72 -20.25 7.80
CA LEU G 20 15.97 -21.02 8.77
C LEU G 20 16.89 -21.66 9.79
N VAL G 21 17.99 -22.27 9.33
CA VAL G 21 18.94 -22.93 10.22
C VAL G 21 19.37 -22.00 11.34
N GLU G 22 19.77 -20.77 10.98
CA GLU G 22 20.25 -19.84 11.99
C GLU G 22 19.13 -19.36 12.91
N ILE G 23 17.87 -19.47 12.48
CA ILE G 23 16.76 -19.15 13.38
C ILE G 23 16.51 -20.27 14.35
N PHE G 24 16.44 -21.52 13.85
CA PHE G 24 16.22 -22.66 14.74
C PHE G 24 17.40 -22.86 15.67
N ARG G 25 18.61 -22.46 15.25
CA ARG G 25 19.76 -22.56 16.13
C ARG G 25 19.56 -21.71 17.39
N SER G 26 19.03 -20.50 17.22
CA SER G 26 18.76 -19.64 18.38
C SER G 26 17.65 -20.22 19.24
N LEU G 27 16.60 -20.77 18.62
CA LEU G 27 15.57 -21.45 19.38
C LEU G 27 16.14 -22.63 20.16
N PHE G 28 17.01 -23.41 19.52
CA PHE G 28 17.70 -24.49 20.23
C PHE G 28 18.57 -23.94 21.35
N VAL G 29 19.26 -22.83 21.08
CA VAL G 29 20.19 -22.28 22.07
C VAL G 29 19.42 -21.64 23.23
N SER G 30 18.36 -20.89 22.92
CA SER G 30 17.54 -20.30 23.98
C SER G 30 16.80 -21.34 24.80
N ASN G 31 16.82 -22.61 24.39
CA ASN G 31 16.29 -23.78 25.08
C ASN G 31 14.78 -23.88 24.98
N CYS G 32 14.14 -23.10 24.10
CA CYS G 32 12.69 -23.09 23.97
C CYS G 32 12.19 -23.84 22.75
N ILE G 33 13.06 -24.57 22.05
CA ILE G 33 12.68 -25.14 20.77
C ILE G 33 11.71 -26.32 20.92
N ASP G 34 11.69 -26.98 22.07
CA ASP G 34 10.81 -28.13 22.27
C ASP G 34 9.43 -27.75 22.80
N LYS G 35 9.20 -26.47 23.07
CA LYS G 35 7.91 -26.01 23.56
C LYS G 35 6.98 -25.70 22.38
N ASN G 36 5.92 -24.96 22.61
CA ASN G 36 5.04 -24.49 21.54
C ASN G 36 5.67 -23.24 20.92
N ILE G 37 6.35 -23.41 19.80
CA ILE G 37 6.99 -22.30 19.11
C ILE G 37 6.17 -21.82 17.92
N ASP G 38 4.86 -22.08 17.93
CA ASP G 38 4.02 -21.69 16.80
C ASP G 38 4.01 -20.19 16.60
N ASN G 39 4.25 -19.42 17.66
CA ASN G 39 4.36 -17.98 17.50
C ASN G 39 5.54 -17.62 16.60
N VAL G 40 6.60 -18.43 16.63
CA VAL G 40 7.75 -18.20 15.75
C VAL G 40 7.44 -18.68 14.34
N LEU G 41 6.94 -19.91 14.22
CA LEU G 41 6.77 -20.51 12.90
C LEU G 41 5.71 -19.80 12.08
N LEU G 42 4.64 -19.33 12.73
CA LEU G 42 3.61 -18.59 12.00
C LEU G 42 4.13 -17.24 11.51
N SER G 43 5.01 -16.59 12.28
CA SER G 43 5.63 -15.36 11.80
C SER G 43 6.58 -15.64 10.64
N ILE G 44 7.22 -16.81 10.63
CA ILE G 44 7.98 -17.22 9.46
C ILE G 44 7.04 -17.44 8.28
N GLU G 45 5.87 -18.02 8.54
CA GLU G 45 4.86 -18.18 7.49
C GLU G 45 4.35 -16.83 7.02
N GLU G 46 4.02 -15.93 7.96
CA GLU G 46 3.59 -14.58 7.59
C GLU G 46 4.61 -13.91 6.68
N MET G 47 5.91 -14.13 6.94
CA MET G 47 6.93 -13.57 6.06
C MET G 47 6.95 -14.30 4.72
N PHE G 48 6.78 -15.63 4.75
CA PHE G 48 6.71 -16.39 3.50
C PHE G 48 5.47 -16.01 2.69
N ILE G 49 4.36 -15.73 3.38
CA ILE G 49 3.12 -15.38 2.69
C ILE G 49 3.26 -14.04 1.99
N ASP G 50 3.83 -13.04 2.69
CA ASP G 50 3.99 -11.72 2.10
C ASP G 50 4.92 -11.74 0.89
N HIS G 51 5.87 -12.68 0.88
CA HIS G 51 6.76 -12.81 -0.28
C HIS G 51 5.99 -13.23 -1.53
N TYR G 52 4.88 -13.96 -1.35
CA TYR G 52 4.03 -14.31 -2.47
C TYR G 52 3.33 -13.08 -3.05
N TYR G 53 2.98 -12.13 -2.18
CA TYR G 53 2.20 -10.96 -2.59
C TYR G 53 3.08 -9.81 -3.09
N ASN G 54 4.18 -9.53 -2.40
CA ASN G 54 5.08 -8.44 -2.77
C ASN G 54 6.50 -8.98 -2.92
N PRO G 55 6.76 -9.79 -3.94
CA PRO G 55 8.06 -10.47 -4.06
C PRO G 55 9.24 -9.53 -4.24
N GLN G 56 9.02 -8.26 -4.59
CA GLN G 56 10.14 -7.36 -4.86
C GLN G 56 10.53 -6.53 -3.65
N HIS G 57 9.59 -6.22 -2.76
CA HIS G 57 9.88 -5.43 -1.57
C HIS G 57 9.51 -6.15 -0.28
N SER G 58 9.26 -7.45 -0.32
CA SER G 58 8.92 -8.20 0.87
C SER G 58 10.04 -8.09 1.91
N ARG G 59 9.66 -8.18 3.19
CA ARG G 59 10.66 -8.08 4.24
C ARG G 59 11.67 -9.22 4.14
N LEU G 60 11.27 -10.36 3.57
CA LEU G 60 12.22 -11.44 3.32
C LEU G 60 13.30 -11.00 2.35
N LYS G 61 12.92 -10.27 1.29
CA LYS G 61 13.89 -9.75 0.34
C LYS G 61 14.81 -8.72 0.98
N TYR G 62 14.39 -8.11 2.08
CA TYR G 62 15.27 -7.20 2.81
C TYR G 62 16.26 -7.98 3.68
N LEU G 63 15.79 -9.03 4.35
CA LEU G 63 16.67 -9.82 5.20
C LEU G 63 17.65 -10.64 4.37
N ILE G 64 17.14 -11.36 3.37
CA ILE G 64 17.96 -12.09 2.41
C ILE G 64 17.82 -11.42 1.06
N ASP G 65 18.92 -11.26 0.34
CA ASP G 65 18.85 -10.63 -0.97
C ASP G 65 18.56 -11.64 -2.08
N ASP G 66 19.40 -12.67 -2.20
CA ASP G 66 19.27 -13.61 -3.31
C ASP G 66 18.16 -14.64 -3.09
N VAL G 67 16.99 -14.22 -2.62
CA VAL G 67 15.86 -15.13 -2.52
C VAL G 67 15.36 -15.48 -3.91
N GLY G 68 14.72 -16.64 -4.03
CA GLY G 68 14.01 -16.99 -5.23
C GLY G 68 12.65 -16.31 -5.25
N ILE G 69 11.73 -16.93 -5.99
CA ILE G 69 10.34 -16.50 -6.02
C ILE G 69 9.48 -17.66 -5.53
N PHE G 70 8.62 -17.37 -4.56
CA PHE G 70 7.64 -18.35 -4.11
C PHE G 70 6.46 -18.31 -5.07
N PHE G 71 6.39 -19.28 -5.97
CA PHE G 71 5.24 -19.41 -6.84
C PHE G 71 3.98 -19.82 -6.08
N THR G 72 4.12 -20.22 -4.82
CA THR G 72 3.02 -20.74 -4.04
C THR G 72 3.19 -20.31 -2.59
N LYS G 73 2.09 -20.40 -1.84
CA LYS G 73 2.11 -20.12 -0.41
C LYS G 73 2.61 -21.37 0.32
N LEU G 74 3.67 -21.22 1.12
CA LEU G 74 4.30 -22.36 1.77
C LEU G 74 3.78 -22.51 3.18
N PRO G 75 3.08 -23.59 3.51
CA PRO G 75 2.69 -23.85 4.92
C PRO G 75 3.87 -24.36 5.73
N ILE G 76 4.77 -23.44 6.07
CA ILE G 76 6.03 -23.83 6.70
C ILE G 76 5.80 -24.42 8.09
N THR G 77 4.72 -24.04 8.75
CA THR G 77 4.45 -24.54 10.09
C THR G 77 4.01 -26.00 10.07
N LYS G 78 3.09 -26.35 9.15
CA LYS G 78 2.67 -27.74 9.04
C LYS G 78 3.82 -28.63 8.64
N ALA G 79 4.70 -28.14 7.76
CA ALA G 79 5.87 -28.92 7.36
C ALA G 79 6.77 -29.21 8.55
N PHE G 80 6.90 -28.25 9.46
CA PHE G 80 7.72 -28.47 10.65
C PHE G 80 7.05 -29.48 11.59
N HIS G 81 5.78 -29.25 11.92
CA HIS G 81 5.07 -30.15 12.83
C HIS G 81 5.17 -31.60 12.36
N THR G 82 4.86 -31.84 11.09
CA THR G 82 4.88 -33.20 10.55
C THR G 82 6.30 -33.78 10.58
N TYR G 83 7.29 -32.99 10.19
CA TYR G 83 8.67 -33.46 10.25
C TYR G 83 9.08 -33.78 11.69
N ASN G 84 8.81 -32.85 12.61
CA ASN G 84 9.21 -33.06 14.00
C ASN G 84 8.53 -34.28 14.60
N LYS G 85 7.29 -34.55 14.21
CA LYS G 85 6.57 -35.70 14.77
C LYS G 85 7.30 -37.00 14.46
N LYS G 86 7.92 -37.09 13.29
CA LYS G 86 8.61 -38.31 12.90
C LYS G 86 9.98 -38.43 13.55
N TYR G 87 10.82 -37.40 13.39
CA TYR G 87 12.21 -37.48 13.83
C TYR G 87 12.45 -36.88 15.21
N ARG G 88 11.60 -35.97 15.67
CA ARG G 88 11.69 -35.39 17.01
C ARG G 88 13.07 -34.77 17.27
N ILE G 89 13.52 -33.94 16.33
CA ILE G 89 14.80 -33.26 16.48
C ILE G 89 14.75 -32.20 17.58
N THR G 90 13.55 -31.71 17.92
CA THR G 90 13.44 -30.67 18.93
C THR G 90 13.78 -31.17 20.33
N LYS G 91 13.79 -32.48 20.55
CA LYS G 91 14.21 -33.03 21.83
C LYS G 91 15.72 -33.12 21.98
N ARG G 92 16.48 -32.73 20.95
CA ARG G 92 17.92 -32.68 21.07
C ARG G 92 18.34 -31.50 21.94
N LEU G 93 19.33 -31.73 22.82
CA LEU G 93 19.80 -30.71 23.74
C LEU G 93 21.21 -30.24 23.45
N TYR G 94 22.00 -30.98 22.68
CA TYR G 94 23.37 -30.63 22.42
C TYR G 94 23.73 -30.60 20.94
N ALA G 95 22.86 -31.04 20.06
CA ALA G 95 23.08 -30.95 18.62
C ALA G 95 21.95 -30.15 18.00
N PRO G 96 22.23 -28.97 17.44
CA PRO G 96 21.16 -28.15 16.88
C PRO G 96 20.73 -28.65 15.52
N PRO G 97 19.60 -28.17 14.99
CA PRO G 97 19.18 -28.60 13.66
C PRO G 97 20.23 -28.30 12.59
N THR G 98 20.30 -29.16 11.60
CA THR G 98 21.33 -29.10 10.57
C THR G 98 20.77 -28.58 9.25
N PHE G 99 21.69 -28.35 8.31
CA PHE G 99 21.31 -27.89 6.98
C PHE G 99 20.38 -28.88 6.30
N ASN G 100 20.77 -30.16 6.26
CA ASN G 100 20.02 -31.16 5.51
C ASN G 100 18.65 -31.44 6.11
N GLU G 101 18.46 -31.20 7.40
CA GLU G 101 17.14 -31.38 7.99
C GLU G 101 16.19 -30.28 7.57
N VAL G 102 16.68 -29.03 7.51
CA VAL G 102 15.86 -27.95 6.98
C VAL G 102 15.62 -28.14 5.49
N ARG G 103 16.60 -28.72 4.79
CA ARG G 103 16.38 -29.13 3.40
C ARG G 103 15.14 -30.01 3.27
N HIS G 104 15.01 -30.99 4.15
CA HIS G 104 13.84 -31.86 4.14
C HIS G 104 12.57 -31.09 4.50
N ILE G 105 12.65 -30.24 5.54
CA ILE G 105 11.49 -29.47 5.94
C ILE G 105 11.10 -28.48 4.85
N LEU G 106 12.08 -27.86 4.21
CA LEU G 106 11.79 -26.89 3.15
C LEU G 106 11.17 -27.58 1.94
N ASN G 107 11.60 -28.82 1.63
CA ASN G 107 10.97 -29.57 0.55
C ASN G 107 9.54 -29.95 0.92
N LEU G 108 9.32 -30.35 2.17
CA LEU G 108 7.99 -30.76 2.60
C LEU G 108 7.01 -29.59 2.60
N ALA G 109 7.48 -28.38 2.88
CA ALA G 109 6.61 -27.20 2.82
C ALA G 109 6.13 -26.94 1.40
N GLN G 110 6.99 -27.17 0.42
CA GLN G 110 6.59 -27.00 -0.98
C GLN G 110 5.61 -28.08 -1.41
N ILE G 111 5.71 -29.27 -0.83
CA ILE G 111 4.80 -30.36 -1.19
C ILE G 111 3.40 -30.07 -0.68
N LEU G 112 3.26 -29.79 0.62
CA LEU G 112 1.96 -29.47 1.20
C LEU G 112 1.33 -28.23 0.57
N SER G 113 2.09 -27.46 -0.20
CA SER G 113 1.54 -26.33 -0.92
C SER G 113 0.83 -26.73 -2.21
N LEU G 114 0.89 -28.00 -2.59
CA LEU G 114 0.25 -28.48 -3.81
C LEU G 114 -1.17 -28.98 -3.58
N GLU G 115 -1.79 -28.60 -2.45
CA GLU G 115 -3.19 -28.95 -2.24
C GLU G 115 -4.08 -28.31 -3.30
N GLU G 116 -3.66 -27.15 -3.84
CA GLU G 116 -4.42 -26.49 -4.89
C GLU G 116 -4.39 -27.24 -6.21
N GLY G 117 -3.51 -28.24 -6.35
CA GLY G 117 -3.44 -28.99 -7.58
C GLY G 117 -2.06 -29.03 -8.19
N LEU G 118 -1.77 -30.09 -8.94
CA LEU G 118 -0.45 -30.31 -9.52
C LEU G 118 -0.63 -30.92 -10.90
N ASP G 119 0.02 -30.32 -11.90
CA ASP G 119 -0.21 -30.71 -13.29
C ASP G 119 1.06 -31.05 -14.06
N LEU G 120 2.20 -31.24 -13.37
CA LEU G 120 3.43 -31.66 -14.05
C LEU G 120 4.52 -32.03 -13.06
N LEU G 121 5.11 -33.21 -13.24
CA LEU G 121 6.30 -33.64 -12.49
C LEU G 121 7.46 -33.81 -13.46
N THR G 122 8.63 -33.30 -13.05
CA THR G 122 9.85 -33.45 -13.81
C THR G 122 10.93 -34.03 -12.91
N PHE G 123 11.74 -34.92 -13.46
CA PHE G 123 12.72 -35.67 -12.69
C PHE G 123 14.10 -35.53 -13.31
N ASP G 124 15.10 -35.29 -12.46
CA ASP G 124 16.47 -35.52 -12.86
C ASP G 124 16.70 -37.03 -12.94
N ALA G 125 17.49 -37.46 -13.91
CA ALA G 125 17.74 -38.89 -14.05
C ALA G 125 19.00 -39.32 -13.30
N ASN G 126 20.08 -38.54 -13.44
CA ASN G 126 21.35 -38.90 -12.82
C ASN G 126 21.35 -38.47 -11.36
N GLU G 127 21.33 -39.46 -10.46
CA GLU G 127 21.50 -39.40 -9.01
C GLU G 127 20.18 -39.16 -8.27
N THR G 128 19.08 -38.90 -8.96
CA THR G 128 17.77 -38.88 -8.33
C THR G 128 16.93 -40.10 -8.69
N LEU G 129 16.86 -40.45 -9.98
CA LEU G 129 16.18 -41.67 -10.39
C LEU G 129 17.10 -42.88 -10.29
N TYR G 130 18.40 -42.69 -10.44
CA TYR G 130 19.37 -43.78 -10.41
C TYR G 130 20.77 -43.17 -10.30
N PRO G 131 21.75 -43.92 -9.79
CA PRO G 131 23.10 -43.39 -9.62
C PRO G 131 23.81 -43.05 -10.92
N ASP G 132 25.10 -42.71 -10.82
CA ASP G 132 25.91 -42.30 -11.95
C ASP G 132 26.07 -43.40 -12.99
N GLY G 133 25.13 -43.52 -13.91
CA GLY G 133 25.28 -44.47 -15.00
C GLY G 133 24.32 -45.65 -14.96
N HIS G 134 24.19 -46.29 -13.79
CA HIS G 134 23.29 -47.43 -13.65
C HIS G 134 21.89 -47.04 -14.09
N ASP G 135 21.18 -47.99 -14.69
CA ASP G 135 19.87 -47.70 -15.23
C ASP G 135 18.81 -48.03 -14.20
N PHE G 136 17.63 -47.41 -14.37
CA PHE G 136 16.54 -47.51 -13.39
C PHE G 136 16.26 -48.94 -12.96
N ASN G 137 16.59 -49.26 -11.71
CA ASN G 137 16.43 -50.62 -11.19
C ASN G 137 15.71 -50.50 -9.84
N ASP G 138 14.43 -50.12 -9.90
CA ASP G 138 13.62 -49.99 -8.69
C ASP G 138 12.16 -49.99 -9.11
N GLU G 139 11.44 -51.06 -8.76
CA GLU G 139 10.00 -51.08 -9.01
C GLU G 139 9.26 -50.16 -8.05
N VAL G 140 9.79 -49.97 -6.84
CA VAL G 140 9.15 -49.10 -5.86
C VAL G 140 9.05 -47.68 -6.41
N LEU G 141 10.16 -47.14 -6.91
CA LEU G 141 10.12 -45.85 -7.59
C LEU G 141 9.20 -45.93 -8.80
N ALA G 142 9.33 -47.00 -9.60
CA ALA G 142 8.54 -47.13 -10.82
C ALA G 142 7.05 -47.22 -10.51
N SER G 143 6.66 -48.11 -9.58
CA SER G 143 5.28 -48.16 -9.14
C SER G 143 4.83 -46.81 -8.62
N TYR G 144 5.73 -46.09 -7.93
CA TYR G 144 5.37 -44.76 -7.45
C TYR G 144 5.20 -43.80 -8.62
N ILE G 145 5.96 -44.00 -9.69
CA ILE G 145 5.86 -43.11 -10.86
C ILE G 145 4.56 -43.34 -11.61
N SER G 146 4.18 -44.61 -11.80
CA SER G 146 3.01 -44.91 -12.61
C SER G 146 1.73 -44.37 -11.99
N CYS G 147 1.59 -44.50 -10.66
CA CYS G 147 0.39 -44.00 -10.00
C CYS G 147 0.28 -42.49 -10.13
N LEU G 148 1.40 -41.78 -10.03
CA LEU G 148 1.40 -40.34 -10.25
C LEU G 148 1.19 -39.99 -11.71
N LEU G 149 1.40 -40.94 -12.62
CA LEU G 149 1.17 -40.68 -14.04
C LEU G 149 -0.32 -40.74 -14.39
N LYS G 150 -1.11 -41.51 -13.62
CA LYS G 150 -2.53 -41.64 -13.92
C LYS G 150 -3.27 -40.33 -13.66
N LYS G 151 -2.89 -39.59 -12.63
CA LYS G 151 -3.54 -38.33 -12.31
C LYS G 151 -2.91 -37.13 -13.02
N MET G 152 -1.64 -37.21 -13.40
CA MET G 152 -0.96 -36.08 -14.02
C MET G 152 0.18 -36.62 -14.87
N ASN G 153 0.66 -35.77 -15.76
CA ASN G 153 1.74 -36.15 -16.66
C ASN G 153 3.08 -36.11 -15.94
N ILE G 154 4.10 -36.70 -16.57
CA ILE G 154 5.45 -36.78 -16.01
C ILE G 154 6.44 -36.42 -17.12
N ALA G 155 7.60 -35.92 -16.70
CA ALA G 155 8.69 -35.65 -17.62
C ALA G 155 10.01 -35.99 -16.94
N ILE G 156 11.03 -36.21 -17.76
CA ILE G 156 12.38 -36.49 -17.27
C ILE G 156 13.33 -35.56 -18.00
N VAL G 157 13.97 -34.67 -17.24
CA VAL G 157 14.92 -33.70 -17.78
C VAL G 157 16.29 -34.03 -17.21
N THR G 158 17.19 -34.53 -18.05
CA THR G 158 18.52 -34.93 -17.62
C THR G 158 19.55 -34.48 -18.64
N ALA G 159 20.63 -33.86 -18.16
CA ALA G 159 21.61 -33.22 -19.02
C ALA G 159 22.27 -34.18 -20.01
N ALA G 160 21.99 -35.48 -19.93
CA ALA G 160 22.57 -36.44 -20.86
C ALA G 160 22.01 -36.21 -22.26
N SER G 161 22.90 -36.27 -23.26
CA SER G 161 22.53 -36.04 -24.65
C SER G 161 23.17 -37.11 -25.52
N TYR G 162 22.37 -37.81 -26.30
CA TYR G 162 22.85 -38.76 -27.30
C TYR G 162 22.19 -38.45 -28.64
N ASN G 163 22.37 -37.21 -29.09
CA ASN G 163 21.81 -36.70 -30.36
C ASN G 163 20.28 -36.83 -30.28
N ASN G 164 19.60 -37.13 -31.39
CA ASN G 164 18.16 -37.28 -31.43
C ASN G 164 17.74 -38.74 -31.55
N ASP G 165 18.68 -39.68 -31.45
CA ASP G 165 18.36 -41.10 -31.51
C ASP G 165 17.84 -41.56 -30.15
N ALA G 166 16.59 -42.01 -30.12
CA ALA G 166 15.93 -42.37 -28.88
C ALA G 166 16.35 -43.73 -28.34
N GLU G 167 17.22 -44.46 -29.05
CA GLU G 167 17.63 -45.78 -28.58
C GLU G 167 18.47 -45.69 -27.30
N LYS G 168 19.39 -44.72 -27.24
CA LYS G 168 20.21 -44.56 -26.06
C LYS G 168 19.39 -44.05 -24.87
N TYR G 169 18.33 -43.29 -25.14
CA TYR G 169 17.48 -42.77 -24.08
C TYR G 169 16.54 -43.85 -23.55
N GLN G 170 15.96 -44.65 -24.44
CA GLN G 170 15.19 -45.80 -23.99
C GLN G 170 16.06 -46.74 -23.18
N LYS G 171 17.32 -46.94 -23.61
CA LYS G 171 18.26 -47.73 -22.83
C LYS G 171 18.42 -47.17 -21.42
N ARG G 172 18.28 -45.86 -21.25
CA ARG G 172 18.48 -45.25 -19.94
C ARG G 172 17.36 -45.64 -18.97
N LEU G 173 16.14 -45.77 -19.47
CA LEU G 173 14.98 -46.07 -18.63
C LEU G 173 14.16 -47.20 -19.23
N GLU G 174 14.84 -48.19 -19.82
CA GLU G 174 14.13 -49.33 -20.38
C GLU G 174 13.44 -50.16 -19.30
N ASN G 175 14.15 -50.43 -18.21
CA ASN G 175 13.54 -51.16 -17.10
C ASN G 175 12.38 -50.38 -16.51
N LEU G 176 12.52 -49.06 -16.41
CA LEU G 176 11.40 -48.22 -15.99
C LEU G 176 10.28 -48.28 -17.02
N LEU G 177 10.62 -48.14 -18.31
CA LEU G 177 9.61 -48.15 -19.37
C LEU G 177 8.92 -49.50 -19.47
N LYS G 178 9.64 -50.59 -19.14
CA LYS G 178 9.01 -51.90 -19.17
C LYS G 178 7.87 -52.01 -18.18
N TYR G 179 7.92 -51.23 -17.10
CA TYR G 179 6.86 -51.26 -16.09
C TYR G 179 5.60 -50.57 -16.59
N PHE G 180 5.74 -49.53 -17.43
CA PHE G 180 4.57 -48.77 -17.86
C PHE G 180 3.67 -49.61 -18.76
N SER G 181 4.25 -50.41 -19.65
CA SER G 181 3.45 -51.24 -20.55
C SER G 181 2.59 -52.24 -19.80
N LYS G 182 2.87 -52.47 -18.51
CA LYS G 182 2.06 -53.39 -17.72
C LYS G 182 0.80 -52.74 -17.16
N HIS G 183 0.85 -51.44 -16.85
CA HIS G 183 -0.30 -50.81 -16.20
C HIS G 183 -0.77 -49.54 -16.90
N ASN G 184 0.15 -48.71 -17.39
CA ASN G 184 -0.25 -47.44 -18.02
C ASN G 184 -0.90 -47.64 -19.38
N ILE G 185 -0.95 -48.86 -19.89
CA ILE G 185 -1.43 -49.09 -21.25
C ILE G 185 -2.95 -49.00 -21.32
N LYS G 186 -3.65 -49.47 -20.29
CA LYS G 186 -5.11 -49.50 -20.32
C LYS G 186 -5.68 -48.10 -20.49
N ASP G 187 -5.28 -47.17 -19.64
CA ASP G 187 -5.66 -45.78 -19.79
C ASP G 187 -4.76 -45.11 -20.83
N GLY G 188 -5.08 -43.86 -21.17
CA GLY G 188 -4.26 -43.11 -22.10
C GLY G 188 -3.12 -42.38 -21.42
N SER G 189 -2.72 -42.87 -20.24
CA SER G 189 -1.69 -42.18 -19.45
C SER G 189 -0.33 -42.15 -20.14
N TYR G 190 -0.07 -43.08 -21.05
CA TYR G 190 1.24 -43.10 -21.71
C TYR G 190 1.43 -41.89 -22.60
N LYS G 191 0.35 -41.36 -23.18
CA LYS G 191 0.45 -40.15 -23.98
C LYS G 191 0.77 -38.93 -23.13
N ASN G 192 0.59 -39.01 -21.81
CA ASN G 192 0.95 -37.92 -20.93
C ASN G 192 2.44 -37.88 -20.60
N PHE G 193 3.12 -39.01 -20.76
CA PHE G 193 4.53 -39.10 -20.38
C PHE G 193 5.41 -38.53 -21.48
N TYR G 194 6.41 -37.73 -21.07
CA TYR G 194 7.37 -37.14 -21.98
C TYR G 194 8.77 -37.27 -21.41
N VAL G 195 9.77 -36.98 -22.24
CA VAL G 195 11.17 -37.03 -21.84
C VAL G 195 11.93 -35.97 -22.64
N MET G 196 12.81 -35.25 -21.96
CA MET G 196 13.66 -34.25 -22.59
C MET G 196 15.12 -34.63 -22.39
N GLY G 197 15.82 -34.88 -23.49
CA GLY G 197 17.25 -35.12 -23.46
C GLY G 197 18.04 -33.83 -23.58
N GLY G 198 19.36 -33.97 -23.49
CA GLY G 198 20.18 -32.77 -23.40
C GLY G 198 19.77 -31.97 -22.17
N GLU G 199 19.75 -30.66 -22.32
CA GLU G 199 19.22 -29.80 -21.25
C GLU G 199 17.90 -29.16 -21.64
N SER G 200 17.82 -28.61 -22.85
CA SER G 200 16.59 -28.11 -23.43
C SER G 200 16.75 -28.18 -24.95
N ASN G 201 16.99 -29.39 -25.45
CA ASN G 201 17.43 -29.54 -26.83
C ASN G 201 16.80 -30.73 -27.56
N TYR G 202 16.51 -31.84 -26.89
CA TYR G 202 15.91 -33.00 -27.51
C TYR G 202 14.67 -33.41 -26.74
N LEU G 203 13.54 -33.56 -27.44
CA LEU G 203 12.27 -33.89 -26.85
C LEU G 203 11.73 -35.19 -27.41
N PHE G 204 11.14 -36.02 -26.53
CA PHE G 204 10.69 -37.35 -26.91
C PHE G 204 9.47 -37.74 -26.10
N LYS G 205 8.71 -38.69 -26.64
CA LYS G 205 7.60 -39.32 -25.94
C LYS G 205 7.78 -40.83 -25.95
N CYS G 206 6.78 -41.57 -25.50
CA CYS G 206 6.85 -43.02 -25.42
C CYS G 206 5.89 -43.66 -26.41
N ASN G 207 6.28 -44.83 -26.90
CA ASN G 207 5.44 -45.60 -27.82
C ASN G 207 4.60 -46.61 -27.05
N GLU G 208 3.68 -47.26 -27.77
CA GLU G 208 2.83 -48.27 -27.13
C GLU G 208 3.63 -49.46 -26.65
N GLU G 209 4.76 -49.75 -27.28
CA GLU G 209 5.64 -50.85 -26.88
C GLU G 209 6.76 -50.40 -25.96
N ALA G 210 6.66 -49.19 -25.39
CA ALA G 210 7.63 -48.67 -24.43
C ALA G 210 9.03 -48.55 -25.05
N THR G 211 9.09 -47.94 -26.24
CA THR G 211 10.34 -47.60 -26.88
C THR G 211 10.27 -46.15 -27.33
N LEU G 212 11.13 -45.31 -26.77
CA LEU G 212 11.06 -43.87 -27.00
C LEU G 212 11.23 -43.54 -28.48
N TYR G 213 10.79 -42.34 -28.85
CA TYR G 213 10.83 -41.90 -30.24
C TYR G 213 10.88 -40.39 -30.28
N SER G 214 11.36 -39.87 -31.40
CA SER G 214 11.54 -38.43 -31.56
C SER G 214 10.22 -37.76 -31.95
N VAL G 215 10.14 -36.47 -31.64
CA VAL G 215 8.94 -35.66 -31.85
C VAL G 215 9.24 -34.67 -32.96
N PRO G 216 8.28 -34.36 -33.85
CA PRO G 216 8.55 -33.44 -34.96
C PRO G 216 9.15 -32.13 -34.49
N GLU G 217 10.28 -31.75 -35.11
CA GLU G 217 10.92 -30.49 -34.79
C GLU G 217 10.02 -29.31 -35.13
N ASN G 218 9.18 -29.45 -36.15
CA ASN G 218 8.23 -28.40 -36.50
C ASN G 218 7.12 -28.25 -35.48
N GLU G 219 7.13 -29.03 -34.40
CA GLU G 219 6.07 -28.99 -33.40
C GLU G 219 6.44 -28.23 -32.13
N TRP G 220 7.73 -27.98 -31.89
CA TRP G 220 8.12 -27.30 -30.66
C TRP G 220 9.38 -26.45 -30.80
N ARG G 221 10.06 -26.53 -31.95
CA ARG G 221 11.29 -25.76 -32.12
C ARG G 221 11.05 -24.26 -32.08
N HIS G 222 9.80 -23.81 -32.24
CA HIS G 222 9.49 -22.39 -32.09
C HIS G 222 9.41 -21.98 -30.62
N TYR G 223 9.15 -22.92 -29.71
CA TYR G 223 9.13 -22.58 -28.29
C TYR G 223 10.53 -22.32 -27.76
N LYS G 224 11.50 -23.16 -28.13
CA LYS G 224 12.87 -22.97 -27.69
C LYS G 224 13.48 -21.75 -28.37
N LYS G 225 14.32 -21.04 -27.63
CA LYS G 225 15.03 -19.89 -28.18
C LYS G 225 15.96 -20.36 -29.30
N PHE G 226 15.77 -19.80 -30.49
CA PHE G 226 16.58 -20.18 -31.64
C PHE G 226 18.00 -19.65 -31.47
N VAL G 227 18.95 -20.54 -31.29
CA VAL G 227 20.36 -20.20 -31.13
C VAL G 227 21.08 -20.65 -32.39
N ASP G 228 21.56 -19.69 -33.18
CA ASP G 228 22.15 -20.00 -34.47
C ASP G 228 23.50 -20.70 -34.31
N TYR G 229 24.00 -21.25 -35.42
CA TYR G 229 25.25 -21.98 -35.40
C TYR G 229 26.42 -21.07 -35.03
N ASP G 230 26.37 -19.81 -35.47
CA ASP G 230 27.43 -18.87 -35.12
C ASP G 230 27.48 -18.62 -33.62
N THR G 231 26.31 -18.57 -32.97
CA THR G 231 26.25 -18.33 -31.53
C THR G 231 26.62 -19.57 -30.73
N VAL G 232 26.15 -20.75 -31.17
CA VAL G 232 26.41 -21.97 -30.43
C VAL G 232 27.90 -22.30 -30.44
N GLN G 233 28.53 -22.23 -31.62
CA GLN G 233 29.95 -22.56 -31.72
C GLN G 233 30.84 -21.59 -30.98
N GLU G 234 30.35 -20.37 -30.70
CA GLU G 234 31.13 -19.43 -29.90
C GLU G 234 31.24 -19.90 -28.46
N ILE G 235 30.18 -20.54 -27.94
CA ILE G 235 30.19 -21.00 -26.56
C ILE G 235 31.15 -22.19 -26.40
N LEU G 236 30.99 -23.20 -27.24
CA LEU G 236 31.82 -24.40 -27.13
C LEU G 236 33.28 -24.10 -27.41
N ASN G 237 33.57 -23.07 -28.21
CA ASN G 237 34.95 -22.72 -28.51
C ASN G 237 35.66 -22.15 -27.29
N ILE G 238 34.97 -21.32 -26.52
CA ILE G 238 35.56 -20.78 -25.31
C ILE G 238 35.74 -21.87 -24.27
N SER G 239 34.78 -22.79 -24.18
CA SER G 239 34.83 -23.83 -23.15
C SER G 239 35.99 -24.78 -23.37
N GLU G 240 36.18 -25.24 -24.61
CA GLU G 240 37.22 -26.22 -24.89
C GLU G 240 38.61 -25.66 -24.63
N LYS G 241 38.80 -24.36 -24.84
CA LYS G 241 40.10 -23.76 -24.55
C LYS G 241 40.32 -23.57 -23.05
N CYS G 242 39.24 -23.39 -22.28
CA CYS G 242 39.38 -23.35 -20.84
C CYS G 242 39.70 -24.74 -20.28
N LEU G 243 39.02 -25.77 -20.79
CA LEU G 243 39.27 -27.12 -20.33
C LEU G 243 40.70 -27.57 -20.68
N GLU G 244 41.17 -27.18 -21.86
CA GLU G 244 42.56 -27.49 -22.22
C GLU G 244 43.54 -26.75 -21.32
N LYS G 245 43.17 -25.57 -20.85
CA LYS G 245 44.02 -24.83 -19.92
C LYS G 245 43.94 -25.42 -18.52
N VAL G 246 42.75 -25.86 -18.10
CA VAL G 246 42.59 -26.48 -16.79
C VAL G 246 43.40 -27.77 -16.71
N ILE G 247 43.42 -28.54 -17.81
CA ILE G 247 44.20 -29.77 -17.83
C ILE G 247 45.71 -29.48 -17.81
N LYS G 248 46.12 -28.35 -18.38
CA LYS G 248 47.52 -27.94 -18.28
C LYS G 248 47.83 -27.35 -16.91
N ASP G 249 46.87 -26.63 -16.33
CA ASP G 249 47.08 -26.02 -15.02
C ASP G 249 47.21 -27.08 -13.93
N PHE G 250 46.37 -28.11 -13.98
CA PHE G 250 46.41 -29.22 -13.05
C PHE G 250 46.62 -30.50 -13.85
N GLY G 251 47.67 -31.25 -13.53
CA GLY G 251 47.97 -32.49 -14.20
C GLY G 251 46.81 -33.45 -14.22
N LEU G 252 45.86 -33.22 -15.13
CA LEU G 252 44.64 -34.00 -15.22
C LEU G 252 44.74 -34.99 -16.37
N CYS G 253 44.73 -36.27 -16.05
CA CYS G 253 44.50 -37.29 -17.06
C CYS G 253 43.02 -37.28 -17.39
N ALA G 254 42.65 -36.60 -18.47
CA ALA G 254 41.25 -36.43 -18.82
C ALA G 254 41.13 -36.10 -20.29
N GLN G 255 40.05 -36.58 -20.89
CA GLN G 255 39.77 -36.36 -22.30
C GLN G 255 38.58 -35.42 -22.47
N ILE G 256 38.60 -34.66 -23.55
CA ILE G 256 37.51 -33.74 -23.89
C ILE G 256 36.63 -34.39 -24.93
N GLN G 257 35.33 -34.46 -24.65
CA GLN G 257 34.35 -35.04 -25.55
C GLN G 257 33.46 -33.93 -26.10
N ARG G 258 33.26 -33.93 -27.41
CA ARG G 258 32.56 -32.85 -28.09
C ARG G 258 31.38 -33.41 -28.87
N LYS G 259 30.30 -32.63 -28.94
CA LYS G 259 29.10 -32.99 -29.69
C LYS G 259 28.49 -31.72 -30.25
N GLU G 260 27.26 -31.83 -30.75
CA GLU G 260 26.53 -30.68 -31.26
C GLU G 260 25.79 -30.01 -30.12
N LYS G 261 26.11 -28.73 -29.87
CA LYS G 261 25.50 -27.93 -28.81
C LYS G 261 25.81 -28.49 -27.42
N SER G 262 26.94 -29.19 -27.30
CA SER G 262 27.37 -29.75 -26.01
C SER G 262 28.79 -30.29 -26.07
N ILE G 263 29.63 -29.88 -25.12
CA ILE G 263 30.92 -30.51 -24.88
C ILE G 263 31.05 -30.74 -23.38
N GLY G 264 32.06 -31.53 -23.01
CA GLY G 264 32.25 -31.83 -21.61
C GLY G 264 33.66 -32.29 -21.31
N LEU G 265 33.94 -32.41 -20.02
CA LEU G 265 35.25 -32.84 -19.52
C LEU G 265 35.04 -34.11 -18.70
N VAL G 266 35.58 -35.23 -19.19
CA VAL G 266 35.36 -36.54 -18.60
C VAL G 266 36.70 -37.09 -18.13
N PRO G 267 36.76 -37.80 -17.00
CA PRO G 267 38.03 -38.40 -16.58
C PRO G 267 38.55 -39.40 -17.60
N ASN G 268 39.87 -39.45 -17.76
CA ASN G 268 40.48 -40.33 -18.75
C ASN G 268 40.45 -41.78 -18.28
N LYS G 269 39.38 -42.51 -18.62
CA LYS G 269 39.30 -43.95 -18.43
C LYS G 269 39.58 -44.36 -16.98
N ILE G 270 38.91 -43.67 -16.05
CA ILE G 270 39.07 -43.97 -14.63
C ILE G 270 37.84 -44.69 -14.09
N MET G 283 37.91 -39.46 -10.64
CA MET G 283 39.35 -39.32 -10.46
C MET G 283 39.77 -37.85 -10.50
N ILE G 284 38.80 -36.96 -10.60
CA ILE G 284 39.04 -35.53 -10.66
C ILE G 284 38.55 -34.91 -9.35
N LYS G 285 39.33 -33.98 -8.82
CA LYS G 285 38.97 -33.32 -7.56
C LYS G 285 37.71 -32.47 -7.73
N TYR G 286 36.92 -32.41 -6.67
CA TYR G 286 35.70 -31.60 -6.69
C TYR G 286 36.03 -30.12 -6.74
N GLU G 287 37.15 -29.71 -6.16
CA GLU G 287 37.46 -28.29 -6.08
C GLU G 287 37.89 -27.74 -7.44
N VAL G 288 38.67 -28.51 -8.19
CA VAL G 288 39.07 -28.09 -9.53
C VAL G 288 37.84 -27.95 -10.42
N LEU G 289 36.95 -28.94 -10.37
CA LEU G 289 35.75 -28.91 -11.20
C LEU G 289 34.88 -27.70 -10.88
N GLU G 290 34.79 -27.33 -9.60
CA GLU G 290 34.12 -26.09 -9.23
C GLU G 290 34.81 -24.88 -9.85
N GLU G 291 36.14 -24.92 -9.94
CA GLU G 291 36.88 -23.80 -10.50
C GLU G 291 36.62 -23.65 -12.00
N ALA G 292 36.53 -24.77 -12.71
CA ALA G 292 36.34 -24.72 -14.16
C ALA G 292 34.98 -24.10 -14.51
N VAL G 293 33.93 -24.47 -13.79
CA VAL G 293 32.61 -23.88 -14.02
C VAL G 293 32.68 -22.37 -13.94
N ILE G 294 33.39 -21.85 -12.95
CA ILE G 294 33.51 -20.41 -12.78
C ILE G 294 34.40 -19.82 -13.87
N ARG G 295 35.50 -20.50 -14.20
CA ARG G 295 36.36 -20.04 -15.28
C ARG G 295 35.60 -19.96 -16.60
N ILE G 296 34.72 -20.94 -16.84
CA ILE G 296 33.94 -20.94 -18.07
C ILE G 296 32.92 -19.81 -18.06
N LYS G 297 32.14 -19.71 -16.99
CA LYS G 297 31.13 -18.66 -16.91
C LYS G 297 31.76 -17.27 -16.88
N LYS G 298 32.94 -17.15 -16.27
CA LYS G 298 33.62 -15.84 -16.26
C LYS G 298 34.05 -15.45 -17.67
N GLU G 299 34.61 -16.39 -18.42
CA GLU G 299 35.07 -16.08 -19.77
C GLU G 299 33.91 -15.89 -20.75
N ILE G 300 32.80 -16.59 -20.52
CA ILE G 300 31.69 -16.53 -21.47
C ILE G 300 30.98 -15.19 -21.38
N ILE G 301 30.74 -14.68 -20.17
CA ILE G 301 30.10 -13.39 -20.01
C ILE G 301 31.00 -12.25 -20.47
N LYS G 302 32.31 -12.48 -20.54
CA LYS G 302 33.23 -11.46 -21.03
C LYS G 302 32.89 -11.07 -22.46
N ASN G 303 32.54 -12.04 -23.30
CA ASN G 303 32.17 -11.80 -24.69
C ASN G 303 30.71 -11.39 -24.86
N LYS G 304 30.04 -11.00 -23.77
CA LYS G 304 28.65 -10.52 -23.80
C LYS G 304 27.71 -11.57 -24.39
N ILE G 305 28.07 -12.85 -24.29
CA ILE G 305 27.22 -13.91 -24.82
C ILE G 305 26.01 -14.09 -23.92
N THR G 306 24.82 -14.09 -24.52
CA THR G 306 23.57 -14.16 -23.79
C THR G 306 22.79 -15.44 -24.07
N ALA G 307 23.37 -16.36 -24.83
CA ALA G 307 22.65 -17.57 -25.22
C ALA G 307 22.36 -18.43 -23.99
N PRO G 308 21.19 -19.07 -23.93
CA PRO G 308 20.89 -19.96 -22.80
C PRO G 308 21.79 -21.18 -22.78
N TYR G 309 22.81 -21.15 -21.92
CA TYR G 309 23.73 -22.25 -21.70
C TYR G 309 23.68 -22.65 -20.23
N CYS G 310 24.49 -23.64 -19.87
CA CYS G 310 24.61 -24.04 -18.47
C CYS G 310 25.91 -24.83 -18.30
N ALA G 311 26.94 -24.16 -17.79
CA ALA G 311 28.14 -24.83 -17.33
C ALA G 311 27.91 -25.33 -15.91
N PHE G 312 28.01 -26.64 -15.70
CA PHE G 312 27.67 -27.25 -14.42
C PHE G 312 28.65 -28.36 -14.08
N ASN G 313 28.85 -28.56 -12.78
CA ASN G 313 29.64 -29.67 -12.25
C ASN G 313 28.75 -30.74 -11.64
N GLY G 314 29.18 -31.99 -11.79
CA GLY G 314 28.48 -33.09 -11.15
C GLY G 314 29.25 -34.39 -11.15
N GLY G 315 29.41 -34.98 -9.98
CA GLY G 315 30.07 -36.26 -9.88
C GLY G 315 31.53 -36.16 -10.27
N GLN G 316 31.94 -36.97 -11.24
CA GLN G 316 33.32 -37.02 -11.66
C GLN G 316 33.58 -36.26 -12.98
N ASP G 317 32.54 -35.75 -13.63
CA ASP G 317 32.69 -35.13 -14.93
C ASP G 317 32.23 -33.67 -14.88
N LEU G 318 32.32 -33.03 -16.04
CA LEU G 318 31.99 -31.62 -16.20
C LEU G 318 31.49 -31.41 -17.62
N TRP G 319 30.33 -30.77 -17.76
CA TRP G 319 29.72 -30.59 -19.07
C TRP G 319 29.19 -29.17 -19.21
N VAL G 320 29.06 -28.74 -20.46
CA VAL G 320 28.49 -27.44 -20.82
C VAL G 320 27.50 -27.68 -21.94
N ASP G 321 26.21 -27.50 -21.64
CA ASP G 321 25.14 -27.71 -22.61
C ASP G 321 24.63 -26.36 -23.09
N VAL G 322 24.67 -26.12 -24.40
CA VAL G 322 23.96 -25.00 -24.99
C VAL G 322 22.46 -25.30 -24.88
N GLY G 323 21.81 -24.66 -23.93
CA GLY G 323 20.47 -25.01 -23.48
C GLY G 323 20.44 -24.88 -21.98
N ASN G 324 19.23 -24.80 -21.43
CA ASN G 324 19.08 -24.57 -20.00
C ASN G 324 17.96 -25.44 -19.45
N LYS G 325 18.21 -26.04 -18.28
CA LYS G 325 17.16 -26.83 -17.63
C LYS G 325 15.93 -26.00 -17.28
N ALA G 326 16.07 -24.67 -17.22
CA ALA G 326 14.90 -23.81 -17.09
C ALA G 326 14.17 -23.68 -18.42
N GLU G 327 14.93 -23.61 -19.52
CA GLU G 327 14.29 -23.60 -20.85
C GLU G 327 13.55 -24.89 -21.10
N GLY G 328 14.09 -26.02 -20.63
CA GLY G 328 13.42 -27.30 -20.82
C GLY G 328 12.08 -27.37 -20.11
N LEU G 329 12.01 -26.79 -18.91
CA LEU G 329 10.74 -26.74 -18.20
C LEU G 329 9.78 -25.75 -18.85
N LEU G 330 10.31 -24.66 -19.40
CA LEU G 330 9.44 -23.67 -20.04
C LEU G 330 8.85 -24.20 -21.34
N ILE G 331 9.60 -25.02 -22.07
CA ILE G 331 9.09 -25.62 -23.29
C ILE G 331 7.89 -26.51 -22.97
N LEU G 332 8.02 -27.34 -21.93
CA LEU G 332 6.93 -28.22 -21.54
C LEU G 332 5.71 -27.44 -21.06
N GLN G 333 5.93 -26.27 -20.44
CA GLN G 333 4.81 -25.47 -19.97
C GLN G 333 4.04 -24.87 -21.13
N LYS G 334 4.74 -24.37 -22.14
CA LYS G 334 4.08 -23.87 -23.34
C LYS G 334 3.49 -24.99 -24.20
N LEU G 335 4.00 -26.21 -24.04
CA LEU G 335 3.43 -27.34 -24.77
C LEU G 335 2.16 -27.87 -24.13
N LEU G 336 2.07 -27.83 -22.80
CA LEU G 336 0.95 -28.41 -22.07
C LEU G 336 0.01 -27.35 -21.50
N LYS G 337 0.25 -26.08 -21.79
CA LYS G 337 -0.59 -24.98 -21.34
C LYS G 337 -0.76 -25.01 -19.81
N ILE G 338 0.38 -24.98 -19.13
CA ILE G 338 0.45 -25.08 -17.68
C ILE G 338 1.21 -23.88 -17.15
N GLN G 339 0.58 -23.13 -16.24
CA GLN G 339 1.25 -22.00 -15.62
C GLN G 339 2.22 -22.48 -14.54
N LYS G 340 3.08 -21.56 -14.10
CA LYS G 340 4.20 -21.91 -13.24
C LYS G 340 3.77 -22.43 -11.87
N LYS G 341 2.54 -22.15 -11.45
CA LYS G 341 2.10 -22.48 -10.10
C LYS G 341 1.88 -23.98 -9.89
N LYS G 342 1.93 -24.79 -10.94
CA LYS G 342 1.65 -26.22 -10.82
C LYS G 342 2.75 -27.08 -11.43
N CYS G 343 3.97 -26.56 -11.53
CA CYS G 343 5.10 -27.31 -12.07
C CYS G 343 6.11 -27.56 -10.97
N CYS G 344 6.51 -28.82 -10.81
CA CYS G 344 7.44 -29.22 -9.77
C CYS G 344 8.61 -29.98 -10.39
N HIS G 345 9.76 -29.90 -9.73
CA HIS G 345 10.96 -30.54 -10.23
C HIS G 345 11.73 -31.19 -9.07
N ILE G 346 12.27 -32.37 -9.34
CA ILE G 346 13.10 -33.10 -8.38
C ILE G 346 14.53 -33.12 -8.93
N GLY G 347 15.46 -32.56 -8.16
CA GLY G 347 16.83 -32.43 -8.62
C GLY G 347 17.83 -32.62 -7.51
N ASP G 348 19.09 -32.72 -7.90
CA ASP G 348 20.20 -32.88 -6.98
C ASP G 348 21.27 -31.81 -7.10
N GLN G 349 21.42 -31.20 -8.27
CA GLN G 349 22.39 -30.12 -8.46
C GLN G 349 21.71 -28.77 -8.26
N PHE G 350 21.13 -28.61 -7.07
CA PHE G 350 20.52 -27.34 -6.68
C PHE G 350 21.51 -26.40 -6.04
N LEU G 351 22.81 -26.68 -6.15
CA LEU G 351 23.86 -25.75 -5.80
C LEU G 351 23.97 -24.68 -6.89
N HIS G 352 24.86 -23.71 -6.68
CA HIS G 352 24.99 -22.63 -7.66
C HIS G 352 25.62 -23.13 -8.95
N SER G 353 26.58 -24.04 -8.86
CA SER G 353 27.19 -24.64 -10.04
C SER G 353 26.52 -25.98 -10.34
N GLY G 354 25.22 -25.89 -10.54
CA GLY G 354 24.40 -27.08 -10.76
C GLY G 354 23.38 -26.85 -11.85
N ASN G 355 23.17 -27.87 -12.68
CA ASN G 355 22.26 -27.75 -13.80
C ASN G 355 20.80 -27.69 -13.36
N ASP G 356 20.49 -28.17 -12.16
CA ASP G 356 19.13 -28.13 -11.65
C ASP G 356 18.80 -26.81 -10.99
N PHE G 357 19.79 -26.00 -10.65
CA PHE G 357 19.53 -24.69 -10.03
C PHE G 357 18.61 -23.80 -10.85
N PRO G 358 18.80 -23.62 -12.16
CA PRO G 358 17.92 -22.69 -12.91
C PRO G 358 16.46 -23.11 -12.93
N THR G 359 16.13 -24.33 -12.49
CA THR G 359 14.74 -24.77 -12.48
C THR G 359 13.88 -23.96 -11.51
N ARG G 360 14.50 -23.25 -10.56
CA ARG G 360 13.74 -22.47 -9.59
C ARG G 360 12.98 -21.34 -10.26
N PHE G 361 13.55 -20.75 -11.32
CA PHE G 361 13.01 -19.55 -11.93
C PHE G 361 11.66 -19.76 -12.59
N CYS G 362 11.12 -20.99 -12.58
CA CYS G 362 9.84 -21.22 -13.24
C CYS G 362 9.08 -22.43 -12.68
N SER G 363 9.47 -22.97 -11.53
CA SER G 363 8.84 -24.19 -11.03
C SER G 363 9.14 -24.37 -9.55
N LEU G 364 8.34 -25.22 -8.90
CA LEU G 364 8.63 -25.65 -7.54
C LEU G 364 9.76 -26.66 -7.55
N THR G 365 10.63 -26.57 -6.54
CA THR G 365 11.90 -27.31 -6.56
C THR G 365 12.04 -28.13 -5.29
N LEU G 366 12.17 -29.45 -5.44
CA LEU G 366 12.53 -30.35 -4.35
C LEU G 366 13.97 -30.79 -4.53
N TRP G 367 14.78 -30.57 -3.50
CA TRP G 367 16.22 -30.81 -3.55
C TRP G 367 16.49 -32.17 -2.92
N VAL G 368 16.94 -33.12 -3.73
CA VAL G 368 17.16 -34.50 -3.32
C VAL G 368 18.62 -34.86 -3.57
N SER G 369 19.10 -35.89 -2.86
CA SER G 369 20.51 -36.28 -2.96
C SER G 369 20.74 -37.76 -3.28
N ASN G 370 19.70 -38.59 -3.33
CA ASN G 370 19.85 -40.01 -3.60
C ASN G 370 18.50 -40.58 -3.97
N PRO G 371 18.46 -41.74 -4.65
CA PRO G 371 17.16 -42.30 -5.08
C PRO G 371 16.25 -42.66 -3.92
N GLN G 372 16.78 -43.26 -2.84
CA GLN G 372 15.95 -43.64 -1.71
C GLN G 372 15.24 -42.43 -1.09
N GLU G 373 15.83 -41.24 -1.23
CA GLU G 373 15.18 -40.03 -0.77
C GLU G 373 14.03 -39.61 -1.70
N THR G 374 14.12 -39.94 -2.99
CA THR G 374 13.02 -39.64 -3.90
C THR G 374 11.83 -40.56 -3.65
N LYS G 375 12.10 -41.81 -3.22
CA LYS G 375 11.02 -42.71 -2.85
C LYS G 375 10.18 -42.11 -1.72
N ALA G 376 10.86 -41.58 -0.69
CA ALA G 376 10.14 -40.91 0.39
C ALA G 376 9.48 -39.63 -0.08
N CYS G 377 10.08 -38.95 -1.09
CA CYS G 377 9.46 -37.76 -1.65
C CYS G 377 8.10 -38.08 -2.26
N LEU G 378 8.04 -39.07 -3.15
CA LEU G 378 6.80 -39.34 -3.84
C LEU G 378 5.76 -39.94 -2.91
N LYS G 379 6.18 -40.82 -1.98
CA LYS G 379 5.26 -41.40 -1.01
C LYS G 379 4.49 -40.33 -0.25
N SER G 380 5.08 -39.15 -0.10
CA SER G 380 4.39 -38.04 0.55
C SER G 380 3.53 -37.25 -0.43
N ILE G 381 3.98 -37.13 -1.68
CA ILE G 381 3.18 -36.44 -2.69
C ILE G 381 1.85 -37.17 -2.92
N MET G 382 1.89 -38.50 -3.01
CA MET G 382 0.67 -39.30 -3.20
C MET G 382 -0.40 -38.94 -2.19
N HIS G 383 -0.07 -39.20 -0.93
CA HIS G 383 -1.03 -39.04 0.15
C HIS G 383 -1.22 -37.56 0.40
N LEU G 384 -2.06 -36.94 -0.45
CA LEU G 384 -2.42 -35.53 -0.36
C LEU G 384 -3.75 -35.23 -1.06
N GLN H 1 45.16 -38.32 32.56
CA GLN H 1 45.69 -37.00 32.86
C GLN H 1 44.71 -35.90 32.43
N TRP H 2 44.77 -35.53 31.16
CA TRP H 2 43.89 -34.51 30.60
C TRP H 2 42.80 -35.19 29.79
N ASN H 3 41.55 -34.90 30.11
CA ASN H 3 40.42 -35.55 29.45
C ASN H 3 39.49 -34.56 28.78
N SER H 4 38.25 -34.99 28.53
CA SER H 4 37.36 -34.22 27.68
C SER H 4 36.88 -32.94 28.36
N ARG H 5 36.88 -31.85 27.61
CA ARG H 5 36.26 -30.59 28.02
C ARG H 5 34.89 -30.40 27.41
N TYR H 6 34.71 -30.83 26.16
CA TYR H 6 33.42 -30.86 25.45
C TYR H 6 32.69 -29.52 25.55
N SER H 7 33.36 -28.49 25.04
CA SER H 7 32.72 -27.20 24.89
C SER H 7 31.77 -27.23 23.69
N TYR H 8 30.75 -26.38 23.73
CA TYR H 8 29.77 -26.34 22.66
C TYR H 8 30.41 -25.91 21.35
N ASN H 9 31.21 -24.85 21.38
CA ASN H 9 31.84 -24.36 20.16
C ASN H 9 32.82 -25.36 19.58
N GLN H 10 33.24 -26.37 20.35
CA GLN H 10 34.08 -27.43 19.80
C GLN H 10 33.28 -28.37 18.92
N LEU H 11 31.99 -28.56 19.21
CA LEU H 11 31.13 -29.32 18.32
C LEU H 11 30.78 -28.50 17.08
N LYS H 12 30.76 -27.18 17.20
CA LYS H 12 30.47 -26.33 16.06
C LYS H 12 31.66 -26.22 15.12
N ASN H 13 32.81 -25.76 15.64
CA ASN H 13 34.01 -25.61 14.83
C ASN H 13 34.66 -26.97 14.62
N LYS H 14 35.05 -27.25 13.37
CA LYS H 14 35.53 -28.57 13.00
C LYS H 14 36.83 -28.91 13.73
N ASP H 15 37.86 -28.06 13.57
CA ASP H 15 39.14 -28.29 14.20
C ASP H 15 39.82 -26.96 14.42
N SER H 16 40.61 -26.87 15.49
CA SER H 16 41.23 -25.60 15.85
C SER H 16 42.38 -25.26 14.90
N LEU H 17 43.37 -26.16 14.81
CA LEU H 17 44.56 -25.85 14.03
C LEU H 17 44.32 -25.91 12.53
N ILE H 18 43.44 -26.81 12.07
CA ILE H 18 43.16 -26.88 10.64
C ILE H 18 42.47 -25.61 10.16
N MET H 19 41.42 -25.19 10.87
CA MET H 19 40.74 -23.94 10.52
C MET H 19 41.67 -22.74 10.67
N PHE H 20 42.62 -22.82 11.60
CA PHE H 20 43.60 -21.74 11.78
C PHE H 20 44.35 -21.47 10.48
N LEU H 21 44.75 -22.52 9.77
CA LEU H 21 45.46 -22.35 8.51
C LEU H 21 44.51 -21.96 7.39
N VAL H 22 43.29 -22.51 7.38
CA VAL H 22 42.34 -22.21 6.33
C VAL H 22 42.04 -20.71 6.29
N GLU H 23 41.83 -20.11 7.46
CA GLU H 23 41.58 -18.67 7.50
C GLU H 23 42.76 -17.87 6.96
N ILE H 24 43.98 -18.31 7.27
CA ILE H 24 45.16 -17.63 6.75
C ILE H 24 45.32 -17.89 5.26
N PHE H 25 45.16 -19.15 4.84
CA PHE H 25 45.28 -19.48 3.43
C PHE H 25 44.15 -18.87 2.61
N ARG H 26 42.96 -18.73 3.20
CA ARG H 26 41.86 -18.08 2.51
C ARG H 26 42.19 -16.63 2.21
N SER H 27 42.69 -15.89 3.21
CA SER H 27 43.06 -14.50 3.01
C SER H 27 44.20 -14.39 1.99
N LEU H 28 45.10 -15.35 1.96
CA LEU H 28 46.12 -15.36 0.91
C LEU H 28 45.50 -15.57 -0.45
N PHE H 29 44.53 -16.50 -0.55
CA PHE H 29 43.82 -16.72 -1.81
C PHE H 29 43.09 -15.46 -2.26
N VAL H 30 42.50 -14.74 -1.32
CA VAL H 30 41.67 -13.59 -1.67
C VAL H 30 42.53 -12.38 -2.04
N SER H 31 43.73 -12.26 -1.45
CA SER H 31 44.64 -11.18 -1.79
C SER H 31 45.35 -11.39 -3.13
N ASN H 32 45.02 -12.47 -3.84
CA ASN H 32 45.60 -12.77 -5.16
C ASN H 32 47.11 -12.92 -5.10
N CYS H 33 47.63 -13.45 -3.99
CA CYS H 33 49.06 -13.67 -3.84
C CYS H 33 49.40 -15.09 -3.43
N ILE H 34 48.45 -16.03 -3.52
CA ILE H 34 48.72 -17.39 -3.07
C ILE H 34 49.62 -18.13 -4.05
N ASP H 35 49.59 -17.77 -5.33
CA ASP H 35 50.43 -18.45 -6.32
C ASP H 35 51.85 -17.88 -6.35
N LYS H 36 52.07 -16.71 -5.76
CA LYS H 36 53.40 -16.14 -5.68
C LYS H 36 54.17 -16.77 -4.53
N ASN H 37 55.40 -16.30 -4.31
CA ASN H 37 56.24 -16.85 -3.25
C ASN H 37 55.73 -16.38 -1.90
N ILE H 38 55.08 -17.29 -1.17
CA ILE H 38 54.53 -16.98 0.15
C ILE H 38 55.40 -17.61 1.23
N ASP H 39 56.69 -17.77 0.93
CA ASP H 39 57.61 -18.35 1.91
C ASP H 39 57.70 -17.49 3.17
N ASN H 40 57.52 -16.17 3.04
CA ASN H 40 57.51 -15.31 4.22
C ASN H 40 56.31 -15.59 5.12
N VAL H 41 55.17 -15.94 4.53
CA VAL H 41 53.99 -16.27 5.33
C VAL H 41 54.13 -17.66 5.94
N LEU H 42 54.65 -18.62 5.16
CA LEU H 42 54.75 -19.99 5.66
C LEU H 42 55.81 -20.12 6.74
N LEU H 43 56.98 -19.50 6.55
CA LEU H 43 58.03 -19.57 7.56
C LEU H 43 57.61 -18.90 8.85
N SER H 44 56.87 -17.79 8.75
CA SER H 44 56.38 -17.11 9.95
C SER H 44 55.41 -18.00 10.72
N ILE H 45 54.58 -18.76 10.01
CA ILE H 45 53.72 -19.74 10.66
C ILE H 45 54.58 -20.83 11.30
N GLU H 46 55.65 -21.22 10.62
CA GLU H 46 56.53 -22.27 11.13
C GLU H 46 57.22 -21.86 12.43
N GLU H 47 57.63 -20.59 12.52
CA GLU H 47 58.29 -20.12 13.74
C GLU H 47 57.37 -20.28 14.95
N MET H 48 56.10 -19.89 14.80
CA MET H 48 55.15 -20.10 15.89
C MET H 48 54.97 -21.58 16.19
N PHE H 49 55.00 -22.42 15.16
CA PHE H 49 54.98 -23.86 15.38
C PHE H 49 56.24 -24.31 16.11
N ILE H 50 57.38 -23.69 15.81
CA ILE H 50 58.61 -23.99 16.54
C ILE H 50 58.52 -23.46 17.96
N ASP H 51 58.06 -22.21 18.11
CA ASP H 51 57.96 -21.61 19.44
C ASP H 51 57.02 -22.41 20.33
N HIS H 52 55.95 -22.95 19.76
CA HIS H 52 55.02 -23.76 20.54
C HIS H 52 55.66 -25.08 20.96
N TYR H 53 56.61 -25.58 20.17
CA TYR H 53 57.33 -26.80 20.54
C TYR H 53 58.21 -26.60 21.76
N TYR H 54 58.75 -25.40 21.94
CA TYR H 54 59.60 -25.09 23.08
C TYR H 54 58.79 -24.58 24.29
N ASN H 55 57.76 -23.78 24.05
CA ASN H 55 56.96 -23.20 25.13
C ASN H 55 55.49 -23.52 24.83
N PRO H 56 55.01 -24.69 25.23
CA PRO H 56 53.64 -25.09 24.85
C PRO H 56 52.54 -24.31 25.57
N GLN H 57 52.80 -23.81 26.77
CA GLN H 57 51.75 -23.17 27.54
C GLN H 57 51.60 -21.69 27.23
N HIS H 58 52.69 -20.98 26.94
CA HIS H 58 52.68 -19.53 26.81
C HIS H 58 53.14 -19.08 25.43
N SER H 59 52.99 -19.92 24.42
CA SER H 59 53.34 -19.52 23.06
C SER H 59 52.34 -18.51 22.52
N ARG H 60 52.76 -17.76 21.49
CA ARG H 60 51.81 -16.90 20.79
C ARG H 60 50.71 -17.72 20.13
N LEU H 61 51.03 -18.93 19.68
CA LEU H 61 50.02 -19.80 19.10
C LEU H 61 48.95 -20.16 20.13
N LYS H 62 49.35 -20.35 21.38
CA LYS H 62 48.36 -20.60 22.43
C LYS H 62 47.48 -19.38 22.67
N TYR H 63 48.03 -18.18 22.51
CA TYR H 63 47.21 -16.98 22.60
C TYR H 63 46.19 -16.93 21.48
N LEU H 64 46.60 -17.24 20.25
CA LEU H 64 45.69 -17.18 19.11
C LEU H 64 44.68 -18.32 19.16
N ILE H 65 45.13 -19.53 19.50
CA ILE H 65 44.27 -20.70 19.59
C ILE H 65 44.40 -21.22 21.02
N ASP H 66 43.31 -21.17 21.77
CA ASP H 66 43.35 -21.51 23.18
C ASP H 66 43.43 -23.01 23.45
N ASP H 67 43.18 -23.86 22.45
CA ASP H 67 43.05 -25.29 22.70
C ASP H 67 43.94 -26.12 21.78
N VAL H 68 45.11 -25.61 21.39
CA VAL H 68 46.07 -26.43 20.67
C VAL H 68 46.62 -27.50 21.59
N GLY H 69 46.74 -28.72 21.07
CA GLY H 69 47.40 -29.78 21.80
C GLY H 69 48.90 -29.55 21.87
N ILE H 70 49.59 -30.54 22.42
CA ILE H 70 51.04 -30.47 22.52
C ILE H 70 51.65 -30.81 21.17
N PHE H 71 52.65 -30.04 20.77
CA PHE H 71 53.46 -30.35 19.59
C PHE H 71 54.63 -31.19 20.03
N PHE H 72 54.62 -32.48 19.65
CA PHE H 72 55.71 -33.38 20.01
C PHE H 72 56.92 -33.23 19.10
N THR H 73 56.75 -32.63 17.92
CA THR H 73 57.84 -32.47 16.97
C THR H 73 57.77 -31.09 16.34
N LYS H 74 58.93 -30.57 15.94
CA LYS H 74 58.97 -29.39 15.11
C LYS H 74 58.33 -29.70 13.75
N LEU H 75 57.32 -28.93 13.39
CA LEU H 75 56.57 -29.21 12.17
C LEU H 75 57.17 -28.44 11.00
N PRO H 76 57.66 -29.11 9.96
CA PRO H 76 58.12 -28.41 8.73
C PRO H 76 56.94 -28.05 7.83
N ILE H 77 56.16 -27.07 8.28
CA ILE H 77 54.91 -26.75 7.59
C ILE H 77 55.18 -26.14 6.22
N THR H 78 56.35 -25.51 6.03
CA THR H 78 56.68 -24.91 4.74
C THR H 78 56.88 -26.00 3.68
N LYS H 79 57.79 -26.94 3.95
CA LYS H 79 58.03 -28.03 3.00
C LYS H 79 56.77 -28.85 2.77
N ALA H 80 55.92 -28.98 3.80
CA ALA H 80 54.67 -29.72 3.62
C ALA H 80 53.74 -29.01 2.66
N PHE H 81 53.69 -27.67 2.72
CA PHE H 81 52.85 -26.92 1.79
C PHE H 81 53.39 -27.01 0.36
N HIS H 82 54.72 -27.02 0.21
CA HIS H 82 55.31 -27.01 -1.13
C HIS H 82 54.98 -28.29 -1.90
N THR H 83 55.14 -29.44 -1.25
CA THR H 83 55.01 -30.71 -1.97
C THR H 83 53.55 -31.09 -2.21
N TYR H 84 52.63 -30.72 -1.32
CA TYR H 84 51.21 -30.94 -1.62
C TYR H 84 50.75 -30.00 -2.73
N ASN H 85 51.27 -28.77 -2.76
CA ASN H 85 50.92 -27.85 -3.82
C ASN H 85 51.57 -28.25 -5.14
N LYS H 86 52.78 -28.80 -5.08
CA LYS H 86 53.46 -29.22 -6.30
C LYS H 86 52.71 -30.36 -7.00
N LYS H 87 52.01 -31.20 -6.25
CA LYS H 87 51.28 -32.32 -6.83
C LYS H 87 49.87 -31.94 -7.26
N TYR H 88 49.10 -31.31 -6.36
CA TYR H 88 47.70 -31.03 -6.63
C TYR H 88 47.47 -29.65 -7.22
N ARG H 89 48.41 -28.71 -7.05
CA ARG H 89 48.34 -27.39 -7.67
C ARG H 89 47.07 -26.65 -7.26
N ILE H 90 46.82 -26.61 -5.94
CA ILE H 90 45.66 -25.89 -5.42
C ILE H 90 45.85 -24.39 -5.43
N THR H 91 47.07 -23.90 -5.68
CA THR H 91 47.33 -22.47 -5.70
C THR H 91 47.01 -21.82 -7.03
N LYS H 92 47.07 -22.57 -8.13
CA LYS H 92 46.64 -22.05 -9.42
C LYS H 92 45.15 -21.75 -9.45
N ARG H 93 44.41 -22.20 -8.43
CA ARG H 93 42.99 -21.86 -8.30
C ARG H 93 42.82 -20.37 -8.07
N LEU H 94 42.01 -19.74 -8.92
CA LEU H 94 41.72 -18.33 -8.81
C LEU H 94 40.31 -18.04 -8.30
N TYR H 95 39.51 -19.08 -8.07
CA TYR H 95 38.11 -18.90 -7.67
C TYR H 95 37.67 -19.81 -6.53
N ALA H 96 38.42 -20.86 -6.20
CA ALA H 96 38.11 -21.73 -5.08
C ALA H 96 39.27 -21.72 -4.10
N PRO H 97 39.06 -21.37 -2.83
CA PRO H 97 40.15 -21.30 -1.88
C PRO H 97 40.52 -22.67 -1.36
N PRO H 98 41.65 -22.82 -0.66
CA PRO H 98 42.01 -24.12 -0.08
C PRO H 98 40.94 -24.60 0.88
N THR H 99 40.65 -25.90 0.81
CA THR H 99 39.58 -26.47 1.60
C THR H 99 40.10 -27.07 2.90
N PHE H 100 39.16 -27.48 3.74
CA PHE H 100 39.50 -28.10 5.03
C PHE H 100 40.27 -29.40 4.81
N ASN H 101 39.76 -30.25 3.92
CA ASN H 101 40.36 -31.57 3.72
C ASN H 101 41.77 -31.48 3.15
N GLU H 102 42.09 -30.40 2.43
CA GLU H 102 43.44 -30.24 1.91
C GLU H 102 44.41 -29.89 3.04
N VAL H 103 44.04 -28.91 3.87
CA VAL H 103 44.86 -28.56 5.03
C VAL H 103 45.00 -29.77 5.95
N ARG H 104 44.03 -30.67 5.94
CA ARG H 104 44.17 -31.95 6.63
C ARG H 104 45.36 -32.74 6.08
N HIS H 105 45.42 -32.87 4.75
CA HIS H 105 46.54 -33.58 4.13
C HIS H 105 47.85 -32.85 4.34
N ILE H 106 47.83 -31.51 4.23
CA ILE H 106 49.06 -30.74 4.38
C ILE H 106 49.62 -30.88 5.79
N LEU H 107 48.74 -30.79 6.80
CA LEU H 107 49.18 -30.96 8.18
C LEU H 107 49.61 -32.39 8.46
N ASN H 108 48.97 -33.38 7.82
CA ASN H 108 49.41 -34.75 7.94
C ASN H 108 50.85 -34.90 7.47
N LEU H 109 51.17 -34.31 6.31
CA LEU H 109 52.52 -34.42 5.76
C LEU H 109 53.53 -33.69 6.63
N ALA H 110 53.14 -32.55 7.22
CA ALA H 110 54.02 -31.87 8.15
C ALA H 110 54.38 -32.77 9.33
N GLN H 111 53.40 -33.53 9.83
CA GLN H 111 53.69 -34.49 10.89
C GLN H 111 54.49 -35.67 10.39
N ILE H 112 54.43 -35.99 9.10
CA ILE H 112 55.22 -37.08 8.54
C ILE H 112 56.68 -36.66 8.37
N LEU H 113 56.91 -35.53 7.72
CA LEU H 113 58.26 -35.01 7.54
C LEU H 113 58.88 -34.52 8.84
N SER H 114 58.14 -34.56 9.95
CA SER H 114 58.70 -34.11 11.22
C SER H 114 59.59 -35.17 11.86
N LEU H 115 59.39 -36.44 11.53
CA LEU H 115 60.16 -37.49 12.17
C LEU H 115 61.50 -37.73 11.46
N GLU H 116 62.29 -36.67 11.30
CA GLU H 116 63.68 -36.87 10.91
C GLU H 116 64.42 -37.68 11.96
N GLU H 117 63.95 -37.64 13.21
CA GLU H 117 64.50 -38.50 14.24
C GLU H 117 64.21 -39.96 13.95
N GLY H 118 63.03 -40.25 13.41
CA GLY H 118 62.64 -41.59 13.04
C GLY H 118 61.41 -42.07 13.79
N LEU H 119 60.88 -43.20 13.31
CA LEU H 119 59.70 -43.83 13.89
C LEU H 119 60.11 -45.08 14.64
N ASP H 120 59.68 -45.17 15.90
CA ASP H 120 59.92 -46.35 16.73
C ASP H 120 58.65 -47.05 17.17
N LEU H 121 57.47 -46.60 16.72
CA LEU H 121 56.21 -47.26 17.00
C LEU H 121 55.10 -46.66 16.15
N LEU H 122 54.46 -47.48 15.32
CA LEU H 122 53.38 -47.04 14.44
C LEU H 122 52.14 -47.86 14.73
N THR H 123 51.04 -47.18 15.05
CA THR H 123 49.79 -47.85 15.39
C THR H 123 48.71 -47.46 14.39
N PHE H 124 47.74 -48.37 14.21
CA PHE H 124 46.66 -48.18 13.26
C PHE H 124 45.32 -48.36 13.93
N ASP H 125 44.39 -47.48 13.60
CA ASP H 125 42.98 -47.75 13.88
C ASP H 125 42.48 -48.78 12.88
N ALA H 126 41.83 -49.83 13.38
CA ALA H 126 41.44 -50.92 12.50
C ALA H 126 40.19 -50.57 11.69
N ASN H 127 39.08 -50.30 12.38
CA ASN H 127 37.79 -50.14 11.71
C ASN H 127 37.77 -48.83 10.92
N GLU H 128 37.67 -48.97 9.60
CA GLU H 128 37.49 -47.93 8.58
C GLU H 128 38.78 -47.20 8.20
N THR H 129 39.92 -47.54 8.80
CA THR H 129 41.21 -47.07 8.28
C THR H 129 42.04 -48.20 7.68
N LEU H 130 41.72 -49.45 8.01
CA LEU H 130 42.35 -50.61 7.38
C LEU H 130 41.37 -51.43 6.54
N TYR H 131 40.08 -51.28 6.77
CA TYR H 131 39.05 -51.99 6.03
C TYR H 131 37.71 -51.33 6.32
N PRO H 132 36.77 -51.34 5.36
CA PRO H 132 35.49 -50.67 5.58
C PRO H 132 34.81 -51.14 6.86
N ASP H 133 33.99 -50.24 7.42
CA ASP H 133 33.38 -50.44 8.73
C ASP H 133 32.64 -51.76 8.84
N GLY H 134 33.18 -52.67 9.66
CA GLY H 134 32.59 -53.97 9.89
C GLY H 134 33.18 -55.10 9.07
N HIS H 135 33.78 -54.79 7.92
CA HIS H 135 34.29 -55.82 7.03
C HIS H 135 35.58 -56.43 7.60
N ASP H 136 36.17 -57.32 6.82
CA ASP H 136 37.44 -57.96 7.16
C ASP H 136 38.54 -57.46 6.23
N PHE H 137 39.78 -57.65 6.67
CA PHE H 137 40.93 -57.15 5.91
C PHE H 137 41.01 -57.84 4.56
N ASN H 138 41.22 -57.04 3.50
CA ASN H 138 41.42 -57.57 2.17
C ASN H 138 42.08 -56.53 1.27
N ASP H 139 43.40 -56.41 1.38
CA ASP H 139 44.15 -55.47 0.54
C ASP H 139 45.60 -55.92 0.51
N GLU H 140 46.06 -56.37 -0.66
CA GLU H 140 47.44 -56.81 -0.80
C GLU H 140 48.40 -55.64 -0.66
N VAL H 141 48.09 -54.51 -1.30
CA VAL H 141 49.01 -53.37 -1.30
C VAL H 141 49.18 -52.83 0.12
N LEU H 142 48.09 -52.71 0.87
CA LEU H 142 48.18 -52.23 2.24
C LEU H 142 48.99 -53.18 3.12
N ALA H 143 48.80 -54.49 2.92
CA ALA H 143 49.49 -55.48 3.75
C ALA H 143 51.00 -55.39 3.57
N SER H 144 51.46 -55.25 2.33
CA SER H 144 52.89 -55.17 2.07
C SER H 144 53.50 -53.95 2.75
N TYR H 145 52.78 -52.83 2.71
CA TYR H 145 53.28 -51.61 3.35
C TYR H 145 53.44 -51.80 4.85
N ILE H 146 52.61 -52.63 5.46
CA ILE H 146 52.73 -52.91 6.88
C ILE H 146 53.87 -53.89 7.14
N SER H 147 54.13 -54.81 6.21
CA SER H 147 55.17 -55.81 6.42
C SER H 147 56.56 -55.17 6.39
N CYS H 148 56.80 -54.27 5.44
CA CYS H 148 58.10 -53.59 5.39
C CYS H 148 58.29 -52.67 6.57
N LEU H 149 57.24 -51.95 6.97
CA LEU H 149 57.34 -51.08 8.14
C LEU H 149 57.52 -51.89 9.42
N LEU H 150 57.04 -53.14 9.43
CA LEU H 150 57.28 -54.01 10.57
C LEU H 150 58.75 -54.41 10.66
N LYS H 151 59.45 -54.47 9.52
CA LYS H 151 60.85 -54.86 9.53
C LYS H 151 61.73 -53.79 10.18
N LYS H 152 61.33 -52.52 10.08
CA LYS H 152 62.12 -51.41 10.61
C LYS H 152 61.60 -50.88 11.94
N MET H 153 60.37 -51.22 12.32
CA MET H 153 59.79 -50.74 13.57
C MET H 153 58.68 -51.70 13.98
N ASN H 154 58.26 -51.59 15.24
CA ASN H 154 57.17 -52.40 15.73
C ASN H 154 55.84 -51.74 15.38
N ILE H 155 54.85 -52.55 15.06
CA ILE H 155 53.55 -52.07 14.63
C ILE H 155 52.48 -52.62 15.56
N ALA H 156 51.59 -51.75 16.01
CA ALA H 156 50.47 -52.12 16.86
C ALA H 156 49.17 -51.80 16.16
N ILE H 157 48.10 -52.48 16.58
CA ILE H 157 46.76 -52.25 16.06
C ILE H 157 45.87 -51.90 17.24
N VAL H 158 45.47 -50.64 17.32
CA VAL H 158 44.61 -50.18 18.40
C VAL H 158 43.20 -50.00 17.89
N THR H 159 42.41 -51.06 17.92
CA THR H 159 41.01 -51.02 17.51
C THR H 159 40.12 -50.77 18.72
N ALA H 160 38.88 -50.37 18.44
CA ALA H 160 37.88 -50.21 19.48
C ALA H 160 37.01 -51.45 19.65
N ALA H 161 37.08 -52.40 18.73
CA ALA H 161 36.29 -53.62 18.86
C ALA H 161 36.76 -54.44 20.04
N SER H 162 35.82 -55.07 20.75
CA SER H 162 36.12 -55.89 21.91
C SER H 162 35.47 -57.25 21.71
N TYR H 163 36.30 -58.29 21.65
CA TYR H 163 35.83 -59.68 21.64
C TYR H 163 36.45 -60.46 22.79
N ASN H 164 36.71 -59.78 23.90
CA ASN H 164 37.34 -60.35 25.10
C ASN H 164 38.74 -60.83 24.70
N ASN H 165 39.17 -62.01 25.15
CA ASN H 165 40.49 -62.54 24.84
C ASN H 165 40.43 -63.71 23.86
N ASP H 166 39.33 -63.84 23.13
CA ASP H 166 39.19 -64.87 22.11
C ASP H 166 39.97 -64.43 20.87
N ALA H 167 41.17 -65.01 20.69
CA ALA H 167 42.03 -64.61 19.58
C ALA H 167 41.42 -64.98 18.24
N GLU H 168 40.57 -66.01 18.19
CA GLU H 168 39.97 -66.42 16.93
C GLU H 168 39.06 -65.33 16.36
N LYS H 169 38.32 -64.64 17.23
CA LYS H 169 37.49 -63.53 16.77
C LYS H 169 38.34 -62.37 16.27
N TYR H 170 39.47 -62.12 16.93
CA TYR H 170 40.40 -61.09 16.47
C TYR H 170 41.20 -61.54 15.26
N GLN H 171 41.50 -62.83 15.15
CA GLN H 171 42.15 -63.34 13.94
C GLN H 171 41.20 -63.35 12.75
N LYS H 172 39.89 -63.38 12.99
CA LYS H 172 38.92 -63.38 11.89
C LYS H 172 39.04 -62.09 11.07
N ARG H 173 38.98 -60.94 11.74
CA ARG H 173 39.08 -59.67 11.03
C ARG H 173 40.43 -59.50 10.36
N LEU H 174 41.50 -59.97 11.01
CA LEU H 174 42.85 -59.86 10.48
C LEU H 174 43.36 -61.16 9.88
N GLU H 175 42.46 -61.94 9.25
CA GLU H 175 42.88 -63.20 8.65
C GLU H 175 43.84 -62.97 7.49
N ASN H 176 43.49 -62.07 6.58
CA ASN H 176 44.33 -61.82 5.41
C ASN H 176 45.65 -61.17 5.79
N LEU H 177 45.62 -60.21 6.70
CA LEU H 177 46.83 -59.52 7.13
C LEU H 177 47.85 -60.52 7.64
N LEU H 178 47.54 -61.19 8.74
CA LEU H 178 48.44 -62.20 9.28
C LEU H 178 48.74 -63.30 8.26
N LYS H 179 47.89 -63.48 7.25
CA LYS H 179 48.18 -64.47 6.22
C LYS H 179 49.29 -64.00 5.29
N TYR H 180 49.31 -62.71 4.96
CA TYR H 180 50.50 -62.17 4.28
C TYR H 180 51.68 -62.14 5.23
N PHE H 181 51.44 -61.74 6.49
CA PHE H 181 52.48 -61.85 7.51
C PHE H 181 53.00 -63.27 7.66
N SER H 182 52.18 -64.26 7.27
CA SER H 182 52.54 -65.67 7.26
C SER H 182 53.55 -66.02 6.21
N LYS H 183 54.13 -65.05 5.49
CA LYS H 183 55.09 -65.39 4.46
C LYS H 183 56.38 -64.60 4.60
N HIS H 184 56.31 -63.28 4.50
CA HIS H 184 57.50 -62.44 4.38
C HIS H 184 57.94 -61.82 5.70
N ASN H 185 57.52 -62.36 6.84
CA ASN H 185 57.96 -61.79 8.10
C ASN H 185 58.16 -62.81 9.21
N ILE H 186 58.36 -64.08 8.88
CA ILE H 186 58.83 -65.04 9.87
C ILE H 186 60.35 -65.18 9.82
N LYS H 187 60.95 -65.03 8.63
CA LYS H 187 62.40 -65.04 8.50
C LYS H 187 63.02 -63.89 9.29
N ASP H 188 62.60 -62.66 8.98
CA ASP H 188 62.88 -61.56 9.89
C ASP H 188 62.18 -61.81 11.21
N GLY H 189 62.91 -61.60 12.32
CA GLY H 189 62.33 -61.75 13.63
C GLY H 189 61.32 -60.65 13.94
N SER H 190 60.97 -59.87 12.91
CA SER H 190 60.05 -58.75 13.07
C SER H 190 58.65 -59.19 13.49
N TYR H 191 58.30 -60.46 13.30
CA TYR H 191 56.98 -60.93 13.71
C TYR H 191 56.78 -60.81 15.21
N LYS H 192 57.86 -60.75 15.98
CA LYS H 192 57.77 -60.58 17.43
C LYS H 192 57.56 -59.13 17.84
N ASN H 193 57.41 -58.21 16.88
CA ASN H 193 57.15 -56.81 17.17
C ASN H 193 55.75 -56.38 16.78
N PHE H 194 54.86 -57.32 16.49
CA PHE H 194 53.47 -57.02 16.15
C PHE H 194 52.60 -57.12 17.39
N TYR H 195 51.62 -56.21 17.49
CA TYR H 195 50.73 -56.15 18.64
C TYR H 195 49.31 -55.82 18.18
N VAL H 196 48.34 -56.27 18.96
CA VAL H 196 46.93 -55.95 18.76
C VAL H 196 46.32 -55.58 20.10
N MET H 197 45.49 -54.54 20.12
CA MET H 197 44.91 -54.01 21.36
C MET H 197 43.41 -54.07 21.26
N GLY H 198 42.77 -54.89 22.10
CA GLY H 198 41.33 -55.00 22.13
C GLY H 198 40.69 -53.99 23.05
N GLY H 199 39.36 -53.99 23.03
CA GLY H 199 38.60 -52.95 23.72
C GLY H 199 39.07 -51.60 23.24
N GLU H 200 39.46 -50.75 24.17
CA GLU H 200 40.23 -49.56 23.85
C GLU H 200 41.64 -49.60 24.41
N SER H 201 41.76 -50.07 25.65
CA SER H 201 43.02 -50.34 26.33
C SER H 201 42.74 -51.46 27.33
N ASN H 202 42.20 -52.57 26.83
CA ASN H 202 41.65 -53.59 27.73
C ASN H 202 42.02 -55.02 27.37
N TYR H 203 42.53 -55.29 26.16
CA TYR H 203 42.85 -56.66 25.75
C TYR H 203 44.05 -56.60 24.82
N LEU H 204 45.21 -57.02 25.29
CA LEU H 204 46.44 -56.98 24.50
C LEU H 204 46.76 -58.35 23.92
N PHE H 205 47.33 -58.35 22.73
CA PHE H 205 47.65 -59.59 22.02
C PHE H 205 48.99 -59.45 21.32
N LYS H 206 49.54 -60.61 20.92
CA LYS H 206 50.83 -60.69 20.24
C LYS H 206 50.75 -61.74 19.15
N CYS H 207 51.83 -61.89 18.39
CA CYS H 207 51.86 -62.75 17.22
C CYS H 207 52.64 -64.03 17.48
N ASN H 208 52.35 -65.05 16.68
CA ASN H 208 52.90 -66.39 16.83
C ASN H 208 53.91 -66.70 15.73
N GLU H 209 54.76 -67.70 16.00
CA GLU H 209 55.79 -68.08 15.03
C GLU H 209 55.16 -68.64 13.75
N GLU H 210 54.08 -69.42 13.90
CA GLU H 210 53.34 -69.95 12.76
C GLU H 210 52.30 -68.96 12.23
N ALA H 211 52.45 -67.68 12.57
CA ALA H 211 51.59 -66.60 12.06
C ALA H 211 50.13 -66.77 12.50
N THR H 212 49.95 -67.02 13.79
CA THR H 212 48.68 -66.83 14.47
C THR H 212 48.88 -65.72 15.50
N LEU H 213 47.87 -65.47 16.31
CA LEU H 213 48.03 -64.50 17.39
C LEU H 213 47.42 -65.06 18.66
N TYR H 214 48.15 -64.91 19.76
CA TYR H 214 47.77 -65.45 21.06
C TYR H 214 47.53 -64.31 22.04
N SER H 215 46.73 -64.60 23.06
CA SER H 215 46.49 -63.65 24.12
C SER H 215 47.68 -63.61 25.07
N VAL H 216 48.11 -62.39 25.42
CA VAL H 216 49.29 -62.19 26.25
C VAL H 216 48.89 -62.36 27.72
N PRO H 217 49.83 -62.64 28.62
CA PRO H 217 49.45 -62.88 30.02
C PRO H 217 49.04 -61.59 30.72
N GLU H 218 48.09 -61.75 31.66
CA GLU H 218 47.60 -60.61 32.43
C GLU H 218 48.68 -60.00 33.32
N ASN H 219 49.73 -60.76 33.64
CA ASN H 219 50.75 -60.26 34.57
C ASN H 219 51.72 -59.30 33.91
N GLU H 220 51.90 -59.39 32.58
CA GLU H 220 52.96 -58.64 31.93
C GLU H 220 52.63 -57.19 31.65
N TRP H 221 51.35 -56.79 31.72
CA TRP H 221 50.97 -55.44 31.34
C TRP H 221 49.90 -54.81 32.22
N ARG H 222 49.32 -55.55 33.18
CA ARG H 222 48.26 -54.98 34.00
C ARG H 222 48.79 -53.91 34.96
N HIS H 223 50.07 -53.92 35.29
CA HIS H 223 50.63 -52.93 36.19
C HIS H 223 50.86 -51.59 35.52
N TYR H 224 51.00 -51.55 34.20
CA TYR H 224 51.11 -50.28 33.50
C TYR H 224 49.78 -49.57 33.37
N LYS H 225 48.69 -50.33 33.35
CA LYS H 225 47.36 -49.77 33.16
C LYS H 225 46.76 -49.35 34.50
N LYS H 226 46.23 -48.13 34.54
CA LYS H 226 45.52 -47.65 35.72
C LYS H 226 44.29 -48.51 35.98
N PHE H 227 44.37 -49.39 36.97
CA PHE H 227 43.29 -50.32 37.24
C PHE H 227 42.06 -49.60 37.77
N VAL H 228 40.89 -50.12 37.40
CA VAL H 228 39.61 -49.63 37.89
C VAL H 228 38.83 -50.82 38.43
N ASP H 229 38.05 -50.58 39.49
CA ASP H 229 37.36 -51.67 40.13
C ASP H 229 36.12 -52.08 39.33
N TYR H 230 35.56 -53.24 39.71
CA TYR H 230 34.40 -53.77 39.03
C TYR H 230 33.19 -52.84 39.18
N ASP H 231 32.95 -52.38 40.42
CA ASP H 231 31.74 -51.61 40.69
C ASP H 231 31.72 -50.29 39.93
N THR H 232 32.88 -49.69 39.68
CA THR H 232 32.92 -48.44 38.93
C THR H 232 32.61 -48.67 37.45
N VAL H 233 33.18 -49.74 36.88
CA VAL H 233 32.89 -50.07 35.48
C VAL H 233 31.40 -50.26 35.28
N GLN H 234 30.74 -50.96 36.19
CA GLN H 234 29.30 -51.16 36.07
C GLN H 234 28.54 -49.85 36.24
N GLU H 235 29.07 -48.93 37.03
CA GLU H 235 28.45 -47.61 37.14
C GLU H 235 28.56 -46.85 35.82
N ILE H 236 29.69 -47.00 35.13
CA ILE H 236 29.82 -46.42 33.80
C ILE H 236 28.79 -47.00 32.85
N LEU H 237 28.63 -48.33 32.89
CA LEU H 237 27.72 -48.98 31.97
C LEU H 237 26.25 -48.79 32.35
N ASN H 238 25.94 -48.69 33.64
CA ASN H 238 24.54 -48.50 34.02
C ASN H 238 24.05 -47.11 33.67
N ILE H 239 24.89 -46.09 33.84
CA ILE H 239 24.52 -44.73 33.42
C ILE H 239 24.37 -44.68 31.91
N SER H 240 25.21 -45.42 31.19
CA SER H 240 25.15 -45.42 29.72
C SER H 240 23.87 -46.08 29.23
N GLU H 241 23.50 -47.22 29.80
CA GLU H 241 22.28 -47.90 29.37
C GLU H 241 21.05 -47.04 29.63
N LYS H 242 20.99 -46.37 30.78
CA LYS H 242 19.87 -45.49 31.07
C LYS H 242 19.83 -44.32 30.09
N CYS H 243 20.99 -43.83 29.67
CA CYS H 243 21.03 -42.72 28.73
C CYS H 243 20.59 -43.18 27.34
N LEU H 244 21.08 -44.33 26.88
CA LEU H 244 20.74 -44.80 25.54
C LEU H 244 19.27 -45.19 25.45
N GLU H 245 18.74 -45.85 26.48
CA GLU H 245 17.33 -46.24 26.46
C GLU H 245 16.43 -45.01 26.40
N LYS H 246 16.84 -43.90 27.02
CA LYS H 246 16.13 -42.64 26.84
C LYS H 246 16.18 -42.20 25.38
N VAL H 247 17.33 -42.36 24.74
CA VAL H 247 17.51 -41.93 23.36
C VAL H 247 16.57 -42.70 22.44
N ILE H 248 16.39 -44.00 22.68
CA ILE H 248 15.50 -44.80 21.86
C ILE H 248 14.05 -44.39 22.06
N LYS H 249 13.68 -43.96 23.27
CA LYS H 249 12.32 -43.50 23.49
C LYS H 249 12.13 -42.06 23.02
N ASP H 250 13.13 -41.21 23.25
CA ASP H 250 13.10 -39.83 22.79
C ASP H 250 12.83 -39.76 21.30
N PHE H 251 13.76 -40.26 20.50
CA PHE H 251 13.61 -40.35 19.06
C PHE H 251 13.21 -41.77 18.71
N GLY H 252 12.13 -41.91 17.93
CA GLY H 252 11.68 -43.22 17.52
C GLY H 252 12.76 -44.01 16.81
N LEU H 253 13.73 -44.52 17.57
CA LEU H 253 14.89 -45.18 17.00
C LEU H 253 14.66 -46.69 16.97
N CYS H 254 14.96 -47.30 15.82
CA CYS H 254 14.85 -48.74 15.66
C CYS H 254 16.23 -49.32 15.95
N ALA H 255 16.51 -49.54 17.24
CA ALA H 255 17.83 -50.02 17.65
C ALA H 255 17.68 -50.88 18.89
N GLN H 256 18.79 -51.51 19.28
CA GLN H 256 18.86 -52.32 20.48
C GLN H 256 20.20 -52.05 21.15
N ILE H 257 20.31 -52.48 22.40
CA ILE H 257 21.49 -52.26 23.22
C ILE H 257 22.22 -53.59 23.39
N GLN H 258 23.49 -53.61 22.98
CA GLN H 258 24.38 -54.74 23.25
C GLN H 258 25.22 -54.40 24.48
N ARG H 259 25.02 -55.16 25.55
CA ARG H 259 25.69 -54.90 26.83
C ARG H 259 26.74 -56.00 27.05
N LYS H 260 27.91 -55.81 26.47
CA LYS H 260 29.04 -56.67 26.77
C LYS H 260 29.62 -56.27 28.11
N GLU H 261 30.63 -57.01 28.58
CA GLU H 261 31.34 -56.64 29.77
C GLU H 261 32.43 -55.65 29.41
N LYS H 262 32.49 -54.55 30.16
CA LYS H 262 33.42 -53.43 29.98
C LYS H 262 33.11 -52.58 28.74
N SER H 263 31.92 -52.72 28.15
CA SER H 263 31.56 -51.92 26.98
C SER H 263 30.08 -52.09 26.68
N ILE H 264 29.45 -51.01 26.20
CA ILE H 264 28.09 -51.05 25.68
C ILE H 264 28.04 -50.35 24.33
N GLY H 265 27.07 -50.74 23.52
CA GLY H 265 26.86 -50.11 22.24
C GLY H 265 25.38 -49.94 21.94
N LEU H 266 25.07 -48.88 21.20
CA LEU H 266 23.72 -48.63 20.70
C LEU H 266 23.72 -48.97 19.22
N VAL H 267 23.10 -50.10 18.88
CA VAL H 267 23.24 -50.72 17.57
C VAL H 267 21.86 -50.84 16.94
N PRO H 268 21.70 -50.47 15.67
CA PRO H 268 20.42 -50.65 14.98
C PRO H 268 20.17 -52.10 14.63
N ASN H 269 18.93 -52.39 14.23
CA ASN H 269 18.50 -53.74 13.91
C ASN H 269 18.43 -53.95 12.40
N LYS H 270 18.64 -55.20 11.99
CA LYS H 270 18.58 -55.56 10.58
C LYS H 270 17.14 -55.73 10.12
N ILE H 271 16.86 -55.28 8.90
CA ILE H 271 15.56 -55.47 8.28
C ILE H 271 15.50 -56.91 7.79
N ASN H 282 22.63 -51.71 8.78
CA ASN H 282 21.23 -51.99 8.48
C ASN H 282 20.42 -50.70 8.46
N TYR H 283 19.29 -50.71 9.17
CA TYR H 283 18.44 -49.53 9.25
C TYR H 283 19.21 -48.37 9.85
N MET H 284 19.41 -47.31 9.06
CA MET H 284 20.26 -46.21 9.47
C MET H 284 19.58 -45.36 10.55
N ILE H 285 20.39 -44.84 11.45
CA ILE H 285 19.95 -43.90 12.49
C ILE H 285 20.75 -42.62 12.33
N LYS H 286 20.11 -41.49 12.63
CA LYS H 286 20.68 -40.19 12.27
C LYS H 286 21.99 -39.92 12.98
N TYR H 287 22.86 -39.16 12.30
CA TYR H 287 24.16 -38.81 12.86
C TYR H 287 24.02 -37.88 14.06
N GLU H 288 23.04 -36.96 14.01
CA GLU H 288 22.89 -35.99 15.09
C GLU H 288 22.54 -36.68 16.40
N VAL H 289 21.69 -37.70 16.35
CA VAL H 289 21.28 -38.40 17.56
C VAL H 289 22.47 -39.15 18.17
N LEU H 290 23.35 -39.70 17.33
CA LEU H 290 24.57 -40.31 17.84
C LEU H 290 25.46 -39.27 18.51
N GLU H 291 25.62 -38.10 17.88
CA GLU H 291 26.33 -37.01 18.53
C GLU H 291 25.64 -36.58 19.81
N GLU H 292 24.32 -36.45 19.76
CA GLU H 292 23.55 -36.08 20.95
C GLU H 292 23.83 -37.07 22.09
N ALA H 293 23.65 -38.36 21.83
CA ALA H 293 23.73 -39.35 22.90
C ALA H 293 25.14 -39.44 23.48
N VAL H 294 26.17 -39.16 22.68
CA VAL H 294 27.52 -39.06 23.23
C VAL H 294 27.56 -38.01 24.33
N ILE H 295 27.03 -36.82 24.04
CA ILE H 295 27.15 -35.71 24.99
C ILE H 295 26.24 -35.90 26.18
N ARG H 296 25.09 -36.57 25.98
CA ARG H 296 24.28 -37.01 27.13
C ARG H 296 25.10 -37.90 28.05
N ILE H 297 25.74 -38.93 27.50
CA ILE H 297 26.50 -39.87 28.30
C ILE H 297 27.67 -39.17 28.99
N LYS H 298 28.39 -38.32 28.25
CA LYS H 298 29.52 -37.61 28.83
C LYS H 298 29.09 -36.74 30.00
N LYS H 299 28.03 -35.95 29.80
CA LYS H 299 27.58 -35.04 30.86
C LYS H 299 27.11 -35.80 32.08
N GLU H 300 26.46 -36.95 31.88
CA GLU H 300 25.93 -37.71 33.02
C GLU H 300 27.04 -38.42 33.78
N ILE H 301 28.09 -38.87 33.10
CA ILE H 301 29.19 -39.53 33.79
C ILE H 301 29.94 -38.54 34.68
N ILE H 302 30.15 -37.32 34.19
CA ILE H 302 30.78 -36.29 35.03
C ILE H 302 29.89 -35.92 36.20
N LYS H 303 28.58 -35.97 36.01
CA LYS H 303 27.66 -35.61 37.10
C LYS H 303 27.78 -36.58 38.27
N ASN H 304 28.21 -37.81 38.02
CA ASN H 304 28.40 -38.80 39.07
C ASN H 304 29.83 -38.82 39.61
N LYS H 305 30.61 -37.79 39.34
CA LYS H 305 31.97 -37.65 39.87
C LYS H 305 32.81 -38.90 39.61
N ILE H 306 32.81 -39.32 38.34
CA ILE H 306 33.56 -40.49 37.90
C ILE H 306 34.77 -40.01 37.13
N THR H 307 35.97 -40.45 37.54
CA THR H 307 37.21 -40.02 36.94
C THR H 307 37.98 -41.14 36.24
N ALA H 308 37.44 -42.36 36.21
CA ALA H 308 38.12 -43.45 35.55
C ALA H 308 38.20 -43.19 34.04
N PRO H 309 39.26 -43.65 33.38
CA PRO H 309 39.40 -43.42 31.94
C PRO H 309 38.33 -44.17 31.17
N TYR H 310 37.47 -43.40 30.48
CA TYR H 310 36.39 -43.95 29.67
C TYR H 310 36.39 -43.28 28.31
N CYS H 311 35.53 -43.79 27.42
CA CYS H 311 35.42 -43.22 26.07
C CYS H 311 34.04 -43.54 25.53
N ALA H 312 33.28 -42.50 25.18
CA ALA H 312 31.98 -42.63 24.52
C ALA H 312 32.11 -41.97 23.15
N PHE H 313 32.25 -42.78 22.10
CA PHE H 313 32.57 -42.28 20.78
C PHE H 313 31.45 -42.57 19.79
N ASN H 314 31.31 -41.68 18.82
CA ASN H 314 30.28 -41.77 17.79
C ASN H 314 30.90 -42.47 16.58
N GLY H 315 30.53 -43.73 16.38
CA GLY H 315 31.03 -44.50 15.27
C GLY H 315 30.36 -44.12 13.96
N GLY H 316 30.64 -44.92 12.94
CA GLY H 316 30.06 -44.71 11.62
C GLY H 316 28.55 -44.81 11.64
N GLN H 317 28.03 -45.96 12.07
CA GLN H 317 26.60 -46.18 12.13
C GLN H 317 26.15 -46.63 13.52
N ASP H 318 26.97 -46.41 14.54
CA ASP H 318 26.65 -46.89 15.87
C ASP H 318 27.28 -46.00 16.92
N LEU H 319 26.88 -46.23 18.17
CA LEU H 319 27.41 -45.56 19.34
C LEU H 319 27.96 -46.61 20.29
N TRP H 320 29.14 -46.36 20.85
CA TRP H 320 29.76 -47.32 21.75
C TRP H 320 30.42 -46.58 22.91
N VAL H 321 30.44 -47.24 24.07
CA VAL H 321 31.05 -46.71 25.28
C VAL H 321 31.90 -47.81 25.89
N ASP H 322 33.23 -47.66 25.85
CA ASP H 322 34.14 -48.60 26.48
C ASP H 322 34.76 -47.99 27.74
N VAL H 323 35.02 -48.84 28.73
CA VAL H 323 35.81 -48.44 29.88
C VAL H 323 37.28 -48.56 29.46
N GLY H 324 37.73 -47.66 28.61
CA GLY H 324 39.08 -47.73 28.07
C GLY H 324 39.43 -46.45 27.34
N ASN H 325 40.68 -46.38 26.91
CA ASN H 325 41.22 -45.19 26.26
C ASN H 325 42.35 -45.56 25.32
N LYS H 326 42.23 -45.15 24.05
CA LYS H 326 43.37 -45.38 23.17
C LYS H 326 44.61 -44.60 23.59
N ALA H 327 44.43 -43.46 24.28
CA ALA H 327 45.54 -42.82 24.96
C ALA H 327 46.13 -43.76 26.01
N GLU H 328 45.28 -44.38 26.83
CA GLU H 328 45.76 -45.38 27.78
C GLU H 328 46.29 -46.61 27.08
N GLY H 329 45.77 -46.91 25.89
CA GLY H 329 46.31 -48.02 25.13
C GLY H 329 47.66 -47.70 24.52
N LEU H 330 47.82 -46.49 24.00
CA LEU H 330 49.12 -46.07 23.48
C LEU H 330 50.14 -45.94 24.60
N LEU H 331 49.71 -45.45 25.77
CA LEU H 331 50.63 -45.28 26.89
C LEU H 331 51.12 -46.63 27.43
N ILE H 332 50.29 -47.66 27.34
CA ILE H 332 50.73 -48.99 27.76
C ILE H 332 51.84 -49.50 26.84
N LEU H 333 51.68 -49.31 25.53
CA LEU H 333 52.69 -49.79 24.59
C LEU H 333 53.98 -48.99 24.71
N GLN H 334 53.87 -47.68 24.94
CA GLN H 334 55.08 -46.87 25.11
C GLN H 334 55.85 -47.27 26.36
N LYS H 335 55.12 -47.53 27.46
CA LYS H 335 55.79 -47.92 28.70
C LYS H 335 56.28 -49.36 28.63
N LEU H 336 55.60 -50.21 27.85
CA LEU H 336 56.06 -51.60 27.69
C LEU H 336 57.26 -51.68 26.77
N LEU H 337 57.20 -51.01 25.62
CA LEU H 337 58.24 -51.10 24.60
C LEU H 337 59.37 -50.11 24.80
N LYS H 338 59.36 -49.34 25.88
CA LYS H 338 60.36 -48.32 26.17
C LYS H 338 60.51 -47.36 24.98
N ILE H 339 59.45 -46.58 24.79
CA ILE H 339 59.32 -45.69 23.64
C ILE H 339 58.75 -44.37 24.12
N GLN H 340 59.27 -43.26 23.61
CA GLN H 340 58.83 -41.94 23.98
C GLN H 340 57.80 -41.40 22.98
N LYS H 341 57.13 -40.33 23.38
CA LYS H 341 56.02 -39.79 22.59
C LYS H 341 56.50 -39.24 21.25
N LYS H 342 57.73 -38.73 21.19
CA LYS H 342 58.24 -38.18 19.93
C LYS H 342 58.34 -39.24 18.85
N LYS H 343 58.61 -40.49 19.24
CA LYS H 343 58.83 -41.56 18.27
C LYS H 343 57.61 -42.45 18.07
N CYS H 344 56.47 -42.09 18.66
CA CYS H 344 55.24 -42.86 18.50
C CYS H 344 54.27 -42.08 17.63
N CYS H 345 53.54 -42.81 16.78
CA CYS H 345 52.58 -42.18 15.87
C CYS H 345 51.39 -43.10 15.68
N HIS H 346 50.26 -42.50 15.31
CA HIS H 346 49.00 -43.21 15.21
C HIS H 346 48.20 -42.67 14.02
N ILE H 347 47.49 -43.56 13.34
CA ILE H 347 46.70 -43.22 12.16
C ILE H 347 45.29 -43.74 12.38
N GLY H 348 44.31 -42.84 12.30
CA GLY H 348 42.93 -43.20 12.59
C GLY H 348 41.93 -42.42 11.77
N ASP H 349 40.65 -42.73 12.00
CA ASP H 349 39.54 -42.15 11.24
C ASP H 349 38.77 -41.08 12.00
N GLN H 350 38.61 -41.23 13.30
CA GLN H 350 37.75 -40.35 14.10
C GLN H 350 38.62 -39.46 14.96
N PHE H 351 38.82 -38.21 14.52
CA PHE H 351 39.57 -37.24 15.31
C PHE H 351 38.74 -36.03 15.71
N LEU H 352 37.44 -36.07 15.52
CA LEU H 352 36.56 -35.11 16.17
C LEU H 352 36.49 -35.41 17.66
N HIS H 353 35.99 -34.44 18.43
CA HIS H 353 35.90 -34.64 19.88
C HIS H 353 34.99 -35.80 20.23
N SER H 354 34.00 -36.10 19.38
CA SER H 354 33.21 -37.31 19.56
C SER H 354 33.95 -38.56 19.10
N GLY H 355 35.07 -38.41 18.42
CA GLY H 355 35.82 -39.56 17.93
C GLY H 355 36.75 -40.13 18.98
N ASN H 356 36.96 -41.44 18.91
CA ASN H 356 37.73 -42.16 19.91
C ASN H 356 39.24 -42.14 19.66
N ASP H 357 39.69 -41.56 18.54
CA ASP H 357 41.13 -41.38 18.30
C ASP H 357 41.62 -39.99 18.68
N PHE H 358 40.72 -39.06 18.99
CA PHE H 358 41.13 -37.74 19.46
C PHE H 358 42.01 -37.78 20.70
N PRO H 359 41.79 -38.65 21.70
CA PRO H 359 42.70 -38.65 22.86
C PRO H 359 44.16 -38.97 22.52
N THR H 360 44.43 -39.62 21.40
CA THR H 360 45.81 -39.93 21.04
C THR H 360 46.64 -38.69 20.73
N ARG H 361 46.01 -37.53 20.60
CA ARG H 361 46.77 -36.30 20.41
C ARG H 361 47.62 -35.97 21.63
N PHE H 362 47.18 -36.40 22.82
CA PHE H 362 47.83 -36.03 24.06
C PHE H 362 49.12 -36.80 24.32
N CYS H 363 49.40 -37.85 23.53
CA CYS H 363 50.57 -38.67 23.83
C CYS H 363 51.24 -39.28 22.59
N SER H 364 50.97 -38.75 21.40
CA SER H 364 51.54 -39.31 20.19
C SER H 364 51.33 -38.35 19.03
N LEU H 365 52.20 -38.44 18.04
CA LEU H 365 51.96 -37.77 16.76
C LEU H 365 50.76 -38.42 16.08
N THR H 366 49.98 -37.60 15.37
CA THR H 366 48.69 -38.04 14.86
C THR H 366 48.56 -37.76 13.37
N LEU H 367 48.00 -38.73 12.65
CA LEU H 367 47.66 -38.59 11.25
C LEU H 367 46.16 -38.83 11.09
N TRP H 368 45.49 -37.95 10.35
CA TRP H 368 44.05 -38.01 10.16
C TRP H 368 43.76 -38.56 8.77
N VAL H 369 43.06 -39.69 8.72
CA VAL H 369 42.79 -40.41 7.47
C VAL H 369 41.31 -40.77 7.42
N SER H 370 40.71 -40.63 6.23
CA SER H 370 39.28 -40.82 6.05
C SER H 370 38.90 -42.18 5.51
N ASN H 371 39.80 -42.89 4.84
CA ASN H 371 39.48 -44.20 4.27
C ASN H 371 40.77 -45.01 4.16
N PRO H 372 40.67 -46.33 3.99
CA PRO H 372 41.89 -47.15 3.89
C PRO H 372 42.87 -46.71 2.81
N GLN H 373 42.43 -45.93 1.82
CA GLN H 373 43.34 -45.56 0.74
C GLN H 373 44.35 -44.49 1.20
N GLU H 374 43.89 -43.51 1.97
CA GLU H 374 44.82 -42.47 2.43
C GLU H 374 45.83 -43.01 3.42
N THR H 375 45.53 -44.10 4.13
CA THR H 375 46.54 -44.74 4.95
C THR H 375 47.72 -45.22 4.10
N LYS H 376 47.43 -45.75 2.90
CA LYS H 376 48.49 -46.08 1.96
C LYS H 376 49.26 -44.82 1.57
N ALA H 377 48.54 -43.75 1.24
CA ALA H 377 49.19 -42.49 0.89
C ALA H 377 50.07 -41.98 2.03
N CYS H 378 49.67 -42.23 3.28
CA CYS H 378 50.54 -41.94 4.40
C CYS H 378 51.68 -42.95 4.49
N LEU H 379 51.35 -44.25 4.38
CA LEU H 379 52.37 -45.29 4.52
C LEU H 379 53.40 -45.22 3.39
N LYS H 380 52.95 -44.92 2.17
CA LYS H 380 53.90 -44.77 1.07
C LYS H 380 54.85 -43.60 1.31
N SER H 381 54.32 -42.48 1.81
CA SER H 381 55.17 -41.33 2.10
C SER H 381 56.04 -41.58 3.34
N ILE H 382 55.58 -42.43 4.25
CA ILE H 382 56.35 -42.69 5.47
C ILE H 382 57.62 -43.47 5.14
N MET H 383 57.48 -44.60 4.45
CA MET H 383 58.66 -45.44 4.21
C MET H 383 59.64 -44.80 3.24
N HIS H 384 59.39 -43.57 2.80
CA HIS H 384 60.26 -42.85 1.87
C HIS H 384 61.13 -41.81 2.58
N LEU H 385 61.50 -42.07 3.84
CA LEU H 385 62.23 -41.08 4.61
C LEU H 385 63.12 -41.76 5.65
N ASN H 386 64.33 -41.23 5.80
CA ASN H 386 65.27 -41.69 6.81
C ASN H 386 66.43 -40.71 6.91
P IMP I . -13.69 -8.57 -28.34
O1P IMP I . -12.91 -7.27 -28.34
O2P IMP I . -13.48 -9.53 -29.48
O3P IMP I . -15.17 -8.25 -28.29
O5' IMP I . -13.34 -9.41 -27.02
C5' IMP I . -12.58 -10.61 -27.11
C4' IMP I . -13.35 -11.82 -26.66
O4' IMP I . -12.42 -12.88 -26.38
C3' IMP I . -14.17 -11.66 -25.39
O3' IMP I . -15.22 -12.63 -25.37
C2' IMP I . -13.15 -11.98 -24.29
O2' IMP I . -13.71 -12.53 -23.12
C1' IMP I . -12.19 -12.97 -24.98
N9 IMP I . -10.79 -12.63 -24.74
C8 IMP I . -10.33 -11.39 -24.40
N7 IMP I . -8.98 -11.44 -24.26
C5 IMP I . -8.58 -12.71 -24.51
C6 IMP I . -7.33 -13.30 -24.50
O6 IMP I . -6.40 -12.73 -23.92
N1 IMP I . -7.21 -14.64 -24.80
C2 IMP I . -8.34 -15.37 -25.10
N3 IMP I . -9.58 -14.79 -25.11
C4 IMP I . -9.71 -13.47 -24.81
MG MG J . -17.04 -7.50 -27.94
P IMP K . -47.88 -13.55 -18.48
O1P IMP K . -48.50 -12.48 -17.62
O2P IMP K . -48.32 -14.99 -18.31
O3P IMP K . -46.38 -13.49 -18.28
O5' IMP K . -48.19 -13.17 -20.00
C5' IMP K . -48.69 -14.15 -20.90
C4' IMP K . -48.31 -13.84 -22.32
O4' IMP K . -49.24 -14.50 -23.22
C3' IMP K . -48.34 -12.37 -22.72
O3' IMP K . -47.13 -11.70 -22.46
C2' IMP K . -48.69 -12.41 -24.20
O2' IMP K . -47.55 -12.73 -24.98
C1' IMP K . -49.64 -13.61 -24.24
N9 IMP K . -51.06 -13.23 -24.03
C8 IMP K . -51.54 -12.23 -23.22
N7 IMP K . -52.88 -12.23 -23.30
C5 IMP K . -53.27 -13.22 -24.13
C6 IMP K . -54.53 -13.64 -24.54
O6 IMP K . -55.52 -12.97 -24.27
N1 IMP K . -54.62 -14.71 -25.41
C2 IMP K . -53.48 -15.34 -25.86
N3 IMP K . -52.24 -14.90 -25.44
C4 IMP K . -52.14 -13.86 -24.58
MG MG L . -44.83 -12.33 -17.37
P IMP M . -12.85 43.34 -3.42
O1P IMP M . -12.18 44.25 -2.42
O2P IMP M . -12.06 42.18 -3.97
O3P IMP M . -14.10 42.79 -2.78
O5' IMP M . -13.30 44.24 -4.65
C5' IMP M . -13.39 45.65 -4.53
C4' IMP M . -14.50 46.20 -5.38
O4' IMP M . -14.04 47.39 -6.07
C3' IMP M . -15.01 45.28 -6.49
O3' IMP M . -16.02 44.39 -6.04
C2' IMP M . -15.48 46.25 -7.56
O2' IMP M . -16.76 46.77 -7.23
C1' IMP M . -14.45 47.36 -7.43
N9 IMP M . -13.26 47.12 -8.27
C8 IMP M . -12.91 45.95 -8.89
N7 IMP M . -11.74 46.13 -9.55
C5 IMP M . -11.34 47.41 -9.35
C6 IMP M . -10.22 48.10 -9.78
O6 IMP M . -9.53 47.60 -10.67
N1 IMP M . -10.04 49.42 -9.41
C2 IMP M . -10.99 50.03 -8.62
N3 IMP M . -12.10 49.33 -8.18
C4 IMP M . -12.27 48.04 -8.54
MG MG N . -15.39 41.00 -1.98
P IMP O . -49.05 39.21 4.56
O1P IMP O . -49.75 40.55 4.44
O2P IMP O . -48.08 38.82 3.47
O3P IMP O . -50.11 38.14 4.67
O5' IMP O . -48.21 39.27 5.90
C5' IMP O . -48.80 39.72 7.11
C4' IMP O . -47.79 39.79 8.22
O4' IMP O . -48.43 40.26 9.44
C3' IMP O . -47.15 38.46 8.61
O3' IMP O . -45.99 38.16 7.85
C2' IMP O . -46.87 38.63 10.10
O2' IMP O . -45.69 39.40 10.31
C1' IMP O . -48.06 39.47 10.54
N9 IMP O . -49.23 38.65 10.92
C8 IMP O . -49.63 37.43 10.39
N7 IMP O . -50.75 37.03 11.02
C5 IMP O . -51.09 37.95 11.94
C6 IMP O . -52.13 38.00 12.84
O6 IMP O . -52.63 36.93 13.19
N1 IMP O . -52.24 39.10 13.68
C2 IMP O . -51.30 40.10 13.63
N3 IMP O . -50.26 40.04 12.72
C4 IMP O . -50.14 38.97 11.89
MG MG P . -46.47 38.90 2.13
C1 GOL Q . -58.00 61.43 6.42
O1 GOL Q . -57.16 60.33 6.22
C2 GOL Q . -58.42 61.43 7.92
O2 GOL Q . -59.59 60.71 8.14
C3 GOL Q . -57.21 60.85 8.69
O3 GOL Q . -57.57 60.79 10.03
P IMP R . 25.56 17.82 6.67
O1P IMP R . 26.25 19.08 6.20
O2P IMP R . 25.02 16.87 5.62
O3P IMP R . 26.51 17.05 7.55
O5' IMP R . 24.31 18.31 7.54
C5' IMP R . 23.66 17.45 8.45
C4' IMP R . 22.91 18.22 9.49
O4' IMP R . 22.35 19.43 8.89
C3' IMP R . 21.70 17.52 10.12
O3' IMP R . 22.05 16.70 11.22
C2' IMP R . 20.78 18.68 10.48
O2' IMP R . 21.20 19.29 11.70
C1' IMP R . 21.03 19.65 9.34
N9 IMP R . 20.12 19.43 8.19
C8 IMP R . 20.08 18.33 7.37
N7 IMP R . 19.11 18.53 6.45
C5 IMP R . 18.54 19.73 6.67
C6 IMP R . 17.52 20.40 6.01
O6 IMP R . 17.16 20.03 4.89
N1 IMP R . 17.13 21.64 6.47
C2 IMP R . 17.76 22.21 7.55
N3 IMP R . 18.78 21.53 8.19
C4 IMP R . 19.17 20.31 7.76
MG MG S . 27.90 15.81 8.04
C1 GOL T . 33.07 40.16 6.30
O1 GOL T . 33.22 38.81 6.65
C2 GOL T . 31.53 40.42 6.18
O2 GOL T . 31.14 40.63 4.87
C3 GOL T . 31.27 41.65 7.09
O3 GOL T . 30.03 42.16 6.71
P IMP U . 38.65 4.45 37.84
O1P IMP U . 38.48 4.64 39.33
O2P IMP U . 37.41 4.57 36.98
O3P IMP U . 39.27 3.09 37.61
O5' IMP U . 39.66 5.58 37.35
C5' IMP U . 40.90 5.25 36.76
C4' IMP U . 41.68 6.48 36.37
O4' IMP U . 42.26 7.08 37.57
C3' IMP U . 42.85 6.27 35.42
O3' IMP U . 42.47 6.32 34.05
C2' IMP U . 43.83 7.37 35.82
O2' IMP U . 43.44 8.61 35.26
C1' IMP U . 43.60 7.42 37.33
N9 IMP U . 44.47 6.48 38.06
C8 IMP U . 44.35 5.12 38.13
N7 IMP U . 45.34 4.63 38.91
C5 IMP U . 46.10 5.67 39.34
C6 IMP U . 47.22 5.73 40.16
O6 IMP U . 47.73 4.69 40.57
N1 IMP U . 47.80 6.96 40.43
C2 IMP U . 47.25 8.11 39.91
N3 IMP U . 46.13 8.04 39.10
C4 IMP U . 45.57 6.84 38.82
MG MG V . 36.23 3.96 35.55
P IMP W . 21.60 -34.84 -14.47
O1P IMP W . 21.24 -33.39 -14.71
O2P IMP W . 20.67 -35.91 -14.98
O3P IMP W . 21.80 -35.05 -12.99
O5' IMP W . 23.00 -35.11 -15.19
C5' IMP W . 23.03 -35.79 -16.43
C4' IMP W . 24.36 -36.48 -16.63
O4' IMP W . 24.54 -36.81 -18.03
C3' IMP W . 25.59 -35.66 -16.27
O3' IMP W . 25.91 -35.71 -14.89
C2' IMP W . 26.67 -36.27 -17.17
O2' IMP W . 27.15 -37.48 -16.62
C1' IMP W . 25.86 -36.59 -18.43
N9 IMP W . 25.89 -35.49 -19.40
C8 IMP W . 25.71 -34.15 -19.17
N7 IMP W . 25.79 -33.49 -20.34
C5 IMP W . 26.02 -34.38 -21.33
C6 IMP W . 26.19 -34.24 -22.70
O6 IMP W . 26.00 -33.14 -23.23
N1 IMP W . 26.41 -35.36 -23.47
C2 IMP W . 26.46 -36.60 -22.89
N3 IMP W . 26.30 -36.73 -21.53
C4 IMP W . 26.08 -35.64 -20.75
MG MG X . 21.99 -34.23 -11.17
P IMP Y . 37.61 -48.46 15.59
O1P IMP Y . 38.16 -47.63 16.71
O2P IMP Y . 37.21 -47.77 14.30
O3P IMP Y . 38.66 -49.50 15.23
O5' IMP Y . 36.34 -49.27 16.11
C5' IMP Y . 35.02 -48.83 15.81
C4' IMP Y . 34.15 -50.00 15.41
O4' IMP Y . 34.22 -51.03 16.43
C3' IMP Y . 32.66 -49.70 15.22
O3' IMP Y . 32.13 -50.54 14.19
C2' IMP Y . 32.07 -50.10 16.55
O2' IMP Y . 30.70 -50.46 16.51
C1' IMP Y . 32.93 -51.29 16.96
N9 IMP Y . 33.08 -51.45 18.41
C8 IMP Y . 33.45 -50.47 19.28
N7 IMP Y . 33.47 -51.00 20.53
C5 IMP Y . 33.12 -52.29 20.46
C6 IMP Y . 32.98 -53.28 21.43
O6 IMP Y . 33.20 -53.01 22.60
N1 IMP Y . 32.60 -54.55 21.05
C2 IMP Y . 32.35 -54.84 19.73
N3 IMP Y . 32.49 -53.86 18.77
C4 IMP Y . 32.87 -52.60 19.13
MG MG Z . 37.82 -45.75 13.71
#